data_1X5H
#
_entry.id   1X5H
#
_entity_poly.entity_id   1
_entity_poly.type   'polypeptide(L)'
_entity_poly.pdbx_seq_one_letter_code
;GSSGSSGDVAVRTLSDVPSAAPQNLSLEVRNSKSIMIHWQPPAPATQNGQITGYKIRYRKASRKSDVTETLVSGTQLSQL
IEGLDRGTEYNFRVAALTINGTGPATDWLSAETFESDLDETRVPEVSGPSSG
;
_entity_poly.pdbx_strand_id   A
#
# COMPACT_ATOMS: atom_id res chain seq x y z
N GLY A 1 39.23 -3.42 20.37
CA GLY A 1 37.90 -2.88 20.11
C GLY A 1 36.84 -3.52 20.98
N SER A 2 35.57 -3.26 20.65
CA SER A 2 34.46 -3.82 21.41
C SER A 2 33.14 -3.56 20.69
N SER A 3 32.06 -4.13 21.24
CA SER A 3 30.73 -3.97 20.64
C SER A 3 29.66 -4.57 21.54
N GLY A 4 28.41 -4.37 21.16
CA GLY A 4 27.30 -4.91 21.95
C GLY A 4 25.96 -4.61 21.33
N SER A 5 25.16 -5.66 21.13
CA SER A 5 23.83 -5.51 20.54
C SER A 5 23.03 -6.80 20.67
N SER A 6 21.72 -6.69 20.52
CA SER A 6 20.83 -7.84 20.63
C SER A 6 19.46 -7.52 20.05
N GLY A 7 18.74 -8.58 19.65
CA GLY A 7 17.41 -8.39 19.09
C GLY A 7 16.80 -9.70 18.60
N ASP A 8 15.49 -9.83 18.77
CA ASP A 8 14.78 -11.03 18.35
C ASP A 8 13.27 -10.79 18.30
N VAL A 9 12.69 -10.97 17.12
CA VAL A 9 11.26 -10.77 16.94
C VAL A 9 10.65 -11.88 16.08
N ALA A 10 9.56 -12.46 16.56
CA ALA A 10 8.88 -13.52 15.83
C ALA A 10 7.45 -13.72 16.35
N VAL A 11 6.71 -14.60 15.68
CA VAL A 11 5.33 -14.88 16.06
C VAL A 11 4.98 -16.34 15.82
N ARG A 12 4.16 -16.90 16.71
CA ARG A 12 3.74 -18.29 16.58
C ARG A 12 2.22 -18.41 16.64
N THR A 13 1.54 -17.57 15.86
CA THR A 13 0.08 -17.58 15.83
C THR A 13 -0.44 -18.12 14.49
N LEU A 14 -1.50 -18.92 14.55
CA LEU A 14 -2.09 -19.49 13.34
C LEU A 14 -3.55 -19.06 13.19
N SER A 15 -4.00 -18.98 11.94
CA SER A 15 -5.39 -18.59 11.66
C SER A 15 -5.71 -18.78 10.19
N ASP A 16 -6.99 -18.64 9.86
CA ASP A 16 -7.43 -18.80 8.48
C ASP A 16 -7.05 -17.59 7.64
N VAL A 17 -7.37 -16.40 8.13
CA VAL A 17 -7.06 -15.17 7.42
C VAL A 17 -5.55 -14.93 7.37
N PRO A 18 -5.08 -14.32 6.27
CA PRO A 18 -3.67 -14.01 6.07
C PRO A 18 -3.16 -12.93 7.02
N SER A 19 -1.93 -13.07 7.48
CA SER A 19 -1.33 -12.11 8.39
C SER A 19 -0.10 -11.45 7.76
N ALA A 20 -0.15 -11.27 6.44
CA ALA A 20 0.96 -10.66 5.72
C ALA A 20 0.45 -9.59 4.75
N ALA A 21 1.15 -8.45 4.71
CA ALA A 21 0.77 -7.36 3.83
C ALA A 21 1.83 -7.12 2.76
N PRO A 22 1.50 -6.30 1.77
CA PRO A 22 2.41 -5.98 0.67
C PRO A 22 3.58 -5.11 1.11
N GLN A 23 4.74 -5.32 0.51
CA GLN A 23 5.93 -4.55 0.85
C GLN A 23 6.31 -3.60 -0.28
N ASN A 24 7.39 -2.85 -0.08
CA ASN A 24 7.85 -1.90 -1.09
C ASN A 24 6.73 -0.95 -1.49
N LEU A 25 5.91 -0.56 -0.53
CA LEU A 25 4.80 0.34 -0.78
C LEU A 25 5.31 1.73 -1.19
N SER A 26 4.70 2.29 -2.22
CA SER A 26 5.10 3.60 -2.72
C SER A 26 3.90 4.35 -3.30
N LEU A 27 3.99 5.67 -3.33
CA LEU A 27 2.91 6.50 -3.86
C LEU A 27 3.45 7.52 -4.87
N GLU A 28 3.35 7.16 -6.15
CA GLU A 28 3.83 8.05 -7.21
C GLU A 28 2.76 9.07 -7.59
N VAL A 29 2.77 10.21 -6.91
CA VAL A 29 1.81 11.27 -7.18
C VAL A 29 1.80 11.64 -8.66
N ARG A 30 0.70 11.32 -9.33
CA ARG A 30 0.56 11.62 -10.75
C ARG A 30 0.14 13.07 -10.96
N ASN A 31 -0.89 13.50 -10.24
CA ASN A 31 -1.38 14.86 -10.34
C ASN A 31 -1.79 15.41 -8.97
N SER A 32 -2.18 16.68 -8.93
CA SER A 32 -2.57 17.32 -7.69
C SER A 32 -3.96 16.84 -7.25
N LYS A 33 -4.58 16.00 -8.08
CA LYS A 33 -5.90 15.47 -7.77
C LYS A 33 -5.89 13.94 -7.78
N SER A 34 -4.83 13.37 -8.35
CA SER A 34 -4.69 11.92 -8.43
C SER A 34 -3.37 11.47 -7.84
N ILE A 35 -3.30 10.20 -7.45
CA ILE A 35 -2.09 9.63 -6.87
C ILE A 35 -1.95 8.16 -7.21
N MET A 36 -0.81 7.79 -7.79
CA MET A 36 -0.55 6.41 -8.17
C MET A 36 0.00 5.61 -6.98
N ILE A 37 -0.53 4.41 -6.78
CA ILE A 37 -0.09 3.56 -5.68
C ILE A 37 0.65 2.34 -6.20
N HIS A 38 1.88 2.16 -5.73
CA HIS A 38 2.69 1.01 -6.14
C HIS A 38 3.10 0.17 -4.94
N TRP A 39 2.62 -1.06 -4.91
CA TRP A 39 2.93 -1.98 -3.81
C TRP A 39 3.34 -3.36 -4.35
N GLN A 40 4.12 -4.08 -3.55
CA GLN A 40 4.57 -5.41 -3.95
C GLN A 40 3.91 -6.49 -3.09
N PRO A 41 3.72 -7.68 -3.68
CA PRO A 41 3.11 -8.81 -2.99
C PRO A 41 4.01 -9.38 -1.89
N PRO A 42 3.38 -9.87 -0.81
CA PRO A 42 4.11 -10.46 0.32
C PRO A 42 4.75 -11.79 -0.03
N ALA A 43 5.62 -12.27 0.86
CA ALA A 43 6.31 -13.54 0.64
C ALA A 43 5.32 -14.67 0.42
N PRO A 44 5.75 -15.71 -0.31
CA PRO A 44 4.92 -16.88 -0.60
C PRO A 44 4.66 -17.73 0.64
N ALA A 45 5.70 -17.96 1.42
CA ALA A 45 5.59 -18.76 2.63
C ALA A 45 4.48 -18.23 3.53
N THR A 46 4.41 -16.91 3.68
CA THR A 46 3.39 -16.29 4.52
C THR A 46 2.02 -16.38 3.87
N GLN A 47 1.97 -16.17 2.55
CA GLN A 47 0.71 -16.23 1.82
C GLN A 47 -0.10 -17.46 2.22
N ASN A 48 -1.14 -17.24 3.02
CA ASN A 48 -1.99 -18.33 3.48
C ASN A 48 -3.10 -18.61 2.47
N GLY A 49 -2.78 -18.50 1.19
CA GLY A 49 -3.76 -18.74 0.15
C GLY A 49 -3.62 -17.77 -1.01
N GLN A 50 -4.27 -18.10 -2.12
CA GLN A 50 -4.22 -17.26 -3.31
C GLN A 50 -4.90 -15.92 -3.06
N ILE A 51 -4.29 -14.85 -3.55
CA ILE A 51 -4.84 -13.51 -3.38
C ILE A 51 -5.94 -13.23 -4.40
N THR A 52 -7.02 -12.61 -3.94
CA THR A 52 -8.14 -12.28 -4.81
C THR A 52 -8.17 -10.80 -5.16
N GLY A 53 -7.61 -9.98 -4.26
CA GLY A 53 -7.57 -8.56 -4.49
C GLY A 53 -7.02 -7.79 -3.30
N TYR A 54 -6.81 -6.49 -3.47
CA TYR A 54 -6.28 -5.65 -2.41
C TYR A 54 -7.26 -4.54 -2.04
N LYS A 55 -7.22 -4.12 -0.79
CA LYS A 55 -8.11 -3.06 -0.32
C LYS A 55 -7.33 -1.79 -0.02
N ILE A 56 -7.38 -0.84 -0.94
CA ILE A 56 -6.67 0.43 -0.78
C ILE A 56 -7.56 1.47 -0.11
N ARG A 57 -7.23 1.82 1.13
CA ARG A 57 -7.99 2.80 1.88
C ARG A 57 -7.14 4.02 2.22
N TYR A 58 -7.76 5.20 2.22
CA TYR A 58 -7.05 6.44 2.53
C TYR A 58 -7.97 7.42 3.25
N ARG A 59 -7.36 8.35 3.98
CA ARG A 59 -8.12 9.35 4.73
C ARG A 59 -7.44 10.71 4.64
N LYS A 60 -8.07 11.72 5.24
CA LYS A 60 -7.53 13.08 5.23
C LYS A 60 -6.82 13.39 6.55
N ALA A 61 -5.60 13.89 6.45
CA ALA A 61 -4.82 14.24 7.64
C ALA A 61 -5.64 15.06 8.62
N SER A 62 -6.68 15.72 8.10
CA SER A 62 -7.55 16.55 8.94
C SER A 62 -8.77 15.76 9.40
N ARG A 63 -9.17 14.78 8.60
CA ARG A 63 -10.32 13.94 8.93
C ARG A 63 -9.98 12.47 8.79
N LYS A 64 -9.49 11.87 9.88
CA LYS A 64 -9.13 10.46 9.89
C LYS A 64 -10.37 9.58 9.83
N SER A 65 -11.43 10.02 10.49
CA SER A 65 -12.69 9.27 10.52
C SER A 65 -13.19 9.00 9.10
N ASP A 66 -12.98 9.97 8.21
CA ASP A 66 -13.41 9.85 6.83
C ASP A 66 -12.43 9.01 6.02
N VAL A 67 -12.84 7.80 5.66
CA VAL A 67 -11.99 6.90 4.89
C VAL A 67 -12.70 6.43 3.62
N THR A 68 -11.92 6.15 2.59
CA THR A 68 -12.46 5.69 1.32
C THR A 68 -12.06 4.25 1.03
N GLU A 69 -13.04 3.44 0.64
CA GLU A 69 -12.79 2.02 0.33
C GLU A 69 -12.51 1.84 -1.16
N THR A 70 -11.50 1.03 -1.45
CA THR A 70 -11.12 0.76 -2.84
C THR A 70 -10.62 -0.67 -3.01
N LEU A 71 -11.34 -1.45 -3.80
CA LEU A 71 -10.97 -2.84 -4.05
C LEU A 71 -10.48 -3.02 -5.47
N VAL A 72 -9.30 -3.63 -5.61
CA VAL A 72 -8.71 -3.87 -6.92
C VAL A 72 -8.64 -5.35 -7.22
N SER A 73 -8.06 -5.70 -8.37
CA SER A 73 -7.93 -7.08 -8.78
C SER A 73 -6.79 -7.77 -8.04
N GLY A 74 -6.80 -9.11 -8.07
CA GLY A 74 -5.76 -9.86 -7.39
C GLY A 74 -4.40 -9.68 -8.04
N THR A 75 -4.35 -9.78 -9.36
CA THR A 75 -3.11 -9.62 -10.10
C THR A 75 -2.78 -8.16 -10.33
N GLN A 76 -3.40 -7.28 -9.55
CA GLN A 76 -3.18 -5.85 -9.67
C GLN A 76 -2.25 -5.34 -8.57
N LEU A 77 -1.08 -4.84 -8.97
CA LEU A 77 -0.10 -4.33 -8.02
C LEU A 77 0.02 -2.82 -8.13
N SER A 78 -0.99 -2.19 -8.72
CA SER A 78 -1.00 -0.74 -8.88
C SER A 78 -2.41 -0.21 -9.02
N GLN A 79 -2.68 0.93 -8.38
CA GLN A 79 -4.00 1.54 -8.43
C GLN A 79 -3.90 3.07 -8.45
N LEU A 80 -4.73 3.70 -9.27
CA LEU A 80 -4.74 5.15 -9.39
C LEU A 80 -5.93 5.76 -8.66
N ILE A 81 -5.67 6.53 -7.62
CA ILE A 81 -6.72 7.17 -6.84
C ILE A 81 -6.89 8.63 -7.25
N GLU A 82 -7.96 8.90 -8.00
CA GLU A 82 -8.24 10.27 -8.45
C GLU A 82 -9.32 10.91 -7.59
N GLY A 83 -9.38 12.24 -7.64
CA GLY A 83 -10.37 12.96 -6.86
C GLY A 83 -9.78 13.57 -5.59
N LEU A 84 -8.63 14.21 -5.73
CA LEU A 84 -7.97 14.82 -4.60
C LEU A 84 -7.79 16.32 -4.81
N ASP A 85 -7.32 17.02 -3.78
CA ASP A 85 -7.11 18.46 -3.86
C ASP A 85 -5.62 18.80 -3.78
N ARG A 86 -5.25 19.94 -4.36
CA ARG A 86 -3.85 20.37 -4.35
C ARG A 86 -3.44 20.85 -2.97
N GLY A 87 -2.13 20.90 -2.72
CA GLY A 87 -1.64 21.34 -1.43
C GLY A 87 -2.40 20.74 -0.28
N THR A 88 -2.47 19.42 -0.23
CA THR A 88 -3.18 18.73 0.83
C THR A 88 -2.58 17.34 1.09
N GLU A 89 -2.36 17.02 2.36
CA GLU A 89 -1.79 15.74 2.73
C GLU A 89 -2.87 14.65 2.76
N TYR A 90 -2.50 13.45 2.34
CA TYR A 90 -3.43 12.33 2.32
C TYR A 90 -2.73 11.03 2.71
N ASN A 91 -3.39 10.25 3.57
CA ASN A 91 -2.83 8.97 4.01
C ASN A 91 -3.40 7.81 3.21
N PHE A 92 -2.52 6.95 2.72
CA PHE A 92 -2.94 5.80 1.93
C PHE A 92 -2.43 4.50 2.55
N ARG A 93 -3.15 3.41 2.30
CA ARG A 93 -2.77 2.11 2.84
C ARG A 93 -3.28 0.98 1.94
N VAL A 94 -2.46 -0.06 1.79
CA VAL A 94 -2.82 -1.20 0.95
C VAL A 94 -2.90 -2.47 1.78
N ALA A 95 -3.91 -3.30 1.49
CA ALA A 95 -4.08 -4.56 2.20
C ALA A 95 -4.42 -5.70 1.24
N ALA A 96 -3.97 -6.90 1.58
CA ALA A 96 -4.22 -8.07 0.73
C ALA A 96 -5.48 -8.80 1.18
N LEU A 97 -6.19 -9.39 0.23
CA LEU A 97 -7.42 -10.12 0.52
C LEU A 97 -7.39 -11.50 -0.11
N THR A 98 -7.95 -12.48 0.60
CA THR A 98 -7.99 -13.85 0.10
C THR A 98 -9.35 -14.50 0.40
N ILE A 99 -9.50 -15.75 -0.03
CA ILE A 99 -10.74 -16.48 0.19
C ILE A 99 -11.03 -16.64 1.68
N ASN A 100 -9.97 -16.60 2.49
CA ASN A 100 -10.11 -16.74 3.93
C ASN A 100 -10.75 -15.49 4.54
N GLY A 101 -10.76 -14.41 3.78
CA GLY A 101 -11.34 -13.17 4.26
C GLY A 101 -10.51 -11.95 3.87
N THR A 102 -10.06 -11.21 4.88
CA THR A 102 -9.26 -10.02 4.64
C THR A 102 -7.83 -10.21 5.14
N GLY A 103 -6.97 -9.23 4.85
CA GLY A 103 -5.58 -9.31 5.29
C GLY A 103 -5.14 -8.06 6.03
N PRO A 104 -3.85 -8.01 6.39
CA PRO A 104 -3.28 -6.86 7.10
C PRO A 104 -3.18 -5.62 6.22
N ALA A 105 -2.97 -4.48 6.85
CA ALA A 105 -2.85 -3.22 6.13
C ALA A 105 -1.47 -2.59 6.32
N THR A 106 -1.00 -1.89 5.31
CA THR A 106 0.31 -1.24 5.37
C THR A 106 0.26 0.02 6.23
N ASP A 107 1.40 0.37 6.82
CA ASP A 107 1.48 1.55 7.66
C ASP A 107 0.77 2.74 7.00
N TRP A 108 0.58 3.80 7.77
CA TRP A 108 -0.08 5.01 7.27
C TRP A 108 0.92 5.93 6.58
N LEU A 109 0.98 5.84 5.26
CA LEU A 109 1.89 6.67 4.48
C LEU A 109 1.19 7.96 4.01
N SER A 110 1.72 9.10 4.45
CA SER A 110 1.15 10.39 4.08
C SER A 110 1.83 10.94 2.83
N ALA A 111 1.02 11.45 1.90
CA ALA A 111 1.54 12.01 0.66
C ALA A 111 0.93 13.38 0.38
N GLU A 112 1.79 14.35 0.11
CA GLU A 112 1.35 15.71 -0.17
C GLU A 112 1.31 15.98 -1.67
N THR A 113 0.11 16.26 -2.19
CA THR A 113 -0.06 16.53 -3.61
C THR A 113 0.69 17.79 -4.03
N PHE A 114 0.76 18.02 -5.34
CA PHE A 114 1.46 19.19 -5.87
C PHE A 114 0.53 20.41 -5.89
N GLU A 115 0.99 21.50 -5.27
CA GLU A 115 0.20 22.72 -5.22
C GLU A 115 -0.33 23.09 -6.60
N SER A 116 0.35 22.62 -7.64
CA SER A 116 -0.04 22.91 -9.01
C SER A 116 0.48 21.82 -9.95
N ASP A 117 0.12 21.93 -11.23
CA ASP A 117 0.55 20.97 -12.24
C ASP A 117 1.99 21.22 -12.65
N LEU A 118 2.92 20.59 -11.93
CA LEU A 118 4.34 20.75 -12.22
C LEU A 118 5.02 19.39 -12.37
N ASP A 119 5.51 19.12 -13.57
CA ASP A 119 6.18 17.85 -13.86
C ASP A 119 7.69 17.99 -13.68
N GLU A 120 8.27 17.11 -12.87
CA GLU A 120 9.71 17.14 -12.61
C GLU A 120 10.42 16.06 -13.42
N THR A 121 11.66 16.34 -13.79
CA THR A 121 12.47 15.40 -14.57
C THR A 121 13.78 15.07 -13.87
N ARG A 122 14.20 13.82 -13.98
CA ARG A 122 15.44 13.38 -13.35
C ARG A 122 16.37 12.73 -14.37
N VAL A 123 17.66 12.72 -14.06
CA VAL A 123 18.65 12.13 -14.97
C VAL A 123 19.31 10.90 -14.34
N PRO A 124 19.60 9.90 -15.18
CA PRO A 124 20.23 8.65 -14.73
C PRO A 124 21.67 8.85 -14.30
N GLU A 125 22.36 7.75 -14.04
CA GLU A 125 23.76 7.81 -13.61
C GLU A 125 24.62 6.87 -14.45
N VAL A 126 25.94 6.96 -14.26
CA VAL A 126 26.87 6.12 -15.00
C VAL A 126 27.05 4.77 -14.34
N SER A 127 27.34 3.74 -15.13
CA SER A 127 27.52 2.39 -14.62
C SER A 127 28.73 1.72 -15.29
N GLY A 128 29.63 1.19 -14.47
CA GLY A 128 30.81 0.53 -14.99
C GLY A 128 30.69 -0.97 -14.96
N PRO A 129 31.28 -1.64 -15.97
CA PRO A 129 31.26 -3.10 -16.08
C PRO A 129 32.09 -3.78 -15.00
N SER A 130 32.20 -5.11 -15.09
CA SER A 130 32.96 -5.88 -14.12
C SER A 130 33.03 -7.35 -14.53
N SER A 131 33.91 -8.10 -13.87
CA SER A 131 34.08 -9.51 -14.17
C SER A 131 34.21 -10.33 -12.88
N GLY A 132 34.29 -11.64 -13.02
CA GLY A 132 34.40 -12.51 -11.86
C GLY A 132 34.58 -13.97 -12.24
N GLY A 1 16.93 17.30 -0.24
CA GLY A 1 16.30 16.96 1.02
C GLY A 1 15.82 15.52 1.05
N SER A 2 15.37 15.08 2.22
CA SER A 2 14.89 13.70 2.39
C SER A 2 13.64 13.68 3.26
N SER A 3 12.70 12.81 2.90
CA SER A 3 11.46 12.68 3.64
C SER A 3 11.65 11.83 4.89
N GLY A 4 12.02 10.56 4.69
CA GLY A 4 12.24 9.66 5.81
C GLY A 4 10.95 9.26 6.49
N SER A 5 10.75 7.96 6.67
CA SER A 5 9.55 7.45 7.31
C SER A 5 9.86 6.21 8.14
N SER A 6 9.01 5.95 9.14
CA SER A 6 9.20 4.80 10.01
C SER A 6 9.06 3.50 9.24
N GLY A 7 9.23 2.37 9.92
CA GLY A 7 9.13 1.08 9.28
C GLY A 7 7.82 0.38 9.62
N ASP A 8 7.49 -0.65 8.84
CA ASP A 8 6.26 -1.41 9.06
C ASP A 8 6.18 -1.91 10.49
N VAL A 9 5.00 -2.41 10.87
CA VAL A 9 4.79 -2.92 12.22
C VAL A 9 4.53 -4.43 12.19
N ALA A 10 4.95 -5.11 13.25
CA ALA A 10 4.76 -6.55 13.36
C ALA A 10 3.41 -6.88 13.97
N VAL A 11 3.04 -8.16 13.92
CA VAL A 11 1.76 -8.60 14.47
C VAL A 11 1.82 -10.09 14.84
N ARG A 12 1.18 -10.44 15.95
CA ARG A 12 1.15 -11.83 16.40
C ARG A 12 -0.29 -12.29 16.64
N THR A 13 -0.91 -12.82 15.59
CA THR A 13 -2.29 -13.31 15.68
C THR A 13 -2.45 -14.64 14.95
N LEU A 14 -3.28 -15.50 15.51
CA LEU A 14 -3.53 -16.81 14.92
C LEU A 14 -4.98 -16.93 14.45
N SER A 15 -5.18 -16.89 13.13
CA SER A 15 -6.51 -17.00 12.56
C SER A 15 -6.43 -17.21 11.05
N ASP A 16 -7.49 -17.79 10.49
CA ASP A 16 -7.55 -18.05 9.05
C ASP A 16 -6.91 -16.91 8.26
N VAL A 17 -7.52 -15.73 8.35
CA VAL A 17 -7.01 -14.56 7.64
C VAL A 17 -5.48 -14.56 7.61
N PRO A 18 -4.91 -14.04 6.51
CA PRO A 18 -3.47 -13.97 6.33
C PRO A 18 -2.82 -12.95 7.26
N SER A 19 -1.52 -13.11 7.50
CA SER A 19 -0.78 -12.21 8.37
C SER A 19 0.44 -11.63 7.65
N ALA A 20 0.38 -11.59 6.33
CA ALA A 20 1.47 -11.06 5.52
C ALA A 20 1.05 -9.80 4.78
N ALA A 21 1.81 -8.73 4.95
CA ALA A 21 1.52 -7.46 4.29
C ALA A 21 2.45 -7.23 3.11
N PRO A 22 1.98 -6.44 2.13
CA PRO A 22 2.76 -6.11 0.93
C PRO A 22 3.95 -5.21 1.23
N GLN A 23 5.04 -5.41 0.51
CA GLN A 23 6.24 -4.62 0.70
C GLN A 23 6.51 -3.73 -0.51
N ASN A 24 7.62 -3.01 -0.48
CA ASN A 24 7.99 -2.11 -1.57
C ASN A 24 6.84 -1.14 -1.89
N LEU A 25 6.17 -0.68 -0.84
CA LEU A 25 5.05 0.25 -1.01
C LEU A 25 5.56 1.63 -1.44
N SER A 26 4.71 2.36 -2.16
CA SER A 26 5.07 3.69 -2.64
C SER A 26 3.86 4.41 -3.21
N LEU A 27 3.96 5.73 -3.34
CA LEU A 27 2.86 6.53 -3.87
C LEU A 27 3.38 7.51 -4.93
N GLU A 28 3.13 7.19 -6.20
CA GLU A 28 3.57 8.04 -7.29
C GLU A 28 2.52 9.09 -7.62
N VAL A 29 2.58 10.22 -6.94
CA VAL A 29 1.63 11.31 -7.15
C VAL A 29 1.61 11.74 -8.61
N ARG A 30 0.70 11.15 -9.38
CA ARG A 30 0.58 11.47 -10.79
C ARG A 30 0.14 12.91 -10.99
N ASN A 31 -0.93 13.30 -10.31
CA ASN A 31 -1.46 14.65 -10.41
C ASN A 31 -1.71 15.25 -9.02
N SER A 32 -2.26 16.45 -9.00
CA SER A 32 -2.55 17.12 -7.72
C SER A 32 -3.83 16.58 -7.10
N LYS A 33 -4.67 15.97 -7.92
CA LYS A 33 -5.93 15.41 -7.44
C LYS A 33 -5.92 13.89 -7.55
N SER A 34 -4.83 13.33 -8.08
CA SER A 34 -4.69 11.89 -8.24
C SER A 34 -3.40 11.40 -7.61
N ILE A 35 -3.38 10.11 -7.26
CA ILE A 35 -2.20 9.51 -6.64
C ILE A 35 -2.12 8.02 -6.96
N MET A 36 -1.02 7.62 -7.60
CA MET A 36 -0.82 6.22 -7.95
C MET A 36 -0.12 5.46 -6.83
N ILE A 37 -0.64 4.30 -6.49
CA ILE A 37 -0.07 3.47 -5.43
C ILE A 37 0.68 2.28 -6.00
N HIS A 38 1.89 2.04 -5.48
CA HIS A 38 2.70 0.92 -5.94
C HIS A 38 3.12 0.03 -4.77
N TRP A 39 2.63 -1.20 -4.77
CA TRP A 39 2.95 -2.15 -3.71
C TRP A 39 3.39 -3.49 -4.30
N GLN A 40 3.98 -4.33 -3.45
CA GLN A 40 4.44 -5.65 -3.88
C GLN A 40 3.88 -6.75 -2.99
N PRO A 41 3.72 -7.95 -3.56
CA PRO A 41 3.19 -9.10 -2.83
C PRO A 41 4.15 -9.62 -1.77
N PRO A 42 3.60 -10.08 -0.64
CA PRO A 42 4.40 -10.60 0.47
C PRO A 42 5.04 -11.95 0.14
N ALA A 43 5.93 -12.40 1.01
CA ALA A 43 6.62 -13.68 0.81
C ALA A 43 5.62 -14.83 0.71
N PRO A 44 6.00 -15.89 -0.01
CA PRO A 44 5.15 -17.07 -0.21
C PRO A 44 5.00 -17.88 1.08
N ALA A 45 6.09 -17.99 1.84
CA ALA A 45 6.07 -18.74 3.10
C ALA A 45 5.06 -18.15 4.07
N THR A 46 4.91 -16.83 4.04
CA THR A 46 3.98 -16.13 4.92
C THR A 46 2.55 -16.22 4.39
N GLN A 47 2.40 -15.94 3.10
CA GLN A 47 1.08 -15.97 2.47
C GLN A 47 0.25 -17.14 3.00
N ASN A 48 -1.06 -16.94 3.08
CA ASN A 48 -1.96 -17.98 3.58
C ASN A 48 -3.00 -18.33 2.53
N GLY A 49 -2.58 -18.36 1.27
CA GLY A 49 -3.50 -18.69 0.19
C GLY A 49 -3.27 -17.84 -1.05
N GLN A 50 -4.24 -17.83 -1.94
CA GLN A 50 -4.14 -17.05 -3.18
C GLN A 50 -4.77 -15.67 -3.00
N ILE A 51 -4.04 -14.64 -3.41
CA ILE A 51 -4.53 -13.27 -3.31
C ILE A 51 -5.57 -12.97 -4.38
N THR A 52 -6.76 -12.54 -3.94
CA THR A 52 -7.85 -12.23 -4.84
C THR A 52 -7.86 -10.73 -5.18
N GLY A 53 -7.67 -9.91 -4.16
CA GLY A 53 -7.67 -8.47 -4.37
C GLY A 53 -6.94 -7.72 -3.28
N TYR A 54 -6.89 -6.40 -3.39
CA TYR A 54 -6.21 -5.57 -2.40
C TYR A 54 -7.10 -4.41 -1.97
N LYS A 55 -7.32 -4.30 -0.67
CA LYS A 55 -8.14 -3.23 -0.12
C LYS A 55 -7.30 -1.99 0.18
N ILE A 56 -7.41 -0.99 -0.69
CA ILE A 56 -6.66 0.26 -0.52
C ILE A 56 -7.56 1.37 0.00
N ARG A 57 -7.30 1.79 1.24
CA ARG A 57 -8.08 2.86 1.85
C ARG A 57 -7.23 4.09 2.08
N TYR A 58 -7.88 5.26 2.17
CA TYR A 58 -7.18 6.51 2.38
C TYR A 58 -8.12 7.56 2.99
N ARG A 59 -7.56 8.40 3.86
CA ARG A 59 -8.35 9.45 4.51
C ARG A 59 -7.62 10.78 4.46
N LYS A 60 -8.34 11.86 4.78
CA LYS A 60 -7.76 13.19 4.78
C LYS A 60 -7.06 13.49 6.10
N ALA A 61 -5.80 13.90 6.01
CA ALA A 61 -5.02 14.22 7.20
C ALA A 61 -5.84 15.06 8.18
N SER A 62 -6.69 15.93 7.65
CA SER A 62 -7.53 16.79 8.48
C SER A 62 -8.79 16.05 8.92
N ARG A 63 -9.43 15.36 7.97
CA ARG A 63 -10.64 14.62 8.26
C ARG A 63 -10.39 13.11 8.19
N LYS A 64 -10.07 12.52 9.33
CA LYS A 64 -9.81 11.09 9.40
C LYS A 64 -11.11 10.29 9.24
N SER A 65 -12.12 10.65 10.01
CA SER A 65 -13.40 9.97 9.95
C SER A 65 -13.81 9.69 8.50
N ASP A 66 -13.39 10.57 7.61
CA ASP A 66 -13.70 10.42 6.19
C ASP A 66 -12.72 9.48 5.51
N VAL A 67 -13.17 8.25 5.23
CA VAL A 67 -12.33 7.25 4.58
C VAL A 67 -13.03 6.65 3.37
N THR A 68 -12.25 6.33 2.34
CA THR A 68 -12.79 5.74 1.13
C THR A 68 -12.18 4.38 0.84
N GLU A 69 -13.03 3.40 0.55
CA GLU A 69 -12.56 2.05 0.26
C GLU A 69 -12.42 1.83 -1.24
N THR A 70 -11.32 1.18 -1.64
CA THR A 70 -11.06 0.91 -3.04
C THR A 70 -10.70 -0.55 -3.26
N LEU A 71 -11.43 -1.21 -4.15
CA LEU A 71 -11.19 -2.62 -4.45
C LEU A 71 -10.48 -2.78 -5.79
N VAL A 72 -9.40 -3.54 -5.82
CA VAL A 72 -8.64 -3.78 -7.03
C VAL A 72 -8.50 -5.27 -7.31
N SER A 73 -7.83 -5.59 -8.42
CA SER A 73 -7.63 -6.98 -8.81
C SER A 73 -6.40 -7.57 -8.12
N GLY A 74 -6.37 -8.89 -8.00
CA GLY A 74 -5.25 -9.56 -7.37
C GLY A 74 -3.93 -9.29 -8.07
N THR A 75 -3.87 -9.66 -9.36
CA THR A 75 -2.67 -9.47 -10.15
C THR A 75 -2.32 -7.98 -10.27
N GLN A 76 -3.28 -7.13 -9.91
CA GLN A 76 -3.06 -5.68 -9.98
C GLN A 76 -2.23 -5.21 -8.79
N LEU A 77 -1.03 -4.73 -9.08
CA LEU A 77 -0.13 -4.23 -8.04
C LEU A 77 -0.08 -2.71 -8.05
N SER A 78 -1.01 -2.09 -8.77
CA SER A 78 -1.07 -0.64 -8.86
C SER A 78 -2.52 -0.15 -8.83
N GLN A 79 -2.70 1.11 -8.45
CA GLN A 79 -4.04 1.69 -8.38
C GLN A 79 -3.95 3.22 -8.33
N LEU A 80 -4.70 3.88 -9.20
CA LEU A 80 -4.72 5.34 -9.25
C LEU A 80 -5.92 5.89 -8.50
N ILE A 81 -5.66 6.67 -7.45
CA ILE A 81 -6.71 7.27 -6.65
C ILE A 81 -6.94 8.73 -7.04
N GLU A 82 -8.03 8.97 -7.77
CA GLU A 82 -8.36 10.32 -8.20
C GLU A 82 -9.41 10.94 -7.28
N GLY A 83 -9.62 12.26 -7.43
CA GLY A 83 -10.59 12.95 -6.61
C GLY A 83 -9.98 13.54 -5.35
N LEU A 84 -8.79 14.12 -5.50
CA LEU A 84 -8.09 14.72 -4.36
C LEU A 84 -7.88 16.21 -4.58
N ASP A 85 -7.61 16.94 -3.50
CA ASP A 85 -7.37 18.37 -3.59
C ASP A 85 -5.88 18.67 -3.59
N ARG A 86 -5.48 19.68 -4.38
CA ARG A 86 -4.08 20.06 -4.47
C ARG A 86 -3.59 20.65 -3.15
N GLY A 87 -2.27 20.64 -2.95
CA GLY A 87 -1.71 21.17 -1.73
C GLY A 87 -2.39 20.63 -0.49
N THR A 88 -2.40 19.31 -0.35
CA THR A 88 -3.03 18.66 0.80
C THR A 88 -2.45 17.27 1.03
N GLU A 89 -2.20 16.95 2.30
CA GLU A 89 -1.65 15.65 2.65
C GLU A 89 -2.73 14.58 2.70
N TYR A 90 -2.40 13.38 2.26
CA TYR A 90 -3.35 12.27 2.25
C TYR A 90 -2.67 10.96 2.66
N ASN A 91 -3.35 10.20 3.51
CA ASN A 91 -2.82 8.92 3.99
C ASN A 91 -3.40 7.77 3.18
N PHE A 92 -2.56 6.76 2.92
CA PHE A 92 -2.98 5.59 2.17
C PHE A 92 -2.49 4.31 2.82
N ARG A 93 -3.17 3.20 2.53
CA ARG A 93 -2.80 1.90 3.09
C ARG A 93 -3.27 0.77 2.19
N VAL A 94 -2.35 -0.13 1.85
CA VAL A 94 -2.67 -1.26 1.00
C VAL A 94 -2.77 -2.55 1.81
N ALA A 95 -3.81 -3.32 1.56
CA ALA A 95 -4.02 -4.58 2.26
C ALA A 95 -4.44 -5.69 1.30
N ALA A 96 -3.86 -6.87 1.49
CA ALA A 96 -4.17 -8.01 0.64
C ALA A 96 -5.45 -8.72 1.09
N LEU A 97 -6.16 -9.32 0.15
CA LEU A 97 -7.40 -10.02 0.45
C LEU A 97 -7.32 -11.48 0.02
N THR A 98 -7.96 -12.36 0.78
CA THR A 98 -7.97 -13.78 0.47
C THR A 98 -9.33 -14.41 0.77
N ILE A 99 -9.52 -15.65 0.33
CA ILE A 99 -10.77 -16.35 0.55
C ILE A 99 -11.09 -16.46 2.03
N ASN A 100 -10.06 -16.36 2.86
CA ASN A 100 -10.23 -16.45 4.31
C ASN A 100 -10.81 -15.15 4.87
N GLY A 101 -10.85 -14.12 4.03
CA GLY A 101 -11.38 -12.84 4.46
C GLY A 101 -10.50 -11.68 4.04
N THR A 102 -10.06 -10.89 5.01
CA THR A 102 -9.21 -9.74 4.74
C THR A 102 -7.78 -9.98 5.23
N GLY A 103 -6.84 -9.20 4.69
CA GLY A 103 -5.46 -9.34 5.10
C GLY A 103 -4.93 -8.11 5.80
N PRO A 104 -3.61 -8.12 6.11
CA PRO A 104 -2.96 -7.01 6.80
C PRO A 104 -2.86 -5.76 5.92
N ALA A 105 -2.82 -4.59 6.56
CA ALA A 105 -2.73 -3.33 5.84
C ALA A 105 -1.42 -2.61 6.16
N THR A 106 -0.79 -2.06 5.13
CA THR A 106 0.48 -1.35 5.30
C THR A 106 0.30 -0.13 6.20
N ASP A 107 1.39 0.33 6.80
CA ASP A 107 1.37 1.49 7.68
C ASP A 107 0.67 2.66 7.01
N TRP A 108 0.39 3.71 7.78
CA TRP A 108 -0.27 4.89 7.26
C TRP A 108 0.72 5.79 6.51
N LEU A 109 0.83 5.58 5.21
CA LEU A 109 1.74 6.37 4.39
C LEU A 109 1.08 7.66 3.93
N SER A 110 1.58 8.79 4.41
CA SER A 110 1.04 10.09 4.05
C SER A 110 1.78 10.69 2.85
N ALA A 111 1.05 11.37 1.98
CA ALA A 111 1.65 11.98 0.80
C ALA A 111 1.05 13.36 0.54
N GLU A 112 1.91 14.32 0.21
CA GLU A 112 1.47 15.68 -0.06
C GLU A 112 1.35 15.92 -1.57
N THR A 113 0.13 16.23 -2.00
CA THR A 113 -0.12 16.48 -3.42
C THR A 113 0.48 17.81 -3.85
N PHE A 114 0.73 17.95 -5.16
CA PHE A 114 1.30 19.18 -5.70
C PHE A 114 0.32 20.34 -5.58
N GLU A 115 0.75 21.40 -4.91
CA GLU A 115 -0.09 22.57 -4.72
C GLU A 115 -0.71 23.02 -6.05
N SER A 116 -0.05 22.67 -7.15
CA SER A 116 -0.53 23.05 -8.47
C SER A 116 -0.32 21.89 -9.46
N ASP A 117 -0.99 21.99 -10.60
CA ASP A 117 -0.89 20.96 -11.63
C ASP A 117 0.56 20.78 -12.08
N LEU A 118 1.26 21.89 -12.26
CA LEU A 118 2.65 21.87 -12.68
C LEU A 118 3.51 21.10 -11.69
N ASP A 119 4.00 19.94 -12.11
CA ASP A 119 4.84 19.11 -11.26
C ASP A 119 6.31 19.20 -11.68
N GLU A 120 7.20 19.11 -10.70
CA GLU A 120 8.63 19.19 -10.96
C GLU A 120 9.22 17.80 -11.19
N THR A 121 10.27 17.73 -12.00
CA THR A 121 10.93 16.47 -12.29
C THR A 121 11.94 16.10 -11.22
N ARG A 122 11.67 15.01 -10.50
CA ARG A 122 12.56 14.56 -9.44
C ARG A 122 12.67 13.04 -9.44
N VAL A 123 13.53 12.51 -8.57
CA VAL A 123 13.73 11.07 -8.47
C VAL A 123 13.60 10.59 -7.03
N PRO A 124 12.93 9.44 -6.85
CA PRO A 124 12.72 8.86 -5.52
C PRO A 124 14.02 8.32 -4.91
N GLU A 125 13.95 7.93 -3.64
CA GLU A 125 15.12 7.40 -2.94
C GLU A 125 14.69 6.45 -1.83
N VAL A 126 14.96 5.15 -2.02
CA VAL A 126 14.61 4.15 -1.03
C VAL A 126 15.68 4.06 0.06
N SER A 127 15.42 3.23 1.06
CA SER A 127 16.35 3.06 2.17
C SER A 127 15.95 1.86 3.03
N GLY A 128 16.88 1.40 3.86
CA GLY A 128 16.62 0.27 4.73
C GLY A 128 17.16 0.46 6.13
N PRO A 129 16.52 1.35 6.89
CA PRO A 129 16.93 1.66 8.27
C PRO A 129 16.66 0.50 9.21
N SER A 130 17.70 0.03 9.90
CA SER A 130 17.57 -1.09 10.83
C SER A 130 16.32 -0.91 11.70
N SER A 131 15.48 -1.94 11.73
CA SER A 131 14.26 -1.91 12.52
C SER A 131 14.55 -1.49 13.96
N GLY A 132 15.48 -2.21 14.60
CA GLY A 132 15.83 -1.91 15.97
C GLY A 132 15.26 -2.91 16.95
N GLY A 1 -12.82 -16.68 24.18
CA GLY A 1 -14.18 -17.14 24.42
C GLY A 1 -14.77 -17.82 23.19
N SER A 2 -14.16 -18.93 22.79
CA SER A 2 -14.63 -19.68 21.63
C SER A 2 -14.41 -21.17 21.82
N SER A 3 -14.84 -21.96 20.84
CA SER A 3 -14.70 -23.41 20.90
C SER A 3 -13.34 -23.84 20.34
N GLY A 4 -13.07 -25.15 20.40
CA GLY A 4 -11.81 -25.67 19.90
C GLY A 4 -12.01 -26.66 18.78
N SER A 5 -11.15 -27.68 18.73
CA SER A 5 -11.23 -28.70 17.68
C SER A 5 -10.92 -30.08 18.25
N SER A 6 -11.01 -31.10 17.41
CA SER A 6 -10.74 -32.46 17.82
C SER A 6 -9.35 -32.59 18.43
N GLY A 7 -9.02 -33.78 18.91
CA GLY A 7 -7.72 -34.01 19.50
C GLY A 7 -7.31 -32.90 20.45
N ASP A 8 -6.22 -32.21 20.12
CA ASP A 8 -5.73 -31.12 20.95
C ASP A 8 -6.85 -30.15 21.30
N VAL A 9 -6.53 -29.16 22.13
CA VAL A 9 -7.52 -28.17 22.54
C VAL A 9 -7.11 -26.77 22.12
N ALA A 10 -5.98 -26.68 21.41
CA ALA A 10 -5.48 -25.40 20.94
C ALA A 10 -4.27 -25.58 20.02
N VAL A 11 -4.42 -25.16 18.77
CA VAL A 11 -3.34 -25.29 17.79
C VAL A 11 -3.40 -24.15 16.78
N ARG A 12 -2.46 -23.22 16.88
CA ARG A 12 -2.40 -22.08 15.96
C ARG A 12 -3.80 -21.59 15.62
N THR A 13 -4.68 -21.58 16.62
CA THR A 13 -6.05 -21.13 16.42
C THR A 13 -6.17 -19.62 16.59
N LEU A 14 -5.11 -18.92 16.21
CA LEU A 14 -5.09 -17.46 16.30
C LEU A 14 -6.07 -16.83 15.30
N SER A 15 -5.77 -16.98 14.02
CA SER A 15 -6.62 -16.42 12.97
C SER A 15 -6.25 -17.02 11.62
N ASP A 16 -7.22 -17.65 10.97
CA ASP A 16 -7.00 -18.26 9.66
C ASP A 16 -6.45 -17.23 8.67
N VAL A 17 -7.13 -16.10 8.55
CA VAL A 17 -6.70 -15.04 7.64
C VAL A 17 -5.19 -14.90 7.63
N PRO A 18 -4.66 -14.39 6.51
CA PRO A 18 -3.22 -14.19 6.34
C PRO A 18 -2.67 -13.08 7.23
N SER A 19 -1.35 -13.04 7.39
CA SER A 19 -0.71 -12.03 8.21
C SER A 19 0.46 -11.38 7.47
N ALA A 20 0.44 -11.49 6.14
CA ALA A 20 1.49 -10.91 5.32
C ALA A 20 0.98 -9.71 4.53
N ALA A 21 1.72 -8.61 4.59
CA ALA A 21 1.33 -7.40 3.89
C ALA A 21 2.25 -7.15 2.69
N PRO A 22 1.78 -6.30 1.76
CA PRO A 22 2.55 -5.96 0.56
C PRO A 22 3.77 -5.10 0.87
N GLN A 23 4.91 -5.47 0.30
CA GLN A 23 6.15 -4.73 0.52
C GLN A 23 6.43 -3.78 -0.65
N ASN A 24 7.49 -2.99 -0.52
CA ASN A 24 7.86 -2.05 -1.56
C ASN A 24 6.74 -1.06 -1.84
N LEU A 25 6.04 -0.64 -0.79
CA LEU A 25 4.94 0.30 -0.92
C LEU A 25 5.45 1.68 -1.32
N SER A 26 4.59 2.44 -2.00
CA SER A 26 4.96 3.78 -2.46
C SER A 26 3.74 4.51 -3.02
N LEU A 27 3.86 5.83 -3.13
CA LEU A 27 2.76 6.65 -3.65
C LEU A 27 3.28 7.64 -4.68
N GLU A 28 3.09 7.33 -5.95
CA GLU A 28 3.53 8.20 -7.04
C GLU A 28 2.50 9.29 -7.32
N VAL A 29 2.68 10.45 -6.68
CA VAL A 29 1.76 11.57 -6.86
C VAL A 29 1.69 11.98 -8.33
N ARG A 30 0.91 11.26 -9.11
CA ARG A 30 0.75 11.55 -10.53
C ARG A 30 0.37 13.02 -10.73
N ASN A 31 -0.67 13.46 -10.04
CA ASN A 31 -1.13 14.84 -10.15
C ASN A 31 -1.49 15.40 -8.77
N SER A 32 -1.92 16.66 -8.75
CA SER A 32 -2.29 17.32 -7.50
C SER A 32 -3.62 16.79 -6.99
N LYS A 33 -4.42 16.25 -7.90
CA LYS A 33 -5.72 15.71 -7.54
C LYS A 33 -5.77 14.20 -7.77
N SER A 34 -4.61 13.61 -8.06
CA SER A 34 -4.52 12.18 -8.30
C SER A 34 -3.21 11.62 -7.76
N ILE A 35 -3.30 10.55 -6.98
CA ILE A 35 -2.13 9.92 -6.40
C ILE A 35 -2.11 8.42 -6.68
N MET A 36 -1.11 7.99 -7.46
CA MET A 36 -0.98 6.58 -7.80
C MET A 36 -0.33 5.80 -6.67
N ILE A 37 -0.72 4.54 -6.51
CA ILE A 37 -0.18 3.69 -5.47
C ILE A 37 0.57 2.50 -6.06
N HIS A 38 1.82 2.31 -5.61
CA HIS A 38 2.63 1.21 -6.10
C HIS A 38 3.04 0.29 -4.96
N TRP A 39 2.57 -0.96 -5.00
CA TRP A 39 2.88 -1.93 -3.96
C TRP A 39 3.25 -3.28 -4.57
N GLN A 40 3.96 -4.09 -3.81
CA GLN A 40 4.37 -5.42 -4.29
C GLN A 40 3.77 -6.51 -3.43
N PRO A 41 3.61 -7.71 -4.01
CA PRO A 41 3.04 -8.86 -3.32
C PRO A 41 3.97 -9.41 -2.24
N PRO A 42 3.38 -9.89 -1.14
CA PRO A 42 4.13 -10.44 -0.01
C PRO A 42 4.78 -11.78 -0.35
N ALA A 43 5.73 -12.21 0.48
CA ALA A 43 6.42 -13.47 0.26
C ALA A 43 5.44 -14.64 0.20
N PRO A 44 5.82 -15.70 -0.52
CA PRO A 44 4.99 -16.90 -0.67
C PRO A 44 4.87 -17.70 0.62
N ALA A 45 6.01 -17.90 1.29
CA ALA A 45 6.03 -18.65 2.54
C ALA A 45 5.14 -18.00 3.58
N THR A 46 4.76 -16.75 3.34
CA THR A 46 3.90 -16.01 4.25
C THR A 46 2.46 -15.99 3.76
N GLN A 47 2.27 -16.27 2.48
CA GLN A 47 0.95 -16.29 1.88
C GLN A 47 0.16 -17.51 2.34
N ASN A 48 -0.92 -17.27 3.08
CA ASN A 48 -1.76 -18.36 3.57
C ASN A 48 -2.84 -18.72 2.56
N GLY A 49 -2.53 -18.51 1.28
CA GLY A 49 -3.48 -18.82 0.23
C GLY A 49 -3.31 -17.95 -0.99
N GLN A 50 -4.24 -18.04 -1.93
CA GLN A 50 -4.19 -17.25 -3.15
C GLN A 50 -4.85 -15.88 -2.94
N ILE A 51 -4.21 -14.84 -3.48
CA ILE A 51 -4.74 -13.49 -3.36
C ILE A 51 -5.85 -13.24 -4.36
N THR A 52 -6.96 -12.68 -3.89
CA THR A 52 -8.10 -12.39 -4.76
C THR A 52 -8.16 -10.90 -5.09
N GLY A 53 -7.60 -10.07 -4.22
CA GLY A 53 -7.60 -8.64 -4.44
C GLY A 53 -6.98 -7.88 -3.28
N TYR A 54 -6.76 -6.58 -3.48
CA TYR A 54 -6.16 -5.74 -2.46
C TYR A 54 -7.11 -4.60 -2.07
N LYS A 55 -7.26 -4.39 -0.77
CA LYS A 55 -8.13 -3.34 -0.26
C LYS A 55 -7.33 -2.07 0.05
N ILE A 56 -7.41 -1.09 -0.85
CA ILE A 56 -6.70 0.17 -0.67
C ILE A 56 -7.62 1.24 -0.08
N ARG A 57 -7.17 1.86 1.01
CA ARG A 57 -7.95 2.90 1.67
C ARG A 57 -7.11 4.17 1.83
N TYR A 58 -7.79 5.31 1.76
CA TYR A 58 -7.12 6.60 1.90
C TYR A 58 -8.02 7.62 2.58
N ARG A 59 -7.43 8.47 3.42
CA ARG A 59 -8.20 9.49 4.13
C ARG A 59 -7.40 10.79 4.20
N LYS A 60 -8.02 11.82 4.79
CA LYS A 60 -7.38 13.12 4.92
C LYS A 60 -6.68 13.25 6.26
N ALA A 61 -5.45 13.76 6.24
CA ALA A 61 -4.68 13.94 7.46
C ALA A 61 -5.52 14.58 8.56
N SER A 62 -6.31 15.59 8.20
CA SER A 62 -7.16 16.29 9.15
C SER A 62 -8.43 15.50 9.42
N ARG A 63 -9.12 15.11 8.36
CA ARG A 63 -10.36 14.36 8.48
C ARG A 63 -10.11 12.86 8.24
N LYS A 64 -9.69 12.16 9.30
CA LYS A 64 -9.42 10.74 9.20
C LYS A 64 -10.71 9.94 9.12
N SER A 65 -11.72 10.36 9.88
CA SER A 65 -13.01 9.68 9.88
C SER A 65 -13.44 9.31 8.47
N ASP A 66 -13.47 10.32 7.60
CA ASP A 66 -13.88 10.10 6.21
C ASP A 66 -12.83 9.27 5.47
N VAL A 67 -13.17 8.02 5.19
CA VAL A 67 -12.26 7.12 4.48
C VAL A 67 -12.93 6.53 3.24
N THR A 68 -12.11 6.19 2.25
CA THR A 68 -12.62 5.62 1.01
C THR A 68 -12.15 4.19 0.83
N GLU A 69 -13.01 3.36 0.25
CA GLU A 69 -12.69 1.95 0.02
C GLU A 69 -12.45 1.68 -1.46
N THR A 70 -11.24 1.21 -1.78
CA THR A 70 -10.89 0.91 -3.16
C THR A 70 -10.24 -0.46 -3.28
N LEU A 71 -11.01 -1.42 -3.76
CA LEU A 71 -10.52 -2.79 -3.92
C LEU A 71 -10.14 -3.06 -5.37
N VAL A 72 -8.94 -3.59 -5.58
CA VAL A 72 -8.46 -3.91 -6.91
C VAL A 72 -8.36 -5.41 -7.12
N SER A 73 -7.94 -5.81 -8.32
CA SER A 73 -7.80 -7.22 -8.66
C SER A 73 -6.66 -7.86 -7.88
N GLY A 74 -6.64 -9.19 -7.83
CA GLY A 74 -5.59 -9.89 -7.12
C GLY A 74 -4.23 -9.73 -7.77
N THR A 75 -4.21 -9.74 -9.10
CA THR A 75 -2.97 -9.59 -9.85
C THR A 75 -2.62 -8.12 -10.05
N GLN A 76 -3.45 -7.24 -9.50
CA GLN A 76 -3.23 -5.80 -9.62
C GLN A 76 -2.32 -5.30 -8.51
N LEU A 77 -1.17 -4.77 -8.91
CA LEU A 77 -0.19 -4.26 -7.95
C LEU A 77 -0.04 -2.75 -8.08
N SER A 78 -1.09 -2.10 -8.60
CA SER A 78 -1.07 -0.65 -8.79
C SER A 78 -2.49 -0.10 -8.88
N GLN A 79 -2.68 1.13 -8.41
CA GLN A 79 -3.99 1.77 -8.46
C GLN A 79 -3.85 3.29 -8.56
N LEU A 80 -4.88 3.93 -9.11
CA LEU A 80 -4.87 5.38 -9.26
C LEU A 80 -6.04 6.02 -8.51
N ILE A 81 -5.73 6.79 -7.49
CA ILE A 81 -6.76 7.45 -6.69
C ILE A 81 -6.98 8.88 -7.17
N GLU A 82 -7.95 9.06 -8.06
CA GLU A 82 -8.27 10.38 -8.60
C GLU A 82 -9.34 11.06 -7.76
N GLY A 83 -9.35 12.39 -7.80
CA GLY A 83 -10.34 13.15 -7.05
C GLY A 83 -9.80 13.63 -5.71
N LEU A 84 -8.61 14.22 -5.74
CA LEU A 84 -7.98 14.73 -4.52
C LEU A 84 -7.82 16.25 -4.58
N ASP A 85 -7.21 16.81 -3.55
CA ASP A 85 -6.99 18.26 -3.48
C ASP A 85 -5.50 18.58 -3.46
N ARG A 86 -5.13 19.64 -4.17
CA ARG A 86 -3.74 20.06 -4.23
C ARG A 86 -3.26 20.55 -2.88
N GLY A 87 -1.94 20.65 -2.71
CA GLY A 87 -1.38 21.10 -1.46
C GLY A 87 -2.14 20.58 -0.26
N THR A 88 -2.26 19.26 -0.16
CA THR A 88 -2.96 18.63 0.96
C THR A 88 -2.46 17.22 1.20
N GLU A 89 -2.07 16.94 2.44
CA GLU A 89 -1.57 15.62 2.80
C GLU A 89 -2.66 14.57 2.68
N TYR A 90 -2.29 13.38 2.20
CA TYR A 90 -3.24 12.29 2.02
C TYR A 90 -2.63 10.97 2.48
N ASN A 91 -3.42 10.19 3.22
CA ASN A 91 -2.96 8.89 3.72
C ASN A 91 -3.44 7.76 2.82
N PHE A 92 -2.67 6.69 2.76
CA PHE A 92 -3.02 5.54 1.94
C PHE A 92 -2.50 4.25 2.56
N ARG A 93 -3.26 3.16 2.39
CA ARG A 93 -2.88 1.86 2.94
C ARG A 93 -3.37 0.73 2.04
N VAL A 94 -2.50 -0.24 1.81
CA VAL A 94 -2.85 -1.39 0.97
C VAL A 94 -2.91 -2.67 1.78
N ALA A 95 -3.97 -3.45 1.57
CA ALA A 95 -4.14 -4.71 2.29
C ALA A 95 -4.50 -5.84 1.34
N ALA A 96 -4.06 -7.05 1.66
CA ALA A 96 -4.33 -8.22 0.82
C ALA A 96 -5.62 -8.91 1.27
N LEU A 97 -6.32 -9.50 0.31
CA LEU A 97 -7.58 -10.19 0.60
C LEU A 97 -7.53 -11.63 0.07
N THR A 98 -8.02 -12.57 0.89
CA THR A 98 -8.03 -13.97 0.50
C THR A 98 -9.35 -14.63 0.89
N ILE A 99 -9.51 -15.89 0.51
CA ILE A 99 -10.72 -16.64 0.82
C ILE A 99 -10.94 -16.73 2.33
N ASN A 100 -9.85 -16.58 3.09
CA ASN A 100 -9.93 -16.65 4.55
C ASN A 100 -10.56 -15.39 5.11
N GLY A 101 -10.65 -14.34 4.29
CA GLY A 101 -11.23 -13.10 4.73
C GLY A 101 -10.38 -11.90 4.36
N THR A 102 -10.03 -11.08 5.35
CA THR A 102 -9.21 -9.90 5.12
C THR A 102 -7.79 -10.12 5.61
N GLY A 103 -6.85 -9.39 5.01
CA GLY A 103 -5.46 -9.51 5.40
C GLY A 103 -4.95 -8.29 6.14
N PRO A 104 -3.62 -8.19 6.29
CA PRO A 104 -2.98 -7.07 6.99
C PRO A 104 -3.08 -5.76 6.21
N ALA A 105 -2.75 -4.66 6.86
CA ALA A 105 -2.80 -3.35 6.23
C ALA A 105 -1.47 -2.61 6.38
N THR A 106 -1.01 -2.00 5.29
CA THR A 106 0.24 -1.26 5.29
C THR A 106 0.16 -0.05 6.21
N ASP A 107 1.29 0.31 6.83
CA ASP A 107 1.34 1.45 7.72
C ASP A 107 0.82 2.71 7.04
N TRP A 108 0.05 3.51 7.76
CA TRP A 108 -0.52 4.74 7.23
C TRP A 108 0.58 5.61 6.61
N LEU A 109 0.61 5.65 5.28
CA LEU A 109 1.61 6.45 4.56
C LEU A 109 1.01 7.76 4.08
N SER A 110 1.54 8.87 4.59
CA SER A 110 1.05 10.19 4.21
C SER A 110 1.81 10.73 3.00
N ALA A 111 1.11 11.42 2.12
CA ALA A 111 1.72 11.98 0.92
C ALA A 111 1.23 13.40 0.66
N GLU A 112 2.14 14.29 0.27
CA GLU A 112 1.79 15.67 0.00
C GLU A 112 1.75 15.93 -1.51
N THR A 113 0.57 16.31 -2.00
CA THR A 113 0.39 16.59 -3.41
C THR A 113 1.12 17.87 -3.82
N PHE A 114 1.29 18.07 -5.13
CA PHE A 114 1.96 19.24 -5.64
C PHE A 114 1.06 20.47 -5.58
N GLU A 115 1.55 21.53 -4.95
CA GLU A 115 0.78 22.77 -4.82
C GLU A 115 0.06 23.10 -6.12
N SER A 116 0.58 22.59 -7.23
CA SER A 116 -0.02 22.84 -8.54
C SER A 116 0.59 21.91 -9.60
N ASP A 117 -0.26 21.35 -10.44
CA ASP A 117 0.19 20.44 -11.50
C ASP A 117 1.30 21.09 -12.32
N LEU A 118 2.55 20.81 -11.95
CA LEU A 118 3.70 21.36 -12.65
C LEU A 118 4.38 20.29 -13.50
N ASP A 119 4.43 20.53 -14.80
CA ASP A 119 5.06 19.58 -15.72
C ASP A 119 6.50 19.29 -15.30
N GLU A 120 6.68 18.23 -14.52
CA GLU A 120 8.00 17.84 -14.05
C GLU A 120 8.82 17.22 -15.18
N THR A 121 10.10 17.57 -15.24
CA THR A 121 10.99 17.06 -16.27
C THR A 121 11.81 15.87 -15.74
N ARG A 122 11.78 14.76 -16.47
CA ARG A 122 12.51 13.57 -16.08
C ARG A 122 12.85 12.72 -17.30
N VAL A 123 14.03 12.10 -17.28
CA VAL A 123 14.46 11.26 -18.39
C VAL A 123 14.56 9.79 -17.95
N PRO A 124 13.42 9.09 -18.03
CA PRO A 124 13.35 7.66 -17.65
C PRO A 124 14.09 6.77 -18.62
N GLU A 125 14.02 5.46 -18.39
CA GLU A 125 14.70 4.50 -19.25
C GLU A 125 14.01 4.41 -20.60
N VAL A 126 14.73 3.86 -21.59
CA VAL A 126 14.18 3.72 -22.94
C VAL A 126 13.97 2.25 -23.29
N SER A 127 12.93 1.98 -24.08
CA SER A 127 12.61 0.62 -24.48
C SER A 127 12.23 0.57 -25.95
N GLY A 128 12.01 -0.65 -26.46
CA GLY A 128 11.64 -0.81 -27.85
C GLY A 128 10.51 -1.80 -28.04
N PRO A 129 9.27 -1.31 -27.87
CA PRO A 129 8.07 -2.14 -28.01
C PRO A 129 7.82 -2.55 -29.46
N SER A 130 6.70 -3.24 -29.70
CA SER A 130 6.35 -3.70 -31.03
C SER A 130 4.85 -3.56 -31.27
N SER A 131 4.45 -3.68 -32.53
CA SER A 131 3.04 -3.57 -32.89
C SER A 131 2.65 -4.64 -33.91
N GLY A 132 1.37 -4.66 -34.28
CA GLY A 132 0.91 -5.65 -35.24
C GLY A 132 0.75 -7.03 -34.63
N GLY A 1 -23.37 -6.27 40.95
CA GLY A 1 -21.94 -6.05 40.94
C GLY A 1 -21.58 -4.59 41.21
N SER A 2 -20.37 -4.37 41.72
CA SER A 2 -19.91 -3.02 42.02
C SER A 2 -18.71 -2.65 41.18
N SER A 3 -18.24 -1.41 41.34
CA SER A 3 -17.08 -0.93 40.58
C SER A 3 -16.07 -2.06 40.36
N GLY A 4 -15.32 -1.96 39.27
CA GLY A 4 -14.32 -2.97 38.96
C GLY A 4 -13.10 -2.39 38.27
N SER A 5 -12.10 -3.23 38.05
CA SER A 5 -10.86 -2.79 37.41
C SER A 5 -10.70 -3.45 36.04
N SER A 6 -9.79 -2.92 35.24
CA SER A 6 -9.53 -3.46 33.90
C SER A 6 -9.09 -4.91 33.98
N GLY A 7 -9.41 -5.68 32.94
CA GLY A 7 -9.03 -7.08 32.91
C GLY A 7 -7.73 -7.32 32.17
N ASP A 8 -7.70 -8.35 31.34
CA ASP A 8 -6.50 -8.69 30.57
C ASP A 8 -6.05 -7.49 29.74
N VAL A 9 -4.86 -7.59 29.17
CA VAL A 9 -4.30 -6.53 28.35
C VAL A 9 -3.32 -7.08 27.32
N ALA A 10 -3.41 -6.57 26.09
CA ALA A 10 -2.53 -7.01 25.01
C ALA A 10 -2.77 -8.47 24.68
N VAL A 11 -4.04 -8.86 24.59
CA VAL A 11 -4.40 -10.23 24.27
C VAL A 11 -3.95 -10.61 22.86
N ARG A 12 -3.43 -11.82 22.72
CA ARG A 12 -2.96 -12.30 21.42
C ARG A 12 -3.54 -13.68 21.11
N THR A 13 -4.34 -13.75 20.06
CA THR A 13 -4.96 -15.00 19.65
C THR A 13 -4.65 -15.31 18.19
N LEU A 14 -4.81 -16.58 17.82
CA LEU A 14 -4.55 -17.01 16.45
C LEU A 14 -5.77 -16.79 15.57
N SER A 15 -5.53 -16.57 14.28
CA SER A 15 -6.61 -16.33 13.33
C SER A 15 -6.30 -16.98 11.98
N ASP A 16 -7.33 -17.18 11.18
CA ASP A 16 -7.18 -17.79 9.86
C ASP A 16 -6.61 -16.78 8.86
N VAL A 17 -7.26 -15.62 8.76
CA VAL A 17 -6.82 -14.58 7.84
C VAL A 17 -5.30 -14.50 7.80
N PRO A 18 -4.77 -14.02 6.66
CA PRO A 18 -3.32 -13.88 6.46
C PRO A 18 -2.73 -12.77 7.32
N SER A 19 -1.43 -12.88 7.60
CA SER A 19 -0.74 -11.89 8.42
C SER A 19 0.42 -11.26 7.65
N ALA A 20 0.44 -11.49 6.33
CA ALA A 20 1.50 -10.95 5.48
C ALA A 20 0.97 -9.79 4.65
N ALA A 21 1.67 -8.66 4.70
CA ALA A 21 1.28 -7.48 3.95
C ALA A 21 2.22 -7.24 2.77
N PRO A 22 1.77 -6.42 1.81
CA PRO A 22 2.55 -6.09 0.62
C PRO A 22 3.76 -5.22 0.94
N GLN A 23 4.86 -5.47 0.24
CA GLN A 23 6.09 -4.71 0.46
C GLN A 23 6.37 -3.79 -0.73
N ASN A 24 7.45 -3.01 -0.63
CA ASN A 24 7.83 -2.09 -1.70
C ASN A 24 6.71 -1.09 -1.97
N LEU A 25 5.99 -0.71 -0.91
CA LEU A 25 4.89 0.24 -1.04
C LEU A 25 5.41 1.62 -1.46
N SER A 26 4.56 2.39 -2.13
CA SER A 26 4.92 3.71 -2.60
C SER A 26 3.71 4.45 -3.14
N LEU A 27 3.83 5.77 -3.27
CA LEU A 27 2.74 6.60 -3.79
C LEU A 27 3.26 7.58 -4.83
N GLU A 28 3.08 7.24 -6.10
CA GLU A 28 3.52 8.10 -7.20
C GLU A 28 2.48 9.17 -7.49
N VAL A 29 2.60 10.31 -6.83
CA VAL A 29 1.68 11.42 -7.04
C VAL A 29 1.64 11.85 -8.49
N ARG A 30 0.81 11.16 -9.28
CA ARG A 30 0.67 11.47 -10.69
C ARG A 30 0.35 12.95 -10.90
N ASN A 31 -0.65 13.43 -10.18
CA ASN A 31 -1.06 14.84 -10.29
C ASN A 31 -1.44 15.39 -8.92
N SER A 32 -1.91 16.64 -8.91
CA SER A 32 -2.29 17.30 -7.66
C SER A 32 -3.66 16.82 -7.20
N LYS A 33 -4.33 16.03 -8.04
CA LYS A 33 -5.65 15.51 -7.72
C LYS A 33 -5.70 14.00 -7.95
N SER A 34 -4.56 13.42 -8.28
CA SER A 34 -4.47 11.98 -8.53
C SER A 34 -3.16 11.41 -7.99
N ILE A 35 -3.27 10.41 -7.13
CA ILE A 35 -2.09 9.77 -6.55
C ILE A 35 -2.06 8.28 -6.84
N MET A 36 -1.00 7.84 -7.51
CA MET A 36 -0.84 6.43 -7.85
C MET A 36 -0.14 5.66 -6.73
N ILE A 37 -0.62 4.45 -6.46
CA ILE A 37 -0.03 3.63 -5.42
C ILE A 37 0.68 2.41 -6.01
N HIS A 38 1.91 2.17 -5.55
CA HIS A 38 2.70 1.04 -6.03
C HIS A 38 3.13 0.15 -4.88
N TRP A 39 2.69 -1.10 -4.92
CA TRP A 39 3.03 -2.06 -3.87
C TRP A 39 3.39 -3.42 -4.47
N GLN A 40 3.94 -4.30 -3.64
CA GLN A 40 4.34 -5.62 -4.09
C GLN A 40 3.75 -6.71 -3.19
N PRO A 41 3.55 -7.91 -3.75
CA PRO A 41 2.99 -9.05 -3.03
C PRO A 41 3.94 -9.59 -1.97
N PRO A 42 3.39 -10.04 -0.85
CA PRO A 42 4.18 -10.59 0.27
C PRO A 42 4.80 -11.95 -0.09
N ALA A 43 5.78 -12.36 0.70
CA ALA A 43 6.46 -13.63 0.47
C ALA A 43 5.46 -14.78 0.47
N PRO A 44 5.80 -15.86 -0.25
CA PRO A 44 4.95 -17.05 -0.35
C PRO A 44 4.88 -17.83 0.97
N ALA A 45 6.03 -17.95 1.63
CA ALA A 45 6.10 -18.67 2.90
C ALA A 45 5.09 -18.11 3.90
N THR A 46 5.06 -16.78 4.03
CA THR A 46 4.16 -16.12 4.96
C THR A 46 2.70 -16.27 4.50
N GLN A 47 2.45 -15.91 3.25
CA GLN A 47 1.11 -16.00 2.69
C GLN A 47 0.38 -17.23 3.22
N ASN A 48 -0.88 -17.03 3.64
CA ASN A 48 -1.68 -18.13 4.17
C ASN A 48 -2.69 -18.60 3.13
N GLY A 49 -2.30 -18.54 1.85
CA GLY A 49 -3.20 -18.97 0.79
C GLY A 49 -3.02 -18.15 -0.47
N GLN A 50 -4.07 -18.07 -1.29
CA GLN A 50 -4.02 -17.32 -2.53
C GLN A 50 -4.65 -15.94 -2.36
N ILE A 51 -4.17 -14.98 -3.13
CA ILE A 51 -4.69 -13.62 -3.07
C ILE A 51 -5.73 -13.38 -4.15
N THR A 52 -6.85 -12.76 -3.75
CA THR A 52 -7.93 -12.47 -4.69
C THR A 52 -7.96 -10.99 -5.06
N GLY A 53 -7.62 -10.15 -4.09
CA GLY A 53 -7.61 -8.71 -4.33
C GLY A 53 -7.02 -7.94 -3.18
N TYR A 54 -6.91 -6.62 -3.35
CA TYR A 54 -6.35 -5.76 -2.31
C TYR A 54 -7.34 -4.66 -1.92
N LYS A 55 -7.17 -4.12 -0.72
CA LYS A 55 -8.04 -3.06 -0.23
C LYS A 55 -7.25 -1.78 -0.01
N ILE A 56 -7.43 -0.82 -0.92
CA ILE A 56 -6.74 0.47 -0.82
C ILE A 56 -7.63 1.53 -0.19
N ARG A 57 -7.38 1.84 1.07
CA ARG A 57 -8.16 2.84 1.79
C ARG A 57 -7.32 4.08 2.08
N TYR A 58 -7.91 5.26 1.87
CA TYR A 58 -7.22 6.51 2.10
C TYR A 58 -8.12 7.49 2.85
N ARG A 59 -7.51 8.29 3.72
CA ARG A 59 -8.25 9.27 4.50
C ARG A 59 -7.55 10.62 4.49
N LYS A 60 -8.15 11.61 5.16
CA LYS A 60 -7.57 12.95 5.22
C LYS A 60 -6.88 13.17 6.57
N ALA A 61 -5.69 13.77 6.52
CA ALA A 61 -4.94 14.04 7.74
C ALA A 61 -5.77 14.84 8.73
N SER A 62 -6.22 16.01 8.31
CA SER A 62 -7.02 16.88 9.17
C SER A 62 -8.28 16.15 9.65
N ARG A 63 -9.08 15.66 8.71
CA ARG A 63 -10.30 14.94 9.04
C ARG A 63 -10.08 13.44 8.98
N LYS A 64 -9.68 12.85 10.10
CA LYS A 64 -9.44 11.42 10.18
C LYS A 64 -10.74 10.65 10.36
N SER A 65 -11.77 11.06 9.61
CA SER A 65 -13.07 10.41 9.68
C SER A 65 -13.59 10.06 8.30
N ASP A 66 -13.26 10.89 7.32
CA ASP A 66 -13.68 10.68 5.94
C ASP A 66 -12.67 9.81 5.19
N VAL A 67 -12.98 8.53 5.07
CA VAL A 67 -12.11 7.60 4.37
C VAL A 67 -12.87 6.83 3.28
N THR A 68 -12.26 6.72 2.11
CA THR A 68 -12.87 6.01 0.99
C THR A 68 -12.21 4.67 0.75
N GLU A 69 -13.00 3.67 0.43
CA GLU A 69 -12.49 2.33 0.17
C GLU A 69 -12.34 2.07 -1.32
N THR A 70 -11.23 1.48 -1.72
CA THR A 70 -10.96 1.18 -3.12
C THR A 70 -10.51 -0.27 -3.30
N LEU A 71 -11.28 -1.03 -4.06
CA LEU A 71 -10.97 -2.43 -4.32
C LEU A 71 -10.27 -2.60 -5.67
N VAL A 72 -9.25 -3.45 -5.71
CA VAL A 72 -8.51 -3.69 -6.94
C VAL A 72 -8.39 -5.19 -7.21
N SER A 73 -7.86 -5.53 -8.39
CA SER A 73 -7.68 -6.93 -8.77
C SER A 73 -6.51 -7.55 -8.03
N GLY A 74 -6.55 -8.87 -7.86
CA GLY A 74 -5.48 -9.57 -7.17
C GLY A 74 -4.15 -9.42 -7.88
N THR A 75 -4.16 -9.59 -9.20
CA THR A 75 -2.94 -9.49 -9.99
C THR A 75 -2.58 -8.03 -10.25
N GLN A 76 -3.34 -7.13 -9.65
CA GLN A 76 -3.10 -5.70 -9.81
C GLN A 76 -2.29 -5.14 -8.65
N LEU A 77 -1.04 -4.79 -8.91
CA LEU A 77 -0.15 -4.24 -7.89
C LEU A 77 -0.01 -2.74 -8.03
N SER A 78 -0.95 -2.12 -8.75
CA SER A 78 -0.93 -0.68 -8.97
C SER A 78 -2.34 -0.13 -9.09
N GLN A 79 -2.55 1.07 -8.55
CA GLN A 79 -3.86 1.71 -8.60
C GLN A 79 -3.73 3.22 -8.71
N LEU A 80 -4.75 3.88 -9.23
CA LEU A 80 -4.75 5.32 -9.38
C LEU A 80 -5.95 5.95 -8.69
N ILE A 81 -5.69 6.66 -7.59
CA ILE A 81 -6.75 7.32 -6.85
C ILE A 81 -6.91 8.77 -7.26
N GLU A 82 -7.99 9.05 -7.98
CA GLU A 82 -8.26 10.41 -8.44
C GLU A 82 -9.34 11.08 -7.59
N GLY A 83 -9.43 12.40 -7.67
CA GLY A 83 -10.42 13.13 -6.90
C GLY A 83 -9.85 13.68 -5.61
N LEU A 84 -8.65 14.25 -5.68
CA LEU A 84 -8.00 14.81 -4.50
C LEU A 84 -7.66 16.28 -4.71
N ASP A 85 -7.44 17.00 -3.61
CA ASP A 85 -7.12 18.42 -3.68
C ASP A 85 -5.60 18.62 -3.68
N ARG A 86 -5.15 19.70 -4.31
CA ARG A 86 -3.73 20.00 -4.39
C ARG A 86 -3.21 20.51 -3.05
N GLY A 87 -1.89 20.55 -2.91
CA GLY A 87 -1.29 21.02 -1.66
C GLY A 87 -2.03 20.51 -0.43
N THR A 88 -2.27 19.20 -0.39
CA THR A 88 -2.97 18.60 0.73
C THR A 88 -2.44 17.18 1.01
N GLU A 89 -2.15 16.91 2.28
CA GLU A 89 -1.65 15.60 2.68
C GLU A 89 -2.77 14.56 2.68
N TYR A 90 -2.43 13.34 2.32
CA TYR A 90 -3.40 12.25 2.28
C TYR A 90 -2.77 10.93 2.74
N ASN A 91 -3.55 10.13 3.45
CA ASN A 91 -3.08 8.85 3.96
C ASN A 91 -3.56 7.70 3.07
N PHE A 92 -2.72 6.68 2.92
CA PHE A 92 -3.06 5.53 2.10
C PHE A 92 -2.56 4.24 2.74
N ARG A 93 -3.34 3.18 2.60
CA ARG A 93 -2.99 1.88 3.17
C ARG A 93 -3.47 0.74 2.28
N VAL A 94 -2.54 -0.12 1.88
CA VAL A 94 -2.87 -1.26 1.03
C VAL A 94 -2.93 -2.55 1.83
N ALA A 95 -3.96 -3.35 1.58
CA ALA A 95 -4.13 -4.61 2.28
C ALA A 95 -4.44 -5.74 1.30
N ALA A 96 -4.06 -6.96 1.67
CA ALA A 96 -4.29 -8.13 0.82
C ALA A 96 -5.55 -8.87 1.25
N LEU A 97 -6.29 -9.39 0.28
CA LEU A 97 -7.52 -10.11 0.55
C LEU A 97 -7.42 -11.56 0.06
N THR A 98 -7.74 -12.51 0.93
CA THR A 98 -7.70 -13.92 0.58
C THR A 98 -9.00 -14.62 0.92
N ILE A 99 -9.08 -15.91 0.61
CA ILE A 99 -10.28 -16.70 0.89
C ILE A 99 -10.56 -16.74 2.39
N ASN A 100 -9.52 -16.51 3.19
CA ASN A 100 -9.67 -16.53 4.64
C ASN A 100 -10.37 -15.26 5.13
N GLY A 101 -10.47 -14.28 4.26
CA GLY A 101 -11.12 -13.03 4.62
C GLY A 101 -10.28 -11.82 4.26
N THR A 102 -9.94 -11.02 5.28
CA THR A 102 -9.14 -9.81 5.06
C THR A 102 -7.71 -10.01 5.53
N GLY A 103 -6.77 -9.38 4.86
CA GLY A 103 -5.36 -9.50 5.23
C GLY A 103 -4.84 -8.25 5.92
N PRO A 104 -3.53 -8.21 6.16
CA PRO A 104 -2.86 -7.08 6.81
C PRO A 104 -2.82 -5.84 5.92
N ALA A 105 -2.68 -4.67 6.54
CA ALA A 105 -2.62 -3.42 5.80
C ALA A 105 -1.29 -2.70 6.04
N THR A 106 -0.78 -2.08 4.99
CA THR A 106 0.49 -1.35 5.08
C THR A 106 0.37 -0.16 6.01
N ASP A 107 1.47 0.16 6.70
CA ASP A 107 1.48 1.29 7.62
C ASP A 107 0.97 2.56 6.94
N TRP A 108 0.10 3.28 7.63
CA TRP A 108 -0.46 4.52 7.09
C TRP A 108 0.63 5.39 6.47
N LEU A 109 0.63 5.49 5.15
CA LEU A 109 1.61 6.29 4.44
C LEU A 109 1.01 7.63 3.99
N SER A 110 1.50 8.72 4.57
CA SER A 110 1.02 10.05 4.23
C SER A 110 1.73 10.59 2.99
N ALA A 111 1.01 11.38 2.20
CA ALA A 111 1.57 11.97 1.00
C ALA A 111 1.00 13.35 0.73
N GLU A 112 1.88 14.31 0.46
CA GLU A 112 1.45 15.69 0.20
C GLU A 112 1.46 15.97 -1.30
N THR A 113 0.28 16.21 -1.86
CA THR A 113 0.15 16.50 -3.28
C THR A 113 0.94 17.74 -3.66
N PHE A 114 1.07 17.98 -4.96
CA PHE A 114 1.80 19.14 -5.46
C PHE A 114 0.98 20.41 -5.31
N GLU A 115 1.49 21.35 -4.53
CA GLU A 115 0.80 22.62 -4.31
C GLU A 115 0.20 23.15 -5.61
N SER A 116 0.77 22.73 -6.73
CA SER A 116 0.31 23.16 -8.04
C SER A 116 0.55 22.09 -9.09
N ASP A 117 0.14 22.37 -10.33
CA ASP A 117 0.31 21.42 -11.42
C ASP A 117 1.72 21.55 -12.03
N LEU A 118 2.59 20.62 -11.66
CA LEU A 118 3.96 20.62 -12.18
C LEU A 118 4.33 19.27 -12.77
N ASP A 119 4.37 19.21 -14.09
CA ASP A 119 4.71 17.97 -14.79
C ASP A 119 6.16 17.59 -14.55
N GLU A 120 6.46 16.30 -14.59
CA GLU A 120 7.81 15.81 -14.37
C GLU A 120 8.49 15.50 -15.71
N THR A 121 9.59 16.21 -15.98
CA THR A 121 10.34 16.02 -17.22
C THR A 121 11.14 14.73 -17.17
N ARG A 122 11.81 14.42 -18.28
CA ARG A 122 12.62 13.20 -18.37
C ARG A 122 13.92 13.49 -19.12
N VAL A 123 14.71 12.43 -19.34
CA VAL A 123 15.98 12.56 -20.04
C VAL A 123 16.19 11.40 -21.01
N PRO A 124 16.49 11.73 -22.27
CA PRO A 124 16.73 10.73 -23.32
C PRO A 124 18.03 9.96 -23.10
N GLU A 125 18.30 9.02 -24.00
CA GLU A 125 19.52 8.22 -23.91
C GLU A 125 20.43 8.48 -25.10
N VAL A 126 21.46 9.30 -24.88
CA VAL A 126 22.42 9.63 -25.93
C VAL A 126 22.62 8.46 -26.87
N SER A 127 22.70 8.75 -28.17
CA SER A 127 22.89 7.70 -29.18
C SER A 127 24.10 6.83 -28.84
N GLY A 128 24.19 5.68 -29.49
CA GLY A 128 25.29 4.77 -29.24
C GLY A 128 26.43 4.96 -30.23
N PRO A 129 27.26 3.92 -30.38
CA PRO A 129 28.41 3.96 -31.29
C PRO A 129 27.98 3.96 -32.75
N SER A 130 28.94 3.70 -33.65
CA SER A 130 28.66 3.67 -35.07
C SER A 130 29.11 2.35 -35.70
N SER A 131 28.85 2.19 -36.99
CA SER A 131 29.22 0.97 -37.70
C SER A 131 30.73 0.94 -37.95
N GLY A 132 31.22 -0.22 -38.38
CA GLY A 132 32.64 -0.36 -38.66
C GLY A 132 32.99 -0.03 -40.10
N GLY A 1 16.73 -5.77 49.33
CA GLY A 1 17.28 -5.65 48.00
C GLY A 1 16.20 -5.63 46.94
N SER A 2 16.61 -5.45 45.68
CA SER A 2 15.67 -5.41 44.57
C SER A 2 16.36 -5.75 43.25
N SER A 3 15.58 -6.20 42.28
CA SER A 3 16.13 -6.56 40.97
C SER A 3 15.00 -6.83 39.98
N GLY A 4 15.38 -7.04 38.72
CA GLY A 4 14.40 -7.30 37.69
C GLY A 4 14.93 -7.04 36.29
N SER A 5 14.56 -5.90 35.72
CA SER A 5 15.02 -5.54 34.38
C SER A 5 14.78 -6.69 33.40
N SER A 6 13.61 -7.32 33.51
CA SER A 6 13.27 -8.44 32.64
C SER A 6 12.42 -7.96 31.46
N GLY A 7 12.17 -8.86 30.52
CA GLY A 7 11.37 -8.52 29.36
C GLY A 7 10.56 -9.70 28.84
N ASP A 8 9.66 -9.43 27.91
CA ASP A 8 8.82 -10.48 27.33
C ASP A 8 8.55 -10.20 25.86
N VAL A 9 8.02 -11.21 25.16
CA VAL A 9 7.71 -11.07 23.73
C VAL A 9 6.30 -11.57 23.44
N ALA A 10 5.44 -10.66 22.95
CA ALA A 10 4.06 -11.01 22.62
C ALA A 10 4.02 -11.91 21.39
N VAL A 11 3.35 -13.05 21.52
CA VAL A 11 3.23 -13.99 20.41
C VAL A 11 2.20 -13.51 19.40
N ARG A 12 2.14 -14.19 18.26
CA ARG A 12 1.20 -13.83 17.21
C ARG A 12 0.13 -14.91 17.03
N THR A 13 -1.12 -14.55 17.29
CA THR A 13 -2.23 -15.48 17.18
C THR A 13 -2.30 -16.09 15.77
N LEU A 14 -2.72 -17.34 15.70
CA LEU A 14 -2.83 -18.03 14.41
C LEU A 14 -4.29 -18.10 13.96
N SER A 15 -4.72 -17.08 13.24
CA SER A 15 -6.09 -17.03 12.74
C SER A 15 -6.15 -17.44 11.28
N ASP A 16 -7.34 -17.81 10.83
CA ASP A 16 -7.54 -18.23 9.45
C ASP A 16 -7.08 -17.15 8.48
N VAL A 17 -7.72 -15.98 8.56
CA VAL A 17 -7.36 -14.86 7.69
C VAL A 17 -5.85 -14.74 7.54
N PRO A 18 -5.41 -14.16 6.41
CA PRO A 18 -4.00 -13.96 6.11
C PRO A 18 -3.35 -12.91 7.01
N SER A 19 -2.07 -13.09 7.30
CA SER A 19 -1.34 -12.15 8.15
C SER A 19 -0.09 -11.65 7.45
N ALA A 20 -0.25 -11.23 6.20
CA ALA A 20 0.88 -10.72 5.41
C ALA A 20 0.49 -9.46 4.66
N ALA A 21 1.33 -8.43 4.75
CA ALA A 21 1.07 -7.17 4.07
C ALA A 21 2.08 -6.93 2.94
N PRO A 22 1.69 -6.13 1.95
CA PRO A 22 2.55 -5.81 0.80
C PRO A 22 3.72 -4.92 1.19
N GLN A 23 4.90 -5.25 0.68
CA GLN A 23 6.11 -4.48 0.98
C GLN A 23 6.46 -3.57 -0.19
N ASN A 24 7.50 -2.76 0.00
CA ASN A 24 7.94 -1.84 -1.04
C ASN A 24 6.83 -0.86 -1.42
N LEU A 25 6.04 -0.47 -0.43
CA LEU A 25 4.94 0.46 -0.65
C LEU A 25 5.46 1.82 -1.12
N SER A 26 4.75 2.42 -2.06
CA SER A 26 5.14 3.73 -2.60
C SER A 26 3.94 4.45 -3.19
N LEU A 27 4.07 5.76 -3.37
CA LEU A 27 3.00 6.57 -3.94
C LEU A 27 3.53 7.54 -4.98
N GLU A 28 3.28 7.23 -6.25
CA GLU A 28 3.75 8.09 -7.34
C GLU A 28 2.69 9.13 -7.70
N VAL A 29 2.64 10.20 -6.91
CA VAL A 29 1.67 11.27 -7.16
C VAL A 29 1.64 11.66 -8.63
N ARG A 30 0.73 11.03 -9.38
CA ARG A 30 0.59 11.32 -10.80
C ARG A 30 0.21 12.78 -11.03
N ASN A 31 -0.87 13.20 -10.40
CA ASN A 31 -1.35 14.58 -10.54
C ASN A 31 -1.76 15.15 -9.19
N SER A 32 -2.27 16.38 -9.20
CA SER A 32 -2.70 17.04 -7.98
C SER A 32 -4.00 16.43 -7.46
N LYS A 33 -4.78 15.85 -8.37
CA LYS A 33 -6.05 15.22 -8.01
C LYS A 33 -5.99 13.72 -8.24
N SER A 34 -4.80 13.22 -8.55
CA SER A 34 -4.62 11.79 -8.80
C SER A 34 -3.32 11.29 -8.16
N ILE A 35 -3.43 10.18 -7.42
CA ILE A 35 -2.27 9.60 -6.76
C ILE A 35 -2.17 8.11 -7.04
N MET A 36 -1.14 7.73 -7.79
CA MET A 36 -0.92 6.33 -8.13
C MET A 36 -0.18 5.60 -7.01
N ILE A 37 -0.71 4.45 -6.60
CA ILE A 37 -0.10 3.67 -5.54
C ILE A 37 0.62 2.44 -6.09
N HIS A 38 1.86 2.26 -5.68
CA HIS A 38 2.65 1.12 -6.14
C HIS A 38 3.19 0.31 -4.96
N TRP A 39 2.75 -0.94 -4.86
CA TRP A 39 3.18 -1.82 -3.78
C TRP A 39 3.60 -3.19 -4.33
N GLN A 40 4.23 -3.99 -3.47
CA GLN A 40 4.69 -5.31 -3.86
C GLN A 40 4.00 -6.40 -3.02
N PRO A 41 3.76 -7.56 -3.64
CA PRO A 41 3.12 -8.69 -2.98
C PRO A 41 4.01 -9.32 -1.89
N PRO A 42 3.38 -9.79 -0.81
CA PRO A 42 4.09 -10.42 0.30
C PRO A 42 4.66 -11.78 -0.07
N ALA A 43 5.48 -12.33 0.82
CA ALA A 43 6.10 -13.64 0.59
C ALA A 43 5.04 -14.69 0.27
N PRO A 44 5.41 -15.68 -0.56
CA PRO A 44 4.51 -16.76 -0.96
C PRO A 44 4.21 -17.72 0.19
N ALA A 45 4.92 -17.55 1.30
CA ALA A 45 4.74 -18.39 2.47
C ALA A 45 3.80 -17.73 3.48
N THR A 46 3.74 -16.40 3.44
CA THR A 46 2.88 -15.66 4.35
C THR A 46 1.52 -15.39 3.73
N GLN A 47 1.49 -15.22 2.41
CA GLN A 47 0.25 -14.97 1.70
C GLN A 47 -0.92 -15.69 2.36
N ASN A 48 -0.65 -16.87 2.90
CA ASN A 48 -1.68 -17.65 3.57
C ASN A 48 -2.78 -18.06 2.59
N GLY A 49 -2.43 -18.14 1.31
CA GLY A 49 -3.39 -18.52 0.29
C GLY A 49 -3.38 -17.57 -0.90
N GLN A 50 -4.12 -17.93 -1.94
CA GLN A 50 -4.18 -17.11 -3.15
C GLN A 50 -4.83 -15.77 -2.85
N ILE A 51 -4.36 -14.72 -3.54
CA ILE A 51 -4.89 -13.39 -3.33
C ILE A 51 -6.02 -13.10 -4.32
N THR A 52 -7.15 -12.65 -3.80
CA THR A 52 -8.31 -12.33 -4.62
C THR A 52 -8.31 -10.87 -5.05
N GLY A 53 -7.82 -10.01 -4.16
CA GLY A 53 -7.78 -8.59 -4.46
C GLY A 53 -7.11 -7.78 -3.36
N TYR A 54 -6.64 -6.59 -3.71
CA TYR A 54 -5.97 -5.73 -2.74
C TYR A 54 -6.86 -4.55 -2.36
N LYS A 55 -7.11 -4.38 -1.07
CA LYS A 55 -7.94 -3.30 -0.57
C LYS A 55 -7.11 -2.07 -0.27
N ILE A 56 -7.32 -1.00 -1.03
CA ILE A 56 -6.59 0.24 -0.85
C ILE A 56 -7.43 1.26 -0.08
N ARG A 57 -7.07 1.50 1.18
CA ARG A 57 -7.80 2.46 2.01
C ARG A 57 -6.96 3.72 2.23
N TYR A 58 -7.63 4.86 2.22
CA TYR A 58 -6.95 6.14 2.44
C TYR A 58 -7.87 7.15 3.12
N ARG A 59 -7.27 8.08 3.86
CA ARG A 59 -8.03 9.10 4.57
C ARG A 59 -7.34 10.45 4.49
N LYS A 60 -7.96 11.46 5.09
CA LYS A 60 -7.40 12.81 5.09
C LYS A 60 -6.53 13.04 6.33
N ALA A 61 -5.38 13.67 6.13
CA ALA A 61 -4.47 13.96 7.23
C ALA A 61 -5.17 14.70 8.36
N SER A 62 -6.28 15.37 8.03
CA SER A 62 -7.04 16.11 9.01
C SER A 62 -8.14 15.25 9.63
N ARG A 63 -8.79 14.45 8.79
CA ARG A 63 -9.86 13.57 9.24
C ARG A 63 -9.52 12.11 8.96
N LYS A 64 -9.24 11.35 10.01
CA LYS A 64 -8.90 9.94 9.88
C LYS A 64 -10.15 9.08 9.91
N SER A 65 -10.98 9.30 10.92
CA SER A 65 -12.22 8.53 11.07
C SER A 65 -12.85 8.24 9.71
N ASP A 66 -12.86 9.25 8.85
CA ASP A 66 -13.43 9.10 7.51
C ASP A 66 -12.44 8.40 6.57
N VAL A 67 -12.76 7.18 6.19
CA VAL A 67 -11.91 6.41 5.29
C VAL A 67 -12.69 5.93 4.07
N THR A 68 -11.97 5.76 2.96
CA THR A 68 -12.59 5.31 1.72
C THR A 68 -11.93 4.03 1.20
N GLU A 69 -12.76 3.03 0.91
CA GLU A 69 -12.25 1.76 0.41
C GLU A 69 -12.09 1.79 -1.10
N THR A 70 -11.01 1.17 -1.59
CA THR A 70 -10.74 1.13 -3.02
C THR A 70 -10.04 -0.16 -3.42
N LEU A 71 -10.78 -1.07 -4.04
CA LEU A 71 -10.22 -2.35 -4.47
C LEU A 71 -9.72 -2.27 -5.91
N VAL A 72 -8.88 -3.23 -6.29
CA VAL A 72 -8.34 -3.27 -7.64
C VAL A 72 -8.51 -4.65 -8.26
N SER A 73 -7.66 -5.59 -7.85
CA SER A 73 -7.71 -6.95 -8.37
C SER A 73 -6.76 -7.87 -7.61
N GLY A 74 -6.89 -9.17 -7.84
CA GLY A 74 -6.03 -10.13 -7.16
C GLY A 74 -4.57 -9.98 -7.56
N THR A 75 -4.32 -9.88 -8.87
CA THR A 75 -2.97 -9.74 -9.36
C THR A 75 -2.67 -8.29 -9.78
N GLN A 76 -3.24 -7.35 -9.03
CA GLN A 76 -3.06 -5.93 -9.31
C GLN A 76 -2.23 -5.27 -8.21
N LEU A 77 -1.03 -4.82 -8.57
CA LEU A 77 -0.14 -4.16 -7.62
C LEU A 77 -0.04 -2.67 -7.91
N SER A 78 -1.09 -2.11 -8.51
CA SER A 78 -1.11 -0.70 -8.84
C SER A 78 -2.55 -0.18 -8.88
N GLN A 79 -2.71 1.13 -8.67
CA GLN A 79 -4.02 1.75 -8.69
C GLN A 79 -3.91 3.26 -8.81
N LEU A 80 -4.94 3.89 -9.35
CA LEU A 80 -4.96 5.34 -9.51
C LEU A 80 -6.16 5.96 -8.79
N ILE A 81 -5.89 6.72 -7.74
CA ILE A 81 -6.93 7.38 -6.97
C ILE A 81 -7.13 8.82 -7.42
N GLU A 82 -8.13 9.04 -8.27
CA GLU A 82 -8.43 10.38 -8.78
C GLU A 82 -9.51 11.05 -7.95
N GLY A 83 -9.69 12.34 -8.16
CA GLY A 83 -10.70 13.09 -7.42
C GLY A 83 -10.17 13.60 -6.09
N LEU A 84 -8.95 14.10 -6.10
CA LEU A 84 -8.33 14.62 -4.88
C LEU A 84 -8.09 16.12 -5.01
N ASP A 85 -7.69 16.75 -3.90
CA ASP A 85 -7.43 18.18 -3.88
C ASP A 85 -5.92 18.45 -3.89
N ARG A 86 -5.54 19.63 -4.37
CA ARG A 86 -4.14 20.02 -4.43
C ARG A 86 -3.65 20.51 -3.07
N GLY A 87 -2.33 20.50 -2.89
CA GLY A 87 -1.75 20.95 -1.64
C GLY A 87 -2.51 20.43 -0.44
N THR A 88 -2.71 19.11 -0.38
CA THR A 88 -3.42 18.49 0.72
C THR A 88 -2.86 17.11 1.03
N GLU A 89 -2.39 16.93 2.26
CA GLU A 89 -1.83 15.65 2.68
C GLU A 89 -2.90 14.55 2.68
N TYR A 90 -2.50 13.35 2.30
CA TYR A 90 -3.42 12.22 2.26
C TYR A 90 -2.72 10.93 2.69
N ASN A 91 -3.40 10.16 3.53
CA ASN A 91 -2.85 8.91 4.03
C ASN A 91 -3.39 7.72 3.24
N PHE A 92 -2.48 6.87 2.76
CA PHE A 92 -2.87 5.69 1.98
C PHE A 92 -2.34 4.42 2.61
N ARG A 93 -3.03 3.32 2.38
CA ARG A 93 -2.62 2.02 2.92
C ARG A 93 -3.11 0.88 2.04
N VAL A 94 -2.24 -0.08 1.78
CA VAL A 94 -2.58 -1.23 0.95
C VAL A 94 -2.80 -2.47 1.81
N ALA A 95 -3.80 -3.27 1.43
CA ALA A 95 -4.11 -4.49 2.16
C ALA A 95 -4.48 -5.63 1.22
N ALA A 96 -4.14 -6.85 1.61
CA ALA A 96 -4.44 -8.02 0.79
C ALA A 96 -5.73 -8.70 1.25
N LEU A 97 -6.42 -9.34 0.31
CA LEU A 97 -7.67 -10.02 0.62
C LEU A 97 -7.66 -11.45 0.06
N THR A 98 -8.24 -12.38 0.81
CA THR A 98 -8.29 -13.77 0.39
C THR A 98 -9.64 -14.40 0.75
N ILE A 99 -9.84 -15.65 0.33
CA ILE A 99 -11.08 -16.36 0.60
C ILE A 99 -11.38 -16.37 2.09
N ASN A 100 -10.33 -16.46 2.92
CA ASN A 100 -10.50 -16.48 4.36
C ASN A 100 -11.16 -15.20 4.85
N GLY A 101 -11.09 -14.16 4.04
CA GLY A 101 -11.69 -12.89 4.40
C GLY A 101 -10.82 -11.70 4.02
N THR A 102 -10.39 -10.94 5.02
CA THR A 102 -9.56 -9.77 4.78
C THR A 102 -8.14 -9.99 5.29
N GLY A 103 -7.22 -9.15 4.86
CA GLY A 103 -5.83 -9.27 5.29
C GLY A 103 -5.34 -8.04 6.02
N PRO A 104 -4.05 -8.03 6.36
CA PRO A 104 -3.42 -6.92 7.07
C PRO A 104 -3.30 -5.67 6.21
N ALA A 105 -2.96 -4.54 6.83
CA ALA A 105 -2.82 -3.28 6.12
C ALA A 105 -1.47 -2.65 6.40
N THR A 106 -0.93 -1.94 5.40
CA THR A 106 0.36 -1.29 5.53
C THR A 106 0.26 -0.01 6.37
N ASP A 107 1.39 0.46 6.89
CA ASP A 107 1.42 1.67 7.70
C ASP A 107 0.71 2.82 7.00
N TRP A 108 0.47 3.89 7.73
CA TRP A 108 -0.20 5.06 7.18
C TRP A 108 0.79 6.01 6.51
N LEU A 109 0.95 5.86 5.20
CA LEU A 109 1.87 6.71 4.45
C LEU A 109 1.19 8.00 4.01
N SER A 110 1.71 9.12 4.49
CA SER A 110 1.16 10.43 4.16
C SER A 110 1.80 10.98 2.89
N ALA A 111 0.97 11.48 1.98
CA ALA A 111 1.45 12.03 0.72
C ALA A 111 0.79 13.39 0.43
N GLU A 112 1.62 14.38 0.10
CA GLU A 112 1.12 15.72 -0.20
C GLU A 112 1.14 15.98 -1.71
N THR A 113 -0.04 16.18 -2.28
CA THR A 113 -0.16 16.45 -3.71
C THR A 113 0.62 17.71 -4.10
N PHE A 114 0.79 17.90 -5.41
CA PHE A 114 1.52 19.06 -5.91
C PHE A 114 0.63 20.30 -5.91
N GLU A 115 1.06 21.34 -5.20
CA GLU A 115 0.30 22.57 -5.11
C GLU A 115 -0.25 22.97 -6.49
N SER A 116 0.47 22.59 -7.54
CA SER A 116 0.06 22.91 -8.90
C SER A 116 0.32 21.74 -9.83
N ASP A 117 -0.51 21.60 -10.85
CA ASP A 117 -0.37 20.52 -11.82
C ASP A 117 0.86 20.74 -12.70
N LEU A 118 2.01 20.30 -12.21
CA LEU A 118 3.26 20.44 -12.96
C LEU A 118 3.77 19.09 -13.44
N ASP A 119 3.71 18.88 -14.75
CA ASP A 119 4.18 17.63 -15.34
C ASP A 119 5.68 17.46 -15.14
N GLU A 120 6.05 16.62 -14.18
CA GLU A 120 7.45 16.36 -13.88
C GLU A 120 8.01 15.26 -14.80
N THR A 121 9.23 15.47 -15.28
CA THR A 121 9.88 14.50 -16.16
C THR A 121 10.94 13.71 -15.41
N ARG A 122 11.00 12.41 -15.69
CA ARG A 122 11.99 11.54 -15.04
C ARG A 122 12.65 10.63 -16.06
N VAL A 123 13.66 9.89 -15.61
CA VAL A 123 14.39 8.97 -16.49
C VAL A 123 14.19 7.53 -16.06
N PRO A 124 13.99 6.64 -17.05
CA PRO A 124 13.79 5.21 -16.80
C PRO A 124 15.05 4.52 -16.30
N GLU A 125 14.97 3.21 -16.10
CA GLU A 125 16.11 2.44 -15.63
C GLU A 125 16.16 1.07 -16.32
N VAL A 126 17.30 0.76 -16.92
CA VAL A 126 17.48 -0.52 -17.61
C VAL A 126 18.15 -1.54 -16.71
N SER A 127 17.56 -2.72 -16.61
CA SER A 127 18.09 -3.79 -15.78
C SER A 127 18.70 -4.90 -16.64
N GLY A 128 19.28 -5.89 -15.99
CA GLY A 128 19.89 -7.00 -16.70
C GLY A 128 19.52 -8.35 -16.11
N PRO A 129 19.75 -9.42 -16.90
CA PRO A 129 19.44 -10.78 -16.46
C PRO A 129 20.38 -11.27 -15.36
N SER A 130 19.98 -12.32 -14.66
CA SER A 130 20.77 -12.89 -13.58
C SER A 130 21.38 -14.23 -13.99
N SER A 131 20.51 -15.16 -14.39
CA SER A 131 20.96 -16.47 -14.80
C SER A 131 22.29 -16.40 -15.53
N GLY A 132 23.09 -17.45 -15.38
CA GLY A 132 24.40 -17.49 -16.03
C GLY A 132 24.32 -17.13 -17.51
N GLY A 1 -5.07 18.39 40.14
CA GLY A 1 -5.49 17.57 39.02
C GLY A 1 -4.54 16.41 38.76
N SER A 2 -4.83 15.65 37.70
CA SER A 2 -4.00 14.50 37.36
C SER A 2 -3.65 14.52 35.87
N SER A 3 -2.80 13.58 35.45
CA SER A 3 -2.38 13.49 34.07
C SER A 3 -2.93 12.23 33.41
N GLY A 4 -2.87 12.17 32.08
CA GLY A 4 -3.37 11.02 31.36
C GLY A 4 -3.82 11.36 29.96
N SER A 5 -3.08 10.86 28.96
CA SER A 5 -3.40 11.13 27.56
C SER A 5 -4.26 10.01 26.99
N SER A 6 -3.83 8.77 27.20
CA SER A 6 -4.54 7.60 26.69
C SER A 6 -3.96 6.32 27.26
N GLY A 7 -4.57 5.19 26.91
CA GLY A 7 -4.10 3.90 27.39
C GLY A 7 -5.14 2.81 27.24
N ASP A 8 -5.83 2.81 26.10
CA ASP A 8 -6.86 1.81 25.84
C ASP A 8 -6.43 0.87 24.72
N VAL A 9 -5.61 -0.12 25.06
CA VAL A 9 -5.12 -1.08 24.08
C VAL A 9 -5.72 -2.46 24.33
N ALA A 10 -6.39 -3.01 23.32
CA ALA A 10 -7.00 -4.32 23.43
C ALA A 10 -7.42 -4.84 22.06
N VAL A 11 -6.78 -5.92 21.62
CA VAL A 11 -7.09 -6.52 20.33
C VAL A 11 -6.49 -7.93 20.22
N ARG A 12 -7.35 -8.91 20.01
CA ARG A 12 -6.92 -10.30 19.89
C ARG A 12 -7.77 -11.05 18.89
N THR A 13 -7.11 -11.66 17.90
CA THR A 13 -7.82 -12.41 16.86
C THR A 13 -6.95 -13.54 16.32
N LEU A 14 -7.58 -14.62 15.89
CA LEU A 14 -6.87 -15.77 15.34
C LEU A 14 -7.69 -16.47 14.26
N SER A 15 -7.05 -16.76 13.14
CA SER A 15 -7.72 -17.43 12.03
C SER A 15 -6.73 -17.78 10.93
N ASP A 16 -7.20 -18.52 9.93
CA ASP A 16 -6.36 -18.92 8.81
C ASP A 16 -6.26 -17.81 7.77
N VAL A 17 -6.03 -16.59 8.24
CA VAL A 17 -5.92 -15.44 7.35
C VAL A 17 -4.47 -15.18 6.96
N PRO A 18 -4.28 -14.56 5.78
CA PRO A 18 -2.94 -14.25 5.26
C PRO A 18 -2.24 -13.16 6.06
N SER A 19 -1.60 -13.56 7.16
CA SER A 19 -0.91 -12.61 8.03
C SER A 19 0.37 -12.11 7.35
N ALA A 20 0.20 -11.32 6.30
CA ALA A 20 1.34 -10.77 5.57
C ALA A 20 0.89 -9.70 4.57
N ALA A 21 1.33 -8.46 4.80
CA ALA A 21 0.97 -7.35 3.93
C ALA A 21 2.03 -7.15 2.85
N PRO A 22 1.70 -6.31 1.86
CA PRO A 22 2.61 -6.01 0.75
C PRO A 22 3.80 -5.17 1.18
N GLN A 23 4.92 -5.34 0.47
CA GLN A 23 6.13 -4.59 0.79
C GLN A 23 6.52 -3.67 -0.36
N ASN A 24 7.58 -2.90 -0.15
CA ASN A 24 8.06 -1.97 -1.18
C ASN A 24 6.96 -0.98 -1.56
N LEU A 25 6.06 -0.70 -0.62
CA LEU A 25 4.97 0.23 -0.86
C LEU A 25 5.49 1.60 -1.27
N SER A 26 4.74 2.29 -2.12
CA SER A 26 5.13 3.61 -2.58
C SER A 26 3.94 4.36 -3.18
N LEU A 27 4.07 5.68 -3.29
CA LEU A 27 3.00 6.51 -3.85
C LEU A 27 3.56 7.51 -4.85
N GLU A 28 3.44 7.18 -6.14
CA GLU A 28 3.93 8.06 -7.20
C GLU A 28 2.88 9.12 -7.55
N VAL A 29 2.91 10.23 -6.83
CA VAL A 29 1.97 11.32 -7.07
C VAL A 29 1.97 11.74 -8.54
N ARG A 30 0.90 11.40 -9.24
CA ARG A 30 0.77 11.74 -10.66
C ARG A 30 0.39 13.20 -10.84
N ASN A 31 -0.70 13.60 -10.19
CA ASN A 31 -1.18 14.98 -10.28
C ASN A 31 -1.64 15.49 -8.91
N SER A 32 -1.96 16.78 -8.84
CA SER A 32 -2.41 17.39 -7.60
C SER A 32 -3.77 16.85 -7.19
N LYS A 33 -4.45 16.20 -8.13
CA LYS A 33 -5.77 15.63 -7.87
C LYS A 33 -5.77 14.12 -8.10
N SER A 34 -4.58 13.56 -8.32
CA SER A 34 -4.44 12.13 -8.55
C SER A 34 -3.11 11.61 -8.00
N ILE A 35 -3.15 10.43 -7.38
CA ILE A 35 -1.95 9.84 -6.82
C ILE A 35 -1.86 8.35 -7.18
N MET A 36 -0.76 7.98 -7.83
CA MET A 36 -0.54 6.60 -8.24
C MET A 36 0.05 5.78 -7.09
N ILE A 37 -0.52 4.62 -6.84
CA ILE A 37 -0.05 3.74 -5.77
C ILE A 37 0.74 2.57 -6.33
N HIS A 38 1.82 2.22 -5.65
CA HIS A 38 2.67 1.11 -6.08
C HIS A 38 3.04 0.22 -4.90
N TRP A 39 2.57 -1.03 -4.94
CA TRP A 39 2.85 -1.98 -3.87
C TRP A 39 3.24 -3.34 -4.44
N GLN A 40 3.97 -4.12 -3.65
CA GLN A 40 4.41 -5.44 -4.08
C GLN A 40 3.79 -6.52 -3.20
N PRO A 41 3.63 -7.73 -3.78
CA PRO A 41 3.05 -8.87 -3.07
C PRO A 41 3.98 -9.41 -1.98
N PRO A 42 3.38 -9.89 -0.88
CA PRO A 42 4.14 -10.43 0.25
C PRO A 42 4.81 -11.77 -0.09
N ALA A 43 5.70 -12.22 0.79
CA ALA A 43 6.40 -13.48 0.58
C ALA A 43 5.43 -14.64 0.47
N PRO A 44 5.84 -15.69 -0.26
CA PRO A 44 5.01 -16.89 -0.45
C PRO A 44 4.85 -17.70 0.82
N ALA A 45 5.93 -17.80 1.59
CA ALA A 45 5.91 -18.55 2.85
C ALA A 45 4.81 -18.05 3.77
N THR A 46 4.63 -16.73 3.81
CA THR A 46 3.60 -16.12 4.65
C THR A 46 2.22 -16.29 4.04
N GLN A 47 2.08 -15.94 2.77
CA GLN A 47 0.81 -16.06 2.07
C GLN A 47 0.19 -17.44 2.29
N ASN A 48 -0.87 -17.50 3.10
CA ASN A 48 -1.55 -18.75 3.39
C ASN A 48 -2.88 -18.82 2.67
N GLY A 49 -2.96 -18.22 1.49
CA GLY A 49 -4.19 -18.23 0.73
C GLY A 49 -4.03 -17.59 -0.64
N GLN A 50 -5.08 -17.69 -1.46
CA GLN A 50 -5.04 -17.11 -2.80
C GLN A 50 -5.54 -15.67 -2.78
N ILE A 51 -4.67 -14.74 -3.16
CA ILE A 51 -5.03 -13.33 -3.19
C ILE A 51 -6.06 -13.04 -4.28
N THR A 52 -7.25 -12.64 -3.87
CA THR A 52 -8.32 -12.33 -4.82
C THR A 52 -8.36 -10.84 -5.15
N GLY A 53 -7.82 -10.03 -4.23
CA GLY A 53 -7.80 -8.60 -4.44
C GLY A 53 -7.26 -7.84 -3.24
N TYR A 54 -6.97 -6.57 -3.44
CA TYR A 54 -6.44 -5.74 -2.35
C TYR A 54 -7.39 -4.58 -2.04
N LYS A 55 -7.25 -4.02 -0.85
CA LYS A 55 -8.09 -2.90 -0.43
C LYS A 55 -7.25 -1.68 -0.09
N ILE A 56 -7.48 -0.60 -0.83
CA ILE A 56 -6.73 0.64 -0.62
C ILE A 56 -7.60 1.68 0.09
N ARG A 57 -7.31 1.90 1.38
CA ARG A 57 -8.06 2.86 2.18
C ARG A 57 -7.25 4.14 2.38
N TYR A 58 -7.87 5.28 2.12
CA TYR A 58 -7.21 6.56 2.28
C TYR A 58 -8.13 7.57 2.98
N ARG A 59 -7.53 8.55 3.64
CA ARG A 59 -8.29 9.57 4.34
C ARG A 59 -7.59 10.92 4.26
N LYS A 60 -8.24 11.95 4.79
CA LYS A 60 -7.68 13.30 4.78
C LYS A 60 -7.09 13.66 6.14
N ALA A 61 -5.81 14.05 6.13
CA ALA A 61 -5.12 14.41 7.37
C ALA A 61 -6.05 15.16 8.32
N SER A 62 -6.85 16.07 7.76
CA SER A 62 -7.78 16.86 8.55
C SER A 62 -8.96 16.00 9.01
N ARG A 63 -9.65 15.39 8.06
CA ARG A 63 -10.80 14.54 8.36
C ARG A 63 -10.44 13.07 8.18
N LYS A 64 -9.83 12.48 9.19
CA LYS A 64 -9.43 11.07 9.15
C LYS A 64 -10.65 10.17 9.29
N SER A 65 -11.51 10.49 10.25
CA SER A 65 -12.72 9.71 10.49
C SER A 65 -13.34 9.24 9.17
N ASP A 66 -13.35 10.13 8.19
CA ASP A 66 -13.91 9.82 6.88
C ASP A 66 -12.89 9.09 6.01
N VAL A 67 -13.15 7.81 5.75
CA VAL A 67 -12.25 7.01 4.93
C VAL A 67 -12.99 6.40 3.74
N THR A 68 -12.25 6.13 2.67
CA THR A 68 -12.83 5.54 1.47
C THR A 68 -12.21 4.18 1.17
N GLU A 69 -13.01 3.28 0.61
CA GLU A 69 -12.54 1.94 0.26
C GLU A 69 -12.38 1.79 -1.24
N THR A 70 -11.32 1.11 -1.66
CA THR A 70 -11.05 0.90 -3.08
C THR A 70 -10.46 -0.48 -3.32
N LEU A 71 -11.26 -1.37 -3.90
CA LEU A 71 -10.81 -2.73 -4.19
C LEU A 71 -10.24 -2.82 -5.61
N VAL A 72 -9.24 -3.69 -5.77
CA VAL A 72 -8.61 -3.87 -7.08
C VAL A 72 -8.54 -5.35 -7.44
N SER A 73 -7.96 -5.64 -8.60
CA SER A 73 -7.84 -7.02 -9.07
C SER A 73 -6.73 -7.75 -8.31
N GLY A 74 -6.86 -9.07 -8.21
CA GLY A 74 -5.86 -9.86 -7.51
C GLY A 74 -4.49 -9.75 -8.13
N THR A 75 -4.46 -9.48 -9.44
CA THR A 75 -3.20 -9.36 -10.15
C THR A 75 -2.78 -7.90 -10.28
N GLN A 76 -3.43 -7.03 -9.51
CA GLN A 76 -3.13 -5.60 -9.55
C GLN A 76 -2.16 -5.22 -8.44
N LEU A 77 -1.05 -4.58 -8.82
CA LEU A 77 -0.05 -4.17 -7.85
C LEU A 77 0.02 -2.64 -7.76
N SER A 78 -0.91 -1.97 -8.43
CA SER A 78 -0.95 -0.52 -8.43
C SER A 78 -2.37 -0.02 -8.72
N GLN A 79 -2.67 1.18 -8.22
CA GLN A 79 -3.98 1.77 -8.43
C GLN A 79 -3.90 3.30 -8.47
N LEU A 80 -4.80 3.92 -9.21
CA LEU A 80 -4.83 5.37 -9.34
C LEU A 80 -6.04 5.96 -8.64
N ILE A 81 -5.80 6.86 -7.68
CA ILE A 81 -6.87 7.49 -6.94
C ILE A 81 -7.10 8.92 -7.42
N GLU A 82 -8.08 9.10 -8.30
CA GLU A 82 -8.39 10.42 -8.85
C GLU A 82 -9.40 11.14 -7.95
N GLY A 83 -9.46 12.46 -8.09
CA GLY A 83 -10.38 13.26 -7.29
C GLY A 83 -9.77 13.71 -5.98
N LEU A 84 -8.55 14.25 -6.05
CA LEU A 84 -7.85 14.73 -4.86
C LEU A 84 -7.63 16.24 -4.94
N ASP A 85 -7.16 16.81 -3.84
CA ASP A 85 -6.89 18.25 -3.78
C ASP A 85 -5.39 18.52 -3.83
N ARG A 86 -5.04 19.76 -4.19
CA ARG A 86 -3.64 20.15 -4.28
C ARG A 86 -3.11 20.60 -2.93
N GLY A 87 -1.80 20.57 -2.76
CA GLY A 87 -1.19 20.99 -1.51
C GLY A 87 -1.96 20.48 -0.30
N THR A 88 -2.13 19.17 -0.22
CA THR A 88 -2.86 18.57 0.89
C THR A 88 -2.34 17.17 1.20
N GLU A 89 -2.13 16.88 2.48
CA GLU A 89 -1.63 15.58 2.90
C GLU A 89 -2.73 14.51 2.78
N TYR A 90 -2.35 13.35 2.25
CA TYR A 90 -3.29 12.25 2.08
C TYR A 90 -2.69 10.93 2.54
N ASN A 91 -3.45 10.19 3.35
CA ASN A 91 -2.99 8.90 3.86
C ASN A 91 -3.52 7.76 3.01
N PHE A 92 -2.68 6.74 2.81
CA PHE A 92 -3.05 5.59 2.00
C PHE A 92 -2.53 4.30 2.64
N ARG A 93 -3.24 3.20 2.39
CA ARG A 93 -2.85 1.90 2.93
C ARG A 93 -3.39 0.77 2.08
N VAL A 94 -2.53 -0.18 1.73
CA VAL A 94 -2.92 -1.32 0.92
C VAL A 94 -3.02 -2.58 1.76
N ALA A 95 -4.07 -3.36 1.51
CA ALA A 95 -4.29 -4.60 2.25
C ALA A 95 -4.62 -5.75 1.30
N ALA A 96 -4.07 -6.93 1.59
CA ALA A 96 -4.32 -8.11 0.75
C ALA A 96 -5.56 -8.86 1.23
N LEU A 97 -6.26 -9.48 0.29
CA LEU A 97 -7.47 -10.24 0.60
C LEU A 97 -7.39 -11.64 0.02
N THR A 98 -7.92 -12.61 0.77
CA THR A 98 -7.91 -14.00 0.33
C THR A 98 -9.20 -14.70 0.72
N ILE A 99 -9.39 -15.92 0.21
CA ILE A 99 -10.58 -16.70 0.52
C ILE A 99 -10.76 -16.86 2.02
N ASN A 100 -9.65 -16.87 2.74
CA ASN A 100 -9.67 -17.03 4.19
C ASN A 100 -10.35 -15.83 4.85
N GLY A 101 -10.41 -14.72 4.12
CA GLY A 101 -11.03 -13.52 4.65
C GLY A 101 -10.32 -12.26 4.22
N THR A 102 -9.67 -11.59 5.17
CA THR A 102 -8.95 -10.36 4.88
C THR A 102 -7.48 -10.48 5.26
N GLY A 103 -6.71 -9.42 5.00
CA GLY A 103 -5.29 -9.43 5.32
C GLY A 103 -4.83 -8.17 6.02
N PRO A 104 -3.54 -8.08 6.31
CA PRO A 104 -2.95 -6.92 6.98
C PRO A 104 -2.94 -5.68 6.10
N ALA A 105 -2.83 -4.51 6.72
CA ALA A 105 -2.81 -3.25 5.98
C ALA A 105 -1.47 -2.53 6.16
N THR A 106 -0.96 -1.95 5.09
CA THR A 106 0.31 -1.24 5.14
C THR A 106 0.19 0.05 5.97
N ASP A 107 1.17 0.27 6.83
CA ASP A 107 1.18 1.45 7.68
C ASP A 107 0.62 2.66 6.94
N TRP A 108 -0.12 3.51 7.65
CA TRP A 108 -0.71 4.70 7.05
C TRP A 108 0.36 5.57 6.42
N LEU A 109 0.53 5.45 5.10
CA LEU A 109 1.53 6.23 4.38
C LEU A 109 0.94 7.56 3.91
N SER A 110 1.48 8.66 4.42
CA SER A 110 1.00 9.99 4.06
C SER A 110 1.78 10.53 2.86
N ALA A 111 1.11 11.33 2.05
CA ALA A 111 1.73 11.92 0.86
C ALA A 111 1.12 13.28 0.54
N GLU A 112 1.97 14.29 0.36
CA GLU A 112 1.51 15.63 0.04
C GLU A 112 1.59 15.89 -1.45
N THR A 113 0.43 16.06 -2.09
CA THR A 113 0.38 16.32 -3.52
C THR A 113 1.15 17.58 -3.89
N PHE A 114 1.21 17.88 -5.18
CA PHE A 114 1.92 19.06 -5.66
C PHE A 114 1.02 20.30 -5.64
N GLU A 115 1.48 21.34 -4.96
CA GLU A 115 0.72 22.58 -4.86
C GLU A 115 0.16 22.99 -6.22
N SER A 116 0.89 22.66 -7.28
CA SER A 116 0.46 22.98 -8.63
C SER A 116 0.92 21.92 -9.62
N ASP A 117 0.30 21.89 -10.80
CA ASP A 117 0.63 20.92 -11.82
C ASP A 117 2.11 21.04 -12.22
N LEU A 118 2.56 22.27 -12.43
CA LEU A 118 3.94 22.53 -12.82
C LEU A 118 4.91 21.77 -11.91
N ASP A 119 5.38 20.61 -12.39
CA ASP A 119 6.31 19.79 -11.63
C ASP A 119 7.74 20.00 -12.12
N GLU A 120 8.10 21.25 -12.37
CA GLU A 120 9.44 21.58 -12.84
C GLU A 120 10.50 21.14 -11.83
N THR A 121 11.68 20.79 -12.33
CA THR A 121 12.77 20.35 -11.48
C THR A 121 13.83 21.43 -11.34
N ARG A 122 14.70 21.27 -10.35
CA ARG A 122 15.77 22.24 -10.11
C ARG A 122 17.12 21.68 -10.55
N VAL A 123 18.09 22.57 -10.67
CA VAL A 123 19.44 22.16 -11.08
C VAL A 123 20.17 21.46 -9.96
N PRO A 124 20.89 20.38 -10.30
CA PRO A 124 21.66 19.59 -9.33
C PRO A 124 22.87 20.34 -8.80
N GLU A 125 23.49 19.78 -7.77
CA GLU A 125 24.67 20.41 -7.17
C GLU A 125 25.66 19.35 -6.69
N VAL A 126 26.76 19.20 -7.43
CA VAL A 126 27.79 18.22 -7.08
C VAL A 126 29.17 18.86 -7.03
N SER A 127 30.00 18.42 -6.10
CA SER A 127 31.35 18.95 -5.95
C SER A 127 32.37 17.82 -5.81
N GLY A 128 33.03 17.50 -6.91
CA GLY A 128 34.02 16.44 -6.89
C GLY A 128 35.34 16.87 -7.51
N PRO A 129 36.25 17.40 -6.67
CA PRO A 129 37.56 17.86 -7.12
C PRO A 129 38.47 16.71 -7.53
N SER A 130 39.67 17.04 -8.00
CA SER A 130 40.63 16.04 -8.44
C SER A 130 42.06 16.55 -8.28
N SER A 131 43.03 15.66 -8.51
CA SER A 131 44.43 16.02 -8.39
C SER A 131 45.18 15.72 -9.68
N GLY A 132 45.15 14.47 -10.10
CA GLY A 132 45.83 14.07 -11.32
C GLY A 132 44.90 13.40 -12.32
N GLY A 1 38.01 -17.44 13.46
CA GLY A 1 37.85 -16.41 12.45
C GLY A 1 36.40 -16.06 12.22
N SER A 2 35.61 -17.04 11.78
CA SER A 2 34.19 -16.82 11.51
C SER A 2 33.52 -16.12 12.68
N SER A 3 32.25 -15.80 12.52
CA SER A 3 31.49 -15.11 13.56
C SER A 3 30.08 -15.69 13.67
N GLY A 4 29.45 -15.49 14.83
CA GLY A 4 28.11 -15.99 15.04
C GLY A 4 27.06 -15.20 14.28
N SER A 5 25.81 -15.33 14.70
CA SER A 5 24.71 -14.63 14.04
C SER A 5 23.55 -14.40 15.02
N SER A 6 22.70 -13.43 14.68
CA SER A 6 21.56 -13.11 15.52
C SER A 6 20.41 -12.56 14.69
N GLY A 7 19.21 -12.55 15.28
CA GLY A 7 18.05 -12.05 14.57
C GLY A 7 16.95 -11.60 15.51
N ASP A 8 15.71 -11.60 15.03
CA ASP A 8 14.57 -11.18 15.84
C ASP A 8 13.44 -12.22 15.76
N VAL A 9 13.05 -12.73 16.92
CA VAL A 9 11.98 -13.72 16.98
C VAL A 9 10.86 -13.39 16.00
N ALA A 10 10.12 -14.41 15.58
CA ALA A 10 9.02 -14.22 14.65
C ALA A 10 7.79 -14.99 15.10
N VAL A 11 6.98 -14.36 15.95
CA VAL A 11 5.76 -15.00 16.46
C VAL A 11 4.66 -15.00 15.40
N ARG A 12 4.11 -16.18 15.13
CA ARG A 12 3.05 -16.32 14.15
C ARG A 12 1.78 -16.89 14.78
N THR A 13 0.64 -16.35 14.38
CA THR A 13 -0.64 -16.80 14.91
C THR A 13 -1.36 -17.71 13.92
N LEU A 14 -1.93 -18.80 14.42
CA LEU A 14 -2.64 -19.75 13.59
C LEU A 14 -3.93 -19.12 13.04
N SER A 15 -3.87 -18.68 11.79
CA SER A 15 -5.04 -18.06 11.16
C SER A 15 -4.98 -18.24 9.64
N ASP A 16 -6.08 -18.73 9.07
CA ASP A 16 -6.16 -18.96 7.64
C ASP A 16 -5.98 -17.66 6.87
N VAL A 17 -6.29 -16.54 7.52
CA VAL A 17 -6.15 -15.22 6.91
C VAL A 17 -4.70 -14.92 6.58
N PRO A 18 -4.49 -14.17 5.49
CA PRO A 18 -3.15 -13.79 5.03
C PRO A 18 -2.48 -12.79 5.98
N SER A 19 -1.92 -13.29 7.06
CA SER A 19 -1.24 -12.45 8.04
C SER A 19 0.06 -11.90 7.49
N ALA A 20 -0.04 -11.01 6.52
CA ALA A 20 1.14 -10.41 5.90
C ALA A 20 0.75 -9.32 4.91
N ALA A 21 1.24 -8.11 5.14
CA ALA A 21 0.94 -6.98 4.26
C ALA A 21 1.97 -6.87 3.14
N PRO A 22 1.62 -6.11 2.10
CA PRO A 22 2.50 -5.90 0.94
C PRO A 22 3.71 -5.06 1.28
N GLN A 23 4.86 -5.41 0.69
CA GLN A 23 6.09 -4.67 0.93
C GLN A 23 6.43 -3.77 -0.24
N ASN A 24 7.51 -3.01 -0.12
CA ASN A 24 7.94 -2.11 -1.17
C ASN A 24 6.82 -1.15 -1.56
N LEU A 25 6.16 -0.59 -0.56
CA LEU A 25 5.05 0.34 -0.79
C LEU A 25 5.58 1.69 -1.27
N SER A 26 4.79 2.38 -2.09
CA SER A 26 5.17 3.68 -2.61
C SER A 26 3.96 4.42 -3.17
N LEU A 27 4.08 5.74 -3.29
CA LEU A 27 3.00 6.56 -3.81
C LEU A 27 3.50 7.51 -4.89
N GLU A 28 3.32 7.10 -6.15
CA GLU A 28 3.75 7.91 -7.28
C GLU A 28 2.72 8.98 -7.61
N VAL A 29 2.89 10.16 -7.02
CA VAL A 29 1.97 11.27 -7.25
C VAL A 29 1.99 11.70 -8.71
N ARG A 30 1.04 11.17 -9.49
CA ARG A 30 0.94 11.49 -10.91
C ARG A 30 0.47 12.93 -11.10
N ASN A 31 -0.58 13.31 -10.38
CA ASN A 31 -1.12 14.66 -10.47
C ASN A 31 -1.59 15.16 -9.11
N SER A 32 -1.91 16.45 -9.03
CA SER A 32 -2.37 17.04 -7.78
C SER A 32 -3.75 16.54 -7.42
N LYS A 33 -4.40 15.85 -8.36
CA LYS A 33 -5.73 15.31 -8.13
C LYS A 33 -5.71 13.79 -8.15
N SER A 34 -4.60 13.22 -8.60
CA SER A 34 -4.46 11.77 -8.68
C SER A 34 -3.22 11.31 -7.92
N ILE A 35 -3.22 10.05 -7.49
CA ILE A 35 -2.09 9.49 -6.76
C ILE A 35 -1.99 7.98 -6.98
N MET A 36 -0.97 7.57 -7.73
CA MET A 36 -0.77 6.15 -8.02
C MET A 36 -0.12 5.45 -6.83
N ILE A 37 -0.55 4.21 -6.57
CA ILE A 37 -0.02 3.43 -5.47
C ILE A 37 0.68 2.18 -5.96
N HIS A 38 1.95 2.06 -5.65
CA HIS A 38 2.74 0.89 -6.06
C HIS A 38 3.14 0.04 -4.86
N TRP A 39 2.64 -1.19 -4.82
CA TRP A 39 2.94 -2.09 -3.72
C TRP A 39 3.33 -3.47 -4.24
N GLN A 40 4.09 -4.21 -3.45
CA GLN A 40 4.53 -5.55 -3.84
C GLN A 40 3.86 -6.61 -2.98
N PRO A 41 3.71 -7.82 -3.54
CA PRO A 41 3.07 -8.95 -2.85
C PRO A 41 3.92 -9.49 -1.71
N PRO A 42 3.27 -9.92 -0.62
CA PRO A 42 3.96 -10.46 0.55
C PRO A 42 4.60 -11.82 0.28
N ALA A 43 5.39 -12.29 1.23
CA ALA A 43 6.06 -13.58 1.08
C ALA A 43 5.07 -14.70 0.82
N PRO A 44 5.52 -15.75 0.13
CA PRO A 44 4.68 -16.90 -0.21
C PRO A 44 4.33 -17.74 1.02
N ALA A 45 5.22 -17.75 2.00
CA ALA A 45 5.00 -18.50 3.23
C ALA A 45 3.94 -17.84 4.10
N THR A 46 3.62 -16.59 3.79
CA THR A 46 2.63 -15.84 4.54
C THR A 46 1.44 -15.45 3.66
N GLN A 47 0.97 -16.40 2.86
CA GLN A 47 -0.16 -16.16 1.97
C GLN A 47 -1.32 -17.11 2.27
N ASN A 48 -0.99 -18.28 2.79
CA ASN A 48 -2.00 -19.28 3.13
C ASN A 48 -3.10 -19.30 2.08
N GLY A 49 -2.73 -19.04 0.83
CA GLY A 49 -3.70 -19.03 -0.25
C GLY A 49 -3.36 -18.03 -1.33
N GLN A 50 -4.29 -17.83 -2.26
CA GLN A 50 -4.08 -16.90 -3.37
C GLN A 50 -4.80 -15.58 -3.11
N ILE A 51 -4.19 -14.48 -3.54
CA ILE A 51 -4.78 -13.17 -3.35
C ILE A 51 -5.84 -12.88 -4.42
N THR A 52 -7.01 -12.43 -3.98
CA THR A 52 -8.09 -12.11 -4.89
C THR A 52 -8.11 -10.63 -5.24
N GLY A 53 -7.74 -9.80 -4.27
CA GLY A 53 -7.72 -8.36 -4.49
C GLY A 53 -7.13 -7.59 -3.32
N TYR A 54 -6.74 -6.35 -3.57
CA TYR A 54 -6.16 -5.51 -2.52
C TYR A 54 -7.12 -4.41 -2.11
N LYS A 55 -7.20 -4.18 -0.79
CA LYS A 55 -8.07 -3.14 -0.26
C LYS A 55 -7.29 -1.88 0.07
N ILE A 56 -7.35 -0.90 -0.83
CA ILE A 56 -6.65 0.36 -0.63
C ILE A 56 -7.56 1.40 0.02
N ARG A 57 -7.24 1.76 1.26
CA ARG A 57 -8.03 2.73 2.00
C ARG A 57 -7.23 4.01 2.22
N TYR A 58 -7.87 5.16 2.03
CA TYR A 58 -7.22 6.45 2.21
C TYR A 58 -8.12 7.42 2.97
N ARG A 59 -7.51 8.23 3.81
CA ARG A 59 -8.26 9.21 4.60
C ARG A 59 -7.62 10.58 4.52
N LYS A 60 -8.27 11.58 5.12
CA LYS A 60 -7.77 12.94 5.12
C LYS A 60 -7.15 13.30 6.46
N ALA A 61 -5.88 13.74 6.43
CA ALA A 61 -5.18 14.11 7.65
C ALA A 61 -6.06 14.97 8.55
N SER A 62 -6.70 15.97 7.96
CA SER A 62 -7.57 16.88 8.71
C SER A 62 -8.78 16.14 9.26
N ARG A 63 -9.51 15.46 8.37
CA ARG A 63 -10.70 14.71 8.76
C ARG A 63 -10.44 13.21 8.70
N LYS A 64 -9.51 12.74 9.52
CA LYS A 64 -9.17 11.32 9.55
C LYS A 64 -10.42 10.45 9.42
N SER A 65 -11.44 10.76 10.21
CA SER A 65 -12.69 10.01 10.17
C SER A 65 -13.14 9.77 8.74
N ASP A 66 -12.99 10.79 7.90
CA ASP A 66 -13.39 10.70 6.49
C ASP A 66 -12.43 9.79 5.74
N VAL A 67 -12.80 8.52 5.60
CA VAL A 67 -11.98 7.56 4.89
C VAL A 67 -12.80 6.79 3.85
N THR A 68 -12.18 6.52 2.70
CA THR A 68 -12.86 5.80 1.62
C THR A 68 -12.18 4.47 1.34
N GLU A 69 -12.98 3.45 1.07
CA GLU A 69 -12.46 2.12 0.78
C GLU A 69 -12.41 1.87 -0.72
N THR A 70 -11.29 1.34 -1.20
CA THR A 70 -11.12 1.05 -2.61
C THR A 70 -10.64 -0.37 -2.83
N LEU A 71 -11.35 -1.12 -3.67
CA LEU A 71 -10.99 -2.51 -3.96
C LEU A 71 -10.41 -2.63 -5.36
N VAL A 72 -9.47 -3.56 -5.53
CA VAL A 72 -8.83 -3.79 -6.82
C VAL A 72 -8.66 -5.28 -7.10
N SER A 73 -8.11 -5.59 -8.26
CA SER A 73 -7.89 -6.99 -8.65
C SER A 73 -6.74 -7.60 -7.85
N GLY A 74 -6.63 -8.93 -7.92
CA GLY A 74 -5.57 -9.61 -7.20
C GLY A 74 -4.23 -9.49 -7.90
N THR A 75 -4.23 -9.60 -9.22
CA THR A 75 -3.01 -9.50 -9.99
C THR A 75 -2.60 -8.05 -10.21
N GLN A 76 -3.42 -7.13 -9.70
CA GLN A 76 -3.15 -5.70 -9.85
C GLN A 76 -2.33 -5.19 -8.67
N LEU A 77 -1.09 -4.79 -8.93
CA LEU A 77 -0.21 -4.28 -7.89
C LEU A 77 -0.11 -2.76 -7.95
N SER A 78 -1.01 -2.14 -8.72
CA SER A 78 -1.05 -0.70 -8.86
C SER A 78 -2.48 -0.18 -8.92
N GLN A 79 -2.67 1.07 -8.51
CA GLN A 79 -3.99 1.69 -8.52
C GLN A 79 -3.89 3.21 -8.55
N LEU A 80 -4.76 3.83 -9.33
CA LEU A 80 -4.77 5.29 -9.45
C LEU A 80 -5.97 5.89 -8.72
N ILE A 81 -5.70 6.71 -7.72
CA ILE A 81 -6.75 7.35 -6.95
C ILE A 81 -6.94 8.81 -7.37
N GLU A 82 -7.98 9.05 -8.16
CA GLU A 82 -8.27 10.41 -8.64
C GLU A 82 -9.29 11.10 -7.73
N GLY A 83 -9.41 12.41 -7.90
CA GLY A 83 -10.36 13.16 -7.09
C GLY A 83 -9.77 13.61 -5.77
N LEU A 84 -8.60 14.22 -5.82
CA LEU A 84 -7.92 14.70 -4.62
C LEU A 84 -7.78 16.22 -4.64
N ASP A 85 -7.34 16.77 -3.51
CA ASP A 85 -7.15 18.21 -3.39
C ASP A 85 -5.67 18.58 -3.36
N ARG A 86 -5.27 19.52 -4.20
CA ARG A 86 -3.89 19.95 -4.27
C ARG A 86 -3.40 20.44 -2.92
N GLY A 87 -2.09 20.42 -2.72
CA GLY A 87 -1.51 20.86 -1.46
C GLY A 87 -2.27 20.34 -0.26
N THR A 88 -2.50 19.03 -0.23
CA THR A 88 -3.22 18.40 0.88
C THR A 88 -2.66 17.01 1.17
N GLU A 89 -2.26 16.80 2.43
CA GLU A 89 -1.72 15.52 2.85
C GLU A 89 -2.80 14.43 2.85
N TYR A 90 -2.50 13.32 2.19
CA TYR A 90 -3.45 12.21 2.11
C TYR A 90 -2.80 10.90 2.54
N ASN A 91 -3.50 10.14 3.36
CA ASN A 91 -2.98 8.86 3.85
C ASN A 91 -3.56 7.70 3.05
N PHE A 92 -2.78 6.64 2.90
CA PHE A 92 -3.21 5.47 2.15
C PHE A 92 -2.69 4.19 2.81
N ARG A 93 -3.39 3.09 2.57
CA ARG A 93 -3.01 1.80 3.14
C ARG A 93 -3.45 0.65 2.23
N VAL A 94 -2.49 -0.19 1.85
CA VAL A 94 -2.77 -1.33 0.99
C VAL A 94 -2.82 -2.63 1.78
N ALA A 95 -3.84 -3.44 1.53
CA ALA A 95 -4.01 -4.71 2.22
C ALA A 95 -4.39 -5.82 1.24
N ALA A 96 -3.85 -7.01 1.47
CA ALA A 96 -4.14 -8.15 0.62
C ALA A 96 -5.38 -8.89 1.09
N LEU A 97 -6.21 -9.33 0.13
CA LEU A 97 -7.44 -10.04 0.44
C LEU A 97 -7.44 -11.42 -0.21
N THR A 98 -7.94 -12.42 0.53
CA THR A 98 -8.01 -13.78 0.03
C THR A 98 -9.32 -14.44 0.41
N ILE A 99 -9.54 -15.65 -0.11
CA ILE A 99 -10.76 -16.39 0.18
C ILE A 99 -10.94 -16.59 1.68
N ASN A 100 -9.83 -16.70 2.40
CA ASN A 100 -9.86 -16.90 3.84
C ASN A 100 -10.42 -15.66 4.54
N GLY A 101 -10.43 -14.54 3.82
CA GLY A 101 -10.94 -13.31 4.38
C GLY A 101 -10.15 -12.09 3.94
N THR A 102 -9.79 -11.23 4.89
CA THR A 102 -9.04 -10.03 4.59
C THR A 102 -7.60 -10.13 5.12
N GLY A 103 -6.76 -9.20 4.70
CA GLY A 103 -5.37 -9.20 5.15
C GLY A 103 -4.98 -7.91 5.83
N PRO A 104 -3.72 -7.84 6.29
CA PRO A 104 -3.19 -6.65 6.97
C PRO A 104 -3.02 -5.47 6.03
N ALA A 105 -3.13 -4.27 6.57
CA ALA A 105 -2.98 -3.05 5.77
C ALA A 105 -1.68 -2.33 6.10
N THR A 106 -0.92 -2.00 5.06
CA THR A 106 0.35 -1.30 5.24
C THR A 106 0.20 -0.09 6.15
N ASP A 107 1.33 0.44 6.62
CA ASP A 107 1.32 1.60 7.50
C ASP A 107 0.62 2.78 6.84
N TRP A 108 0.37 3.82 7.63
CA TRP A 108 -0.30 5.01 7.12
C TRP A 108 0.69 5.91 6.38
N LEU A 109 0.79 5.70 5.07
CA LEU A 109 1.70 6.49 4.24
C LEU A 109 1.03 7.78 3.77
N SER A 110 1.52 8.91 4.28
CA SER A 110 0.97 10.21 3.92
C SER A 110 1.69 10.79 2.72
N ALA A 111 0.93 11.39 1.80
CA ALA A 111 1.49 11.99 0.60
C ALA A 111 0.90 13.36 0.35
N GLU A 112 1.77 14.34 0.10
CA GLU A 112 1.32 15.70 -0.16
C GLU A 112 1.28 15.99 -1.66
N THR A 113 0.07 16.19 -2.19
CA THR A 113 -0.10 16.45 -3.61
C THR A 113 0.62 17.75 -4.01
N PHE A 114 0.77 17.94 -5.31
CA PHE A 114 1.43 19.14 -5.83
C PHE A 114 0.51 20.35 -5.75
N GLU A 115 1.01 21.41 -5.12
CA GLU A 115 0.24 22.64 -4.95
C GLU A 115 -0.42 23.04 -6.28
N SER A 116 0.15 22.58 -7.39
CA SER A 116 -0.37 22.89 -8.71
C SER A 116 -0.18 21.72 -9.66
N ASP A 117 -1.12 21.55 -10.58
CA ASP A 117 -1.04 20.46 -11.56
C ASP A 117 0.27 20.50 -12.31
N LEU A 118 0.68 21.70 -12.72
CA LEU A 118 1.92 21.88 -13.46
C LEU A 118 3.12 21.45 -12.63
N ASP A 119 3.50 20.18 -12.76
CA ASP A 119 4.63 19.63 -12.03
C ASP A 119 5.83 19.42 -12.94
N GLU A 120 6.95 20.04 -12.60
CA GLU A 120 8.17 19.91 -13.40
C GLU A 120 9.14 18.90 -12.77
N THR A 121 9.02 17.64 -13.19
CA THR A 121 9.88 16.59 -12.66
C THR A 121 10.52 15.80 -13.79
N ARG A 122 11.79 16.08 -14.05
CA ARG A 122 12.53 15.38 -15.11
C ARG A 122 12.53 13.87 -14.87
N VAL A 123 12.18 13.12 -15.91
CA VAL A 123 12.14 11.67 -15.80
C VAL A 123 13.42 11.05 -16.36
N PRO A 124 14.08 10.21 -15.55
CA PRO A 124 15.32 9.53 -15.94
C PRO A 124 15.08 8.47 -17.00
N GLU A 125 16.16 8.05 -17.66
CA GLU A 125 16.07 7.04 -18.71
C GLU A 125 16.54 5.69 -18.19
N VAL A 126 15.58 4.77 -18.02
CA VAL A 126 15.89 3.44 -17.53
C VAL A 126 15.03 2.39 -18.22
N SER A 127 15.69 1.44 -18.88
CA SER A 127 14.98 0.38 -19.60
C SER A 127 14.90 -0.89 -18.74
N GLY A 128 14.02 -1.80 -19.12
CA GLY A 128 13.86 -3.05 -18.39
C GLY A 128 13.69 -4.25 -19.30
N PRO A 129 14.41 -5.33 -19.00
CA PRO A 129 14.36 -6.57 -19.79
C PRO A 129 13.02 -7.29 -19.65
N SER A 130 12.95 -8.50 -20.20
CA SER A 130 11.72 -9.29 -20.13
C SER A 130 12.02 -10.69 -19.61
N SER A 131 10.96 -11.39 -19.19
CA SER A 131 11.10 -12.75 -18.66
C SER A 131 10.56 -13.77 -19.66
N GLY A 132 11.24 -14.91 -19.74
CA GLY A 132 10.81 -15.96 -20.65
C GLY A 132 10.24 -17.16 -19.93
N GLY A 1 -20.50 -21.83 15.91
CA GLY A 1 -19.32 -22.65 15.74
C GLY A 1 -19.24 -23.29 14.37
N SER A 2 -18.25 -22.88 13.59
CA SER A 2 -18.06 -23.41 12.24
C SER A 2 -16.89 -24.39 12.19
N SER A 3 -17.04 -25.45 11.42
CA SER A 3 -16.00 -26.46 11.28
C SER A 3 -15.53 -26.58 9.83
N GLY A 4 -14.24 -26.85 9.65
CA GLY A 4 -13.69 -26.98 8.31
C GLY A 4 -12.29 -27.56 8.32
N SER A 5 -12.11 -28.67 9.03
CA SER A 5 -10.81 -29.31 9.11
C SER A 5 -10.63 -30.34 7.99
N SER A 6 -9.70 -30.06 7.09
CA SER A 6 -9.44 -30.96 5.97
C SER A 6 -8.05 -31.58 6.08
N GLY A 7 -7.97 -32.89 5.87
CA GLY A 7 -6.70 -33.58 5.95
C GLY A 7 -5.90 -33.18 7.18
N ASP A 8 -4.59 -33.03 7.01
CA ASP A 8 -3.72 -32.65 8.11
C ASP A 8 -2.33 -32.30 7.60
N VAL A 9 -1.74 -31.26 8.18
CA VAL A 9 -0.40 -30.82 7.79
C VAL A 9 0.39 -30.32 8.99
N ALA A 10 1.68 -30.65 9.02
CA ALA A 10 2.54 -30.23 10.12
C ALA A 10 2.74 -28.72 10.11
N VAL A 11 1.71 -27.99 10.48
CA VAL A 11 1.76 -26.53 10.52
C VAL A 11 0.98 -25.98 11.71
N ARG A 12 1.68 -25.34 12.63
CA ARG A 12 1.05 -24.76 13.81
C ARG A 12 0.63 -23.32 13.56
N THR A 13 -0.57 -23.14 13.02
CA THR A 13 -1.10 -21.81 12.72
C THR A 13 -2.11 -21.37 13.78
N LEU A 14 -2.09 -20.09 14.12
CA LEU A 14 -3.00 -19.54 15.11
C LEU A 14 -4.24 -18.96 14.44
N SER A 15 -4.10 -18.57 13.18
CA SER A 15 -5.21 -17.99 12.43
C SER A 15 -5.14 -18.39 10.96
N ASP A 16 -6.28 -18.39 10.29
CA ASP A 16 -6.35 -18.74 8.88
C ASP A 16 -5.93 -17.56 8.00
N VAL A 17 -6.59 -16.43 8.20
CA VAL A 17 -6.29 -15.23 7.42
C VAL A 17 -4.79 -14.98 7.35
N PRO A 18 -4.35 -14.30 6.28
CA PRO A 18 -2.94 -13.98 6.06
C PRO A 18 -2.42 -12.95 7.05
N SER A 19 -1.15 -13.07 7.42
CA SER A 19 -0.53 -12.15 8.37
C SER A 19 0.72 -11.51 7.77
N ALA A 20 0.60 -11.04 6.54
CA ALA A 20 1.71 -10.40 5.86
C ALA A 20 1.22 -9.36 4.85
N ALA A 21 1.54 -8.10 5.13
CA ALA A 21 1.13 -7.01 4.25
C ALA A 21 2.08 -6.86 3.07
N PRO A 22 1.64 -6.14 2.03
CA PRO A 22 2.44 -5.91 0.82
C PRO A 22 3.64 -5.00 1.07
N GLN A 23 4.80 -5.40 0.57
CA GLN A 23 6.02 -4.63 0.76
C GLN A 23 6.29 -3.76 -0.47
N ASN A 24 7.43 -3.08 -0.47
CA ASN A 24 7.81 -2.21 -1.57
C ASN A 24 6.69 -1.22 -1.90
N LEU A 25 6.05 -0.71 -0.86
CA LEU A 25 4.96 0.25 -1.03
C LEU A 25 5.50 1.62 -1.44
N SER A 26 4.67 2.38 -2.14
CA SER A 26 5.06 3.72 -2.59
C SER A 26 3.86 4.47 -3.16
N LEU A 27 4.00 5.79 -3.26
CA LEU A 27 2.92 6.63 -3.77
C LEU A 27 3.45 7.60 -4.84
N GLU A 28 3.28 7.22 -6.11
CA GLU A 28 3.73 8.05 -7.21
C GLU A 28 2.69 9.11 -7.56
N VAL A 29 2.72 10.23 -6.85
CA VAL A 29 1.78 11.32 -7.09
C VAL A 29 1.78 11.73 -8.55
N ARG A 30 0.86 11.15 -9.33
CA ARG A 30 0.74 11.45 -10.75
C ARG A 30 0.34 12.91 -10.96
N ASN A 31 -0.70 13.35 -10.25
CA ASN A 31 -1.19 14.72 -10.36
C ASN A 31 -1.54 15.28 -8.99
N SER A 32 -2.08 16.50 -8.98
CA SER A 32 -2.47 17.15 -7.73
C SER A 32 -3.78 16.57 -7.20
N LYS A 33 -4.66 16.19 -8.11
CA LYS A 33 -5.95 15.62 -7.74
C LYS A 33 -5.94 14.11 -7.89
N SER A 34 -4.75 13.53 -8.03
CA SER A 34 -4.60 12.09 -8.19
C SER A 34 -3.31 11.60 -7.54
N ILE A 35 -3.31 10.34 -7.13
CA ILE A 35 -2.15 9.74 -6.49
C ILE A 35 -2.06 8.26 -6.77
N MET A 36 -1.08 7.86 -7.58
CA MET A 36 -0.88 6.46 -7.93
C MET A 36 -0.20 5.70 -6.80
N ILE A 37 -0.60 4.45 -6.60
CA ILE A 37 -0.02 3.62 -5.54
C ILE A 37 0.67 2.39 -6.13
N HIS A 38 1.88 2.13 -5.65
CA HIS A 38 2.65 0.98 -6.12
C HIS A 38 3.09 0.11 -4.96
N TRP A 39 2.63 -1.14 -4.94
CA TRP A 39 2.98 -2.08 -3.88
C TRP A 39 3.42 -3.42 -4.46
N GLN A 40 3.84 -4.33 -3.58
CA GLN A 40 4.29 -5.65 -4.01
C GLN A 40 3.68 -6.74 -3.13
N PRO A 41 3.51 -7.94 -3.70
CA PRO A 41 2.95 -9.09 -2.98
C PRO A 41 3.89 -9.62 -1.91
N PRO A 42 3.32 -10.00 -0.77
CA PRO A 42 4.08 -10.55 0.36
C PRO A 42 4.67 -11.93 0.07
N ALA A 43 5.53 -12.41 0.96
CA ALA A 43 6.14 -13.71 0.80
C ALA A 43 5.09 -14.81 0.63
N PRO A 44 5.47 -15.88 -0.08
CA PRO A 44 4.57 -17.01 -0.33
C PRO A 44 4.28 -17.81 0.93
N ALA A 45 5.24 -17.83 1.85
CA ALA A 45 5.09 -18.55 3.11
C ALA A 45 4.10 -17.85 4.03
N THR A 46 4.03 -16.53 3.92
CA THR A 46 3.11 -15.74 4.75
C THR A 46 1.86 -15.37 3.98
N GLN A 47 1.36 -16.30 3.19
CA GLN A 47 0.16 -16.07 2.39
C GLN A 47 -1.01 -16.91 2.92
N ASN A 48 -0.79 -18.21 3.07
CA ASN A 48 -1.81 -19.11 3.56
C ASN A 48 -2.99 -19.16 2.60
N GLY A 49 -2.70 -19.08 1.30
CA GLY A 49 -3.74 -19.13 0.30
C GLY A 49 -3.44 -18.25 -0.91
N GLN A 50 -4.40 -18.13 -1.81
CA GLN A 50 -4.21 -17.32 -3.01
C GLN A 50 -4.91 -15.96 -2.86
N ILE A 51 -4.24 -14.91 -3.30
CA ILE A 51 -4.78 -13.56 -3.22
C ILE A 51 -5.87 -13.35 -4.27
N THR A 52 -6.91 -12.61 -3.89
CA THR A 52 -8.02 -12.33 -4.81
C THR A 52 -8.07 -10.85 -5.17
N GLY A 53 -7.87 -10.00 -4.18
CA GLY A 53 -7.89 -8.57 -4.42
C GLY A 53 -7.29 -7.77 -3.28
N TYR A 54 -7.02 -6.50 -3.51
CA TYR A 54 -6.44 -5.63 -2.50
C TYR A 54 -7.44 -4.56 -2.05
N LYS A 55 -7.34 -4.16 -0.79
CA LYS A 55 -8.24 -3.15 -0.23
C LYS A 55 -7.47 -1.89 0.13
N ILE A 56 -7.39 -0.95 -0.81
CA ILE A 56 -6.68 0.30 -0.58
C ILE A 56 -7.59 1.33 0.07
N ARG A 57 -7.19 1.80 1.24
CA ARG A 57 -7.96 2.81 1.98
C ARG A 57 -7.15 4.07 2.21
N TYR A 58 -7.78 5.22 2.02
CA TYR A 58 -7.11 6.50 2.20
C TYR A 58 -8.01 7.49 2.92
N ARG A 59 -7.40 8.36 3.71
CA ARG A 59 -8.16 9.36 4.47
C ARG A 59 -7.41 10.70 4.50
N LYS A 60 -8.14 11.76 4.84
CA LYS A 60 -7.55 13.09 4.90
C LYS A 60 -6.76 13.29 6.19
N ALA A 61 -5.64 13.98 6.10
CA ALA A 61 -4.80 14.24 7.26
C ALA A 61 -5.32 15.43 8.05
N SER A 62 -6.54 15.85 7.75
CA SER A 62 -7.15 16.99 8.45
C SER A 62 -8.44 16.56 9.14
N ARG A 63 -9.14 15.59 8.56
CA ARG A 63 -10.38 15.10 9.12
C ARG A 63 -10.18 13.74 9.79
N LYS A 64 -9.28 12.94 9.23
CA LYS A 64 -8.98 11.62 9.76
C LYS A 64 -10.27 10.91 10.20
N SER A 65 -11.34 11.14 9.45
CA SER A 65 -12.63 10.53 9.76
C SER A 65 -13.28 9.96 8.49
N ASP A 66 -13.13 10.67 7.38
CA ASP A 66 -13.69 10.24 6.11
C ASP A 66 -12.72 9.34 5.36
N VAL A 67 -13.08 8.06 5.22
CA VAL A 67 -12.24 7.11 4.52
C VAL A 67 -12.97 6.49 3.33
N THR A 68 -12.23 6.26 2.25
CA THR A 68 -12.81 5.67 1.04
C THR A 68 -12.22 4.29 0.76
N GLU A 69 -13.07 3.38 0.31
CA GLU A 69 -12.63 2.02 0.00
C GLU A 69 -12.38 1.85 -1.49
N THR A 70 -11.24 1.29 -1.84
CA THR A 70 -10.88 1.07 -3.24
C THR A 70 -10.52 -0.39 -3.49
N LEU A 71 -11.37 -1.09 -4.23
CA LEU A 71 -11.13 -2.49 -4.54
C LEU A 71 -10.47 -2.64 -5.91
N VAL A 72 -9.38 -3.41 -5.95
CA VAL A 72 -8.65 -3.63 -7.20
C VAL A 72 -8.51 -5.12 -7.48
N SER A 73 -7.91 -5.44 -8.63
CA SER A 73 -7.71 -6.83 -9.02
C SER A 73 -6.56 -7.45 -8.24
N GLY A 74 -6.57 -8.78 -8.12
CA GLY A 74 -5.52 -9.47 -7.40
C GLY A 74 -4.15 -9.22 -7.98
N THR A 75 -3.98 -9.56 -9.26
CA THR A 75 -2.70 -9.38 -9.94
C THR A 75 -2.28 -7.91 -9.92
N GLN A 76 -3.26 -7.01 -9.95
CA GLN A 76 -2.99 -5.58 -9.94
C GLN A 76 -2.25 -5.18 -8.67
N LEU A 77 -1.02 -4.72 -8.83
CA LEU A 77 -0.20 -4.30 -7.70
C LEU A 77 -0.09 -2.78 -7.64
N SER A 78 -1.08 -2.10 -8.20
CA SER A 78 -1.09 -0.64 -8.21
C SER A 78 -2.50 -0.11 -8.42
N GLN A 79 -2.70 1.17 -8.12
CA GLN A 79 -4.00 1.80 -8.29
C GLN A 79 -3.88 3.32 -8.31
N LEU A 80 -4.68 3.96 -9.16
CA LEU A 80 -4.66 5.41 -9.28
C LEU A 80 -5.84 6.04 -8.56
N ILE A 81 -5.55 6.73 -7.46
CA ILE A 81 -6.60 7.38 -6.67
C ILE A 81 -6.83 8.81 -7.15
N GLU A 82 -7.86 8.99 -7.97
CA GLU A 82 -8.20 10.31 -8.50
C GLU A 82 -9.29 10.97 -7.66
N GLY A 83 -9.46 12.28 -7.86
CA GLY A 83 -10.46 13.00 -7.11
C GLY A 83 -9.92 13.59 -5.82
N LEU A 84 -8.73 14.19 -5.91
CA LEU A 84 -8.11 14.80 -4.74
C LEU A 84 -7.89 16.29 -4.95
N ASP A 85 -7.45 16.98 -3.89
CA ASP A 85 -7.20 18.41 -3.96
C ASP A 85 -5.71 18.71 -3.89
N ARG A 86 -5.31 19.85 -4.43
CA ARG A 86 -3.91 20.26 -4.42
C ARG A 86 -3.51 20.81 -3.06
N GLY A 87 -2.21 20.79 -2.77
CA GLY A 87 -1.71 21.29 -1.51
C GLY A 87 -2.48 20.73 -0.33
N THR A 88 -2.58 19.40 -0.26
CA THR A 88 -3.29 18.75 0.83
C THR A 88 -2.70 17.38 1.12
N GLU A 89 -2.39 17.13 2.40
CA GLU A 89 -1.82 15.85 2.82
C GLU A 89 -2.89 14.76 2.83
N TYR A 90 -2.51 13.58 2.36
CA TYR A 90 -3.44 12.45 2.32
C TYR A 90 -2.75 11.17 2.77
N ASN A 91 -3.52 10.26 3.37
CA ASN A 91 -2.99 8.99 3.84
C ASN A 91 -3.51 7.83 3.00
N PHE A 92 -2.67 6.82 2.80
CA PHE A 92 -3.04 5.65 2.02
C PHE A 92 -2.51 4.37 2.66
N ARG A 93 -3.20 3.27 2.40
CA ARG A 93 -2.80 1.97 2.97
C ARG A 93 -3.34 0.83 2.11
N VAL A 94 -2.47 -0.11 1.76
CA VAL A 94 -2.85 -1.25 0.95
C VAL A 94 -2.99 -2.51 1.81
N ALA A 95 -3.91 -3.39 1.42
CA ALA A 95 -4.14 -4.63 2.14
C ALA A 95 -4.50 -5.76 1.19
N ALA A 96 -3.99 -6.96 1.47
CA ALA A 96 -4.26 -8.13 0.64
C ALA A 96 -5.49 -8.87 1.15
N LEU A 97 -6.23 -9.46 0.21
CA LEU A 97 -7.44 -10.22 0.56
C LEU A 97 -7.36 -11.64 0.04
N THR A 98 -7.78 -12.60 0.86
CA THR A 98 -7.76 -14.01 0.48
C THR A 98 -9.04 -14.71 0.90
N ILE A 99 -9.22 -15.94 0.43
CA ILE A 99 -10.41 -16.72 0.76
C ILE A 99 -10.57 -16.87 2.26
N ASN A 100 -9.48 -16.66 2.99
CA ASN A 100 -9.50 -16.76 4.45
C ASN A 100 -10.24 -15.58 5.08
N GLY A 101 -10.45 -14.54 4.29
CA GLY A 101 -11.15 -13.37 4.77
C GLY A 101 -10.46 -12.08 4.37
N THR A 102 -9.78 -11.46 5.33
CA THR A 102 -9.08 -10.20 5.07
C THR A 102 -7.63 -10.28 5.54
N GLY A 103 -6.76 -9.52 4.87
CA GLY A 103 -5.35 -9.52 5.24
C GLY A 103 -4.94 -8.23 5.92
N PRO A 104 -3.64 -8.12 6.25
CA PRO A 104 -3.08 -6.94 6.91
C PRO A 104 -3.05 -5.72 6.00
N ALA A 105 -2.84 -4.55 6.58
CA ALA A 105 -2.78 -3.31 5.81
C ALA A 105 -1.51 -2.53 6.12
N THR A 106 -0.76 -2.19 5.08
CA THR A 106 0.48 -1.45 5.25
C THR A 106 0.30 -0.27 6.19
N ASP A 107 1.40 0.23 6.72
CA ASP A 107 1.36 1.37 7.64
C ASP A 107 0.69 2.57 6.98
N TRP A 108 0.56 3.65 7.74
CA TRP A 108 -0.08 4.87 7.23
C TRP A 108 0.94 5.76 6.54
N LEU A 109 0.97 5.69 5.22
CA LEU A 109 1.91 6.49 4.43
C LEU A 109 1.23 7.75 3.90
N SER A 110 1.68 8.91 4.38
CA SER A 110 1.11 10.18 3.96
C SER A 110 1.84 10.71 2.72
N ALA A 111 1.14 11.53 1.94
CA ALA A 111 1.72 12.12 0.74
C ALA A 111 1.13 13.49 0.45
N GLU A 112 2.00 14.48 0.23
CA GLU A 112 1.56 15.83 -0.06
C GLU A 112 1.56 16.10 -1.56
N THR A 113 0.37 16.38 -2.10
CA THR A 113 0.24 16.65 -3.53
C THR A 113 1.02 17.90 -3.93
N PHE A 114 1.15 18.12 -5.23
CA PHE A 114 1.87 19.27 -5.74
C PHE A 114 0.98 20.52 -5.74
N GLU A 115 1.42 21.54 -5.02
CA GLU A 115 0.67 22.79 -4.93
C GLU A 115 0.00 23.12 -6.27
N SER A 116 0.71 22.83 -7.36
CA SER A 116 0.19 23.11 -8.69
C SER A 116 0.46 21.93 -9.63
N ASP A 117 -0.06 22.01 -10.84
CA ASP A 117 0.12 20.96 -11.84
C ASP A 117 1.33 21.24 -12.71
N LEU A 118 2.48 20.72 -12.31
CA LEU A 118 3.72 20.91 -13.06
C LEU A 118 4.37 19.57 -13.39
N ASP A 119 4.43 19.24 -14.68
CA ASP A 119 5.02 18.00 -15.13
C ASP A 119 6.43 17.83 -14.56
N GLU A 120 6.55 16.97 -13.56
CA GLU A 120 7.85 16.73 -12.92
C GLU A 120 8.28 15.26 -13.11
N THR A 121 8.06 14.74 -14.31
CA THR A 121 8.42 13.36 -14.61
C THR A 121 9.92 13.21 -14.80
N ARG A 122 10.43 12.02 -14.49
CA ARG A 122 11.85 11.75 -14.62
C ARG A 122 12.13 10.83 -15.82
N VAL A 123 13.40 10.74 -16.21
CA VAL A 123 13.79 9.90 -17.33
C VAL A 123 14.17 8.50 -16.87
N PRO A 124 13.47 7.49 -17.41
CA PRO A 124 13.72 6.09 -17.06
C PRO A 124 15.05 5.58 -17.60
N GLU A 125 15.76 4.80 -16.79
CA GLU A 125 17.05 4.26 -17.18
C GLU A 125 16.96 2.74 -17.41
N VAL A 126 17.51 2.28 -18.52
CA VAL A 126 17.50 0.86 -18.85
C VAL A 126 18.81 0.19 -18.45
N SER A 127 18.70 -0.97 -17.80
CA SER A 127 19.87 -1.71 -17.36
C SER A 127 19.52 -3.15 -17.05
N GLY A 128 20.28 -4.09 -17.63
CA GLY A 128 20.02 -5.49 -17.40
C GLY A 128 19.78 -6.25 -18.68
N PRO A 129 20.11 -7.56 -18.68
CA PRO A 129 19.93 -8.43 -19.84
C PRO A 129 18.47 -8.70 -20.14
N SER A 130 18.22 -9.57 -21.12
CA SER A 130 16.86 -9.92 -21.50
C SER A 130 16.77 -11.38 -21.92
N SER A 131 15.55 -11.93 -21.87
CA SER A 131 15.33 -13.33 -22.23
C SER A 131 13.85 -13.59 -22.51
N GLY A 132 13.55 -14.78 -23.00
CA GLY A 132 12.18 -15.14 -23.30
C GLY A 132 12.01 -15.66 -24.71
N GLY A 1 -6.71 -30.06 11.22
CA GLY A 1 -7.31 -30.68 12.39
C GLY A 1 -6.34 -31.57 13.13
N SER A 2 -5.60 -32.39 12.39
CA SER A 2 -4.63 -33.30 12.99
C SER A 2 -3.20 -32.84 12.73
N SER A 3 -2.36 -32.94 13.74
CA SER A 3 -0.96 -32.53 13.62
C SER A 3 -0.17 -32.91 14.87
N GLY A 4 1.13 -33.08 14.71
CA GLY A 4 1.98 -33.42 15.84
C GLY A 4 2.52 -32.21 16.57
N SER A 5 3.12 -32.44 17.73
CA SER A 5 3.67 -31.36 18.53
C SER A 5 5.20 -31.43 18.57
N SER A 6 5.85 -30.47 17.95
CA SER A 6 7.31 -30.42 17.92
C SER A 6 7.86 -29.54 19.03
N GLY A 7 9.18 -29.52 19.17
CA GLY A 7 9.80 -28.72 20.20
C GLY A 7 10.23 -27.36 19.69
N ASP A 8 9.26 -26.46 19.53
CA ASP A 8 9.55 -25.11 19.05
C ASP A 8 8.45 -24.14 19.45
N VAL A 9 8.82 -23.11 20.20
CA VAL A 9 7.86 -22.11 20.65
C VAL A 9 7.80 -20.93 19.70
N ALA A 10 7.01 -21.08 18.63
CA ALA A 10 6.86 -20.02 17.64
C ALA A 10 5.58 -20.21 16.83
N VAL A 11 4.74 -19.18 16.82
CA VAL A 11 3.48 -19.23 16.08
C VAL A 11 3.61 -18.56 14.73
N ARG A 12 3.25 -19.28 13.67
CA ARG A 12 3.34 -18.75 12.31
C ARG A 12 1.98 -18.22 11.85
N THR A 13 0.93 -19.01 12.09
CA THR A 13 -0.41 -18.61 11.70
C THR A 13 -1.31 -18.46 12.91
N LEU A 14 -1.59 -17.21 13.29
CA LEU A 14 -2.45 -16.92 14.43
C LEU A 14 -3.91 -17.25 14.12
N SER A 15 -4.35 -16.89 12.93
CA SER A 15 -5.73 -17.14 12.51
C SER A 15 -5.79 -17.48 11.03
N ASP A 16 -6.91 -18.06 10.61
CA ASP A 16 -7.10 -18.43 9.21
C ASP A 16 -6.60 -17.33 8.28
N VAL A 17 -7.16 -16.14 8.42
CA VAL A 17 -6.76 -15.01 7.59
C VAL A 17 -5.23 -14.88 7.52
N PRO A 18 -4.74 -14.34 6.40
CA PRO A 18 -3.30 -14.17 6.18
C PRO A 18 -2.72 -13.08 7.08
N SER A 19 -1.46 -13.25 7.47
CA SER A 19 -0.78 -12.29 8.34
C SER A 19 0.42 -11.67 7.63
N ALA A 20 0.29 -11.50 6.31
CA ALA A 20 1.36 -10.91 5.52
C ALA A 20 0.84 -9.77 4.65
N ALA A 21 1.58 -8.66 4.62
CA ALA A 21 1.19 -7.50 3.84
C ALA A 21 2.21 -7.22 2.74
N PRO A 22 1.81 -6.41 1.76
CA PRO A 22 2.67 -6.03 0.63
C PRO A 22 3.82 -5.12 1.05
N GLN A 23 4.98 -5.34 0.46
CA GLN A 23 6.16 -4.53 0.76
C GLN A 23 6.53 -3.62 -0.40
N ASN A 24 7.64 -2.90 -0.26
CA ASN A 24 8.10 -1.99 -1.30
C ASN A 24 7.00 -1.01 -1.69
N LEU A 25 6.12 -0.70 -0.74
CA LEU A 25 5.02 0.23 -0.98
C LEU A 25 5.54 1.59 -1.40
N SER A 26 4.71 2.35 -2.11
CA SER A 26 5.09 3.69 -2.57
C SER A 26 3.90 4.40 -3.20
N LEU A 27 4.00 5.72 -3.31
CA LEU A 27 2.94 6.52 -3.89
C LEU A 27 3.50 7.52 -4.90
N GLU A 28 3.35 7.22 -6.18
CA GLU A 28 3.84 8.09 -7.24
C GLU A 28 2.79 9.14 -7.61
N VAL A 29 2.82 10.26 -6.91
CA VAL A 29 1.87 11.34 -7.17
C VAL A 29 1.88 11.75 -8.64
N ARG A 30 0.83 11.35 -9.35
CA ARG A 30 0.71 11.67 -10.78
C ARG A 30 0.25 13.11 -10.98
N ASN A 31 -0.77 13.50 -10.21
CA ASN A 31 -1.30 14.86 -10.30
C ASN A 31 -1.58 15.43 -8.91
N SER A 32 -2.16 16.63 -8.89
CA SER A 32 -2.47 17.28 -7.62
C SER A 32 -3.77 16.75 -7.04
N LYS A 33 -4.56 16.08 -7.87
CA LYS A 33 -5.83 15.52 -7.45
C LYS A 33 -5.83 13.99 -7.56
N SER A 34 -4.79 13.46 -8.22
CA SER A 34 -4.68 12.02 -8.40
C SER A 34 -3.35 11.52 -7.86
N ILE A 35 -3.37 10.33 -7.24
CA ILE A 35 -2.16 9.73 -6.69
C ILE A 35 -2.05 8.26 -7.07
N MET A 36 -0.89 7.88 -7.59
CA MET A 36 -0.65 6.50 -8.00
C MET A 36 -0.09 5.68 -6.83
N ILE A 37 -0.59 4.47 -6.68
CA ILE A 37 -0.13 3.58 -5.61
C ILE A 37 0.59 2.36 -6.16
N HIS A 38 1.83 2.18 -5.75
CA HIS A 38 2.64 1.04 -6.21
C HIS A 38 3.08 0.18 -5.04
N TRP A 39 2.68 -1.09 -5.06
CA TRP A 39 3.03 -2.02 -3.99
C TRP A 39 3.47 -3.37 -4.57
N GLN A 40 4.06 -4.20 -3.72
CA GLN A 40 4.52 -5.51 -4.14
C GLN A 40 3.93 -6.61 -3.27
N PRO A 41 3.80 -7.82 -3.82
CA PRO A 41 3.25 -8.98 -3.10
C PRO A 41 4.19 -9.48 -2.02
N PRO A 42 3.61 -9.94 -0.90
CA PRO A 42 4.39 -10.46 0.24
C PRO A 42 5.06 -11.79 -0.08
N ALA A 43 5.93 -12.24 0.82
CA ALA A 43 6.65 -13.50 0.63
C ALA A 43 5.67 -14.65 0.47
N PRO A 44 6.05 -15.63 -0.38
CA PRO A 44 5.22 -16.81 -0.64
C PRO A 44 5.13 -17.74 0.56
N ALA A 45 6.21 -17.78 1.35
CA ALA A 45 6.26 -18.64 2.53
C ALA A 45 5.27 -18.16 3.58
N THR A 46 5.03 -16.85 3.63
CA THR A 46 4.11 -16.28 4.61
C THR A 46 2.66 -16.43 4.13
N GLN A 47 2.42 -16.12 2.86
CA GLN A 47 1.08 -16.21 2.29
C GLN A 47 0.36 -17.45 2.81
N ASN A 48 -0.94 -17.34 3.02
CA ASN A 48 -1.75 -18.44 3.52
C ASN A 48 -2.80 -18.86 2.50
N GLY A 49 -3.05 -17.98 1.52
CA GLY A 49 -4.03 -18.28 0.49
C GLY A 49 -3.88 -17.37 -0.72
N GLN A 50 -4.36 -17.84 -1.86
CA GLN A 50 -4.29 -17.07 -3.10
C GLN A 50 -4.93 -15.69 -2.92
N ILE A 51 -4.24 -14.66 -3.39
CA ILE A 51 -4.76 -13.29 -3.29
C ILE A 51 -5.82 -13.02 -4.34
N THR A 52 -7.01 -12.64 -3.90
CA THR A 52 -8.11 -12.34 -4.81
C THR A 52 -8.15 -10.87 -5.17
N GLY A 53 -7.68 -10.02 -4.24
CA GLY A 53 -7.67 -8.59 -4.48
C GLY A 53 -7.09 -7.82 -3.32
N TYR A 54 -6.86 -6.52 -3.53
CA TYR A 54 -6.31 -5.67 -2.49
C TYR A 54 -7.30 -4.58 -2.11
N LYS A 55 -7.30 -4.22 -0.82
CA LYS A 55 -8.20 -3.19 -0.31
C LYS A 55 -7.42 -1.92 0.02
N ILE A 56 -7.47 -0.95 -0.90
CA ILE A 56 -6.77 0.32 -0.71
C ILE A 56 -7.70 1.36 -0.10
N ARG A 57 -7.36 1.82 1.11
CA ARG A 57 -8.16 2.81 1.80
C ARG A 57 -7.33 4.07 2.09
N TYR A 58 -7.98 5.22 2.06
CA TYR A 58 -7.31 6.49 2.32
C TYR A 58 -8.26 7.48 3.00
N ARG A 59 -7.68 8.45 3.71
CA ARG A 59 -8.46 9.45 4.40
C ARG A 59 -7.79 10.82 4.32
N LYS A 60 -8.43 11.84 4.90
CA LYS A 60 -7.89 13.19 4.90
C LYS A 60 -7.20 13.51 6.22
N ALA A 61 -5.99 14.04 6.14
CA ALA A 61 -5.22 14.39 7.32
C ALA A 61 -6.08 15.19 8.31
N SER A 62 -6.76 16.22 7.80
CA SER A 62 -7.60 17.06 8.63
C SER A 62 -8.83 16.29 9.11
N ARG A 63 -9.40 15.48 8.23
CA ARG A 63 -10.58 14.69 8.55
C ARG A 63 -10.34 13.21 8.27
N LYS A 64 -9.73 12.53 9.23
CA LYS A 64 -9.44 11.10 9.09
C LYS A 64 -10.74 10.29 8.99
N SER A 65 -11.67 10.58 9.89
CA SER A 65 -12.95 9.87 9.90
C SER A 65 -13.39 9.52 8.48
N ASP A 66 -13.43 10.52 7.61
CA ASP A 66 -13.83 10.33 6.23
C ASP A 66 -12.81 9.47 5.49
N VAL A 67 -13.17 8.22 5.20
CA VAL A 67 -12.29 7.30 4.50
C VAL A 67 -12.99 6.68 3.30
N THR A 68 -12.25 6.50 2.21
CA THR A 68 -12.80 5.90 1.00
C THR A 68 -12.19 4.52 0.73
N GLU A 69 -13.06 3.52 0.60
CA GLU A 69 -12.60 2.16 0.35
C GLU A 69 -12.50 1.89 -1.16
N THR A 70 -11.35 1.38 -1.58
CA THR A 70 -11.12 1.09 -2.98
C THR A 70 -10.64 -0.35 -3.16
N LEU A 71 -11.30 -1.08 -4.05
CA LEU A 71 -10.94 -2.47 -4.33
C LEU A 71 -10.29 -2.61 -5.70
N VAL A 72 -9.28 -3.47 -5.78
CA VAL A 72 -8.57 -3.69 -7.04
C VAL A 72 -8.51 -5.17 -7.37
N SER A 73 -7.85 -5.50 -8.48
CA SER A 73 -7.72 -6.88 -8.92
C SER A 73 -6.55 -7.56 -8.22
N GLY A 74 -6.58 -8.90 -8.18
CA GLY A 74 -5.52 -9.65 -7.54
C GLY A 74 -4.18 -9.45 -8.22
N THR A 75 -4.15 -9.67 -9.53
CA THR A 75 -2.92 -9.52 -10.30
C THR A 75 -2.49 -8.06 -10.37
N GLN A 76 -3.33 -7.18 -9.85
CA GLN A 76 -3.03 -5.75 -9.84
C GLN A 76 -2.22 -5.36 -8.62
N LEU A 77 -1.01 -4.84 -8.86
CA LEU A 77 -0.13 -4.43 -7.76
C LEU A 77 -0.05 -2.91 -7.68
N SER A 78 -0.97 -2.23 -8.37
CA SER A 78 -1.00 -0.77 -8.36
C SER A 78 -2.42 -0.25 -8.61
N GLN A 79 -2.70 0.93 -8.10
CA GLN A 79 -4.03 1.53 -8.27
C GLN A 79 -3.94 3.05 -8.24
N LEU A 80 -4.71 3.70 -9.10
CA LEU A 80 -4.72 5.16 -9.18
C LEU A 80 -5.92 5.74 -8.45
N ILE A 81 -5.66 6.64 -7.52
CA ILE A 81 -6.73 7.28 -6.75
C ILE A 81 -6.95 8.73 -7.19
N GLU A 82 -8.07 8.98 -7.85
CA GLU A 82 -8.39 10.32 -8.32
C GLU A 82 -9.45 10.97 -7.43
N GLY A 83 -9.62 12.28 -7.59
CA GLY A 83 -10.61 13.00 -6.80
C GLY A 83 -10.00 13.58 -5.53
N LEU A 84 -8.76 14.07 -5.63
CA LEU A 84 -8.08 14.65 -4.49
C LEU A 84 -7.83 16.13 -4.70
N ASP A 85 -7.44 16.83 -3.64
CA ASP A 85 -7.16 18.25 -3.71
C ASP A 85 -5.66 18.53 -3.67
N ARG A 86 -5.26 19.71 -4.14
CA ARG A 86 -3.85 20.08 -4.17
C ARG A 86 -3.39 20.56 -2.79
N GLY A 87 -2.08 20.66 -2.61
CA GLY A 87 -1.54 21.10 -1.34
C GLY A 87 -2.30 20.57 -0.16
N THR A 88 -2.50 19.24 -0.13
CA THR A 88 -3.23 18.60 0.96
C THR A 88 -2.68 17.20 1.22
N GLU A 89 -2.23 16.97 2.45
CA GLU A 89 -1.69 15.67 2.83
C GLU A 89 -2.78 14.61 2.85
N TYR A 90 -2.46 13.41 2.39
CA TYR A 90 -3.41 12.31 2.36
C TYR A 90 -2.77 11.01 2.84
N ASN A 91 -3.57 10.16 3.48
CA ASN A 91 -3.08 8.89 3.99
C ASN A 91 -3.59 7.73 3.15
N PHE A 92 -2.71 6.80 2.82
CA PHE A 92 -3.07 5.64 2.02
C PHE A 92 -2.54 4.36 2.64
N ARG A 93 -3.25 3.26 2.43
CA ARG A 93 -2.85 1.96 2.97
C ARG A 93 -3.41 0.83 2.12
N VAL A 94 -2.54 -0.13 1.79
CA VAL A 94 -2.95 -1.28 0.98
C VAL A 94 -3.03 -2.54 1.83
N ALA A 95 -3.95 -3.43 1.47
CA ALA A 95 -4.13 -4.69 2.19
C ALA A 95 -4.50 -5.81 1.25
N ALA A 96 -3.99 -7.01 1.53
CA ALA A 96 -4.27 -8.18 0.69
C ALA A 96 -5.53 -8.89 1.17
N LEU A 97 -6.32 -9.38 0.22
CA LEU A 97 -7.56 -10.08 0.53
C LEU A 97 -7.53 -11.51 -0.01
N THR A 98 -7.92 -12.46 0.83
CA THR A 98 -7.94 -13.86 0.43
C THR A 98 -9.24 -14.53 0.85
N ILE A 99 -9.43 -15.78 0.42
CA ILE A 99 -10.63 -16.53 0.75
C ILE A 99 -10.87 -16.56 2.25
N ASN A 100 -9.78 -16.61 3.02
CA ASN A 100 -9.87 -16.63 4.47
C ASN A 100 -10.54 -15.38 5.00
N GLY A 101 -10.50 -14.32 4.21
CA GLY A 101 -11.11 -13.06 4.60
C GLY A 101 -10.26 -11.86 4.25
N THR A 102 -9.96 -11.03 5.24
CA THR A 102 -9.16 -9.83 5.02
C THR A 102 -7.73 -10.03 5.52
N GLY A 103 -6.78 -9.38 4.85
CA GLY A 103 -5.39 -9.50 5.24
C GLY A 103 -4.87 -8.25 5.94
N PRO A 104 -3.55 -8.22 6.22
CA PRO A 104 -2.91 -7.09 6.88
C PRO A 104 -2.87 -5.84 6.01
N ALA A 105 -2.63 -4.70 6.64
CA ALA A 105 -2.56 -3.43 5.92
C ALA A 105 -1.14 -2.86 5.94
N THR A 106 -0.90 -1.86 5.09
CA THR A 106 0.42 -1.24 5.01
C THR A 106 0.47 0.02 5.86
N ASP A 107 1.53 0.13 6.67
CA ASP A 107 1.71 1.30 7.54
C ASP A 107 1.14 2.55 6.88
N TRP A 108 0.43 3.35 7.65
CA TRP A 108 -0.16 4.59 7.15
C TRP A 108 0.91 5.48 6.53
N LEU A 109 0.93 5.53 5.20
CA LEU A 109 1.90 6.34 4.48
C LEU A 109 1.27 7.66 4.00
N SER A 110 1.80 8.77 4.49
CA SER A 110 1.29 10.09 4.11
C SER A 110 1.96 10.59 2.84
N ALA A 111 1.22 11.36 2.05
CA ALA A 111 1.74 11.90 0.80
C ALA A 111 1.16 13.29 0.53
N GLU A 112 2.02 14.26 0.25
CA GLU A 112 1.59 15.62 -0.02
C GLU A 112 1.60 15.88 -1.52
N THR A 113 0.41 16.13 -2.08
CA THR A 113 0.28 16.41 -3.51
C THR A 113 1.02 17.66 -3.90
N PHE A 114 1.14 17.90 -5.20
CA PHE A 114 1.83 19.08 -5.71
C PHE A 114 0.93 20.30 -5.67
N GLU A 115 1.41 21.37 -5.04
CA GLU A 115 0.65 22.60 -4.92
C GLU A 115 -0.06 22.93 -6.24
N SER A 116 0.60 22.61 -7.35
CA SER A 116 0.04 22.88 -8.67
C SER A 116 0.54 21.85 -9.68
N ASP A 117 0.04 21.95 -10.91
CA ASP A 117 0.43 21.02 -11.97
C ASP A 117 1.89 21.23 -12.36
N LEU A 118 2.78 20.57 -11.63
CA LEU A 118 4.21 20.68 -11.89
C LEU A 118 4.80 19.32 -12.26
N ASP A 119 4.67 18.96 -13.53
CA ASP A 119 5.19 17.69 -14.03
C ASP A 119 6.71 17.73 -14.14
N GLU A 120 7.38 16.98 -13.28
CA GLU A 120 8.84 16.94 -13.29
C GLU A 120 9.35 15.92 -14.31
N THR A 121 10.67 15.91 -14.52
CA THR A 121 11.28 14.99 -15.47
C THR A 121 12.63 14.51 -14.96
N ARG A 122 12.83 13.18 -14.99
CA ARG A 122 14.08 12.59 -14.53
C ARG A 122 14.30 11.23 -15.17
N VAL A 123 15.57 10.85 -15.33
CA VAL A 123 15.91 9.57 -15.93
C VAL A 123 16.99 8.85 -15.12
N PRO A 124 16.70 7.60 -14.74
CA PRO A 124 17.62 6.77 -13.96
C PRO A 124 18.86 6.36 -14.76
N GLU A 125 20.00 6.28 -14.08
CA GLU A 125 21.24 5.90 -14.73
C GLU A 125 21.60 4.44 -14.43
N VAL A 126 21.81 3.66 -15.48
CA VAL A 126 22.15 2.25 -15.32
C VAL A 126 23.28 1.85 -16.26
N SER A 127 24.05 0.84 -15.87
CA SER A 127 25.16 0.37 -16.69
C SER A 127 25.40 -1.13 -16.45
N GLY A 128 26.18 -1.74 -17.33
CA GLY A 128 26.49 -3.15 -17.20
C GLY A 128 27.60 -3.60 -18.14
N PRO A 129 28.40 -4.56 -17.68
CA PRO A 129 29.52 -5.10 -18.46
C PRO A 129 29.05 -5.92 -19.65
N SER A 130 29.98 -6.28 -20.54
CA SER A 130 29.66 -7.06 -21.72
C SER A 130 30.50 -8.33 -21.78
N SER A 131 30.05 -9.29 -22.58
CA SER A 131 30.76 -10.56 -22.73
C SER A 131 30.46 -11.20 -24.07
N GLY A 132 31.39 -12.02 -24.56
CA GLY A 132 31.21 -12.69 -25.84
C GLY A 132 30.55 -11.79 -26.86
N GLY A 1 20.46 -12.44 37.41
CA GLY A 1 20.96 -11.69 36.27
C GLY A 1 21.01 -10.20 36.52
N SER A 2 22.04 -9.54 36.01
CA SER A 2 22.20 -8.10 36.18
C SER A 2 21.77 -7.35 34.92
N SER A 3 22.36 -7.72 33.79
CA SER A 3 22.05 -7.08 32.52
C SER A 3 21.49 -8.09 31.53
N GLY A 4 21.07 -7.60 30.36
CA GLY A 4 20.53 -8.48 29.34
C GLY A 4 20.16 -7.73 28.07
N SER A 5 19.82 -8.48 27.03
CA SER A 5 19.45 -7.88 25.75
C SER A 5 18.80 -8.91 24.83
N SER A 6 17.59 -8.61 24.38
CA SER A 6 16.86 -9.51 23.50
C SER A 6 15.62 -8.83 22.93
N GLY A 7 14.97 -9.50 21.98
CA GLY A 7 13.77 -8.94 21.37
C GLY A 7 14.04 -8.39 19.98
N ASP A 8 13.64 -9.15 18.97
CA ASP A 8 13.84 -8.74 17.58
C ASP A 8 12.51 -8.55 16.87
N VAL A 9 11.55 -7.94 17.56
CA VAL A 9 10.23 -7.71 17.00
C VAL A 9 9.84 -8.83 16.03
N ALA A 10 10.13 -10.06 16.43
CA ALA A 10 9.81 -11.22 15.60
C ALA A 10 8.66 -12.02 16.21
N VAL A 11 7.51 -12.03 15.54
CA VAL A 11 6.35 -12.75 16.01
C VAL A 11 5.58 -13.38 14.85
N ARG A 12 5.09 -14.60 15.06
CA ARG A 12 4.34 -15.30 14.03
C ARG A 12 2.96 -15.71 14.55
N THR A 13 1.92 -15.25 13.85
CA THR A 13 0.55 -15.57 14.23
C THR A 13 0.03 -16.78 13.48
N LEU A 14 -0.74 -17.62 14.16
CA LEU A 14 -1.31 -18.82 13.55
C LEU A 14 -2.81 -18.65 13.33
N SER A 15 -3.19 -18.36 12.10
CA SER A 15 -4.60 -18.19 11.76
C SER A 15 -4.82 -18.37 10.25
N ASP A 16 -6.08 -18.55 9.87
CA ASP A 16 -6.43 -18.73 8.46
C ASP A 16 -6.03 -17.50 7.64
N VAL A 17 -6.70 -16.38 7.90
CA VAL A 17 -6.43 -15.14 7.18
C VAL A 17 -4.93 -14.90 7.06
N PRO A 18 -4.53 -14.15 6.03
CA PRO A 18 -3.13 -13.84 5.77
C PRO A 18 -2.55 -12.88 6.81
N SER A 19 -1.29 -13.08 7.17
CA SER A 19 -0.62 -12.24 8.15
C SER A 19 0.66 -11.64 7.58
N ALA A 20 0.57 -11.17 6.34
CA ALA A 20 1.72 -10.56 5.68
C ALA A 20 1.28 -9.47 4.71
N ALA A 21 1.66 -8.23 5.00
CA ALA A 21 1.30 -7.11 4.15
C ALA A 21 2.33 -6.89 3.05
N PRO A 22 1.95 -6.15 2.02
CA PRO A 22 2.84 -5.85 0.88
C PRO A 22 3.98 -4.93 1.26
N GLN A 23 5.17 -5.21 0.73
CA GLN A 23 6.35 -4.39 1.02
C GLN A 23 6.69 -3.50 -0.16
N ASN A 24 7.80 -2.77 -0.05
CA ASN A 24 8.23 -1.87 -1.11
C ASN A 24 7.10 -0.95 -1.54
N LEU A 25 6.28 -0.53 -0.58
CA LEU A 25 5.16 0.36 -0.86
C LEU A 25 5.64 1.72 -1.36
N SER A 26 4.81 2.38 -2.15
CA SER A 26 5.16 3.69 -2.70
C SER A 26 3.92 4.38 -3.26
N LEU A 27 3.98 5.71 -3.33
CA LEU A 27 2.87 6.49 -3.83
C LEU A 27 3.34 7.44 -4.93
N GLU A 28 3.13 7.05 -6.18
CA GLU A 28 3.53 7.88 -7.32
C GLU A 28 2.47 8.94 -7.62
N VAL A 29 2.61 10.09 -6.96
CA VAL A 29 1.66 11.19 -7.15
C VAL A 29 1.64 11.64 -8.61
N ARG A 30 0.76 11.02 -9.39
CA ARG A 30 0.63 11.36 -10.81
C ARG A 30 0.22 12.81 -10.99
N ASN A 31 -0.88 13.20 -10.35
CA ASN A 31 -1.37 14.57 -10.45
C ASN A 31 -1.72 15.12 -9.05
N SER A 32 -2.24 16.34 -9.02
CA SER A 32 -2.61 16.98 -7.76
C SER A 32 -3.89 16.38 -7.20
N LYS A 33 -4.74 15.88 -8.09
CA LYS A 33 -6.00 15.27 -7.69
C LYS A 33 -5.94 13.75 -7.84
N SER A 34 -4.85 13.26 -8.40
CA SER A 34 -4.67 11.82 -8.60
C SER A 34 -3.38 11.33 -7.96
N ILE A 35 -3.42 10.12 -7.40
CA ILE A 35 -2.24 9.55 -6.75
C ILE A 35 -2.17 8.05 -6.99
N MET A 36 -1.10 7.62 -7.67
CA MET A 36 -0.90 6.20 -7.96
C MET A 36 -0.28 5.48 -6.77
N ILE A 37 -0.80 4.30 -6.47
CA ILE A 37 -0.30 3.50 -5.36
C ILE A 37 0.43 2.25 -5.86
N HIS A 38 1.73 2.19 -5.63
CA HIS A 38 2.53 1.05 -6.05
C HIS A 38 2.98 0.23 -4.85
N TRP A 39 2.58 -1.03 -4.82
CA TRP A 39 2.94 -1.92 -3.71
C TRP A 39 3.41 -3.28 -4.24
N GLN A 40 4.16 -4.00 -3.42
CA GLN A 40 4.67 -5.32 -3.81
C GLN A 40 4.06 -6.41 -2.93
N PRO A 41 3.87 -7.59 -3.52
CA PRO A 41 3.30 -8.75 -2.82
C PRO A 41 4.25 -9.31 -1.77
N PRO A 42 3.68 -9.76 -0.64
CA PRO A 42 4.46 -10.33 0.46
C PRO A 42 5.05 -11.69 0.12
N ALA A 43 5.92 -12.20 0.99
CA ALA A 43 6.55 -13.49 0.77
C ALA A 43 5.51 -14.58 0.54
N PRO A 44 5.91 -15.64 -0.17
CA PRO A 44 5.03 -16.77 -0.47
C PRO A 44 4.71 -17.61 0.76
N ALA A 45 5.76 -17.97 1.50
CA ALA A 45 5.59 -18.77 2.72
C ALA A 45 4.48 -18.20 3.59
N THR A 46 4.50 -16.89 3.80
CA THR A 46 3.50 -16.23 4.63
C THR A 46 2.09 -16.46 4.07
N GLN A 47 1.95 -16.27 2.77
CA GLN A 47 0.66 -16.45 2.11
C GLN A 47 0.14 -17.88 2.30
N ASN A 48 -0.76 -18.05 3.24
CA ASN A 48 -1.33 -19.37 3.52
C ASN A 48 -2.32 -19.78 2.44
N GLY A 49 -2.74 -18.80 1.63
CA GLY A 49 -3.69 -19.08 0.57
C GLY A 49 -3.41 -18.26 -0.69
N GLN A 50 -4.45 -17.97 -1.44
CA GLN A 50 -4.31 -17.19 -2.67
C GLN A 50 -4.95 -15.81 -2.51
N ILE A 51 -4.34 -14.82 -3.15
CA ILE A 51 -4.84 -13.44 -3.08
C ILE A 51 -5.81 -13.16 -4.22
N THR A 52 -6.96 -12.58 -3.87
CA THR A 52 -7.99 -12.26 -4.86
C THR A 52 -7.95 -10.77 -5.21
N GLY A 53 -7.90 -9.93 -4.18
CA GLY A 53 -7.87 -8.49 -4.40
C GLY A 53 -7.20 -7.75 -3.26
N TYR A 54 -6.94 -6.46 -3.47
CA TYR A 54 -6.29 -5.63 -2.46
C TYR A 54 -7.20 -4.49 -2.04
N LYS A 55 -7.40 -4.35 -0.74
CA LYS A 55 -8.24 -3.29 -0.20
C LYS A 55 -7.41 -2.05 0.13
N ILE A 56 -7.46 -1.06 -0.74
CA ILE A 56 -6.71 0.17 -0.52
C ILE A 56 -7.60 1.27 0.02
N ARG A 57 -7.33 1.71 1.24
CA ARG A 57 -8.11 2.76 1.88
C ARG A 57 -7.26 4.01 2.12
N TYR A 58 -7.89 5.18 1.97
CA TYR A 58 -7.19 6.44 2.16
C TYR A 58 -8.07 7.44 2.89
N ARG A 59 -7.43 8.39 3.58
CA ARG A 59 -8.17 9.41 4.31
C ARG A 59 -7.40 10.74 4.31
N LYS A 60 -7.98 11.75 4.96
CA LYS A 60 -7.36 13.06 5.03
C LYS A 60 -6.47 13.17 6.26
N ALA A 61 -5.40 13.97 6.14
CA ALA A 61 -4.47 14.17 7.26
C ALA A 61 -5.09 15.08 8.32
N SER A 62 -5.93 16.00 7.88
CA SER A 62 -6.58 16.94 8.80
C SER A 62 -7.81 16.30 9.44
N ARG A 63 -8.73 15.84 8.60
CA ARG A 63 -9.96 15.22 9.08
C ARG A 63 -9.66 13.88 9.75
N LYS A 64 -8.91 13.04 9.06
CA LYS A 64 -8.56 11.72 9.58
C LYS A 64 -9.79 10.99 10.11
N SER A 65 -10.93 11.21 9.45
CA SER A 65 -12.17 10.56 9.85
C SER A 65 -12.90 9.99 8.64
N ASP A 66 -12.82 10.69 7.52
CA ASP A 66 -13.47 10.24 6.29
C ASP A 66 -12.53 9.36 5.47
N VAL A 67 -12.87 8.07 5.38
CA VAL A 67 -12.05 7.12 4.64
C VAL A 67 -12.86 6.51 3.49
N THR A 68 -12.21 6.35 2.34
CA THR A 68 -12.86 5.79 1.17
C THR A 68 -12.32 4.38 0.88
N GLU A 69 -13.23 3.48 0.49
CA GLU A 69 -12.84 2.11 0.18
C GLU A 69 -12.55 1.94 -1.31
N THR A 70 -11.43 1.29 -1.62
CA THR A 70 -11.04 1.07 -3.01
C THR A 70 -10.52 -0.35 -3.22
N LEU A 71 -11.27 -1.16 -3.95
CA LEU A 71 -10.87 -2.53 -4.22
C LEU A 71 -10.22 -2.66 -5.59
N VAL A 72 -9.25 -3.56 -5.71
CA VAL A 72 -8.55 -3.78 -6.96
C VAL A 72 -8.39 -5.27 -7.25
N SER A 73 -7.78 -5.58 -8.39
CA SER A 73 -7.56 -6.96 -8.79
C SER A 73 -6.35 -7.55 -8.07
N GLY A 74 -6.34 -8.87 -7.91
CA GLY A 74 -5.25 -9.54 -7.23
C GLY A 74 -3.92 -9.27 -7.90
N THR A 75 -3.79 -9.68 -9.16
CA THR A 75 -2.55 -9.49 -9.91
C THR A 75 -2.22 -8.02 -10.05
N GLN A 76 -3.22 -7.16 -9.86
CA GLN A 76 -3.04 -5.73 -9.96
C GLN A 76 -2.25 -5.18 -8.77
N LEU A 77 -1.03 -4.75 -9.03
CA LEU A 77 -0.17 -4.20 -7.98
C LEU A 77 -0.10 -2.68 -8.07
N SER A 78 -1.14 -2.07 -8.63
CA SER A 78 -1.19 -0.62 -8.76
C SER A 78 -2.64 -0.12 -8.72
N GLN A 79 -2.80 1.15 -8.38
CA GLN A 79 -4.13 1.76 -8.29
C GLN A 79 -4.04 3.27 -8.40
N LEU A 80 -4.93 3.86 -9.19
CA LEU A 80 -4.96 5.31 -9.37
C LEU A 80 -6.12 5.93 -8.62
N ILE A 81 -5.81 6.70 -7.58
CA ILE A 81 -6.83 7.35 -6.77
C ILE A 81 -7.06 8.78 -7.24
N GLU A 82 -8.05 8.97 -8.11
CA GLU A 82 -8.36 10.29 -8.63
C GLU A 82 -9.45 10.96 -7.79
N GLY A 83 -9.54 12.28 -7.89
CA GLY A 83 -10.53 13.01 -7.14
C GLY A 83 -10.00 13.50 -5.81
N LEU A 84 -8.79 14.07 -5.83
CA LEU A 84 -8.17 14.58 -4.60
C LEU A 84 -7.96 16.08 -4.70
N ASP A 85 -7.30 16.65 -3.69
CA ASP A 85 -7.03 18.08 -3.65
C ASP A 85 -5.54 18.35 -3.84
N ARG A 86 -5.21 19.60 -4.12
CA ARG A 86 -3.81 19.98 -4.33
C ARG A 86 -3.17 20.42 -3.01
N GLY A 87 -1.84 20.47 -3.00
CA GLY A 87 -1.13 20.87 -1.80
C GLY A 87 -1.83 20.40 -0.53
N THR A 88 -2.19 19.13 -0.50
CA THR A 88 -2.87 18.56 0.66
C THR A 88 -2.36 17.16 0.96
N GLU A 89 -1.93 16.95 2.21
CA GLU A 89 -1.42 15.65 2.63
C GLU A 89 -2.54 14.62 2.74
N TYR A 90 -2.26 13.40 2.32
CA TYR A 90 -3.24 12.32 2.37
C TYR A 90 -2.61 11.01 2.85
N ASN A 91 -3.39 10.23 3.57
CA ASN A 91 -2.91 8.95 4.10
C ASN A 91 -3.54 7.78 3.34
N PHE A 92 -2.72 6.81 2.96
CA PHE A 92 -3.19 5.64 2.24
C PHE A 92 -2.73 4.35 2.92
N ARG A 93 -3.37 3.24 2.57
CA ARG A 93 -3.03 1.95 3.14
C ARG A 93 -3.48 0.81 2.23
N VAL A 94 -2.52 -0.05 1.86
CA VAL A 94 -2.82 -1.18 0.98
C VAL A 94 -2.90 -2.48 1.77
N ALA A 95 -3.93 -3.27 1.49
CA ALA A 95 -4.12 -4.54 2.18
C ALA A 95 -4.44 -5.66 1.19
N ALA A 96 -3.96 -6.87 1.48
CA ALA A 96 -4.20 -8.01 0.62
C ALA A 96 -5.40 -8.82 1.10
N LEU A 97 -6.25 -9.24 0.16
CA LEU A 97 -7.44 -10.02 0.48
C LEU A 97 -7.33 -11.43 -0.07
N THR A 98 -7.87 -12.39 0.66
CA THR A 98 -7.84 -13.79 0.24
C THR A 98 -9.16 -14.49 0.55
N ILE A 99 -9.29 -15.73 0.09
CA ILE A 99 -10.50 -16.51 0.32
C ILE A 99 -10.87 -16.52 1.80
N ASN A 100 -9.85 -16.63 2.66
CA ASN A 100 -10.07 -16.65 4.10
C ASN A 100 -10.75 -15.37 4.57
N GLY A 101 -10.59 -14.31 3.80
CA GLY A 101 -11.21 -13.04 4.15
C GLY A 101 -10.33 -11.85 3.81
N THR A 102 -10.03 -11.04 4.81
CA THR A 102 -9.19 -9.85 4.61
C THR A 102 -7.77 -10.10 5.10
N GLY A 103 -6.87 -9.19 4.78
CA GLY A 103 -5.49 -9.32 5.20
C GLY A 103 -4.95 -8.08 5.89
N PRO A 104 -3.64 -8.04 6.13
CA PRO A 104 -2.97 -6.91 6.78
C PRO A 104 -2.95 -5.67 5.90
N ALA A 105 -2.59 -4.53 6.49
CA ALA A 105 -2.52 -3.27 5.77
C ALA A 105 -1.15 -2.62 5.91
N THR A 106 -0.80 -1.75 4.97
CA THR A 106 0.48 -1.07 5.00
C THR A 106 0.43 0.16 5.91
N ASP A 107 1.39 0.25 6.83
CA ASP A 107 1.45 1.37 7.76
C ASP A 107 0.97 2.66 7.09
N TRP A 108 0.20 3.44 7.85
CA TRP A 108 -0.34 4.70 7.33
C TRP A 108 0.75 5.53 6.67
N LEU A 109 0.73 5.59 5.34
CA LEU A 109 1.73 6.35 4.59
C LEU A 109 1.14 7.67 4.12
N SER A 110 1.71 8.78 4.60
CA SER A 110 1.25 10.11 4.22
C SER A 110 1.88 10.54 2.91
N ALA A 111 1.11 11.28 2.10
CA ALA A 111 1.60 11.76 0.82
C ALA A 111 1.03 13.14 0.50
N GLU A 112 1.90 14.08 0.15
CA GLU A 112 1.49 15.44 -0.16
C GLU A 112 1.52 15.67 -1.67
N THR A 113 0.37 15.98 -2.25
CA THR A 113 0.28 16.23 -3.68
C THR A 113 0.99 17.51 -4.06
N PHE A 114 1.11 17.76 -5.37
CA PHE A 114 1.76 18.97 -5.87
C PHE A 114 0.80 20.15 -5.89
N GLU A 115 1.09 21.16 -5.07
CA GLU A 115 0.25 22.35 -5.01
C GLU A 115 -0.24 22.75 -6.40
N SER A 116 0.60 22.53 -7.40
CA SER A 116 0.26 22.88 -8.78
C SER A 116 0.68 21.76 -9.73
N ASP A 117 0.11 21.79 -10.94
CA ASP A 117 0.42 20.79 -11.95
C ASP A 117 1.93 20.55 -12.03
N LEU A 118 2.71 21.63 -11.98
CA LEU A 118 4.16 21.53 -12.04
C LEU A 118 4.69 20.53 -11.02
N ASP A 119 4.91 19.30 -11.45
CA ASP A 119 5.42 18.26 -10.57
C ASP A 119 6.92 18.03 -10.80
N GLU A 120 7.53 17.27 -9.91
CA GLU A 120 8.96 16.98 -10.01
C GLU A 120 9.19 15.62 -10.66
N THR A 121 10.27 15.52 -11.43
CA THR A 121 10.61 14.27 -12.10
C THR A 121 11.95 13.74 -11.64
N ARG A 122 12.03 12.42 -11.42
CA ARG A 122 13.26 11.79 -10.97
C ARG A 122 13.26 10.30 -11.29
N VAL A 123 14.36 9.64 -11.01
CA VAL A 123 14.48 8.21 -11.27
C VAL A 123 14.90 7.45 -10.00
N PRO A 124 14.14 6.40 -9.68
CA PRO A 124 14.41 5.57 -8.48
C PRO A 124 15.68 4.73 -8.64
N GLU A 125 16.12 4.13 -7.54
CA GLU A 125 17.32 3.31 -7.55
C GLU A 125 16.99 1.87 -7.18
N VAL A 126 16.72 1.04 -8.18
CA VAL A 126 16.39 -0.36 -7.96
C VAL A 126 17.60 -1.25 -8.20
N SER A 127 17.73 -2.29 -7.38
CA SER A 127 18.85 -3.22 -7.49
C SER A 127 18.50 -4.57 -6.85
N GLY A 128 19.07 -5.64 -7.39
CA GLY A 128 18.82 -6.97 -6.86
C GLY A 128 18.63 -8.00 -7.95
N PRO A 129 19.75 -8.63 -8.36
CA PRO A 129 19.73 -9.66 -9.41
C PRO A 129 19.05 -10.95 -8.95
N SER A 130 18.61 -11.75 -9.91
CA SER A 130 17.94 -13.01 -9.59
C SER A 130 18.45 -14.13 -10.50
N SER A 131 17.97 -15.35 -10.25
CA SER A 131 18.38 -16.50 -11.03
C SER A 131 17.21 -17.07 -11.82
N GLY A 132 16.18 -17.51 -11.11
CA GLY A 132 15.00 -18.05 -11.75
C GLY A 132 14.49 -17.19 -12.88
N GLY A 1 14.49 22.51 27.49
CA GLY A 1 14.12 21.41 28.36
C GLY A 1 13.47 20.26 27.60
N SER A 2 12.26 19.89 28.02
CA SER A 2 11.54 18.80 27.37
C SER A 2 12.49 17.71 26.90
N SER A 3 13.47 17.38 27.75
CA SER A 3 14.45 16.36 27.43
C SER A 3 13.86 14.96 27.58
N GLY A 4 13.56 14.33 26.45
CA GLY A 4 12.99 12.99 26.48
C GLY A 4 12.26 12.65 25.19
N SER A 5 11.92 11.37 25.03
CA SER A 5 11.22 10.92 23.84
C SER A 5 10.29 9.75 24.17
N SER A 6 9.54 9.30 23.17
CA SER A 6 8.61 8.19 23.34
C SER A 6 8.84 7.11 22.28
N GLY A 7 8.28 5.93 22.52
CA GLY A 7 8.43 4.84 21.57
C GLY A 7 7.12 4.45 20.93
N ASP A 8 7.00 3.18 20.55
CA ASP A 8 5.79 2.68 19.92
C ASP A 8 5.74 1.16 19.97
N VAL A 9 4.62 0.62 20.48
CA VAL A 9 4.45 -0.82 20.58
C VAL A 9 3.31 -1.30 19.69
N ALA A 10 3.41 -2.54 19.23
CA ALA A 10 2.39 -3.13 18.37
C ALA A 10 2.19 -4.61 18.69
N VAL A 11 0.94 -5.05 18.63
CA VAL A 11 0.62 -6.44 18.90
C VAL A 11 -0.15 -7.07 17.73
N ARG A 12 -0.09 -8.39 17.64
CA ARG A 12 -0.77 -9.12 16.57
C ARG A 12 -1.33 -10.45 17.08
N THR A 13 -2.48 -10.84 16.56
CA THR A 13 -3.12 -12.09 16.96
C THR A 13 -2.98 -13.15 15.87
N LEU A 14 -3.41 -14.37 16.19
CA LEU A 14 -3.33 -15.48 15.23
C LEU A 14 -4.72 -15.96 14.87
N SER A 15 -5.02 -15.97 13.58
CA SER A 15 -6.33 -16.41 13.08
C SER A 15 -6.25 -16.82 11.62
N ASP A 16 -7.31 -17.46 11.13
CA ASP A 16 -7.36 -17.90 9.75
C ASP A 16 -6.79 -16.84 8.81
N VAL A 17 -7.42 -15.67 8.81
CA VAL A 17 -6.97 -14.57 7.96
C VAL A 17 -5.45 -14.43 7.99
N PRO A 18 -4.88 -13.94 6.89
CA PRO A 18 -3.43 -13.75 6.77
C PRO A 18 -2.92 -12.60 7.65
N SER A 19 -1.62 -12.59 7.90
CA SER A 19 -1.01 -11.55 8.73
C SER A 19 0.17 -10.92 8.02
N ALA A 20 0.26 -11.13 6.71
CA ALA A 20 1.35 -10.58 5.91
C ALA A 20 0.85 -9.45 5.01
N ALA A 21 1.55 -8.33 5.03
CA ALA A 21 1.18 -7.18 4.21
C ALA A 21 2.12 -7.02 3.02
N PRO A 22 1.68 -6.26 2.00
CA PRO A 22 2.48 -6.01 0.81
C PRO A 22 3.69 -5.12 1.07
N GLN A 23 4.80 -5.42 0.40
CA GLN A 23 6.02 -4.64 0.58
C GLN A 23 6.30 -3.78 -0.66
N ASN A 24 7.37 -3.00 -0.60
CA ASN A 24 7.74 -2.13 -1.71
C ASN A 24 6.66 -1.10 -1.99
N LEU A 25 5.93 -0.72 -0.94
CA LEU A 25 4.85 0.26 -1.07
C LEU A 25 5.41 1.62 -1.48
N SER A 26 4.61 2.39 -2.20
CA SER A 26 5.02 3.72 -2.65
C SER A 26 3.84 4.49 -3.22
N LEU A 27 3.95 5.81 -3.21
CA LEU A 27 2.88 6.67 -3.73
C LEU A 27 3.42 7.63 -4.77
N GLU A 28 3.28 7.25 -6.04
CA GLU A 28 3.75 8.08 -7.15
C GLU A 28 2.75 9.19 -7.46
N VAL A 29 2.88 10.31 -6.76
CA VAL A 29 1.98 11.44 -6.96
C VAL A 29 1.91 11.82 -8.43
N ARG A 30 0.99 11.20 -9.16
CA ARG A 30 0.82 11.47 -10.58
C ARG A 30 0.48 12.94 -10.81
N ASN A 31 -0.48 13.44 -10.06
CA ASN A 31 -0.91 14.84 -10.18
C ASN A 31 -1.27 15.43 -8.82
N SER A 32 -1.63 16.70 -8.81
CA SER A 32 -2.01 17.38 -7.57
C SER A 32 -3.38 16.92 -7.10
N LYS A 33 -4.06 16.13 -7.92
CA LYS A 33 -5.39 15.62 -7.59
C LYS A 33 -5.44 14.11 -7.73
N SER A 34 -4.33 13.52 -8.12
CA SER A 34 -4.25 12.07 -8.29
C SER A 34 -2.97 11.52 -7.66
N ILE A 35 -3.04 10.27 -7.20
CA ILE A 35 -1.89 9.62 -6.58
C ILE A 35 -1.87 8.13 -6.88
N MET A 36 -0.85 7.69 -7.59
CA MET A 36 -0.71 6.28 -7.94
C MET A 36 -0.08 5.49 -6.80
N ILE A 37 -0.71 4.40 -6.41
CA ILE A 37 -0.21 3.56 -5.34
C ILE A 37 0.46 2.30 -5.88
N HIS A 38 1.74 2.15 -5.60
CA HIS A 38 2.49 0.98 -6.07
C HIS A 38 2.89 0.08 -4.89
N TRP A 39 2.37 -1.13 -4.90
CA TRP A 39 2.66 -2.09 -3.84
C TRP A 39 3.10 -3.43 -4.41
N GLN A 40 3.40 -4.38 -3.53
CA GLN A 40 3.84 -5.71 -3.96
C GLN A 40 3.37 -6.77 -2.97
N PRO A 41 3.21 -8.01 -3.47
CA PRO A 41 2.76 -9.13 -2.65
C PRO A 41 3.82 -9.58 -1.65
N PRO A 42 3.37 -9.99 -0.45
CA PRO A 42 4.28 -10.45 0.62
C PRO A 42 4.93 -11.78 0.29
N ALA A 43 5.90 -12.18 1.12
CA ALA A 43 6.59 -13.44 0.92
C ALA A 43 5.63 -14.61 0.89
N PRO A 44 6.02 -15.69 0.19
CA PRO A 44 5.19 -16.89 0.07
C PRO A 44 5.10 -17.66 1.38
N ALA A 45 6.17 -17.64 2.15
CA ALA A 45 6.20 -18.33 3.44
C ALA A 45 5.19 -17.73 4.42
N THR A 46 4.98 -16.42 4.30
CA THR A 46 4.05 -15.72 5.17
C THR A 46 2.60 -15.94 4.72
N GLN A 47 2.42 -16.13 3.42
CA GLN A 47 1.10 -16.35 2.85
C GLN A 47 0.42 -17.55 3.51
N ASN A 48 -0.90 -17.46 3.65
CA ASN A 48 -1.67 -18.54 4.27
C ASN A 48 -2.65 -19.15 3.26
N GLY A 49 -2.94 -18.40 2.20
CA GLY A 49 -3.86 -18.88 1.18
C GLY A 49 -3.56 -18.30 -0.18
N GLN A 50 -4.61 -17.90 -0.89
CA GLN A 50 -4.46 -17.32 -2.23
C GLN A 50 -5.03 -15.90 -2.28
N ILE A 51 -4.22 -14.97 -2.78
CA ILE A 51 -4.64 -13.58 -2.88
C ILE A 51 -5.60 -13.38 -4.06
N THR A 52 -6.79 -12.88 -3.77
CA THR A 52 -7.79 -12.64 -4.79
C THR A 52 -7.86 -11.17 -5.16
N GLY A 53 -7.59 -10.30 -4.19
CA GLY A 53 -7.62 -8.87 -4.44
C GLY A 53 -7.08 -8.07 -3.26
N TYR A 54 -6.87 -6.78 -3.49
CA TYR A 54 -6.35 -5.91 -2.44
C TYR A 54 -7.36 -4.81 -2.10
N LYS A 55 -7.25 -4.28 -0.89
CA LYS A 55 -8.14 -3.22 -0.43
C LYS A 55 -7.38 -1.95 -0.09
N ILE A 56 -7.47 -0.96 -0.96
CA ILE A 56 -6.77 0.31 -0.74
C ILE A 56 -7.70 1.35 -0.13
N ARG A 57 -7.28 1.90 1.01
CA ARG A 57 -8.08 2.90 1.71
C ARG A 57 -7.25 4.15 2.00
N TYR A 58 -7.91 5.30 2.05
CA TYR A 58 -7.23 6.56 2.31
C TYR A 58 -8.16 7.54 3.03
N ARG A 59 -7.58 8.56 3.64
CA ARG A 59 -8.35 9.57 4.36
C ARG A 59 -7.62 10.91 4.37
N LYS A 60 -8.27 11.92 4.92
CA LYS A 60 -7.69 13.26 4.99
C LYS A 60 -7.07 13.51 6.37
N ALA A 61 -5.79 13.91 6.37
CA ALA A 61 -5.08 14.19 7.60
C ALA A 61 -6.01 14.80 8.64
N SER A 62 -6.69 15.89 8.26
CA SER A 62 -7.61 16.58 9.17
C SER A 62 -8.87 15.75 9.38
N ARG A 63 -9.43 15.23 8.29
CA ARG A 63 -10.64 14.43 8.37
C ARG A 63 -10.32 12.94 8.19
N LYS A 64 -9.73 12.35 9.21
CA LYS A 64 -9.38 10.94 9.18
C LYS A 64 -10.61 10.05 9.18
N SER A 65 -11.58 10.42 10.01
CA SER A 65 -12.83 9.66 10.11
C SER A 65 -13.34 9.27 8.73
N ASP A 66 -13.31 10.22 7.80
CA ASP A 66 -13.76 9.98 6.45
C ASP A 66 -12.75 9.13 5.67
N VAL A 67 -13.13 7.88 5.40
CA VAL A 67 -12.26 6.97 4.66
C VAL A 67 -12.97 6.39 3.45
N THR A 68 -12.22 6.20 2.37
CA THR A 68 -12.78 5.66 1.14
C THR A 68 -12.29 4.23 0.90
N GLU A 69 -13.21 3.35 0.51
CA GLU A 69 -12.88 1.96 0.26
C GLU A 69 -12.69 1.72 -1.23
N THR A 70 -11.51 1.22 -1.61
CA THR A 70 -11.20 0.94 -3.00
C THR A 70 -10.70 -0.49 -3.19
N LEU A 71 -11.59 -1.36 -3.65
CA LEU A 71 -11.22 -2.76 -3.87
C LEU A 71 -10.66 -2.97 -5.27
N VAL A 72 -9.48 -3.57 -5.34
CA VAL A 72 -8.83 -3.83 -6.62
C VAL A 72 -8.68 -5.33 -6.87
N SER A 73 -8.03 -5.68 -7.97
CA SER A 73 -7.83 -7.07 -8.33
C SER A 73 -6.57 -7.63 -7.67
N GLY A 74 -6.47 -8.96 -7.63
CA GLY A 74 -5.31 -9.59 -7.02
C GLY A 74 -4.04 -9.34 -7.81
N THR A 75 -4.06 -9.70 -9.09
CA THR A 75 -2.90 -9.52 -9.95
C THR A 75 -2.56 -8.04 -10.12
N GLN A 76 -3.48 -7.18 -9.68
CA GLN A 76 -3.28 -5.73 -9.79
C GLN A 76 -2.44 -5.22 -8.62
N LEU A 77 -1.25 -4.72 -8.93
CA LEU A 77 -0.35 -4.19 -7.91
C LEU A 77 -0.23 -2.67 -8.02
N SER A 78 -1.17 -2.06 -8.73
CA SER A 78 -1.16 -0.61 -8.92
C SER A 78 -2.58 -0.07 -8.99
N GLN A 79 -2.78 1.15 -8.50
CA GLN A 79 -4.09 1.78 -8.52
C GLN A 79 -3.96 3.30 -8.53
N LEU A 80 -4.85 3.95 -9.28
CA LEU A 80 -4.83 5.41 -9.38
C LEU A 80 -5.99 6.02 -8.61
N ILE A 81 -5.68 6.93 -7.69
CA ILE A 81 -6.70 7.59 -6.88
C ILE A 81 -6.89 9.04 -7.31
N GLU A 82 -7.85 9.28 -8.20
CA GLU A 82 -8.12 10.62 -8.70
C GLU A 82 -9.18 11.30 -7.84
N GLY A 83 -9.24 12.63 -7.92
CA GLY A 83 -10.22 13.38 -7.16
C GLY A 83 -9.68 13.81 -5.80
N LEU A 84 -8.42 14.23 -5.77
CA LEU A 84 -7.79 14.67 -4.53
C LEU A 84 -7.64 16.19 -4.50
N ASP A 85 -6.99 16.69 -3.46
CA ASP A 85 -6.77 18.13 -3.31
C ASP A 85 -5.29 18.45 -3.30
N ARG A 86 -4.92 19.54 -3.96
CA ARG A 86 -3.52 19.96 -4.03
C ARG A 86 -3.05 20.48 -2.67
N GLY A 87 -1.73 20.52 -2.48
CA GLY A 87 -1.17 21.00 -1.22
C GLY A 87 -1.94 20.48 -0.02
N THR A 88 -2.24 19.19 -0.02
CA THR A 88 -2.98 18.57 1.09
C THR A 88 -2.47 17.17 1.38
N GLU A 89 -2.07 16.94 2.62
CA GLU A 89 -1.56 15.64 3.03
C GLU A 89 -2.65 14.57 2.96
N TYR A 90 -2.33 13.44 2.36
CA TYR A 90 -3.29 12.35 2.23
C TYR A 90 -2.70 11.04 2.75
N ASN A 91 -3.54 10.23 3.38
CA ASN A 91 -3.10 8.94 3.92
C ASN A 91 -3.55 7.80 3.03
N PHE A 92 -2.63 6.87 2.76
CA PHE A 92 -2.94 5.71 1.92
C PHE A 92 -2.45 4.42 2.56
N ARG A 93 -3.14 3.33 2.27
CA ARG A 93 -2.77 2.02 2.82
C ARG A 93 -3.30 0.90 1.94
N VAL A 94 -2.47 -0.13 1.74
CA VAL A 94 -2.85 -1.27 0.93
C VAL A 94 -2.94 -2.54 1.77
N ALA A 95 -3.96 -3.35 1.49
CA ALA A 95 -4.15 -4.60 2.23
C ALA A 95 -4.45 -5.75 1.27
N ALA A 96 -3.91 -6.92 1.58
CA ALA A 96 -4.11 -8.11 0.75
C ALA A 96 -5.32 -8.90 1.22
N LEU A 97 -6.07 -9.44 0.26
CA LEU A 97 -7.27 -10.23 0.58
C LEU A 97 -7.13 -11.66 0.06
N THR A 98 -7.56 -12.62 0.88
CA THR A 98 -7.48 -14.02 0.50
C THR A 98 -8.81 -14.73 0.74
N ILE A 99 -8.85 -16.02 0.43
CA ILE A 99 -10.06 -16.81 0.62
C ILE A 99 -10.53 -16.78 2.07
N ASN A 100 -9.57 -16.73 2.99
CA ASN A 100 -9.87 -16.69 4.42
C ASN A 100 -10.55 -15.36 4.80
N GLY A 101 -10.36 -14.36 3.96
CA GLY A 101 -10.95 -13.06 4.22
C GLY A 101 -10.01 -11.91 3.86
N THR A 102 -9.96 -10.91 4.74
CA THR A 102 -9.10 -9.75 4.51
C THR A 102 -7.72 -9.96 5.11
N GLY A 103 -6.78 -9.10 4.76
CA GLY A 103 -5.43 -9.21 5.28
C GLY A 103 -4.97 -7.96 6.01
N PRO A 104 -3.67 -7.89 6.33
CA PRO A 104 -3.09 -6.75 7.03
C PRO A 104 -3.04 -5.50 6.16
N ALA A 105 -2.87 -4.34 6.80
CA ALA A 105 -2.78 -3.07 6.08
C ALA A 105 -1.41 -2.44 6.23
N THR A 106 -0.93 -1.83 5.15
CA THR A 106 0.38 -1.19 5.16
C THR A 106 0.36 0.08 6.01
N ASP A 107 1.41 0.28 6.79
CA ASP A 107 1.52 1.45 7.64
C ASP A 107 1.00 2.70 6.93
N TRP A 108 0.26 3.52 7.67
CA TRP A 108 -0.30 4.74 7.11
C TRP A 108 0.77 5.60 6.46
N LEU A 109 0.79 5.62 5.14
CA LEU A 109 1.78 6.40 4.40
C LEU A 109 1.20 7.74 3.97
N SER A 110 1.74 8.82 4.54
CA SER A 110 1.27 10.17 4.22
C SER A 110 2.00 10.72 3.00
N ALA A 111 1.28 11.43 2.14
CA ALA A 111 1.86 12.01 0.95
C ALA A 111 1.25 13.38 0.65
N GLU A 112 2.11 14.36 0.42
CA GLU A 112 1.67 15.72 0.13
C GLU A 112 1.74 16.01 -1.37
N THR A 113 0.59 16.22 -1.98
CA THR A 113 0.52 16.51 -3.41
C THR A 113 1.26 17.80 -3.75
N PHE A 114 1.41 18.06 -5.04
CA PHE A 114 2.11 19.26 -5.49
C PHE A 114 1.17 20.46 -5.54
N GLU A 115 1.54 21.52 -4.83
CA GLU A 115 0.73 22.73 -4.78
C GLU A 115 0.12 23.02 -6.15
N SER A 116 0.77 22.57 -7.21
CA SER A 116 0.29 22.78 -8.56
C SER A 116 0.97 21.84 -9.54
N ASP A 117 0.61 21.95 -10.82
CA ASP A 117 1.19 21.11 -11.86
C ASP A 117 2.57 21.63 -12.26
N LEU A 118 3.60 21.20 -11.53
CA LEU A 118 4.96 21.61 -11.81
C LEU A 118 5.88 20.40 -11.96
N ASP A 119 5.82 19.74 -13.11
CA ASP A 119 6.64 18.57 -13.36
C ASP A 119 7.37 18.70 -14.71
N GLU A 120 8.61 19.17 -14.68
CA GLU A 120 9.39 19.34 -15.88
C GLU A 120 10.77 18.70 -15.74
N THR A 121 10.81 17.56 -15.04
CA THR A 121 12.07 16.85 -14.82
C THR A 121 11.90 15.35 -15.07
N ARG A 122 13.01 14.63 -15.01
CA ARG A 122 12.99 13.18 -15.22
C ARG A 122 13.86 12.46 -14.20
N VAL A 123 13.24 11.61 -13.41
CA VAL A 123 13.95 10.86 -12.37
C VAL A 123 15.12 10.08 -12.98
N PRO A 124 16.33 10.35 -12.49
CA PRO A 124 17.55 9.68 -12.96
C PRO A 124 17.61 8.22 -12.55
N GLU A 125 18.60 7.50 -13.07
CA GLU A 125 18.76 6.09 -12.75
C GLU A 125 19.93 5.88 -11.78
N VAL A 126 20.01 4.68 -11.21
CA VAL A 126 21.07 4.35 -10.26
C VAL A 126 22.07 3.39 -10.89
N SER A 127 21.59 2.23 -11.34
CA SER A 127 22.45 1.23 -11.95
C SER A 127 21.62 0.07 -12.49
N GLY A 128 22.28 -0.85 -13.19
CA GLY A 128 21.59 -2.00 -13.75
C GLY A 128 22.32 -3.29 -13.47
N PRO A 129 21.55 -4.38 -13.29
CA PRO A 129 22.09 -5.70 -13.00
C PRO A 129 22.82 -6.31 -14.20
N SER A 130 23.86 -7.10 -13.93
CA SER A 130 24.64 -7.72 -14.99
C SER A 130 24.33 -9.22 -15.08
N SER A 131 24.88 -9.86 -16.09
CA SER A 131 24.67 -11.29 -16.29
C SER A 131 26.00 -12.04 -16.35
N GLY A 132 25.93 -13.37 -16.38
CA GLY A 132 27.14 -14.17 -16.45
C GLY A 132 26.99 -15.50 -15.72
N GLY A 1 7.19 8.42 44.27
CA GLY A 1 6.02 9.19 43.89
C GLY A 1 5.37 8.64 42.64
N SER A 2 6.17 8.43 41.59
CA SER A 2 5.66 7.92 40.32
C SER A 2 4.73 6.73 40.56
N SER A 3 3.66 6.65 39.76
CA SER A 3 2.70 5.57 39.88
C SER A 3 3.07 4.39 38.97
N GLY A 4 2.33 3.31 39.08
CA GLY A 4 2.59 2.13 38.27
C GLY A 4 1.51 1.89 37.24
N SER A 5 0.57 1.02 37.57
CA SER A 5 -0.52 0.69 36.66
C SER A 5 0.01 0.30 35.29
N SER A 6 1.07 -0.50 35.28
CA SER A 6 1.69 -0.94 34.04
C SER A 6 0.75 -1.89 33.27
N GLY A 7 0.74 -1.77 31.96
CA GLY A 7 -0.11 -2.61 31.14
C GLY A 7 0.58 -3.90 30.72
N ASP A 8 -0.18 -4.81 30.14
CA ASP A 8 0.35 -6.09 29.70
C ASP A 8 -0.52 -6.70 28.60
N VAL A 9 0.09 -6.94 27.44
CA VAL A 9 -0.62 -7.51 26.30
C VAL A 9 0.34 -7.87 25.18
N ALA A 10 0.11 -9.02 24.55
CA ALA A 10 0.95 -9.49 23.46
C ALA A 10 0.11 -10.11 22.35
N VAL A 11 0.41 -9.74 21.11
CA VAL A 11 -0.32 -10.27 19.96
C VAL A 11 0.03 -11.73 19.70
N ARG A 12 -0.70 -12.63 20.34
CA ARG A 12 -0.48 -14.06 20.19
C ARG A 12 -1.78 -14.79 19.87
N THR A 13 -2.55 -14.23 18.93
CA THR A 13 -3.82 -14.83 18.53
C THR A 13 -3.64 -15.74 17.33
N LEU A 14 -4.34 -16.88 17.34
CA LEU A 14 -4.25 -17.84 16.25
C LEU A 14 -5.49 -17.73 15.35
N SER A 15 -5.34 -17.02 14.23
CA SER A 15 -6.43 -16.85 13.29
C SER A 15 -6.08 -17.42 11.92
N ASP A 16 -7.09 -17.67 11.10
CA ASP A 16 -6.89 -18.22 9.77
C ASP A 16 -6.43 -17.14 8.79
N VAL A 17 -7.07 -15.98 8.87
CA VAL A 17 -6.72 -14.86 8.00
C VAL A 17 -5.22 -14.79 7.76
N PRO A 18 -4.83 -14.25 6.59
CA PRO A 18 -3.42 -14.11 6.21
C PRO A 18 -2.69 -13.07 7.06
N SER A 19 -1.40 -13.29 7.26
CA SER A 19 -0.58 -12.37 8.04
C SER A 19 0.58 -11.84 7.22
N ALA A 20 0.35 -11.62 5.93
CA ALA A 20 1.38 -11.11 5.04
C ALA A 20 0.92 -9.84 4.33
N ALA A 21 1.73 -8.79 4.40
CA ALA A 21 1.41 -7.53 3.77
C ALA A 21 2.35 -7.24 2.60
N PRO A 22 1.87 -6.42 1.65
CA PRO A 22 2.64 -6.05 0.47
C PRO A 22 3.82 -5.13 0.80
N GLN A 23 4.98 -5.41 0.22
CA GLN A 23 6.17 -4.62 0.46
C GLN A 23 6.46 -3.71 -0.73
N ASN A 24 7.52 -2.91 -0.61
CA ASN A 24 7.91 -1.99 -1.67
C ASN A 24 6.82 -0.97 -1.94
N LEU A 25 6.02 -0.68 -0.91
CA LEU A 25 4.93 0.28 -1.03
C LEU A 25 5.46 1.65 -1.47
N SER A 26 4.61 2.43 -2.12
CA SER A 26 4.98 3.75 -2.58
C SER A 26 3.78 4.49 -3.14
N LEU A 27 3.90 5.81 -3.27
CA LEU A 27 2.81 6.64 -3.79
C LEU A 27 3.34 7.65 -4.80
N GLU A 28 3.12 7.36 -6.08
CA GLU A 28 3.58 8.25 -7.15
C GLU A 28 2.54 9.35 -7.41
N VAL A 29 2.72 10.49 -6.75
CA VAL A 29 1.81 11.61 -6.91
C VAL A 29 1.79 12.09 -8.35
N ARG A 30 0.83 11.61 -9.12
CA ARG A 30 0.70 11.99 -10.53
C ARG A 30 0.21 13.43 -10.65
N ASN A 31 -0.83 13.76 -9.88
CA ASN A 31 -1.39 15.11 -9.91
C ASN A 31 -1.74 15.58 -8.50
N SER A 32 -2.33 16.77 -8.41
CA SER A 32 -2.71 17.34 -7.13
C SER A 32 -4.05 16.79 -6.66
N LYS A 33 -4.81 16.23 -7.60
CA LYS A 33 -6.11 15.66 -7.28
C LYS A 33 -6.12 14.15 -7.51
N SER A 34 -4.96 13.61 -7.87
CA SER A 34 -4.83 12.18 -8.13
C SER A 34 -3.48 11.67 -7.63
N ILE A 35 -3.47 10.44 -7.13
CA ILE A 35 -2.24 9.83 -6.64
C ILE A 35 -2.17 8.35 -7.00
N MET A 36 -1.01 7.92 -7.47
CA MET A 36 -0.82 6.52 -7.86
C MET A 36 -0.12 5.75 -6.75
N ILE A 37 -0.58 4.52 -6.51
CA ILE A 37 0.01 3.67 -5.48
C ILE A 37 0.75 2.49 -6.09
N HIS A 38 1.95 2.24 -5.59
CA HIS A 38 2.76 1.13 -6.09
C HIS A 38 3.20 0.22 -4.94
N TRP A 39 2.73 -1.03 -4.98
CA TRP A 39 3.07 -1.99 -3.93
C TRP A 39 3.47 -3.33 -4.55
N GLN A 40 4.03 -4.22 -3.73
CA GLN A 40 4.45 -5.53 -4.19
C GLN A 40 3.86 -6.63 -3.32
N PRO A 41 3.67 -7.83 -3.90
CA PRO A 41 3.12 -8.98 -3.19
C PRO A 41 4.10 -9.53 -2.16
N PRO A 42 3.54 -9.99 -1.01
CA PRO A 42 4.34 -10.55 0.07
C PRO A 42 4.95 -11.91 -0.29
N ALA A 43 5.90 -12.37 0.53
CA ALA A 43 6.55 -13.64 0.29
C ALA A 43 5.53 -14.77 0.22
N PRO A 44 5.88 -15.84 -0.51
CA PRO A 44 5.01 -17.01 -0.67
C PRO A 44 4.88 -17.82 0.62
N ALA A 45 5.92 -17.78 1.45
CA ALA A 45 5.90 -18.50 2.71
C ALA A 45 4.94 -17.85 3.70
N THR A 46 4.91 -16.52 3.73
CA THR A 46 4.04 -15.78 4.62
C THR A 46 2.58 -15.93 4.22
N GLN A 47 2.33 -15.90 2.91
CA GLN A 47 0.97 -16.04 2.39
C GLN A 47 0.28 -17.26 2.98
N ASN A 48 -1.04 -17.19 3.09
CA ASN A 48 -1.83 -18.30 3.63
C ASN A 48 -2.91 -18.73 2.65
N GLY A 49 -2.64 -18.58 1.36
CA GLY A 49 -3.60 -18.95 0.35
C GLY A 49 -3.52 -18.08 -0.89
N GLN A 50 -4.48 -18.25 -1.80
CA GLN A 50 -4.51 -17.47 -3.02
C GLN A 50 -5.16 -16.11 -2.80
N ILE A 51 -4.55 -15.06 -3.34
CA ILE A 51 -5.08 -13.71 -3.19
C ILE A 51 -6.22 -13.45 -4.18
N THR A 52 -7.24 -12.73 -3.71
CA THR A 52 -8.39 -12.42 -4.54
C THR A 52 -8.41 -10.94 -4.91
N GLY A 53 -7.83 -10.11 -4.05
CA GLY A 53 -7.79 -8.69 -4.30
C GLY A 53 -7.22 -7.91 -3.13
N TYR A 54 -6.95 -6.63 -3.35
CA TYR A 54 -6.39 -5.77 -2.30
C TYR A 54 -7.39 -4.68 -1.90
N LYS A 55 -7.20 -4.15 -0.69
CA LYS A 55 -8.08 -3.11 -0.18
C LYS A 55 -7.31 -1.81 0.05
N ILE A 56 -7.39 -0.90 -0.92
CA ILE A 56 -6.69 0.38 -0.82
C ILE A 56 -7.61 1.44 -0.21
N ARG A 57 -7.39 1.74 1.06
CA ARG A 57 -8.19 2.74 1.76
C ARG A 57 -7.35 3.96 2.11
N TYR A 58 -7.82 5.14 1.72
CA TYR A 58 -7.11 6.38 1.98
C TYR A 58 -8.00 7.39 2.70
N ARG A 59 -7.38 8.37 3.33
CA ARG A 59 -8.12 9.40 4.06
C ARG A 59 -7.24 10.60 4.35
N LYS A 60 -7.86 11.77 4.45
CA LYS A 60 -7.13 13.01 4.72
C LYS A 60 -6.73 13.09 6.19
N ALA A 61 -5.56 13.67 6.45
CA ALA A 61 -5.06 13.81 7.81
C ALA A 61 -6.05 14.58 8.68
N SER A 62 -6.64 15.63 8.11
CA SER A 62 -7.60 16.44 8.84
C SER A 62 -8.93 15.72 8.99
N ARG A 63 -9.42 15.17 7.88
CA ARG A 63 -10.68 14.44 7.88
C ARG A 63 -10.46 12.94 7.76
N LYS A 64 -9.95 12.33 8.82
CA LYS A 64 -9.68 10.90 8.84
C LYS A 64 -10.97 10.11 8.64
N SER A 65 -11.99 10.42 9.43
CA SER A 65 -13.26 9.74 9.35
C SER A 65 -13.65 9.49 7.89
N ASP A 66 -13.42 10.49 7.04
CA ASP A 66 -13.75 10.38 5.63
C ASP A 66 -12.76 9.45 4.91
N VAL A 67 -13.23 8.25 4.59
CA VAL A 67 -12.40 7.27 3.90
C VAL A 67 -13.10 6.73 2.66
N THR A 68 -12.31 6.35 1.66
CA THR A 68 -12.86 5.82 0.42
C THR A 68 -12.33 4.41 0.15
N GLU A 69 -13.24 3.50 -0.20
CA GLU A 69 -12.86 2.12 -0.49
C GLU A 69 -12.59 1.93 -1.97
N THR A 70 -11.46 1.32 -2.29
CA THR A 70 -11.09 1.07 -3.68
C THR A 70 -10.62 -0.38 -3.87
N LEU A 71 -11.49 -1.21 -4.44
CA LEU A 71 -11.16 -2.60 -4.69
C LEU A 71 -10.43 -2.77 -6.02
N VAL A 72 -9.36 -3.57 -6.00
CA VAL A 72 -8.58 -3.82 -7.20
C VAL A 72 -8.51 -5.30 -7.52
N SER A 73 -7.80 -5.65 -8.60
CA SER A 73 -7.65 -7.04 -9.01
C SER A 73 -6.52 -7.71 -8.25
N GLY A 74 -6.66 -9.01 -8.00
CA GLY A 74 -5.64 -9.75 -7.29
C GLY A 74 -4.28 -9.62 -7.95
N THR A 75 -4.25 -9.66 -9.27
CA THR A 75 -3.01 -9.55 -10.02
C THR A 75 -2.64 -8.09 -10.27
N GLN A 76 -3.29 -7.18 -9.53
CA GLN A 76 -3.02 -5.76 -9.68
C GLN A 76 -2.12 -5.27 -8.55
N LEU A 77 -1.01 -4.64 -8.93
CA LEU A 77 -0.05 -4.11 -7.95
C LEU A 77 -0.02 -2.59 -8.00
N SER A 78 -0.94 -2.00 -8.75
CA SER A 78 -1.02 -0.55 -8.88
C SER A 78 -2.47 -0.07 -8.84
N GLN A 79 -2.65 1.21 -8.56
CA GLN A 79 -4.00 1.79 -8.51
C GLN A 79 -3.93 3.32 -8.49
N LEU A 80 -4.75 3.95 -9.30
CA LEU A 80 -4.79 5.42 -9.38
C LEU A 80 -5.95 5.97 -8.58
N ILE A 81 -5.62 6.64 -7.47
CA ILE A 81 -6.65 7.23 -6.61
C ILE A 81 -6.94 8.67 -7.01
N GLU A 82 -8.02 8.86 -7.75
CA GLU A 82 -8.42 10.20 -8.20
C GLU A 82 -9.42 10.82 -7.23
N GLY A 83 -9.63 12.13 -7.37
CA GLY A 83 -10.56 12.83 -6.51
C GLY A 83 -9.92 13.27 -5.21
N LEU A 84 -8.79 13.95 -5.31
CA LEU A 84 -8.07 14.43 -4.13
C LEU A 84 -7.93 15.95 -4.14
N ASP A 85 -7.42 16.50 -3.07
CA ASP A 85 -7.23 17.95 -2.96
C ASP A 85 -5.76 18.33 -3.14
N ARG A 86 -5.51 19.61 -3.41
CA ARG A 86 -4.15 20.09 -3.60
C ARG A 86 -3.53 20.52 -2.27
N GLY A 87 -2.21 20.63 -2.25
CA GLY A 87 -1.51 21.04 -1.04
C GLY A 87 -2.18 20.50 0.21
N THR A 88 -2.36 19.18 0.26
CA THR A 88 -2.99 18.54 1.41
C THR A 88 -2.46 17.12 1.62
N GLU A 89 -2.13 16.80 2.86
CA GLU A 89 -1.62 15.47 3.18
C GLU A 89 -2.71 14.41 3.04
N TYR A 90 -2.32 13.24 2.55
CA TYR A 90 -3.27 12.14 2.36
C TYR A 90 -2.68 10.83 2.85
N ASN A 91 -3.49 10.04 3.54
CA ASN A 91 -3.05 8.76 4.07
C ASN A 91 -3.46 7.61 3.14
N PHE A 92 -2.53 6.69 2.90
CA PHE A 92 -2.79 5.55 2.03
C PHE A 92 -2.31 4.25 2.67
N ARG A 93 -3.08 3.18 2.48
CA ARG A 93 -2.73 1.88 3.05
C ARG A 93 -3.24 0.76 2.16
N VAL A 94 -2.41 -0.27 1.96
CA VAL A 94 -2.78 -1.41 1.14
C VAL A 94 -2.88 -2.68 1.97
N ALA A 95 -3.84 -3.53 1.63
CA ALA A 95 -4.03 -4.79 2.35
C ALA A 95 -4.44 -5.90 1.40
N ALA A 96 -4.02 -7.13 1.70
CA ALA A 96 -4.34 -8.28 0.87
C ALA A 96 -5.62 -8.97 1.35
N LEU A 97 -6.42 -9.44 0.40
CA LEU A 97 -7.67 -10.12 0.74
C LEU A 97 -7.67 -11.55 0.22
N THR A 98 -8.09 -12.48 1.07
CA THR A 98 -8.13 -13.90 0.70
C THR A 98 -9.42 -14.54 1.17
N ILE A 99 -9.62 -15.80 0.80
CA ILE A 99 -10.82 -16.54 1.19
C ILE A 99 -10.93 -16.63 2.71
N ASN A 100 -9.81 -16.43 3.40
CA ASN A 100 -9.80 -16.48 4.85
C ASN A 100 -10.28 -15.17 5.46
N GLY A 101 -10.46 -14.16 4.60
CA GLY A 101 -10.92 -12.87 5.07
C GLY A 101 -10.02 -11.74 4.63
N THR A 102 -9.79 -10.79 5.53
CA THR A 102 -8.94 -9.65 5.23
C THR A 102 -7.50 -9.88 5.70
N GLY A 103 -6.55 -9.26 5.01
CA GLY A 103 -5.15 -9.41 5.36
C GLY A 103 -4.59 -8.20 6.08
N PRO A 104 -3.27 -8.18 6.26
CA PRO A 104 -2.58 -7.06 6.92
C PRO A 104 -2.59 -5.78 6.09
N ALA A 105 -2.43 -4.64 6.76
CA ALA A 105 -2.41 -3.35 6.08
C ALA A 105 -1.06 -2.68 6.21
N THR A 106 -0.58 -2.08 5.11
CA THR A 106 0.70 -1.41 5.11
C THR A 106 0.65 -0.12 5.93
N ASP A 107 1.68 0.09 6.75
CA ASP A 107 1.75 1.28 7.59
C ASP A 107 1.13 2.48 6.89
N TRP A 108 0.43 3.31 7.66
CA TRP A 108 -0.22 4.50 7.11
C TRP A 108 0.81 5.46 6.52
N LEU A 109 0.91 5.48 5.20
CA LEU A 109 1.86 6.36 4.51
C LEU A 109 1.19 7.66 4.10
N SER A 110 1.67 8.77 4.67
CA SER A 110 1.12 10.09 4.36
C SER A 110 1.82 10.70 3.16
N ALA A 111 1.07 11.42 2.34
CA ALA A 111 1.61 12.07 1.15
C ALA A 111 1.00 13.45 0.95
N GLU A 112 1.86 14.44 0.70
CA GLU A 112 1.39 15.81 0.48
C GLU A 112 1.33 16.13 -1.00
N THR A 113 0.12 16.33 -1.50
CA THR A 113 -0.08 16.66 -2.91
C THR A 113 0.61 17.96 -3.30
N PHE A 114 0.73 18.20 -4.60
CA PHE A 114 1.39 19.40 -5.09
C PHE A 114 0.44 20.60 -5.00
N GLU A 115 0.91 21.67 -4.37
CA GLU A 115 0.12 22.89 -4.22
C GLU A 115 -0.55 23.26 -5.54
N SER A 116 0.02 22.78 -6.64
CA SER A 116 -0.53 23.08 -7.96
C SER A 116 -0.04 22.06 -8.99
N ASP A 117 -0.75 21.96 -10.10
CA ASP A 117 -0.39 21.03 -11.16
C ASP A 117 1.07 21.19 -11.56
N LEU A 118 1.53 22.43 -11.63
CA LEU A 118 2.92 22.72 -11.99
C LEU A 118 3.87 21.65 -11.42
N ASP A 119 4.55 20.94 -12.31
CA ASP A 119 5.48 19.91 -11.90
C ASP A 119 6.65 19.81 -12.88
N GLU A 120 7.86 19.99 -12.36
CA GLU A 120 9.06 19.93 -13.19
C GLU A 120 9.65 18.52 -13.18
N THR A 121 10.17 18.09 -14.33
CA THR A 121 10.77 16.77 -14.46
C THR A 121 12.29 16.84 -14.34
N ARG A 122 12.86 15.92 -13.57
CA ARG A 122 14.31 15.88 -13.38
C ARG A 122 14.88 14.54 -13.83
N VAL A 123 16.16 14.55 -14.21
CA VAL A 123 16.82 13.33 -14.66
C VAL A 123 18.00 12.98 -13.76
N PRO A 124 18.03 11.72 -13.31
CA PRO A 124 19.11 11.22 -12.43
C PRO A 124 20.44 11.11 -13.15
N GLU A 125 21.52 11.03 -12.38
CA GLU A 125 22.86 10.91 -12.95
C GLU A 125 23.47 9.55 -12.64
N VAL A 126 24.53 9.21 -13.38
CA VAL A 126 25.19 7.93 -13.18
C VAL A 126 26.35 8.06 -12.19
N SER A 127 26.45 7.10 -11.27
CA SER A 127 27.50 7.10 -10.26
C SER A 127 28.60 6.11 -10.61
N GLY A 128 29.71 6.20 -9.89
CA GLY A 128 30.82 5.29 -10.14
C GLY A 128 31.32 4.63 -8.88
N PRO A 129 32.11 3.55 -9.04
CA PRO A 129 32.66 2.80 -7.92
C PRO A 129 33.73 3.58 -7.16
N SER A 130 33.95 3.20 -5.90
CA SER A 130 34.95 3.87 -5.07
C SER A 130 36.28 3.12 -5.09
N SER A 131 36.23 1.84 -4.76
CA SER A 131 37.43 1.01 -4.73
C SER A 131 37.17 -0.34 -5.39
N GLY A 132 38.21 -1.16 -5.49
CA GLY A 132 38.07 -2.47 -6.10
C GLY A 132 37.76 -3.54 -5.08
N GLY A 1 15.34 -39.11 23.64
CA GLY A 1 13.99 -38.62 23.68
C GLY A 1 13.91 -37.10 23.52
N SER A 2 12.75 -36.54 23.81
CA SER A 2 12.55 -35.10 23.70
C SER A 2 11.41 -34.63 24.59
N SER A 3 11.44 -33.36 24.97
CA SER A 3 10.41 -32.79 25.83
C SER A 3 10.59 -31.28 25.97
N GLY A 4 9.51 -30.58 26.26
CA GLY A 4 9.57 -29.13 26.42
C GLY A 4 8.22 -28.54 26.81
N SER A 5 8.20 -27.83 27.93
CA SER A 5 6.98 -27.20 28.42
C SER A 5 7.25 -25.77 28.88
N SER A 6 6.21 -24.95 28.85
CA SER A 6 6.32 -23.55 29.27
C SER A 6 5.07 -23.10 30.01
N GLY A 7 5.25 -22.54 31.19
CA GLY A 7 4.13 -22.06 31.98
C GLY A 7 3.98 -20.56 31.93
N ASP A 8 4.21 -19.98 30.76
CA ASP A 8 4.10 -18.54 30.58
C ASP A 8 3.21 -18.20 29.39
N VAL A 9 2.15 -17.43 29.64
CA VAL A 9 1.23 -17.04 28.57
C VAL A 9 1.78 -15.88 27.76
N ALA A 10 1.75 -16.01 26.44
CA ALA A 10 2.24 -14.97 25.55
C ALA A 10 1.74 -15.17 24.13
N VAL A 11 0.88 -14.26 23.67
CA VAL A 11 0.33 -14.35 22.33
C VAL A 11 -0.20 -12.98 21.87
N ARG A 12 0.11 -12.63 20.62
CA ARG A 12 -0.33 -11.36 20.06
C ARG A 12 -1.29 -11.58 18.90
N THR A 13 -0.81 -12.28 17.87
CA THR A 13 -1.63 -12.57 16.69
C THR A 13 -1.90 -14.06 16.56
N LEU A 14 -3.08 -14.40 16.07
CA LEU A 14 -3.47 -15.79 15.90
C LEU A 14 -4.82 -15.90 15.20
N SER A 15 -4.81 -16.37 13.95
CA SER A 15 -6.03 -16.53 13.18
C SER A 15 -5.74 -17.20 11.84
N ASP A 16 -6.80 -17.59 11.14
CA ASP A 16 -6.67 -18.25 9.85
C ASP A 16 -6.24 -17.26 8.78
N VAL A 17 -6.96 -16.13 8.70
CA VAL A 17 -6.66 -15.10 7.71
C VAL A 17 -5.16 -14.93 7.53
N PRO A 18 -4.77 -14.43 6.36
CA PRO A 18 -3.35 -14.21 6.03
C PRO A 18 -2.74 -13.07 6.83
N SER A 19 -1.46 -13.20 7.16
CA SER A 19 -0.76 -12.18 7.92
C SER A 19 0.48 -11.69 7.18
N ALA A 20 0.35 -11.55 5.86
CA ALA A 20 1.46 -11.09 5.03
C ALA A 20 1.07 -9.86 4.22
N ALA A 21 1.65 -8.71 4.58
CA ALA A 21 1.36 -7.47 3.89
C ALA A 21 2.39 -7.20 2.79
N PRO A 22 2.00 -6.35 1.82
CA PRO A 22 2.87 -5.99 0.69
C PRO A 22 4.04 -5.11 1.13
N GLN A 23 5.22 -5.40 0.59
CA GLN A 23 6.41 -4.63 0.91
C GLN A 23 6.76 -3.65 -0.21
N ASN A 24 7.88 -2.95 -0.05
CA ASN A 24 8.32 -1.99 -1.05
C ASN A 24 7.18 -1.06 -1.46
N LEU A 25 6.38 -0.64 -0.49
CA LEU A 25 5.25 0.25 -0.75
C LEU A 25 5.73 1.62 -1.21
N SER A 26 4.86 2.33 -1.91
CA SER A 26 5.20 3.67 -2.41
C SER A 26 3.98 4.33 -3.03
N LEU A 27 4.02 5.67 -3.13
CA LEU A 27 2.92 6.42 -3.71
C LEU A 27 3.42 7.36 -4.80
N GLU A 28 3.16 7.00 -6.05
CA GLU A 28 3.58 7.81 -7.19
C GLU A 28 2.56 8.90 -7.50
N VAL A 29 2.61 9.99 -6.74
CA VAL A 29 1.70 11.10 -6.94
C VAL A 29 1.67 11.56 -8.39
N ARG A 30 0.80 10.95 -9.19
CA ARG A 30 0.69 11.29 -10.60
C ARG A 30 0.35 12.76 -10.77
N ASN A 31 -0.72 13.20 -10.13
CA ASN A 31 -1.14 14.60 -10.22
C ASN A 31 -1.51 15.14 -8.85
N SER A 32 -1.97 16.39 -8.81
CA SER A 32 -2.35 17.02 -7.55
C SER A 32 -3.70 16.50 -7.07
N LYS A 33 -4.55 16.10 -8.01
CA LYS A 33 -5.87 15.57 -7.69
C LYS A 33 -5.88 14.05 -7.75
N SER A 34 -4.86 13.48 -8.38
CA SER A 34 -4.74 12.03 -8.52
C SER A 34 -3.46 11.52 -7.88
N ILE A 35 -3.55 10.38 -7.21
CA ILE A 35 -2.39 9.79 -6.54
C ILE A 35 -2.34 8.28 -6.80
N MET A 36 -1.33 7.86 -7.55
CA MET A 36 -1.15 6.44 -7.88
C MET A 36 -0.44 5.72 -6.73
N ILE A 37 -0.83 4.47 -6.51
CA ILE A 37 -0.23 3.67 -5.45
C ILE A 37 0.48 2.45 -6.02
N HIS A 38 1.70 2.23 -5.55
CA HIS A 38 2.51 1.09 -6.01
C HIS A 38 2.96 0.23 -4.83
N TRP A 39 2.59 -1.04 -4.86
CA TRP A 39 2.96 -1.96 -3.79
C TRP A 39 3.37 -3.32 -4.37
N GLN A 40 4.16 -4.07 -3.61
CA GLN A 40 4.63 -5.38 -4.05
C GLN A 40 4.02 -6.48 -3.18
N PRO A 41 3.80 -7.65 -3.78
CA PRO A 41 3.23 -8.81 -3.09
C PRO A 41 4.18 -9.40 -2.07
N PRO A 42 3.63 -9.89 -0.94
CA PRO A 42 4.43 -10.49 0.13
C PRO A 42 5.01 -11.85 -0.28
N ALA A 43 5.93 -12.36 0.54
CA ALA A 43 6.56 -13.64 0.27
C ALA A 43 5.53 -14.74 0.08
N PRO A 44 5.88 -15.75 -0.73
CA PRO A 44 4.98 -16.88 -1.02
C PRO A 44 4.80 -17.78 0.19
N ALA A 45 5.88 -18.01 0.93
CA ALA A 45 5.84 -18.86 2.12
C ALA A 45 4.85 -18.31 3.14
N THR A 46 4.91 -17.01 3.39
CA THR A 46 4.02 -16.36 4.34
C THR A 46 2.57 -16.46 3.90
N GLN A 47 2.36 -16.40 2.58
CA GLN A 47 1.01 -16.47 2.03
C GLN A 47 0.31 -17.77 2.44
N ASN A 48 -0.78 -17.62 3.18
CA ASN A 48 -1.54 -18.79 3.65
C ASN A 48 -2.42 -19.35 2.53
N GLY A 49 -2.88 -18.46 1.65
CA GLY A 49 -3.73 -18.88 0.55
C GLY A 49 -3.57 -18.00 -0.68
N GLN A 50 -4.28 -18.33 -1.74
CA GLN A 50 -4.21 -17.57 -2.98
C GLN A 50 -4.92 -16.23 -2.83
N ILE A 51 -4.22 -15.15 -3.18
CA ILE A 51 -4.78 -13.81 -3.08
C ILE A 51 -5.85 -13.58 -4.14
N THR A 52 -6.83 -12.74 -3.82
CA THR A 52 -7.91 -12.43 -4.74
C THR A 52 -7.92 -10.96 -5.11
N GLY A 53 -7.69 -10.11 -4.12
CA GLY A 53 -7.68 -8.67 -4.36
C GLY A 53 -7.01 -7.91 -3.24
N TYR A 54 -6.90 -6.59 -3.41
CA TYR A 54 -6.27 -5.74 -2.40
C TYR A 54 -7.23 -4.61 -1.98
N LYS A 55 -7.23 -4.31 -0.69
CA LYS A 55 -8.08 -3.25 -0.16
C LYS A 55 -7.28 -1.97 0.08
N ILE A 56 -7.41 -1.02 -0.83
CA ILE A 56 -6.70 0.24 -0.71
C ILE A 56 -7.60 1.33 -0.13
N ARG A 57 -7.33 1.71 1.11
CA ARG A 57 -8.12 2.73 1.79
C ARG A 57 -7.31 4.01 1.96
N TYR A 58 -7.93 5.15 1.70
CA TYR A 58 -7.26 6.44 1.83
C TYR A 58 -8.19 7.46 2.49
N ARG A 59 -7.61 8.27 3.39
CA ARG A 59 -8.37 9.28 4.10
C ARG A 59 -7.71 10.65 3.96
N LYS A 60 -8.33 11.66 4.57
CA LYS A 60 -7.80 13.02 4.52
C LYS A 60 -7.06 13.36 5.81
N ALA A 61 -5.93 14.05 5.68
CA ALA A 61 -5.13 14.44 6.83
C ALA A 61 -5.91 15.36 7.75
N SER A 62 -6.51 16.40 7.18
CA SER A 62 -7.29 17.36 7.97
C SER A 62 -8.26 16.64 8.88
N ARG A 63 -8.77 15.50 8.43
CA ARG A 63 -9.71 14.71 9.22
C ARG A 63 -9.50 13.22 8.99
N LYS A 64 -9.03 12.53 10.02
CA LYS A 64 -8.79 11.10 9.94
C LYS A 64 -10.10 10.32 9.88
N SER A 65 -11.22 11.05 9.90
CA SER A 65 -12.53 10.42 9.85
C SER A 65 -12.96 10.14 8.42
N ASP A 66 -12.67 11.09 7.53
CA ASP A 66 -13.02 10.95 6.12
C ASP A 66 -12.13 9.91 5.44
N VAL A 67 -12.64 8.69 5.30
CA VAL A 67 -11.89 7.62 4.66
C VAL A 67 -12.71 6.94 3.57
N THR A 68 -12.07 6.72 2.43
CA THR A 68 -12.75 6.08 1.29
C THR A 68 -12.13 4.71 0.99
N GLU A 69 -12.97 3.78 0.57
CA GLU A 69 -12.52 2.43 0.24
C GLU A 69 -12.35 2.26 -1.26
N THR A 70 -11.37 1.44 -1.66
CA THR A 70 -11.12 1.19 -3.07
C THR A 70 -10.65 -0.25 -3.30
N LEU A 71 -11.43 -1.00 -4.06
CA LEU A 71 -11.10 -2.39 -4.35
C LEU A 71 -10.35 -2.49 -5.68
N VAL A 72 -9.54 -3.55 -5.81
CA VAL A 72 -8.77 -3.77 -7.02
C VAL A 72 -8.59 -5.26 -7.30
N SER A 73 -7.98 -5.58 -8.44
CA SER A 73 -7.75 -6.96 -8.82
C SER A 73 -6.53 -7.53 -8.10
N GLY A 74 -6.50 -8.85 -7.93
CA GLY A 74 -5.39 -9.49 -7.26
C GLY A 74 -4.07 -9.24 -7.96
N THR A 75 -4.01 -9.56 -9.25
CA THR A 75 -2.79 -9.37 -10.03
C THR A 75 -2.46 -7.88 -10.18
N GLN A 76 -3.41 -7.03 -9.81
CA GLN A 76 -3.22 -5.59 -9.90
C GLN A 76 -2.44 -5.07 -8.71
N LEU A 77 -1.20 -4.64 -8.96
CA LEU A 77 -0.36 -4.11 -7.90
C LEU A 77 -0.24 -2.60 -7.98
N SER A 78 -1.25 -1.97 -8.58
CA SER A 78 -1.26 -0.52 -8.74
C SER A 78 -2.70 0.01 -8.80
N GLN A 79 -2.89 1.23 -8.32
CA GLN A 79 -4.22 1.85 -8.32
C GLN A 79 -4.11 3.36 -8.44
N LEU A 80 -5.00 3.95 -9.23
CA LEU A 80 -5.00 5.40 -9.44
C LEU A 80 -6.19 6.04 -8.74
N ILE A 81 -5.92 6.78 -7.67
CA ILE A 81 -6.97 7.45 -6.92
C ILE A 81 -7.11 8.90 -7.34
N GLU A 82 -8.18 9.21 -8.06
CA GLU A 82 -8.42 10.57 -8.53
C GLU A 82 -9.50 11.26 -7.69
N GLY A 83 -9.60 12.57 -7.83
CA GLY A 83 -10.59 13.32 -7.07
C GLY A 83 -10.06 13.82 -5.74
N LEU A 84 -8.83 14.31 -5.75
CA LEU A 84 -8.19 14.82 -4.54
C LEU A 84 -7.91 16.32 -4.66
N ASP A 85 -7.53 16.93 -3.55
CA ASP A 85 -7.22 18.36 -3.52
C ASP A 85 -5.72 18.59 -3.52
N ARG A 86 -5.30 19.70 -4.12
CA ARG A 86 -3.87 20.04 -4.19
C ARG A 86 -3.38 20.56 -2.85
N GLY A 87 -2.06 20.57 -2.68
CA GLY A 87 -1.47 21.04 -1.43
C GLY A 87 -2.19 20.51 -0.22
N THR A 88 -2.37 19.19 -0.17
CA THR A 88 -3.07 18.56 0.96
C THR A 88 -2.49 17.18 1.23
N GLU A 89 -2.17 16.91 2.50
CA GLU A 89 -1.62 15.62 2.89
C GLU A 89 -2.70 14.54 2.89
N TYR A 90 -2.40 13.41 2.26
CA TYR A 90 -3.34 12.31 2.19
C TYR A 90 -2.71 11.02 2.71
N ASN A 91 -3.54 10.16 3.29
CA ASN A 91 -3.07 8.88 3.83
C ASN A 91 -3.55 7.71 2.97
N PHE A 92 -2.68 6.74 2.77
CA PHE A 92 -3.03 5.57 1.98
C PHE A 92 -2.55 4.29 2.65
N ARG A 93 -3.24 3.18 2.38
CA ARG A 93 -2.89 1.89 2.97
C ARG A 93 -3.35 0.74 2.07
N VAL A 94 -2.46 -0.20 1.83
CA VAL A 94 -2.77 -1.35 1.00
C VAL A 94 -2.81 -2.64 1.81
N ALA A 95 -3.77 -3.50 1.51
CA ALA A 95 -3.92 -4.76 2.21
C ALA A 95 -4.34 -5.88 1.26
N ALA A 96 -3.85 -7.09 1.52
CA ALA A 96 -4.19 -8.24 0.68
C ALA A 96 -5.46 -8.92 1.17
N LEU A 97 -6.25 -9.43 0.22
CA LEU A 97 -7.49 -10.11 0.55
C LEU A 97 -7.50 -11.53 0.01
N THR A 98 -7.93 -12.48 0.83
CA THR A 98 -7.99 -13.88 0.43
C THR A 98 -9.32 -14.51 0.82
N ILE A 99 -9.54 -15.74 0.38
CA ILE A 99 -10.78 -16.45 0.68
C ILE A 99 -11.06 -16.43 2.18
N ASN A 100 -10.01 -16.54 2.99
CA ASN A 100 -10.14 -16.53 4.44
C ASN A 100 -10.85 -15.27 4.91
N GLY A 101 -10.76 -14.21 4.11
CA GLY A 101 -11.40 -12.96 4.46
C GLY A 101 -10.57 -11.76 4.06
N THR A 102 -9.88 -11.16 5.02
CA THR A 102 -9.04 -9.99 4.77
C THR A 102 -7.59 -10.26 5.14
N GLY A 103 -6.73 -9.28 4.88
CA GLY A 103 -5.32 -9.43 5.22
C GLY A 103 -4.74 -8.20 5.89
N PRO A 104 -3.43 -8.21 6.11
CA PRO A 104 -2.73 -7.09 6.75
C PRO A 104 -2.68 -5.85 5.88
N ALA A 105 -2.60 -4.69 6.51
CA ALA A 105 -2.55 -3.42 5.79
C ALA A 105 -1.21 -2.72 6.00
N THR A 106 -0.76 -1.99 4.99
CA THR A 106 0.51 -1.27 5.06
C THR A 106 0.39 -0.03 5.94
N ASP A 107 1.36 0.15 6.84
CA ASP A 107 1.36 1.29 7.74
C ASP A 107 0.87 2.54 7.02
N TRP A 108 0.05 3.33 7.72
CA TRP A 108 -0.48 4.56 7.14
C TRP A 108 0.63 5.43 6.57
N LEU A 109 0.73 5.44 5.24
CA LEU A 109 1.74 6.24 4.56
C LEU A 109 1.17 7.55 4.05
N SER A 110 1.63 8.65 4.65
CA SER A 110 1.15 9.98 4.26
C SER A 110 1.89 10.47 3.02
N ALA A 111 1.18 11.25 2.20
CA ALA A 111 1.77 11.80 0.98
C ALA A 111 1.18 13.16 0.65
N GLU A 112 2.05 14.13 0.38
CA GLU A 112 1.62 15.48 0.06
C GLU A 112 1.64 15.72 -1.45
N THR A 113 0.49 16.08 -2.01
CA THR A 113 0.38 16.32 -3.45
C THR A 113 1.14 17.59 -3.84
N PHE A 114 1.28 17.81 -5.14
CA PHE A 114 1.98 18.97 -5.65
C PHE A 114 1.05 20.19 -5.71
N GLU A 115 1.44 21.24 -5.00
CA GLU A 115 0.64 22.46 -4.96
C GLU A 115 0.03 22.76 -6.32
N SER A 116 0.78 22.46 -7.38
CA SER A 116 0.31 22.70 -8.74
C SER A 116 0.92 21.69 -9.71
N ASP A 117 0.48 21.73 -10.96
CA ASP A 117 0.97 20.83 -11.98
C ASP A 117 2.44 21.09 -12.28
N LEU A 118 2.82 22.37 -12.27
CA LEU A 118 4.19 22.77 -12.55
C LEU A 118 5.15 22.10 -11.57
N ASP A 119 6.01 21.23 -12.10
CA ASP A 119 6.99 20.53 -11.27
C ASP A 119 8.03 19.83 -12.15
N GLU A 120 9.30 20.15 -11.91
CA GLU A 120 10.39 19.55 -12.67
C GLU A 120 10.90 18.29 -12.00
N THR A 121 11.37 17.34 -12.81
CA THR A 121 11.88 16.08 -12.30
C THR A 121 13.37 15.92 -12.60
N ARG A 122 14.11 15.40 -11.63
CA ARG A 122 15.54 15.19 -11.80
C ARG A 122 15.90 13.71 -11.67
N VAL A 123 17.12 13.37 -12.09
CA VAL A 123 17.58 11.99 -12.04
C VAL A 123 19.09 11.92 -11.83
N PRO A 124 19.51 11.19 -10.78
CA PRO A 124 20.93 11.03 -10.45
C PRO A 124 21.67 10.18 -11.48
N GLU A 125 22.95 9.93 -11.22
CA GLU A 125 23.77 9.12 -12.12
C GLU A 125 24.52 8.04 -11.36
N VAL A 126 25.24 7.20 -12.08
CA VAL A 126 25.99 6.11 -11.47
C VAL A 126 26.84 5.38 -12.51
N SER A 127 28.05 4.98 -12.10
CA SER A 127 28.97 4.29 -12.99
C SER A 127 29.51 3.03 -12.33
N GLY A 128 30.24 2.22 -13.11
CA GLY A 128 30.81 1.00 -12.58
C GLY A 128 31.54 0.20 -13.63
N PRO A 129 32.82 0.56 -13.87
CA PRO A 129 33.66 -0.12 -14.87
C PRO A 129 34.03 -1.53 -14.44
N SER A 130 34.95 -2.14 -15.19
CA SER A 130 35.39 -3.49 -14.89
C SER A 130 34.23 -4.48 -14.99
N SER A 131 33.49 -4.42 -16.09
CA SER A 131 32.36 -5.30 -16.30
C SER A 131 32.75 -6.76 -16.07
N GLY A 132 33.76 -7.21 -16.80
CA GLY A 132 34.21 -8.58 -16.65
C GLY A 132 33.38 -9.56 -17.45
N GLY A 1 35.18 -23.13 -11.30
CA GLY A 1 34.26 -23.48 -10.23
C GLY A 1 33.03 -22.58 -10.21
N SER A 2 32.02 -22.97 -9.44
CA SER A 2 30.79 -22.20 -9.34
C SER A 2 29.94 -22.68 -8.17
N SER A 3 29.21 -21.75 -7.56
CA SER A 3 28.36 -22.07 -6.42
C SER A 3 27.33 -20.97 -6.17
N GLY A 4 26.45 -21.20 -5.20
CA GLY A 4 25.43 -20.22 -4.89
C GLY A 4 24.15 -20.86 -4.39
N SER A 5 23.83 -20.63 -3.12
CA SER A 5 22.64 -21.19 -2.52
C SER A 5 22.38 -20.58 -1.14
N SER A 6 21.17 -20.06 -0.95
CA SER A 6 20.79 -19.43 0.31
C SER A 6 19.31 -19.07 0.32
N GLY A 7 18.81 -18.68 1.48
CA GLY A 7 17.42 -18.30 1.61
C GLY A 7 16.64 -19.24 2.51
N ASP A 8 16.08 -18.70 3.58
CA ASP A 8 15.31 -19.50 4.52
C ASP A 8 14.21 -18.66 5.18
N VAL A 9 12.96 -18.97 4.86
CA VAL A 9 11.83 -18.25 5.42
C VAL A 9 10.64 -19.18 5.66
N ALA A 10 9.99 -19.02 6.80
CA ALA A 10 8.83 -19.84 7.15
C ALA A 10 8.16 -19.33 8.42
N VAL A 11 6.83 -19.29 8.40
CA VAL A 11 6.06 -18.83 9.54
C VAL A 11 4.69 -19.50 9.59
N ARG A 12 4.32 -19.99 10.78
CA ARG A 12 3.04 -20.65 10.96
C ARG A 12 2.13 -19.84 11.87
N THR A 13 1.22 -19.08 11.27
CA THR A 13 0.29 -18.26 12.03
C THR A 13 -0.91 -19.07 12.50
N LEU A 14 -1.37 -18.78 13.71
CA LEU A 14 -2.51 -19.49 14.28
C LEU A 14 -3.81 -18.73 13.99
N SER A 15 -4.01 -18.38 12.73
CA SER A 15 -5.21 -17.66 12.31
C SER A 15 -5.62 -18.06 10.90
N ASP A 16 -6.92 -17.97 10.61
CA ASP A 16 -7.44 -18.31 9.30
C ASP A 16 -6.99 -17.30 8.25
N VAL A 17 -7.29 -16.03 8.50
CA VAL A 17 -6.91 -14.96 7.57
C VAL A 17 -5.40 -14.89 7.41
N PRO A 18 -4.96 -14.39 6.24
CA PRO A 18 -3.53 -14.26 5.93
C PRO A 18 -2.85 -13.17 6.76
N SER A 19 -1.61 -13.43 7.18
CA SER A 19 -0.87 -12.48 7.98
C SER A 19 0.38 -11.98 7.23
N ALA A 20 0.15 -11.39 6.06
CA ALA A 20 1.24 -10.87 5.25
C ALA A 20 0.80 -9.64 4.45
N ALA A 21 1.53 -8.55 4.63
CA ALA A 21 1.21 -7.31 3.93
C ALA A 21 2.22 -7.03 2.82
N PRO A 22 1.82 -6.21 1.84
CA PRO A 22 2.67 -5.85 0.70
C PRO A 22 3.82 -4.95 1.11
N GLN A 23 5.03 -5.28 0.67
CA GLN A 23 6.22 -4.50 0.98
C GLN A 23 6.61 -3.59 -0.18
N ASN A 24 7.70 -2.87 -0.02
CA ASN A 24 8.18 -1.96 -1.06
C ASN A 24 7.07 -1.04 -1.53
N LEU A 25 6.23 -0.61 -0.60
CA LEU A 25 5.11 0.28 -0.90
C LEU A 25 5.63 1.62 -1.41
N SER A 26 4.78 2.33 -2.15
CA SER A 26 5.15 3.64 -2.69
C SER A 26 3.92 4.36 -3.23
N LEU A 27 3.98 5.69 -3.24
CA LEU A 27 2.87 6.51 -3.72
C LEU A 27 3.34 7.46 -4.82
N GLU A 28 3.17 7.06 -6.08
CA GLU A 28 3.58 7.87 -7.21
C GLU A 28 2.52 8.93 -7.52
N VAL A 29 2.68 10.11 -6.92
CA VAL A 29 1.74 11.21 -7.13
C VAL A 29 1.67 11.59 -8.61
N ARG A 30 0.78 10.95 -9.34
CA ARG A 30 0.61 11.23 -10.76
C ARG A 30 0.20 12.67 -10.99
N ASN A 31 -0.86 13.10 -10.30
CA ASN A 31 -1.36 14.47 -10.42
C ASN A 31 -1.65 15.06 -9.06
N SER A 32 -2.08 16.32 -9.04
CA SER A 32 -2.38 17.02 -7.80
C SER A 32 -3.72 16.54 -7.23
N LYS A 33 -4.55 15.95 -8.09
CA LYS A 33 -5.85 15.45 -7.68
C LYS A 33 -5.87 13.93 -7.68
N SER A 34 -4.88 13.32 -8.33
CA SER A 34 -4.79 11.88 -8.40
C SER A 34 -3.46 11.38 -7.85
N ILE A 35 -3.48 10.23 -7.19
CA ILE A 35 -2.27 9.65 -6.61
C ILE A 35 -2.19 8.16 -6.90
N MET A 36 -1.16 7.76 -7.64
CA MET A 36 -0.97 6.35 -7.98
C MET A 36 -0.24 5.61 -6.87
N ILE A 37 -0.73 4.42 -6.53
CA ILE A 37 -0.13 3.62 -5.47
C ILE A 37 0.58 2.40 -6.05
N HIS A 38 1.85 2.23 -5.67
CA HIS A 38 2.64 1.10 -6.15
C HIS A 38 3.10 0.23 -4.99
N TRP A 39 2.76 -1.06 -5.05
CA TRP A 39 3.15 -1.99 -3.99
C TRP A 39 3.58 -3.33 -4.59
N GLN A 40 4.07 -4.23 -3.74
CA GLN A 40 4.51 -5.54 -4.19
C GLN A 40 3.92 -6.64 -3.31
N PRO A 41 3.77 -7.84 -3.88
CA PRO A 41 3.22 -9.00 -3.17
C PRO A 41 4.16 -9.52 -2.09
N PRO A 42 3.59 -9.93 -0.94
CA PRO A 42 4.36 -10.46 0.19
C PRO A 42 4.97 -11.81 -0.11
N ALA A 43 5.84 -12.28 0.78
CA ALA A 43 6.50 -13.57 0.62
C ALA A 43 5.47 -14.70 0.54
N PRO A 44 5.85 -15.79 -0.15
CA PRO A 44 4.98 -16.96 -0.31
C PRO A 44 4.78 -17.71 1.00
N ALA A 45 5.88 -17.97 1.70
CA ALA A 45 5.83 -18.69 2.96
C ALA A 45 4.73 -18.14 3.87
N THR A 46 4.72 -16.82 4.05
CA THR A 46 3.72 -16.17 4.88
C THR A 46 2.32 -16.35 4.30
N GLN A 47 2.18 -16.12 3.00
CA GLN A 47 0.90 -16.26 2.33
C GLN A 47 0.19 -17.53 2.76
N ASN A 48 -1.01 -17.38 3.30
CA ASN A 48 -1.79 -18.53 3.75
C ASN A 48 -2.86 -18.90 2.72
N GLY A 49 -2.53 -18.73 1.44
CA GLY A 49 -3.46 -19.06 0.38
C GLY A 49 -3.16 -18.33 -0.90
N GLN A 50 -4.21 -17.82 -1.57
CA GLN A 50 -4.04 -17.10 -2.82
C GLN A 50 -4.67 -15.71 -2.72
N ILE A 51 -3.98 -14.72 -3.28
CA ILE A 51 -4.48 -13.34 -3.26
C ILE A 51 -5.54 -13.13 -4.33
N THR A 52 -6.69 -12.60 -3.91
CA THR A 52 -7.79 -12.35 -4.83
C THR A 52 -7.91 -10.86 -5.16
N GLY A 53 -7.66 -10.02 -4.16
CA GLY A 53 -7.74 -8.58 -4.36
C GLY A 53 -7.11 -7.80 -3.23
N TYR A 54 -6.96 -6.49 -3.43
CA TYR A 54 -6.36 -5.63 -2.42
C TYR A 54 -7.31 -4.52 -2.01
N LYS A 55 -7.31 -4.19 -0.73
CA LYS A 55 -8.17 -3.13 -0.20
C LYS A 55 -7.37 -1.87 0.10
N ILE A 56 -7.43 -0.90 -0.80
CA ILE A 56 -6.71 0.35 -0.62
C ILE A 56 -7.62 1.43 -0.03
N ARG A 57 -7.33 1.84 1.20
CA ARG A 57 -8.11 2.86 1.89
C ARG A 57 -7.28 4.12 2.13
N TYR A 58 -7.88 5.27 1.91
CA TYR A 58 -7.19 6.54 2.10
C TYR A 58 -8.09 7.54 2.84
N ARG A 59 -7.49 8.31 3.74
CA ARG A 59 -8.24 9.29 4.52
C ARG A 59 -7.55 10.66 4.45
N LYS A 60 -8.16 11.65 5.09
CA LYS A 60 -7.61 13.00 5.10
C LYS A 60 -6.88 13.28 6.41
N ALA A 61 -5.73 13.93 6.33
CA ALA A 61 -4.94 14.26 7.51
C ALA A 61 -5.79 14.97 8.54
N SER A 62 -6.57 15.96 8.10
CA SER A 62 -7.43 16.72 9.00
C SER A 62 -8.77 16.02 9.19
N ARG A 63 -9.43 15.69 8.08
CA ARG A 63 -10.72 15.01 8.14
C ARG A 63 -10.55 13.50 8.06
N LYS A 64 -9.64 12.97 8.86
CA LYS A 64 -9.37 11.54 8.89
C LYS A 64 -10.68 10.75 8.82
N SER A 65 -11.69 11.23 9.55
CA SER A 65 -12.98 10.56 9.59
C SER A 65 -13.44 10.20 8.18
N ASP A 66 -13.28 11.14 7.26
CA ASP A 66 -13.68 10.92 5.87
C ASP A 66 -12.69 10.02 5.14
N VAL A 67 -13.00 8.73 5.11
CA VAL A 67 -12.13 7.75 4.46
C VAL A 67 -12.90 6.92 3.43
N THR A 68 -12.27 6.66 2.29
CA THR A 68 -12.91 5.88 1.24
C THR A 68 -12.20 4.55 1.04
N GLU A 69 -12.96 3.52 0.68
CA GLU A 69 -12.39 2.19 0.47
C GLU A 69 -12.31 1.87 -1.03
N THR A 70 -11.15 1.40 -1.47
CA THR A 70 -10.94 1.06 -2.87
C THR A 70 -10.59 -0.41 -3.02
N LEU A 71 -11.08 -1.02 -4.09
CA LEU A 71 -10.82 -2.43 -4.36
C LEU A 71 -10.17 -2.61 -5.74
N VAL A 72 -9.14 -3.45 -5.80
CA VAL A 72 -8.44 -3.71 -7.05
C VAL A 72 -8.32 -5.19 -7.31
N SER A 73 -7.72 -5.55 -8.44
CA SER A 73 -7.56 -6.95 -8.81
C SER A 73 -6.36 -7.57 -8.10
N GLY A 74 -6.26 -8.89 -8.15
CA GLY A 74 -5.17 -9.59 -7.51
C GLY A 74 -3.83 -9.33 -8.18
N THR A 75 -3.76 -9.66 -9.47
CA THR A 75 -2.54 -9.47 -10.23
C THR A 75 -2.13 -7.99 -10.27
N GLN A 76 -3.11 -7.11 -10.10
CA GLN A 76 -2.85 -5.68 -10.10
C GLN A 76 -2.08 -5.25 -8.86
N LEU A 77 -0.85 -4.80 -9.05
CA LEU A 77 -0.01 -4.36 -7.94
C LEU A 77 0.09 -2.84 -7.90
N SER A 78 -0.95 -2.17 -8.41
CA SER A 78 -0.98 -0.71 -8.43
C SER A 78 -2.40 -0.20 -8.68
N GLN A 79 -2.69 0.99 -8.19
CA GLN A 79 -4.00 1.59 -8.37
C GLN A 79 -3.89 3.10 -8.56
N LEU A 80 -4.95 3.69 -9.12
CA LEU A 80 -4.97 5.14 -9.35
C LEU A 80 -6.13 5.80 -8.61
N ILE A 81 -5.81 6.53 -7.56
CA ILE A 81 -6.82 7.22 -6.77
C ILE A 81 -6.99 8.67 -7.23
N GLU A 82 -8.03 8.92 -8.02
CA GLU A 82 -8.30 10.25 -8.53
C GLU A 82 -9.36 10.94 -7.69
N GLY A 83 -9.48 12.26 -7.85
CA GLY A 83 -10.47 13.02 -7.09
C GLY A 83 -9.93 13.52 -5.78
N LEU A 84 -8.76 14.14 -5.81
CA LEU A 84 -8.12 14.67 -4.62
C LEU A 84 -7.91 16.18 -4.72
N ASP A 85 -7.31 16.76 -3.69
CA ASP A 85 -7.05 18.20 -3.68
C ASP A 85 -5.54 18.47 -3.66
N ARG A 86 -5.14 19.57 -4.30
CA ARG A 86 -3.73 19.94 -4.36
C ARG A 86 -3.25 20.47 -3.01
N GLY A 87 -1.93 20.50 -2.82
CA GLY A 87 -1.38 20.99 -1.58
C GLY A 87 -2.12 20.48 -0.37
N THR A 88 -2.36 19.18 -0.32
CA THR A 88 -3.08 18.57 0.80
C THR A 88 -2.55 17.17 1.09
N GLU A 89 -2.19 16.93 2.34
CA GLU A 89 -1.67 15.63 2.75
C GLU A 89 -2.77 14.58 2.74
N TYR A 90 -2.42 13.36 2.34
CA TYR A 90 -3.37 12.26 2.28
C TYR A 90 -2.72 10.95 2.69
N ASN A 91 -3.44 10.16 3.48
CA ASN A 91 -2.94 8.88 3.94
C ASN A 91 -3.44 7.74 3.06
N PHE A 92 -2.68 6.66 3.00
CA PHE A 92 -3.05 5.49 2.19
C PHE A 92 -2.53 4.20 2.82
N ARG A 93 -3.25 3.11 2.58
CA ARG A 93 -2.86 1.82 3.11
C ARG A 93 -3.34 0.68 2.21
N VAL A 94 -2.40 -0.18 1.81
CA VAL A 94 -2.73 -1.32 0.94
C VAL A 94 -2.82 -2.61 1.74
N ALA A 95 -3.91 -3.36 1.54
CA ALA A 95 -4.10 -4.62 2.24
C ALA A 95 -4.47 -5.72 1.26
N ALA A 96 -4.06 -6.94 1.58
CA ALA A 96 -4.34 -8.10 0.73
C ALA A 96 -5.65 -8.77 1.12
N LEU A 97 -6.31 -9.39 0.15
CA LEU A 97 -7.57 -10.07 0.40
C LEU A 97 -7.54 -11.50 -0.13
N THR A 98 -8.13 -12.41 0.63
CA THR A 98 -8.17 -13.82 0.24
C THR A 98 -9.51 -14.45 0.61
N ILE A 99 -9.66 -15.73 0.29
CA ILE A 99 -10.89 -16.46 0.57
C ILE A 99 -11.16 -16.48 2.08
N ASN A 100 -10.10 -16.48 2.87
CA ASN A 100 -10.23 -16.49 4.33
C ASN A 100 -10.84 -15.20 4.83
N GLY A 101 -10.79 -14.16 4.00
CA GLY A 101 -11.34 -12.88 4.38
C GLY A 101 -10.44 -11.72 3.99
N THR A 102 -10.04 -10.92 4.98
CA THR A 102 -9.18 -9.77 4.74
C THR A 102 -7.76 -10.03 5.24
N GLY A 103 -6.83 -9.19 4.81
CA GLY A 103 -5.44 -9.34 5.24
C GLY A 103 -4.90 -8.08 5.88
N PRO A 104 -3.59 -8.09 6.18
CA PRO A 104 -2.91 -6.95 6.81
C PRO A 104 -2.78 -5.77 5.85
N ALA A 105 -2.56 -4.59 6.41
CA ALA A 105 -2.41 -3.38 5.61
C ALA A 105 -0.98 -2.81 5.72
N THR A 106 -0.75 -1.70 5.04
CA THR A 106 0.56 -1.06 5.06
C THR A 106 0.56 0.19 5.93
N ASP A 107 1.56 0.32 6.79
CA ASP A 107 1.67 1.47 7.67
C ASP A 107 1.09 2.71 7.01
N TRP A 108 0.23 3.43 7.73
CA TRP A 108 -0.39 4.63 7.21
C TRP A 108 0.65 5.55 6.58
N LEU A 109 0.76 5.48 5.26
CA LEU A 109 1.73 6.30 4.52
C LEU A 109 1.06 7.57 3.98
N SER A 110 1.50 8.72 4.48
CA SER A 110 0.95 10.00 4.04
C SER A 110 1.69 10.52 2.81
N ALA A 111 0.99 11.30 2.00
CA ALA A 111 1.57 11.85 0.78
C ALA A 111 0.96 13.22 0.46
N GLU A 112 1.81 14.20 0.21
CA GLU A 112 1.35 15.55 -0.11
C GLU A 112 1.36 15.77 -1.63
N THR A 113 0.18 16.07 -2.18
CA THR A 113 0.05 16.31 -3.61
C THR A 113 0.81 17.56 -4.03
N PHE A 114 0.97 17.74 -5.34
CA PHE A 114 1.68 18.91 -5.87
C PHE A 114 0.81 20.16 -5.75
N GLU A 115 1.24 21.08 -4.89
CA GLU A 115 0.52 22.33 -4.69
C GLU A 115 0.10 22.94 -6.02
N SER A 116 0.82 22.60 -7.08
CA SER A 116 0.54 23.12 -8.40
C SER A 116 1.00 22.14 -9.49
N ASP A 117 0.13 21.89 -10.45
CA ASP A 117 0.45 20.96 -11.54
C ASP A 117 1.76 21.38 -12.22
N LEU A 118 2.87 20.86 -11.71
CA LEU A 118 4.18 21.17 -12.27
C LEU A 118 4.91 19.91 -12.70
N ASP A 119 5.18 19.79 -14.00
CA ASP A 119 5.87 18.63 -14.54
C ASP A 119 7.35 18.64 -14.14
N GLU A 120 7.72 17.71 -13.28
CA GLU A 120 9.10 17.61 -12.81
C GLU A 120 9.77 16.35 -13.36
N THR A 121 11.05 16.46 -13.70
CA THR A 121 11.81 15.33 -14.22
C THR A 121 12.80 14.80 -13.20
N ARG A 122 12.57 13.58 -12.74
CA ARG A 122 13.46 12.95 -11.76
C ARG A 122 13.12 11.48 -11.59
N VAL A 123 14.16 10.65 -11.51
CA VAL A 123 13.98 9.21 -11.36
C VAL A 123 15.11 8.60 -10.52
N PRO A 124 14.73 7.72 -9.58
CA PRO A 124 15.70 7.05 -8.70
C PRO A 124 16.57 6.04 -9.44
N GLU A 125 17.39 5.31 -8.70
CA GLU A 125 18.26 4.30 -9.29
C GLU A 125 18.85 3.39 -8.22
N VAL A 126 18.49 2.11 -8.27
CA VAL A 126 18.98 1.13 -7.31
C VAL A 126 19.60 -0.07 -8.01
N SER A 127 20.77 -0.49 -7.55
CA SER A 127 21.46 -1.63 -8.13
C SER A 127 22.49 -2.20 -7.15
N GLY A 128 22.45 -3.52 -6.97
CA GLY A 128 23.37 -4.17 -6.06
C GLY A 128 22.72 -5.28 -5.26
N PRO A 129 22.48 -6.42 -5.92
CA PRO A 129 21.85 -7.58 -5.28
C PRO A 129 22.76 -8.25 -4.26
N SER A 130 22.28 -9.32 -3.64
CA SER A 130 23.06 -10.05 -2.64
C SER A 130 22.36 -11.35 -2.25
N SER A 131 23.10 -12.45 -2.30
CA SER A 131 22.55 -13.75 -1.95
C SER A 131 22.89 -14.12 -0.52
N GLY A 132 24.16 -14.00 -0.17
CA GLY A 132 24.60 -14.32 1.18
C GLY A 132 26.11 -14.30 1.32
N GLY A 1 23.96 -16.23 28.72
CA GLY A 1 23.51 -16.88 27.50
C GLY A 1 23.51 -15.94 26.32
N SER A 2 23.26 -16.48 25.13
CA SER A 2 23.24 -15.69 23.91
C SER A 2 21.82 -15.59 23.35
N SER A 3 21.47 -14.40 22.88
CA SER A 3 20.14 -14.17 22.31
C SER A 3 20.23 -13.39 21.01
N GLY A 4 19.17 -13.44 20.22
CA GLY A 4 19.14 -12.73 18.94
C GLY A 4 18.31 -13.44 17.91
N SER A 5 17.02 -13.17 17.89
CA SER A 5 16.11 -13.79 16.93
C SER A 5 15.53 -12.76 15.97
N SER A 6 14.80 -11.79 16.52
CA SER A 6 14.18 -10.75 15.71
C SER A 6 13.50 -9.71 16.60
N GLY A 7 13.03 -8.62 15.98
CA GLY A 7 12.38 -7.57 16.73
C GLY A 7 10.92 -7.91 17.04
N ASP A 8 10.67 -9.16 17.38
CA ASP A 8 9.32 -9.61 17.71
C ASP A 8 8.31 -9.01 16.73
N VAL A 9 8.66 -8.99 15.45
CA VAL A 9 7.78 -8.45 14.43
C VAL A 9 6.81 -9.51 13.91
N ALA A 10 6.28 -10.31 14.82
CA ALA A 10 5.34 -11.36 14.46
C ALA A 10 4.03 -11.21 15.22
N VAL A 11 3.03 -12.00 14.83
CA VAL A 11 1.72 -11.96 15.47
C VAL A 11 1.36 -13.31 16.08
N ARG A 12 1.56 -13.43 17.39
CA ARG A 12 1.25 -14.67 18.09
C ARG A 12 -0.12 -15.21 17.67
N THR A 13 -1.13 -14.35 17.73
CA THR A 13 -2.48 -14.75 17.36
C THR A 13 -2.47 -15.70 16.17
N LEU A 14 -3.38 -16.66 16.18
CA LEU A 14 -3.47 -17.64 15.10
C LEU A 14 -4.87 -17.64 14.49
N SER A 15 -5.03 -16.87 13.41
CA SER A 15 -6.32 -16.78 12.73
C SER A 15 -6.19 -17.24 11.28
N ASP A 16 -7.24 -17.89 10.78
CA ASP A 16 -7.26 -18.39 9.41
C ASP A 16 -6.77 -17.32 8.44
N VAL A 17 -7.38 -16.13 8.53
CA VAL A 17 -7.01 -15.02 7.67
C VAL A 17 -5.50 -14.92 7.51
N PRO A 18 -5.06 -14.35 6.38
CA PRO A 18 -3.64 -14.17 6.08
C PRO A 18 -2.99 -13.13 6.97
N SER A 19 -1.69 -13.31 7.26
CA SER A 19 -0.96 -12.38 8.11
C SER A 19 0.28 -11.86 7.39
N ALA A 20 0.12 -11.54 6.11
CA ALA A 20 1.22 -11.02 5.30
C ALA A 20 0.81 -9.77 4.53
N ALA A 21 1.55 -8.69 4.72
CA ALA A 21 1.25 -7.45 4.03
C ALA A 21 2.28 -7.15 2.94
N PRO A 22 1.90 -6.32 1.96
CA PRO A 22 2.77 -5.95 0.85
C PRO A 22 3.92 -5.05 1.30
N GLN A 23 5.11 -5.28 0.73
CA GLN A 23 6.28 -4.49 1.07
C GLN A 23 6.67 -3.56 -0.08
N ASN A 24 7.78 -2.85 0.08
CA ASN A 24 8.25 -1.92 -0.95
C ASN A 24 7.12 -0.99 -1.39
N LEU A 25 6.32 -0.53 -0.44
CA LEU A 25 5.21 0.36 -0.73
C LEU A 25 5.73 1.72 -1.22
N SER A 26 4.94 2.36 -2.09
CA SER A 26 5.31 3.65 -2.64
C SER A 26 4.10 4.35 -3.24
N LEU A 27 4.18 5.68 -3.31
CA LEU A 27 3.08 6.48 -3.88
C LEU A 27 3.59 7.42 -4.94
N GLU A 28 3.38 7.06 -6.21
CA GLU A 28 3.81 7.89 -7.33
C GLU A 28 2.74 8.92 -7.70
N VAL A 29 2.68 9.99 -6.92
CA VAL A 29 1.71 11.05 -7.17
C VAL A 29 1.74 11.51 -8.63
N ARG A 30 0.78 11.04 -9.41
CA ARG A 30 0.70 11.41 -10.82
C ARG A 30 0.32 12.87 -10.99
N ASN A 31 -0.76 13.28 -10.32
CA ASN A 31 -1.24 14.66 -10.39
C ASN A 31 -1.60 15.18 -9.01
N SER A 32 -2.14 16.40 -8.96
CA SER A 32 -2.53 17.02 -7.70
C SER A 32 -3.86 16.47 -7.22
N LYS A 33 -4.70 16.03 -8.15
CA LYS A 33 -6.01 15.48 -7.82
C LYS A 33 -6.00 13.96 -7.93
N SER A 34 -4.85 13.40 -8.30
CA SER A 34 -4.71 11.96 -8.44
C SER A 34 -3.41 11.47 -7.81
N ILE A 35 -3.40 10.21 -7.39
CA ILE A 35 -2.22 9.63 -6.77
C ILE A 35 -2.09 8.15 -7.11
N MET A 36 -0.94 7.75 -7.64
CA MET A 36 -0.69 6.37 -8.00
C MET A 36 -0.09 5.59 -6.84
N ILE A 37 -0.57 4.36 -6.65
CA ILE A 37 -0.08 3.51 -5.56
C ILE A 37 0.63 2.29 -6.11
N HIS A 38 1.92 2.16 -5.80
CA HIS A 38 2.72 1.02 -6.25
C HIS A 38 3.16 0.17 -5.06
N TRP A 39 2.78 -1.11 -5.10
CA TRP A 39 3.14 -2.03 -4.04
C TRP A 39 3.52 -3.39 -4.60
N GLN A 40 4.11 -4.24 -3.76
CA GLN A 40 4.52 -5.57 -4.18
C GLN A 40 3.93 -6.64 -3.26
N PRO A 41 3.78 -7.86 -3.78
CA PRO A 41 3.23 -8.99 -3.03
C PRO A 41 4.18 -9.47 -1.94
N PRO A 42 3.62 -9.91 -0.80
CA PRO A 42 4.39 -10.41 0.33
C PRO A 42 5.05 -11.75 0.04
N ALA A 43 5.95 -12.16 0.93
CA ALA A 43 6.64 -13.44 0.77
C ALA A 43 5.66 -14.59 0.62
N PRO A 44 6.07 -15.63 -0.13
CA PRO A 44 5.24 -16.81 -0.37
C PRO A 44 5.06 -17.65 0.88
N ALA A 45 6.17 -17.92 1.57
CA ALA A 45 6.14 -18.72 2.79
C ALA A 45 5.07 -18.21 3.75
N THR A 46 4.85 -16.91 3.74
CA THR A 46 3.86 -16.29 4.62
C THR A 46 2.46 -16.44 4.05
N GLN A 47 2.31 -16.15 2.76
CA GLN A 47 1.02 -16.24 2.08
C GLN A 47 0.20 -17.40 2.66
N ASN A 48 -1.06 -17.12 2.94
CA ASN A 48 -1.96 -18.13 3.49
C ASN A 48 -3.06 -18.49 2.49
N GLY A 49 -2.68 -18.54 1.21
CA GLY A 49 -3.64 -18.87 0.18
C GLY A 49 -3.47 -18.03 -1.07
N GLN A 50 -4.49 -18.02 -1.92
CA GLN A 50 -4.44 -17.26 -3.16
C GLN A 50 -5.06 -15.88 -2.97
N ILE A 51 -4.34 -14.84 -3.39
CA ILE A 51 -4.82 -13.47 -3.27
C ILE A 51 -5.86 -13.15 -4.33
N THR A 52 -7.01 -12.63 -3.89
CA THR A 52 -8.08 -12.29 -4.80
C THR A 52 -8.01 -10.82 -5.20
N GLY A 53 -7.74 -9.96 -4.23
CA GLY A 53 -7.64 -8.54 -4.51
C GLY A 53 -7.02 -7.76 -3.35
N TYR A 54 -6.82 -6.47 -3.56
CA TYR A 54 -6.23 -5.61 -2.53
C TYR A 54 -7.22 -4.54 -2.08
N LYS A 55 -7.26 -4.29 -0.78
CA LYS A 55 -8.15 -3.29 -0.22
C LYS A 55 -7.38 -2.01 0.14
N ILE A 56 -7.33 -1.08 -0.80
CA ILE A 56 -6.64 0.19 -0.58
C ILE A 56 -7.57 1.23 0.02
N ARG A 57 -7.17 1.78 1.16
CA ARG A 57 -7.97 2.80 1.83
C ARG A 57 -7.14 4.06 2.10
N TYR A 58 -7.78 5.22 1.99
CA TYR A 58 -7.11 6.48 2.22
C TYR A 58 -8.02 7.47 2.96
N ARG A 59 -7.41 8.43 3.63
CA ARG A 59 -8.16 9.42 4.39
C ARG A 59 -7.41 10.76 4.41
N LYS A 60 -8.06 11.78 4.98
CA LYS A 60 -7.46 13.10 5.07
C LYS A 60 -6.80 13.31 6.43
N ALA A 61 -5.58 13.84 6.41
CA ALA A 61 -4.84 14.10 7.65
C ALA A 61 -5.74 14.74 8.70
N SER A 62 -6.48 15.77 8.29
CA SER A 62 -7.38 16.47 9.21
C SER A 62 -8.58 15.61 9.55
N ARG A 63 -9.30 15.17 8.52
CA ARG A 63 -10.48 14.33 8.72
C ARG A 63 -10.16 12.86 8.45
N LYS A 64 -9.62 12.19 9.45
CA LYS A 64 -9.27 10.78 9.32
C LYS A 64 -10.52 9.90 9.39
N SER A 65 -11.40 10.21 10.33
CA SER A 65 -12.63 9.44 10.51
C SER A 65 -13.22 9.05 9.15
N ASP A 66 -13.20 9.98 8.20
CA ASP A 66 -13.72 9.72 6.87
C ASP A 66 -12.69 9.01 6.00
N VAL A 67 -12.97 7.74 5.69
CA VAL A 67 -12.06 6.95 4.87
C VAL A 67 -12.78 6.38 3.66
N THR A 68 -12.05 6.23 2.55
CA THR A 68 -12.62 5.70 1.33
C THR A 68 -12.09 4.29 1.04
N GLU A 69 -12.96 3.41 0.59
CA GLU A 69 -12.57 2.04 0.28
C GLU A 69 -12.31 1.87 -1.22
N THR A 70 -11.27 1.11 -1.56
CA THR A 70 -10.91 0.88 -2.95
C THR A 70 -10.55 -0.58 -3.19
N LEU A 71 -11.32 -1.24 -4.04
CA LEU A 71 -11.07 -2.65 -4.36
C LEU A 71 -10.49 -2.79 -5.76
N VAL A 72 -9.37 -3.50 -5.86
CA VAL A 72 -8.71 -3.72 -7.14
C VAL A 72 -8.53 -5.21 -7.42
N SER A 73 -7.96 -5.53 -8.58
CA SER A 73 -7.74 -6.92 -8.96
C SER A 73 -6.56 -7.51 -8.19
N GLY A 74 -6.55 -8.83 -8.08
CA GLY A 74 -5.48 -9.50 -7.36
C GLY A 74 -4.13 -9.30 -8.01
N THR A 75 -4.02 -9.66 -9.29
CA THR A 75 -2.77 -9.51 -10.03
C THR A 75 -2.39 -8.04 -10.18
N GLN A 76 -3.37 -7.16 -9.95
CA GLN A 76 -3.14 -5.72 -10.07
C GLN A 76 -2.32 -5.21 -8.89
N LEU A 77 -1.09 -4.79 -9.18
CA LEU A 77 -0.20 -4.27 -8.13
C LEU A 77 -0.11 -2.75 -8.21
N SER A 78 -1.18 -2.12 -8.69
CA SER A 78 -1.20 -0.67 -8.82
C SER A 78 -2.64 -0.15 -8.68
N GLN A 79 -2.75 1.09 -8.21
CA GLN A 79 -4.07 1.71 -8.02
C GLN A 79 -3.97 3.22 -8.13
N LEU A 80 -4.86 3.81 -8.92
CA LEU A 80 -4.88 5.26 -9.12
C LEU A 80 -6.09 5.89 -8.44
N ILE A 81 -5.85 6.63 -7.36
CA ILE A 81 -6.93 7.28 -6.62
C ILE A 81 -7.16 8.70 -7.13
N GLU A 82 -8.24 8.87 -7.90
CA GLU A 82 -8.57 10.18 -8.45
C GLU A 82 -9.61 10.89 -7.59
N GLY A 83 -9.71 12.21 -7.75
CA GLY A 83 -10.67 12.98 -6.97
C GLY A 83 -10.05 13.58 -5.72
N LEU A 84 -8.83 14.08 -5.85
CA LEU A 84 -8.13 14.68 -4.73
C LEU A 84 -7.93 16.18 -4.94
N ASP A 85 -7.40 16.86 -3.93
CA ASP A 85 -7.16 18.29 -4.02
C ASP A 85 -5.67 18.60 -3.98
N ARG A 86 -5.30 19.78 -4.44
CA ARG A 86 -3.90 20.19 -4.48
C ARG A 86 -3.47 20.77 -3.13
N GLY A 87 -2.17 20.80 -2.89
CA GLY A 87 -1.65 21.34 -1.64
C GLY A 87 -2.38 20.78 -0.43
N THR A 88 -2.49 19.46 -0.37
CA THR A 88 -3.17 18.80 0.74
C THR A 88 -2.57 17.42 1.01
N GLU A 89 -2.43 17.09 2.29
CA GLU A 89 -1.87 15.80 2.68
C GLU A 89 -2.96 14.73 2.73
N TYR A 90 -2.61 13.52 2.31
CA TYR A 90 -3.56 12.41 2.30
C TYR A 90 -2.86 11.10 2.68
N ASN A 91 -3.53 10.31 3.51
CA ASN A 91 -2.99 9.03 3.96
C ASN A 91 -3.52 7.88 3.11
N PHE A 92 -2.70 6.85 2.93
CA PHE A 92 -3.10 5.69 2.13
C PHE A 92 -2.58 4.40 2.76
N ARG A 93 -3.25 3.30 2.47
CA ARG A 93 -2.86 2.00 3.01
C ARG A 93 -3.30 0.87 2.08
N VAL A 94 -2.42 -0.10 1.87
CA VAL A 94 -2.72 -1.23 1.00
C VAL A 94 -2.87 -2.52 1.82
N ALA A 95 -3.87 -3.32 1.49
CA ALA A 95 -4.12 -4.57 2.18
C ALA A 95 -4.44 -5.69 1.19
N ALA A 96 -4.08 -6.91 1.56
CA ALA A 96 -4.33 -8.08 0.71
C ALA A 96 -5.61 -8.80 1.12
N LEU A 97 -6.29 -9.40 0.15
CA LEU A 97 -7.52 -10.12 0.41
C LEU A 97 -7.43 -11.57 -0.08
N THR A 98 -7.92 -12.49 0.73
CA THR A 98 -7.89 -13.91 0.39
C THR A 98 -9.22 -14.59 0.72
N ILE A 99 -9.38 -15.82 0.25
CA ILE A 99 -10.60 -16.58 0.51
C ILE A 99 -10.91 -16.63 2.00
N ASN A 100 -9.87 -16.65 2.82
CA ASN A 100 -10.03 -16.70 4.27
C ASN A 100 -10.68 -15.42 4.79
N GLY A 101 -10.59 -14.37 3.99
CA GLY A 101 -11.17 -13.09 4.38
C GLY A 101 -10.19 -11.94 4.26
N THR A 102 -10.54 -10.80 4.84
CA THR A 102 -9.69 -9.62 4.79
C THR A 102 -8.26 -9.96 5.22
N GLY A 103 -7.31 -9.11 4.82
CA GLY A 103 -5.93 -9.33 5.18
C GLY A 103 -5.30 -8.13 5.84
N PRO A 104 -3.98 -8.21 6.10
CA PRO A 104 -3.23 -7.13 6.74
C PRO A 104 -3.08 -5.91 5.83
N ALA A 105 -2.88 -4.74 6.43
CA ALA A 105 -2.72 -3.51 5.68
C ALA A 105 -1.38 -2.84 5.99
N THR A 106 -0.88 -2.06 5.04
CA THR A 106 0.39 -1.36 5.22
C THR A 106 0.24 -0.16 6.13
N ASP A 107 1.36 0.41 6.55
CA ASP A 107 1.36 1.57 7.43
C ASP A 107 0.68 2.76 6.74
N TRP A 108 0.45 3.82 7.51
CA TRP A 108 -0.20 5.01 6.99
C TRP A 108 0.83 5.97 6.38
N LEU A 109 1.04 5.85 5.08
CA LEU A 109 2.01 6.70 4.38
C LEU A 109 1.36 8.01 3.94
N SER A 110 1.85 9.12 4.48
CA SER A 110 1.32 10.43 4.16
C SER A 110 1.98 10.99 2.89
N ALA A 111 1.16 11.47 1.98
CA ALA A 111 1.66 12.03 0.73
C ALA A 111 1.02 13.38 0.42
N GLU A 112 1.83 14.38 0.14
CA GLU A 112 1.33 15.72 -0.16
C GLU A 112 1.38 15.98 -1.67
N THR A 113 0.20 16.19 -2.26
CA THR A 113 0.09 16.46 -3.68
C THR A 113 0.88 17.70 -4.07
N PHE A 114 1.03 17.91 -5.37
CA PHE A 114 1.76 19.07 -5.89
C PHE A 114 0.91 20.34 -5.79
N GLU A 115 1.36 21.29 -4.98
CA GLU A 115 0.63 22.55 -4.81
C GLU A 115 -0.05 22.97 -6.11
N SER A 116 0.64 22.74 -7.22
CA SER A 116 0.11 23.10 -8.54
C SER A 116 0.33 21.97 -9.53
N ASP A 117 -0.45 22.00 -10.62
CA ASP A 117 -0.36 20.97 -11.65
C ASP A 117 0.97 21.08 -12.40
N LEU A 118 1.94 20.26 -12.01
CA LEU A 118 3.25 20.27 -12.64
C LEU A 118 3.82 18.85 -12.75
N ASP A 119 3.91 18.35 -13.97
CA ASP A 119 4.44 17.02 -14.22
C ASP A 119 5.96 16.99 -14.07
N GLU A 120 6.42 16.53 -12.91
CA GLU A 120 7.86 16.46 -12.65
C GLU A 120 8.54 15.46 -13.57
N THR A 121 9.76 15.78 -13.99
CA THR A 121 10.52 14.90 -14.88
C THR A 121 11.50 14.04 -14.10
N ARG A 122 11.79 12.85 -14.62
CA ARG A 122 12.71 11.93 -13.99
C ARG A 122 13.65 11.29 -15.00
N VAL A 123 14.59 10.49 -14.51
CA VAL A 123 15.55 9.82 -15.39
C VAL A 123 16.15 8.60 -14.71
N PRO A 124 16.07 7.44 -15.38
CA PRO A 124 16.60 6.18 -14.87
C PRO A 124 18.12 6.16 -14.83
N GLU A 125 18.68 5.10 -14.25
CA GLU A 125 20.12 4.97 -14.14
C GLU A 125 20.59 3.64 -14.75
N VAL A 126 20.05 3.31 -15.92
CA VAL A 126 20.42 2.07 -16.60
C VAL A 126 20.74 0.97 -15.60
N SER A 127 19.90 0.84 -14.58
CA SER A 127 20.10 -0.18 -13.55
C SER A 127 20.53 -1.51 -14.18
N GLY A 128 19.86 -1.88 -15.27
CA GLY A 128 20.19 -3.13 -15.94
C GLY A 128 19.78 -4.34 -15.15
N PRO A 129 19.87 -5.53 -15.77
CA PRO A 129 19.50 -6.79 -15.13
C PRO A 129 20.47 -7.18 -14.02
N SER A 130 20.19 -8.31 -13.36
CA SER A 130 21.03 -8.79 -12.28
C SER A 130 21.55 -10.19 -12.57
N SER A 131 20.63 -11.11 -12.83
CA SER A 131 20.99 -12.49 -13.13
C SER A 131 19.79 -13.27 -13.65
N GLY A 132 20.05 -14.23 -14.53
CA GLY A 132 18.98 -15.03 -15.11
C GLY A 132 17.75 -14.20 -15.46
N GLY A 1 17.74 -23.97 -2.68
CA GLY A 1 17.80 -24.43 -1.31
C GLY A 1 17.49 -23.33 -0.31
N SER A 2 17.17 -23.72 0.92
CA SER A 2 16.86 -22.76 1.98
C SER A 2 17.45 -23.19 3.30
N SER A 3 17.93 -22.22 4.08
CA SER A 3 18.53 -22.50 5.38
C SER A 3 18.79 -21.20 6.14
N GLY A 4 18.88 -21.32 7.46
CA GLY A 4 19.12 -20.15 8.29
C GLY A 4 18.15 -20.04 9.45
N SER A 5 18.60 -19.43 10.55
CA SER A 5 17.77 -19.27 11.73
C SER A 5 18.39 -18.26 12.70
N SER A 6 17.57 -17.32 13.16
CA SER A 6 18.03 -16.29 14.08
C SER A 6 16.86 -15.53 14.68
N GLY A 7 16.88 -15.35 16.00
CA GLY A 7 15.82 -14.64 16.67
C GLY A 7 15.81 -14.87 18.17
N ASP A 8 14.70 -14.52 18.82
CA ASP A 8 14.58 -14.70 20.25
C ASP A 8 13.13 -14.95 20.65
N VAL A 9 12.90 -15.20 21.93
CA VAL A 9 11.55 -15.47 22.44
C VAL A 9 10.52 -14.61 21.71
N ALA A 10 9.49 -15.26 21.17
CA ALA A 10 8.44 -14.56 20.45
C ALA A 10 7.17 -15.40 20.37
N VAL A 11 6.07 -14.78 19.95
CA VAL A 11 4.80 -15.48 19.82
C VAL A 11 4.61 -16.03 18.41
N ARG A 12 4.19 -17.29 18.32
CA ARG A 12 3.97 -17.92 17.03
C ARG A 12 2.53 -18.39 16.90
N THR A 13 1.75 -17.68 16.08
CA THR A 13 0.36 -18.03 15.86
C THR A 13 -0.05 -17.78 14.41
N LEU A 14 -0.71 -18.77 13.81
CA LEU A 14 -1.15 -18.66 12.43
C LEU A 14 -2.65 -18.97 12.32
N SER A 15 -3.33 -18.23 11.45
CA SER A 15 -4.76 -18.42 11.25
C SER A 15 -5.09 -18.47 9.76
N ASP A 16 -6.26 -19.01 9.43
CA ASP A 16 -6.70 -19.10 8.05
C ASP A 16 -6.39 -17.82 7.29
N VAL A 17 -6.59 -16.69 7.95
CA VAL A 17 -6.33 -15.39 7.34
C VAL A 17 -4.84 -15.21 7.04
N PRO A 18 -4.54 -14.39 6.02
CA PRO A 18 -3.16 -14.12 5.62
C PRO A 18 -2.40 -13.27 6.64
N SER A 19 -1.21 -13.73 7.01
CA SER A 19 -0.39 -13.03 7.98
C SER A 19 0.80 -12.35 7.31
N ALA A 20 0.53 -11.59 6.25
CA ALA A 20 1.59 -10.90 5.52
C ALA A 20 1.00 -9.81 4.63
N ALA A 21 1.59 -8.62 4.71
CA ALA A 21 1.13 -7.49 3.91
C ALA A 21 2.09 -7.21 2.75
N PRO A 22 1.63 -6.38 1.79
CA PRO A 22 2.44 -6.02 0.62
C PRO A 22 3.61 -5.12 0.97
N GLN A 23 4.78 -5.45 0.45
CA GLN A 23 5.99 -4.66 0.71
C GLN A 23 6.31 -3.74 -0.46
N ASN A 24 7.37 -2.98 -0.33
CA ASN A 24 7.79 -2.05 -1.38
C ASN A 24 6.68 -1.05 -1.70
N LEU A 25 5.96 -0.64 -0.67
CA LEU A 25 4.87 0.32 -0.82
C LEU A 25 5.39 1.69 -1.26
N SER A 26 4.58 2.42 -2.00
CA SER A 26 4.96 3.74 -2.48
C SER A 26 3.76 4.49 -3.03
N LEU A 27 3.94 5.78 -3.30
CA LEU A 27 2.87 6.61 -3.84
C LEU A 27 3.40 7.55 -4.90
N GLU A 28 3.05 7.29 -6.16
CA GLU A 28 3.49 8.11 -7.27
C GLU A 28 2.48 9.21 -7.57
N VAL A 29 2.57 10.31 -6.83
CA VAL A 29 1.66 11.44 -7.01
C VAL A 29 1.61 11.87 -8.47
N ARG A 30 0.73 11.26 -9.24
CA ARG A 30 0.58 11.58 -10.65
C ARG A 30 0.24 13.06 -10.84
N ASN A 31 -0.82 13.51 -10.18
CA ASN A 31 -1.25 14.90 -10.27
C ASN A 31 -1.62 15.45 -8.89
N SER A 32 -2.11 16.68 -8.87
CA SER A 32 -2.50 17.33 -7.61
C SER A 32 -3.83 16.75 -7.11
N LYS A 33 -4.60 16.17 -8.01
CA LYS A 33 -5.89 15.59 -7.66
C LYS A 33 -5.87 14.07 -7.85
N SER A 34 -4.78 13.57 -8.42
CA SER A 34 -4.64 12.13 -8.66
C SER A 34 -3.36 11.60 -8.04
N ILE A 35 -3.48 10.47 -7.34
CA ILE A 35 -2.33 9.86 -6.69
C ILE A 35 -2.29 8.35 -6.96
N MET A 36 -1.25 7.92 -7.66
CA MET A 36 -1.08 6.50 -7.98
C MET A 36 -0.36 5.77 -6.86
N ILE A 37 -0.70 4.51 -6.67
CA ILE A 37 -0.09 3.69 -5.62
C ILE A 37 0.72 2.55 -6.22
N HIS A 38 1.83 2.22 -5.58
CA HIS A 38 2.70 1.14 -6.05
C HIS A 38 3.12 0.23 -4.89
N TRP A 39 2.68 -1.01 -4.92
CA TRP A 39 3.02 -1.97 -3.87
C TRP A 39 3.46 -3.30 -4.48
N GLN A 40 3.96 -4.19 -3.63
CA GLN A 40 4.42 -5.50 -4.08
C GLN A 40 3.81 -6.61 -3.23
N PRO A 41 3.71 -7.81 -3.81
CA PRO A 41 3.14 -8.98 -3.14
C PRO A 41 4.04 -9.49 -2.02
N PRO A 42 3.42 -9.96 -0.93
CA PRO A 42 4.14 -10.49 0.23
C PRO A 42 4.82 -11.82 -0.07
N ALA A 43 5.67 -12.27 0.85
CA ALA A 43 6.38 -13.54 0.68
C ALA A 43 5.40 -14.68 0.43
N PRO A 44 5.86 -15.69 -0.33
CA PRO A 44 5.05 -16.86 -0.65
C PRO A 44 4.81 -17.76 0.56
N ALA A 45 5.83 -17.90 1.39
CA ALA A 45 5.71 -18.73 2.59
C ALA A 45 4.64 -18.19 3.54
N THR A 46 4.37 -16.89 3.44
CA THR A 46 3.37 -16.25 4.28
C THR A 46 2.02 -16.16 3.57
N GLN A 47 1.84 -17.00 2.55
CA GLN A 47 0.60 -17.00 1.79
C GLN A 47 -0.17 -18.30 2.01
N ASN A 48 -0.79 -18.41 3.17
CA ASN A 48 -1.58 -19.61 3.51
C ASN A 48 -2.65 -19.86 2.46
N GLY A 49 -2.95 -18.85 1.66
CA GLY A 49 -3.96 -18.98 0.63
C GLY A 49 -3.71 -18.08 -0.56
N GLN A 50 -4.56 -18.19 -1.58
CA GLN A 50 -4.41 -17.38 -2.77
C GLN A 50 -5.01 -15.99 -2.57
N ILE A 51 -4.51 -15.02 -3.32
CA ILE A 51 -5.00 -13.65 -3.22
C ILE A 51 -6.09 -13.38 -4.25
N THR A 52 -7.12 -12.66 -3.83
CA THR A 52 -8.23 -12.32 -4.71
C THR A 52 -8.24 -10.85 -5.07
N GLY A 53 -7.80 -10.02 -4.13
CA GLY A 53 -7.76 -8.58 -4.37
C GLY A 53 -7.18 -7.82 -3.18
N TYR A 54 -6.84 -6.55 -3.42
CA TYR A 54 -6.28 -5.71 -2.37
C TYR A 54 -7.25 -4.60 -1.97
N LYS A 55 -7.29 -4.29 -0.68
CA LYS A 55 -8.17 -3.26 -0.17
C LYS A 55 -7.40 -1.97 0.09
N ILE A 56 -7.42 -1.06 -0.89
CA ILE A 56 -6.73 0.21 -0.76
C ILE A 56 -7.63 1.27 -0.12
N ARG A 57 -7.24 1.70 1.08
CA ARG A 57 -8.01 2.70 1.80
C ARG A 57 -7.16 3.94 2.10
N TYR A 58 -7.72 5.12 1.85
CA TYR A 58 -7.01 6.37 2.09
C TYR A 58 -7.91 7.38 2.77
N ARG A 59 -7.32 8.23 3.61
CA ARG A 59 -8.07 9.25 4.32
C ARG A 59 -7.33 10.58 4.30
N LYS A 60 -7.94 11.60 4.90
CA LYS A 60 -7.33 12.93 4.95
C LYS A 60 -6.61 13.15 6.27
N ALA A 61 -5.34 13.52 6.19
CA ALA A 61 -4.53 13.76 7.38
C ALA A 61 -5.38 14.36 8.50
N SER A 62 -6.16 15.37 8.17
CA SER A 62 -7.01 16.05 9.15
C SER A 62 -8.30 15.25 9.38
N ARG A 63 -8.95 14.86 8.29
CA ARG A 63 -10.19 14.10 8.37
C ARG A 63 -9.92 12.60 8.19
N LYS A 64 -9.62 11.92 9.29
CA LYS A 64 -9.35 10.49 9.24
C LYS A 64 -10.63 9.69 9.09
N SER A 65 -11.63 10.02 9.91
CA SER A 65 -12.92 9.32 9.87
C SER A 65 -13.36 9.08 8.43
N ASP A 66 -13.27 10.13 7.61
CA ASP A 66 -13.66 10.04 6.21
C ASP A 66 -12.66 9.21 5.42
N VAL A 67 -13.03 7.97 5.12
CA VAL A 67 -12.17 7.07 4.37
C VAL A 67 -12.87 6.54 3.12
N THR A 68 -12.09 6.29 2.08
CA THR A 68 -12.64 5.79 0.82
C THR A 68 -12.12 4.38 0.52
N GLU A 69 -13.03 3.49 0.14
CA GLU A 69 -12.67 2.12 -0.17
C GLU A 69 -12.45 1.93 -1.66
N THR A 70 -11.35 1.28 -2.03
CA THR A 70 -11.02 1.05 -3.42
C THR A 70 -10.38 -0.32 -3.61
N LEU A 71 -11.14 -1.25 -4.19
CA LEU A 71 -10.64 -2.61 -4.43
C LEU A 71 -9.91 -2.69 -5.76
N VAL A 72 -9.03 -3.67 -5.90
CA VAL A 72 -8.27 -3.86 -7.12
C VAL A 72 -8.17 -5.35 -7.48
N SER A 73 -7.64 -5.61 -8.67
CA SER A 73 -7.49 -6.99 -9.14
C SER A 73 -6.44 -7.73 -8.31
N GLY A 74 -6.61 -9.06 -8.20
CA GLY A 74 -5.67 -9.86 -7.44
C GLY A 74 -4.23 -9.66 -7.90
N THR A 75 -4.06 -9.45 -9.20
CA THR A 75 -2.74 -9.26 -9.77
C THR A 75 -2.38 -7.78 -9.84
N GLN A 76 -3.29 -6.93 -9.38
CA GLN A 76 -3.07 -5.50 -9.40
C GLN A 76 -2.04 -5.08 -8.35
N LEU A 77 -0.93 -4.49 -8.81
CA LEU A 77 0.13 -4.06 -7.92
C LEU A 77 0.17 -2.54 -7.81
N SER A 78 -0.85 -1.88 -8.37
CA SER A 78 -0.93 -0.42 -8.34
C SER A 78 -2.35 0.04 -8.62
N GLN A 79 -2.69 1.23 -8.13
CA GLN A 79 -4.01 1.80 -8.33
C GLN A 79 -3.95 3.31 -8.47
N LEU A 80 -4.86 3.87 -9.24
CA LEU A 80 -4.91 5.31 -9.45
C LEU A 80 -6.07 5.94 -8.69
N ILE A 81 -5.75 6.77 -7.70
CA ILE A 81 -6.76 7.43 -6.90
C ILE A 81 -6.96 8.88 -7.35
N GLU A 82 -8.08 9.14 -8.01
CA GLU A 82 -8.39 10.48 -8.50
C GLU A 82 -9.46 11.14 -7.64
N GLY A 83 -9.54 12.46 -7.70
CA GLY A 83 -10.53 13.19 -6.92
C GLY A 83 -9.97 13.71 -5.62
N LEU A 84 -8.80 14.36 -5.70
CA LEU A 84 -8.16 14.91 -4.51
C LEU A 84 -7.86 16.39 -4.69
N ASP A 85 -7.57 17.07 -3.59
CA ASP A 85 -7.25 18.49 -3.63
C ASP A 85 -5.74 18.72 -3.59
N ARG A 86 -5.30 19.84 -4.14
CA ARG A 86 -3.88 20.17 -4.17
C ARG A 86 -3.40 20.62 -2.79
N GLY A 87 -2.08 20.58 -2.59
CA GLY A 87 -1.52 20.99 -1.32
C GLY A 87 -2.30 20.46 -0.14
N THR A 88 -2.42 19.14 -0.06
CA THR A 88 -3.15 18.50 1.04
C THR A 88 -2.60 17.10 1.32
N GLU A 89 -2.12 16.90 2.54
CA GLU A 89 -1.57 15.61 2.94
C GLU A 89 -2.66 14.54 2.95
N TYR A 90 -2.31 13.35 2.48
CA TYR A 90 -3.26 12.24 2.42
C TYR A 90 -2.59 10.93 2.85
N ASN A 91 -3.35 10.05 3.48
CA ASN A 91 -2.83 8.77 3.94
C ASN A 91 -3.33 7.64 3.04
N PHE A 92 -2.48 6.63 2.84
CA PHE A 92 -2.82 5.49 2.01
C PHE A 92 -2.28 4.19 2.60
N ARG A 93 -3.08 3.14 2.56
CA ARG A 93 -2.68 1.84 3.09
C ARG A 93 -3.22 0.71 2.23
N VAL A 94 -2.36 -0.22 1.86
CA VAL A 94 -2.75 -1.36 1.04
C VAL A 94 -2.87 -2.62 1.87
N ALA A 95 -3.89 -3.43 1.59
CA ALA A 95 -4.11 -4.67 2.31
C ALA A 95 -4.47 -5.80 1.36
N ALA A 96 -4.02 -7.01 1.68
CA ALA A 96 -4.29 -8.17 0.86
C ALA A 96 -5.57 -8.88 1.32
N LEU A 97 -6.30 -9.44 0.37
CA LEU A 97 -7.53 -10.16 0.67
C LEU A 97 -7.51 -11.57 0.11
N THR A 98 -8.04 -12.52 0.88
CA THR A 98 -8.06 -13.92 0.45
C THR A 98 -9.39 -14.57 0.84
N ILE A 99 -9.60 -15.79 0.36
CA ILE A 99 -10.82 -16.53 0.64
C ILE A 99 -11.06 -16.62 2.14
N ASN A 100 -9.97 -16.74 2.91
CA ASN A 100 -10.06 -16.85 4.36
C ASN A 100 -10.65 -15.57 4.95
N GLY A 101 -10.55 -14.47 4.21
CA GLY A 101 -11.07 -13.20 4.67
C GLY A 101 -10.18 -12.04 4.31
N THR A 102 -10.02 -11.11 5.24
CA THR A 102 -9.19 -9.93 5.01
C THR A 102 -7.74 -10.20 5.42
N GLY A 103 -6.85 -9.27 5.06
CA GLY A 103 -5.45 -9.42 5.41
C GLY A 103 -4.89 -8.20 6.11
N PRO A 104 -3.56 -8.17 6.29
CA PRO A 104 -2.87 -7.06 6.96
C PRO A 104 -2.89 -5.79 6.12
N ALA A 105 -2.70 -4.65 6.78
CA ALA A 105 -2.69 -3.36 6.10
C ALA A 105 -1.35 -2.66 6.29
N THR A 106 -0.81 -2.11 5.20
CA THR A 106 0.46 -1.42 5.24
C THR A 106 0.38 -0.19 6.15
N ASP A 107 1.54 0.23 6.67
CA ASP A 107 1.59 1.39 7.55
C ASP A 107 0.86 2.58 6.93
N TRP A 108 0.68 3.63 7.73
CA TRP A 108 0.00 4.83 7.26
C TRP A 108 0.98 5.79 6.61
N LEU A 109 1.10 5.69 5.29
CA LEU A 109 2.01 6.56 4.54
C LEU A 109 1.30 7.84 4.10
N SER A 110 1.81 8.97 4.56
CA SER A 110 1.23 10.27 4.22
C SER A 110 1.89 10.86 2.97
N ALA A 111 1.10 11.54 2.15
CA ALA A 111 1.62 12.15 0.93
C ALA A 111 0.92 13.47 0.64
N GLU A 112 1.70 14.50 0.35
CA GLU A 112 1.16 15.82 0.06
C GLU A 112 1.24 16.12 -1.44
N THR A 113 0.08 16.31 -2.06
CA THR A 113 0.01 16.60 -3.49
C THR A 113 0.83 17.84 -3.83
N PHE A 114 0.97 18.11 -5.12
CA PHE A 114 1.72 19.27 -5.59
C PHE A 114 0.85 20.53 -5.60
N GLU A 115 1.22 21.50 -4.78
CA GLU A 115 0.48 22.75 -4.69
C GLU A 115 -0.06 23.16 -6.06
N SER A 116 0.70 22.84 -7.10
CA SER A 116 0.31 23.18 -8.46
C SER A 116 0.69 22.07 -9.43
N ASP A 117 -0.20 21.78 -10.37
CA ASP A 117 0.04 20.74 -11.37
C ASP A 117 0.71 21.32 -12.61
N LEU A 118 2.02 21.17 -12.70
CA LEU A 118 2.78 21.68 -13.84
C LEU A 118 3.51 20.55 -14.57
N ASP A 119 2.85 19.40 -14.65
CA ASP A 119 3.43 18.25 -15.33
C ASP A 119 4.95 18.24 -15.20
N GLU A 120 5.43 18.39 -13.97
CA GLU A 120 6.87 18.40 -13.71
C GLU A 120 7.56 17.19 -14.35
N THR A 121 8.26 17.43 -15.45
CA THR A 121 8.95 16.37 -16.16
C THR A 121 10.47 16.51 -16.02
N ARG A 122 11.16 15.38 -15.99
CA ARG A 122 12.61 15.39 -15.86
C ARG A 122 13.27 14.88 -17.14
N VAL A 123 14.59 14.74 -17.09
CA VAL A 123 15.34 14.26 -18.25
C VAL A 123 16.36 13.20 -17.85
N PRO A 124 16.28 12.02 -18.49
CA PRO A 124 17.18 10.91 -18.21
C PRO A 124 18.60 11.17 -18.69
N GLU A 125 19.49 10.21 -18.48
CA GLU A 125 20.88 10.33 -18.89
C GLU A 125 21.31 9.16 -19.76
N VAL A 126 21.97 9.44 -20.87
CA VAL A 126 22.43 8.41 -21.78
C VAL A 126 23.93 8.53 -22.04
N SER A 127 24.59 7.39 -22.19
CA SER A 127 26.03 7.37 -22.44
C SER A 127 26.47 6.01 -22.97
N GLY A 128 27.62 5.98 -23.63
CA GLY A 128 28.14 4.74 -24.17
C GLY A 128 29.36 4.95 -25.06
N PRO A 129 30.09 3.87 -25.33
CA PRO A 129 31.29 3.92 -26.17
C PRO A 129 30.97 4.19 -27.64
N SER A 130 31.98 4.08 -28.48
CA SER A 130 31.81 4.33 -29.92
C SER A 130 32.13 3.07 -30.72
N SER A 131 33.38 2.64 -30.66
CA SER A 131 33.81 1.45 -31.39
C SER A 131 34.62 0.52 -30.49
N GLY A 132 34.90 -0.68 -30.99
CA GLY A 132 35.66 -1.64 -30.21
C GLY A 132 35.80 -2.98 -30.92
N GLY A 1 33.68 -27.90 21.67
CA GLY A 1 33.19 -27.21 22.84
C GLY A 1 32.35 -25.99 22.49
N SER A 2 31.34 -25.72 23.31
CA SER A 2 30.46 -24.59 23.08
C SER A 2 29.52 -24.38 24.27
N SER A 3 28.74 -23.31 24.22
CA SER A 3 27.81 -22.98 25.29
C SER A 3 26.84 -21.89 24.87
N GLY A 4 25.61 -21.96 25.38
CA GLY A 4 24.61 -20.97 25.04
C GLY A 4 23.23 -21.57 24.86
N SER A 5 22.24 -20.73 24.64
CA SER A 5 20.87 -21.19 24.46
C SER A 5 19.98 -20.07 23.89
N SER A 6 18.81 -20.45 23.41
CA SER A 6 17.88 -19.48 22.84
C SER A 6 16.44 -19.98 22.93
N GLY A 7 15.49 -19.11 22.61
CA GLY A 7 14.09 -19.49 22.66
C GLY A 7 13.41 -19.38 21.31
N ASP A 8 12.13 -19.74 21.27
CA ASP A 8 11.36 -19.68 20.03
C ASP A 8 9.90 -19.35 20.30
N VAL A 9 9.22 -18.81 19.31
CA VAL A 9 7.81 -18.45 19.44
C VAL A 9 7.01 -18.92 18.24
N ALA A 10 5.80 -19.41 18.49
CA ALA A 10 4.93 -19.89 17.43
C ALA A 10 3.47 -19.58 17.74
N VAL A 11 2.75 -19.06 16.75
CA VAL A 11 1.34 -18.72 16.93
C VAL A 11 0.51 -19.97 17.16
N ARG A 12 -0.58 -19.82 17.91
CA ARG A 12 -1.47 -20.94 18.21
C ARG A 12 -2.86 -20.69 17.64
N THR A 13 -3.30 -19.44 17.68
CA THR A 13 -4.61 -19.08 17.16
C THR A 13 -4.76 -19.47 15.70
N LEU A 14 -5.92 -20.00 15.35
CA LEU A 14 -6.20 -20.42 13.98
C LEU A 14 -5.91 -19.29 13.00
N SER A 15 -6.47 -18.11 13.27
CA SER A 15 -6.27 -16.95 12.41
C SER A 15 -6.30 -17.35 10.94
N ASP A 16 -7.29 -18.16 10.57
CA ASP A 16 -7.43 -18.63 9.19
C ASP A 16 -6.99 -17.55 8.21
N VAL A 17 -7.39 -16.31 8.48
CA VAL A 17 -7.05 -15.19 7.62
C VAL A 17 -5.54 -15.03 7.51
N PRO A 18 -5.08 -14.44 6.39
CA PRO A 18 -3.66 -14.22 6.13
C PRO A 18 -3.06 -13.16 7.06
N SER A 19 -1.77 -13.29 7.34
CA SER A 19 -1.08 -12.33 8.20
C SER A 19 0.15 -11.77 7.51
N ALA A 20 0.02 -11.44 6.23
CA ALA A 20 1.11 -10.88 5.45
C ALA A 20 0.64 -9.70 4.62
N ALA A 21 1.41 -8.61 4.65
CA ALA A 21 1.07 -7.42 3.89
C ALA A 21 2.13 -7.13 2.82
N PRO A 22 1.77 -6.29 1.85
CA PRO A 22 2.68 -5.91 0.75
C PRO A 22 3.82 -5.03 1.23
N GLN A 23 5.03 -5.35 0.79
CA GLN A 23 6.22 -4.58 1.16
C GLN A 23 6.57 -3.56 0.08
N ASN A 24 7.70 -2.88 0.27
CA ASN A 24 8.15 -1.88 -0.69
C ASN A 24 6.99 -1.01 -1.16
N LEU A 25 6.21 -0.50 -0.22
CA LEU A 25 5.08 0.35 -0.54
C LEU A 25 5.53 1.72 -1.06
N SER A 26 4.70 2.33 -1.89
CA SER A 26 5.03 3.63 -2.45
C SER A 26 3.77 4.30 -3.03
N LEU A 27 3.85 5.62 -3.21
CA LEU A 27 2.73 6.38 -3.75
C LEU A 27 3.19 7.32 -4.86
N GLU A 28 2.95 6.92 -6.11
CA GLU A 28 3.34 7.74 -7.25
C GLU A 28 2.30 8.82 -7.52
N VAL A 29 2.50 9.99 -6.94
CA VAL A 29 1.59 11.11 -7.12
C VAL A 29 1.49 11.51 -8.58
N ARG A 30 0.55 10.91 -9.31
CA ARG A 30 0.36 11.20 -10.72
C ARG A 30 0.02 12.67 -10.93
N ASN A 31 -1.02 13.14 -10.24
CA ASN A 31 -1.45 14.53 -10.34
C ASN A 31 -1.76 15.12 -8.97
N SER A 32 -2.25 16.35 -8.96
CA SER A 32 -2.58 17.03 -7.71
C SER A 32 -3.87 16.47 -7.12
N LYS A 33 -4.75 15.99 -7.98
CA LYS A 33 -6.03 15.44 -7.55
C LYS A 33 -6.00 13.91 -7.61
N SER A 34 -5.03 13.36 -8.33
CA SER A 34 -4.89 11.92 -8.47
C SER A 34 -3.58 11.44 -7.85
N ILE A 35 -3.65 10.30 -7.17
CA ILE A 35 -2.48 9.72 -6.53
C ILE A 35 -2.40 8.21 -6.77
N MET A 36 -1.46 7.80 -7.60
CA MET A 36 -1.28 6.39 -7.92
C MET A 36 -0.51 5.68 -6.80
N ILE A 37 -0.93 4.47 -6.48
CA ILE A 37 -0.27 3.69 -5.44
C ILE A 37 0.53 2.53 -6.02
N HIS A 38 1.68 2.26 -5.43
CA HIS A 38 2.54 1.17 -5.89
C HIS A 38 3.03 0.32 -4.73
N TRP A 39 2.62 -0.95 -4.71
CA TRP A 39 3.01 -1.87 -3.66
C TRP A 39 3.52 -3.19 -4.23
N GLN A 40 4.19 -3.97 -3.40
CA GLN A 40 4.72 -5.26 -3.84
C GLN A 40 4.10 -6.40 -3.03
N PRO A 41 4.04 -7.60 -3.65
CA PRO A 41 3.47 -8.78 -3.01
C PRO A 41 4.34 -9.30 -1.88
N PRO A 42 3.69 -9.79 -0.80
CA PRO A 42 4.40 -10.32 0.36
C PRO A 42 5.10 -11.65 0.06
N ALA A 43 5.90 -12.11 1.02
CA ALA A 43 6.63 -13.36 0.85
C ALA A 43 5.68 -14.51 0.53
N PRO A 44 6.16 -15.48 -0.26
CA PRO A 44 5.37 -16.65 -0.67
C PRO A 44 5.11 -17.60 0.50
N ALA A 45 6.03 -17.64 1.45
CA ALA A 45 5.89 -18.50 2.62
C ALA A 45 4.77 -18.01 3.53
N THR A 46 4.82 -16.73 3.91
CA THR A 46 3.82 -16.14 4.78
C THR A 46 2.41 -16.30 4.18
N GLN A 47 2.32 -16.16 2.87
CA GLN A 47 1.04 -16.29 2.17
C GLN A 47 0.20 -17.40 2.78
N ASN A 48 -1.11 -17.19 2.85
CA ASN A 48 -2.02 -18.17 3.41
C ASN A 48 -3.14 -18.50 2.43
N GLY A 49 -2.81 -18.51 1.14
CA GLY A 49 -3.79 -18.80 0.12
C GLY A 49 -3.69 -17.88 -1.07
N GLN A 50 -4.51 -18.13 -2.09
CA GLN A 50 -4.49 -17.32 -3.30
C GLN A 50 -5.08 -15.93 -3.02
N ILE A 51 -4.41 -14.90 -3.53
CA ILE A 51 -4.85 -13.53 -3.35
C ILE A 51 -5.97 -13.17 -4.33
N THR A 52 -7.13 -12.78 -3.79
CA THR A 52 -8.27 -12.42 -4.62
C THR A 52 -8.18 -10.96 -5.04
N GLY A 53 -7.85 -10.09 -4.10
CA GLY A 53 -7.74 -8.67 -4.40
C GLY A 53 -7.02 -7.90 -3.32
N TYR A 54 -6.64 -6.66 -3.63
CA TYR A 54 -5.92 -5.82 -2.67
C TYR A 54 -6.80 -4.66 -2.22
N LYS A 55 -6.89 -4.47 -0.91
CA LYS A 55 -7.69 -3.39 -0.34
C LYS A 55 -6.84 -2.15 -0.11
N ILE A 56 -7.28 -1.02 -0.65
CA ILE A 56 -6.56 0.23 -0.49
C ILE A 56 -7.45 1.31 0.13
N ARG A 57 -7.02 1.83 1.26
CA ARG A 57 -7.77 2.87 1.96
C ARG A 57 -6.95 4.16 2.08
N TYR A 58 -7.65 5.29 2.16
CA TYR A 58 -6.98 6.58 2.27
C TYR A 58 -7.92 7.62 2.90
N ARG A 59 -7.36 8.46 3.75
CA ARG A 59 -8.14 9.50 4.41
C ARG A 59 -7.39 10.82 4.42
N LYS A 60 -8.05 11.88 4.90
CA LYS A 60 -7.45 13.20 4.96
C LYS A 60 -6.69 13.39 6.27
N ALA A 61 -5.53 14.05 6.19
CA ALA A 61 -4.72 14.30 7.37
C ALA A 61 -5.46 15.18 8.38
N SER A 62 -6.14 16.21 7.88
CA SER A 62 -6.89 17.11 8.74
C SER A 62 -8.17 16.46 9.24
N ARG A 63 -9.03 16.06 8.32
CA ARG A 63 -10.29 15.41 8.67
C ARG A 63 -10.04 14.15 9.49
N LYS A 64 -9.11 13.32 9.03
CA LYS A 64 -8.78 12.08 9.72
C LYS A 64 -10.04 11.34 10.16
N SER A 65 -11.14 11.61 9.47
CA SER A 65 -12.41 10.98 9.79
C SER A 65 -13.08 10.43 8.53
N ASP A 66 -12.89 11.12 7.41
CA ASP A 66 -13.46 10.70 6.14
C ASP A 66 -12.49 9.82 5.36
N VAL A 67 -12.82 8.55 5.24
CA VAL A 67 -11.99 7.60 4.51
C VAL A 67 -12.74 6.97 3.35
N THR A 68 -11.99 6.55 2.33
CA THR A 68 -12.61 5.93 1.16
C THR A 68 -12.01 4.54 0.90
N GLU A 69 -12.87 3.58 0.59
CA GLU A 69 -12.43 2.22 0.33
C GLU A 69 -12.21 1.99 -1.16
N THR A 70 -11.21 1.18 -1.50
CA THR A 70 -10.90 0.89 -2.89
C THR A 70 -10.57 -0.59 -3.07
N LEU A 71 -11.17 -1.20 -4.09
CA LEU A 71 -10.94 -2.62 -4.38
C LEU A 71 -10.30 -2.79 -5.75
N VAL A 72 -9.22 -3.56 -5.79
CA VAL A 72 -8.51 -3.81 -7.04
C VAL A 72 -8.40 -5.31 -7.33
N SER A 73 -7.98 -5.65 -8.54
CA SER A 73 -7.84 -7.05 -8.93
C SER A 73 -6.69 -7.71 -8.19
N GLY A 74 -6.77 -9.03 -8.04
CA GLY A 74 -5.73 -9.76 -7.34
C GLY A 74 -4.36 -9.54 -7.95
N THR A 75 -4.27 -9.72 -9.27
CA THR A 75 -3.00 -9.54 -9.98
C THR A 75 -2.75 -8.07 -10.31
N GLN A 76 -3.21 -7.18 -9.42
CA GLN A 76 -3.04 -5.76 -9.62
C GLN A 76 -2.19 -5.15 -8.52
N LEU A 77 -0.96 -4.77 -8.86
CA LEU A 77 -0.04 -4.18 -7.89
C LEU A 77 0.04 -2.66 -8.06
N SER A 78 -1.08 -2.07 -8.50
CA SER A 78 -1.14 -0.63 -8.71
C SER A 78 -2.58 -0.14 -8.71
N GLN A 79 -2.77 1.15 -8.49
CA GLN A 79 -4.10 1.74 -8.47
C GLN A 79 -4.03 3.26 -8.64
N LEU A 80 -5.10 3.84 -9.16
CA LEU A 80 -5.16 5.29 -9.36
C LEU A 80 -6.32 5.90 -8.60
N ILE A 81 -6.00 6.68 -7.57
CA ILE A 81 -7.03 7.32 -6.76
C ILE A 81 -7.23 8.77 -7.19
N GLU A 82 -8.33 9.02 -7.88
CA GLU A 82 -8.65 10.37 -8.35
C GLU A 82 -9.72 11.02 -7.46
N GLY A 83 -9.83 12.34 -7.57
CA GLY A 83 -10.80 13.07 -6.78
C GLY A 83 -10.22 13.59 -5.48
N LEU A 84 -9.01 14.14 -5.55
CA LEU A 84 -8.34 14.68 -4.38
C LEU A 84 -8.04 16.16 -4.55
N ASP A 85 -7.70 16.84 -3.45
CA ASP A 85 -7.39 18.25 -3.49
C ASP A 85 -5.88 18.47 -3.64
N ARG A 86 -5.52 19.56 -4.30
CA ARG A 86 -4.11 19.89 -4.52
C ARG A 86 -3.48 20.41 -3.24
N GLY A 87 -2.15 20.41 -3.20
CA GLY A 87 -1.44 20.89 -2.03
C GLY A 87 -2.10 20.46 -0.74
N THR A 88 -2.30 19.15 -0.58
CA THR A 88 -2.93 18.61 0.62
C THR A 88 -2.33 17.26 1.00
N GLU A 89 -2.16 17.05 2.29
CA GLU A 89 -1.60 15.80 2.78
C GLU A 89 -2.66 14.71 2.85
N TYR A 90 -2.36 13.55 2.27
CA TYR A 90 -3.30 12.43 2.26
C TYR A 90 -2.60 11.14 2.70
N ASN A 91 -3.36 10.28 3.38
CA ASN A 91 -2.82 9.01 3.86
C ASN A 91 -3.32 7.85 2.99
N PHE A 92 -2.46 6.85 2.81
CA PHE A 92 -2.83 5.69 2.00
C PHE A 92 -2.29 4.40 2.64
N ARG A 93 -2.97 3.29 2.36
CA ARG A 93 -2.55 2.00 2.91
C ARG A 93 -3.06 0.86 2.03
N VAL A 94 -2.17 -0.08 1.74
CA VAL A 94 -2.52 -1.24 0.91
C VAL A 94 -2.73 -2.48 1.75
N ALA A 95 -3.67 -3.32 1.34
CA ALA A 95 -3.96 -4.56 2.05
C ALA A 95 -4.24 -5.71 1.09
N ALA A 96 -3.97 -6.93 1.54
CA ALA A 96 -4.19 -8.10 0.72
C ALA A 96 -5.47 -8.83 1.12
N LEU A 97 -6.09 -9.51 0.16
CA LEU A 97 -7.32 -10.24 0.41
C LEU A 97 -7.23 -11.67 -0.11
N THR A 98 -7.75 -12.61 0.67
CA THR A 98 -7.73 -14.02 0.28
C THR A 98 -9.06 -14.69 0.59
N ILE A 99 -9.22 -15.92 0.10
CA ILE A 99 -10.44 -16.68 0.33
C ILE A 99 -10.84 -16.68 1.80
N ASN A 100 -9.83 -16.81 2.67
CA ASN A 100 -10.08 -16.83 4.11
C ASN A 100 -10.81 -15.57 4.56
N GLY A 101 -10.66 -14.49 3.78
CA GLY A 101 -11.32 -13.25 4.11
C GLY A 101 -10.45 -12.04 3.81
N THR A 102 -10.32 -11.14 4.78
CA THR A 102 -9.52 -9.95 4.62
C THR A 102 -8.11 -10.14 5.14
N GLY A 103 -7.15 -9.41 4.57
CA GLY A 103 -5.77 -9.53 5.00
C GLY A 103 -5.29 -8.30 5.74
N PRO A 104 -4.00 -8.29 6.11
CA PRO A 104 -3.39 -7.17 6.83
C PRO A 104 -3.24 -5.92 5.96
N ALA A 105 -3.07 -4.78 6.60
CA ALA A 105 -2.93 -3.52 5.88
C ALA A 105 -1.61 -2.83 6.25
N THR A 106 -0.97 -2.22 5.26
CA THR A 106 0.29 -1.53 5.48
C THR A 106 0.11 -0.31 6.37
N ASP A 107 1.22 0.24 6.86
CA ASP A 107 1.17 1.41 7.73
C ASP A 107 0.51 2.59 7.01
N TRP A 108 0.37 3.70 7.73
CA TRP A 108 -0.25 4.89 7.16
C TRP A 108 0.79 5.76 6.46
N LEU A 109 0.90 5.62 5.15
CA LEU A 109 1.86 6.39 4.36
C LEU A 109 1.21 7.66 3.82
N SER A 110 1.70 8.81 4.28
CA SER A 110 1.16 10.09 3.84
C SER A 110 1.84 10.54 2.55
N ALA A 111 1.17 11.42 1.82
CA ALA A 111 1.72 11.94 0.56
C ALA A 111 1.18 13.34 0.27
N GLU A 112 2.08 14.27 -0.01
CA GLU A 112 1.69 15.64 -0.31
C GLU A 112 1.64 15.88 -1.82
N THR A 113 0.46 16.20 -2.32
CA THR A 113 0.28 16.45 -3.75
C THR A 113 1.01 17.71 -4.18
N PHE A 114 1.12 17.90 -5.49
CA PHE A 114 1.81 19.07 -6.04
C PHE A 114 0.87 20.27 -6.07
N GLU A 115 1.19 21.29 -5.26
CA GLU A 115 0.38 22.50 -5.21
C GLU A 115 -0.21 22.83 -6.57
N SER A 116 0.58 22.61 -7.62
CA SER A 116 0.14 22.90 -8.98
C SER A 116 0.72 21.87 -9.96
N ASP A 117 0.35 22.01 -11.23
CA ASP A 117 0.83 21.10 -12.26
C ASP A 117 2.27 21.43 -12.65
N LEU A 118 3.23 20.93 -11.89
CA LEU A 118 4.64 21.18 -12.16
C LEU A 118 5.36 19.88 -12.50
N ASP A 119 5.47 19.60 -13.80
CA ASP A 119 6.15 18.39 -14.27
C ASP A 119 7.65 18.51 -14.11
N GLU A 120 8.19 17.91 -13.05
CA GLU A 120 9.62 17.96 -12.78
C GLU A 120 10.30 16.67 -13.24
N THR A 121 11.63 16.70 -13.28
CA THR A 121 12.39 15.52 -13.69
C THR A 121 13.85 15.63 -13.25
N ARG A 122 14.42 14.52 -12.82
CA ARG A 122 15.80 14.49 -12.36
C ARG A 122 16.52 13.24 -12.88
N VAL A 123 17.83 13.21 -12.70
CA VAL A 123 18.64 12.07 -13.14
C VAL A 123 19.20 11.29 -11.95
N PRO A 124 19.07 9.96 -12.00
CA PRO A 124 19.55 9.08 -10.93
C PRO A 124 21.08 9.03 -10.88
N GLU A 125 21.60 8.15 -10.02
CA GLU A 125 23.04 8.01 -9.87
C GLU A 125 23.47 6.57 -10.13
N VAL A 126 24.76 6.39 -10.38
CA VAL A 126 25.31 5.06 -10.65
C VAL A 126 26.53 4.78 -9.79
N SER A 127 26.71 3.52 -9.40
CA SER A 127 27.84 3.13 -8.57
C SER A 127 28.57 1.93 -9.18
N GLY A 128 29.65 1.51 -8.53
CA GLY A 128 30.41 0.38 -9.03
C GLY A 128 30.56 -0.72 -7.99
N PRO A 129 31.05 -1.89 -8.43
CA PRO A 129 31.25 -3.04 -7.55
C PRO A 129 32.37 -2.83 -6.54
N SER A 130 32.53 -3.77 -5.62
CA SER A 130 33.56 -3.69 -4.60
C SER A 130 34.57 -4.81 -4.75
N SER A 131 34.09 -6.05 -4.71
CA SER A 131 34.96 -7.21 -4.83
C SER A 131 36.08 -6.95 -5.83
N GLY A 132 37.25 -7.53 -5.57
CA GLY A 132 38.39 -7.34 -6.45
C GLY A 132 39.09 -8.64 -6.77
N GLY A 1 -16.90 -37.53 7.04
CA GLY A 1 -15.58 -37.28 6.50
C GLY A 1 -15.24 -35.80 6.44
N SER A 2 -14.36 -35.36 7.34
CA SER A 2 -13.96 -33.96 7.39
C SER A 2 -12.52 -33.79 6.92
N SER A 3 -12.09 -32.54 6.81
CA SER A 3 -10.72 -32.23 6.37
C SER A 3 -10.14 -31.09 7.19
N GLY A 4 -9.14 -31.41 8.01
CA GLY A 4 -8.50 -30.40 8.83
C GLY A 4 -6.99 -30.46 8.76
N SER A 5 -6.32 -29.58 9.49
CA SER A 5 -4.87 -29.53 9.51
C SER A 5 -4.31 -30.45 10.59
N SER A 6 -4.75 -30.23 11.83
CA SER A 6 -4.29 -31.03 12.96
C SER A 6 -2.80 -31.36 12.82
N GLY A 7 -2.01 -30.37 12.40
CA GLY A 7 -0.59 -30.58 12.24
C GLY A 7 0.24 -29.66 13.12
N ASP A 8 1.54 -29.60 12.85
CA ASP A 8 2.44 -28.76 13.63
C ASP A 8 2.94 -27.59 12.79
N VAL A 9 2.04 -26.99 12.02
CA VAL A 9 2.40 -25.86 11.17
C VAL A 9 2.65 -24.60 12.00
N ALA A 10 3.91 -24.30 12.25
CA ALA A 10 4.28 -23.13 13.03
C ALA A 10 3.32 -21.97 12.76
N VAL A 11 2.70 -21.47 13.82
CA VAL A 11 1.76 -20.36 13.70
C VAL A 11 1.94 -19.36 14.84
N ARG A 12 1.43 -18.15 14.64
CA ARG A 12 1.54 -17.11 15.65
C ARG A 12 0.21 -16.91 16.39
N THR A 13 -0.80 -16.45 15.66
CA THR A 13 -2.12 -16.22 16.24
C THR A 13 -3.07 -17.38 15.90
N LEU A 14 -4.17 -17.45 16.64
CA LEU A 14 -5.16 -18.50 16.43
C LEU A 14 -6.32 -17.99 15.58
N SER A 15 -6.20 -18.13 14.27
CA SER A 15 -7.24 -17.68 13.35
C SER A 15 -7.08 -18.34 11.98
N ASP A 16 -8.00 -18.03 11.07
CA ASP A 16 -7.96 -18.59 9.73
C ASP A 16 -7.94 -17.49 8.68
N VAL A 17 -6.86 -16.71 8.67
CA VAL A 17 -6.71 -15.62 7.72
C VAL A 17 -5.24 -15.34 7.42
N PRO A 18 -4.98 -14.64 6.30
CA PRO A 18 -3.62 -14.29 5.89
C PRO A 18 -2.98 -13.25 6.81
N SER A 19 -1.71 -13.46 7.14
CA SER A 19 -0.99 -12.55 8.01
C SER A 19 0.20 -11.92 7.26
N ALA A 20 0.01 -11.65 5.98
CA ALA A 20 1.06 -11.06 5.16
C ALA A 20 0.53 -9.87 4.36
N ALA A 21 1.28 -8.79 4.34
CA ALA A 21 0.88 -7.59 3.60
C ALA A 21 1.91 -7.24 2.53
N PRO A 22 1.49 -6.40 1.57
CA PRO A 22 2.36 -5.97 0.47
C PRO A 22 3.48 -5.05 0.93
N GLN A 23 4.71 -5.36 0.54
CA GLN A 23 5.86 -4.55 0.92
C GLN A 23 6.26 -3.59 -0.20
N ASN A 24 7.36 -2.88 -0.01
CA ASN A 24 7.83 -1.92 -1.01
C ASN A 24 6.74 -0.94 -1.39
N LEU A 25 6.00 -0.46 -0.40
CA LEU A 25 4.92 0.49 -0.63
C LEU A 25 5.46 1.81 -1.16
N SER A 26 4.74 2.41 -2.10
CA SER A 26 5.15 3.67 -2.70
C SER A 26 3.94 4.43 -3.26
N LEU A 27 4.09 5.74 -3.39
CA LEU A 27 3.01 6.58 -3.90
C LEU A 27 3.53 7.52 -4.98
N GLU A 28 3.27 7.18 -6.24
CA GLU A 28 3.70 8.00 -7.36
C GLU A 28 2.65 9.04 -7.72
N VAL A 29 2.57 10.10 -6.92
CA VAL A 29 1.60 11.16 -7.16
C VAL A 29 1.63 11.62 -8.61
N ARG A 30 0.69 11.12 -9.41
CA ARG A 30 0.60 11.48 -10.81
C ARG A 30 0.21 12.94 -10.99
N ASN A 31 -0.84 13.35 -10.29
CA ASN A 31 -1.34 14.72 -10.36
C ASN A 31 -1.62 15.26 -8.97
N SER A 32 -2.16 16.48 -8.92
CA SER A 32 -2.49 17.12 -7.65
C SER A 32 -3.80 16.57 -7.09
N LYS A 33 -4.64 16.03 -7.96
CA LYS A 33 -5.92 15.46 -7.56
C LYS A 33 -5.88 13.95 -7.62
N SER A 34 -4.93 13.40 -8.36
CA SER A 34 -4.79 11.96 -8.51
C SER A 34 -3.47 11.48 -7.92
N ILE A 35 -3.48 10.26 -7.38
CA ILE A 35 -2.27 9.69 -6.79
C ILE A 35 -2.14 8.21 -7.14
N MET A 36 -0.99 7.84 -7.69
CA MET A 36 -0.72 6.47 -8.08
C MET A 36 -0.08 5.69 -6.93
N ILE A 37 -0.55 4.47 -6.71
CA ILE A 37 -0.02 3.63 -5.64
C ILE A 37 0.73 2.43 -6.22
N HIS A 38 1.96 2.22 -5.75
CA HIS A 38 2.78 1.12 -6.20
C HIS A 38 3.25 0.26 -5.03
N TRP A 39 2.85 -1.00 -5.03
CA TRP A 39 3.24 -1.93 -3.96
C TRP A 39 3.63 -3.29 -4.54
N GLN A 40 4.26 -4.11 -3.70
CA GLN A 40 4.69 -5.44 -4.12
C GLN A 40 4.02 -6.52 -3.27
N PRO A 41 3.81 -7.70 -3.88
CA PRO A 41 3.19 -8.83 -3.19
C PRO A 41 4.09 -9.43 -2.11
N PRO A 42 3.47 -9.90 -1.02
CA PRO A 42 4.20 -10.51 0.10
C PRO A 42 4.80 -11.86 -0.27
N ALA A 43 5.63 -12.40 0.63
CA ALA A 43 6.26 -13.69 0.41
C ALA A 43 5.22 -14.76 0.09
N PRO A 44 5.62 -15.75 -0.70
CA PRO A 44 4.75 -16.86 -1.10
C PRO A 44 4.44 -17.80 0.07
N ALA A 45 5.32 -17.81 1.06
CA ALA A 45 5.15 -18.66 2.23
C ALA A 45 4.20 -18.02 3.24
N THR A 46 4.27 -16.70 3.35
CA THR A 46 3.42 -15.96 4.28
C THR A 46 2.03 -15.73 3.68
N GLN A 47 1.99 -15.50 2.37
CA GLN A 47 0.74 -15.26 1.68
C GLN A 47 -0.42 -15.96 2.39
N ASN A 48 -0.18 -17.20 2.81
CA ASN A 48 -1.20 -17.99 3.51
C ASN A 48 -2.39 -18.26 2.59
N GLY A 49 -2.10 -18.47 1.30
CA GLY A 49 -3.15 -18.74 0.34
C GLY A 49 -3.06 -17.84 -0.88
N GLN A 50 -4.00 -18.02 -1.81
CA GLN A 50 -4.04 -17.22 -3.03
C GLN A 50 -4.75 -15.90 -2.79
N ILE A 51 -4.20 -14.83 -3.36
CA ILE A 51 -4.78 -13.50 -3.22
C ILE A 51 -5.85 -13.24 -4.28
N THR A 52 -6.91 -12.55 -3.89
CA THR A 52 -8.00 -12.24 -4.80
C THR A 52 -8.03 -10.75 -5.13
N GLY A 53 -7.83 -9.92 -4.11
CA GLY A 53 -7.82 -8.49 -4.32
C GLY A 53 -7.22 -7.73 -3.15
N TYR A 54 -6.97 -6.43 -3.35
CA TYR A 54 -6.39 -5.60 -2.30
C TYR A 54 -7.33 -4.47 -1.92
N LYS A 55 -7.45 -4.22 -0.62
CA LYS A 55 -8.31 -3.15 -0.13
C LYS A 55 -7.51 -1.90 0.20
N ILE A 56 -7.42 -0.98 -0.75
CA ILE A 56 -6.68 0.25 -0.56
C ILE A 56 -7.56 1.33 0.07
N ARG A 57 -7.16 1.82 1.23
CA ARG A 57 -7.92 2.85 1.94
C ARG A 57 -7.08 4.11 2.10
N TYR A 58 -7.75 5.26 2.11
CA TYR A 58 -7.07 6.54 2.26
C TYR A 58 -7.97 7.56 2.95
N ARG A 59 -7.36 8.47 3.70
CA ARG A 59 -8.10 9.51 4.40
C ARG A 59 -7.37 10.84 4.36
N LYS A 60 -7.96 11.86 4.98
CA LYS A 60 -7.35 13.18 5.02
C LYS A 60 -6.55 13.38 6.31
N ALA A 61 -5.42 14.06 6.20
CA ALA A 61 -4.56 14.32 7.35
C ALA A 61 -5.15 15.41 8.24
N SER A 62 -6.17 16.10 7.72
CA SER A 62 -6.82 17.17 8.47
C SER A 62 -8.09 16.67 9.15
N ARG A 63 -8.89 15.93 8.40
CA ARG A 63 -10.14 15.39 8.93
C ARG A 63 -9.89 14.06 9.64
N LYS A 64 -9.11 13.19 9.01
CA LYS A 64 -8.80 11.89 9.57
C LYS A 64 -10.06 11.17 10.04
N SER A 65 -11.16 11.42 9.33
CA SER A 65 -12.44 10.80 9.66
C SER A 65 -13.12 10.23 8.42
N ASP A 66 -12.92 10.91 7.29
CA ASP A 66 -13.51 10.46 6.03
C ASP A 66 -12.55 9.54 5.28
N VAL A 67 -12.92 8.27 5.16
CA VAL A 67 -12.10 7.29 4.47
C VAL A 67 -12.87 6.66 3.31
N THR A 68 -12.14 6.35 2.23
CA THR A 68 -12.75 5.74 1.06
C THR A 68 -12.14 4.38 0.76
N GLU A 69 -12.99 3.40 0.45
CA GLU A 69 -12.53 2.06 0.15
C GLU A 69 -12.27 1.90 -1.34
N THR A 70 -11.21 1.16 -1.68
CA THR A 70 -10.85 0.93 -3.07
C THR A 70 -10.50 -0.54 -3.31
N LEU A 71 -11.30 -1.21 -4.12
CA LEU A 71 -11.08 -2.62 -4.42
C LEU A 71 -10.44 -2.77 -5.81
N VAL A 72 -9.36 -3.54 -5.86
CA VAL A 72 -8.65 -3.77 -7.11
C VAL A 72 -8.58 -5.26 -7.44
N SER A 73 -7.92 -5.59 -8.54
CA SER A 73 -7.80 -6.98 -8.98
C SER A 73 -6.65 -7.67 -8.24
N GLY A 74 -6.81 -8.97 -7.99
CA GLY A 74 -5.78 -9.72 -7.30
C GLY A 74 -4.42 -9.60 -7.95
N THR A 75 -4.41 -9.66 -9.29
CA THR A 75 -3.15 -9.56 -10.04
C THR A 75 -2.83 -8.11 -10.36
N GLN A 76 -3.27 -7.21 -9.50
CA GLN A 76 -3.02 -5.78 -9.69
C GLN A 76 -2.18 -5.21 -8.56
N LEU A 77 -0.95 -4.82 -8.87
CA LEU A 77 -0.05 -4.26 -7.87
C LEU A 77 0.06 -2.75 -8.02
N SER A 78 -1.04 -2.13 -8.46
CA SER A 78 -1.07 -0.68 -8.64
C SER A 78 -2.51 -0.17 -8.59
N GLN A 79 -2.67 1.08 -8.14
CA GLN A 79 -3.99 1.70 -8.05
C GLN A 79 -3.89 3.21 -8.18
N LEU A 80 -4.81 3.79 -8.96
CA LEU A 80 -4.82 5.23 -9.17
C LEU A 80 -6.05 5.86 -8.53
N ILE A 81 -5.83 6.63 -7.47
CA ILE A 81 -6.92 7.29 -6.76
C ILE A 81 -7.12 8.72 -7.27
N GLU A 82 -8.31 8.99 -7.79
CA GLU A 82 -8.62 10.32 -8.31
C GLU A 82 -9.65 11.02 -7.43
N GLY A 83 -9.73 12.34 -7.55
CA GLY A 83 -10.67 13.10 -6.75
C GLY A 83 -10.05 13.65 -5.48
N LEU A 84 -8.89 14.28 -5.62
CA LEU A 84 -8.18 14.84 -4.47
C LEU A 84 -7.92 16.34 -4.68
N ASP A 85 -7.56 17.03 -3.61
CA ASP A 85 -7.28 18.45 -3.66
C ASP A 85 -5.78 18.71 -3.63
N ARG A 86 -5.37 19.85 -4.17
CA ARG A 86 -3.95 20.22 -4.20
C ARG A 86 -3.50 20.78 -2.85
N GLY A 87 -2.20 20.76 -2.62
CA GLY A 87 -1.66 21.25 -1.37
C GLY A 87 -2.39 20.70 -0.15
N THR A 88 -2.48 19.37 -0.09
CA THR A 88 -3.15 18.72 1.03
C THR A 88 -2.59 17.32 1.26
N GLU A 89 -2.24 17.03 2.50
CA GLU A 89 -1.70 15.72 2.86
C GLU A 89 -2.78 14.65 2.85
N TYR A 90 -2.42 13.46 2.40
CA TYR A 90 -3.37 12.36 2.35
C TYR A 90 -2.70 11.04 2.71
N ASN A 91 -3.38 10.24 3.53
CA ASN A 91 -2.84 8.94 3.95
C ASN A 91 -3.41 7.81 3.11
N PHE A 92 -2.61 6.78 2.87
CA PHE A 92 -3.04 5.63 2.08
C PHE A 92 -2.51 4.34 2.68
N ARG A 93 -3.27 3.26 2.51
CA ARG A 93 -2.88 1.96 3.04
C ARG A 93 -3.30 0.84 2.08
N VAL A 94 -2.45 -0.17 1.94
CA VAL A 94 -2.73 -1.30 1.06
C VAL A 94 -2.88 -2.59 1.85
N ALA A 95 -3.99 -3.29 1.63
CA ALA A 95 -4.25 -4.54 2.32
C ALA A 95 -4.51 -5.67 1.33
N ALA A 96 -4.16 -6.89 1.73
CA ALA A 96 -4.36 -8.06 0.88
C ALA A 96 -5.63 -8.81 1.26
N LEU A 97 -6.26 -9.46 0.29
CA LEU A 97 -7.47 -10.22 0.52
C LEU A 97 -7.37 -11.62 -0.06
N THR A 98 -7.83 -12.61 0.69
CA THR A 98 -7.79 -14.00 0.25
C THR A 98 -9.10 -14.71 0.56
N ILE A 99 -9.23 -15.93 0.05
CA ILE A 99 -10.44 -16.72 0.28
C ILE A 99 -10.80 -16.76 1.76
N ASN A 100 -9.79 -16.91 2.61
CA ASN A 100 -10.01 -16.95 4.05
C ASN A 100 -10.69 -15.67 4.54
N GLY A 101 -10.50 -14.58 3.80
CA GLY A 101 -11.09 -13.31 4.18
C GLY A 101 -10.14 -12.15 3.97
N THR A 102 -10.23 -11.15 4.84
CA THR A 102 -9.38 -9.97 4.76
C THR A 102 -7.99 -10.27 5.31
N GLY A 103 -7.02 -9.43 4.93
CA GLY A 103 -5.66 -9.62 5.38
C GLY A 103 -5.10 -8.37 6.06
N PRO A 104 -3.78 -8.35 6.26
CA PRO A 104 -3.09 -7.22 6.89
C PRO A 104 -3.07 -5.99 6.00
N ALA A 105 -2.81 -4.83 6.60
CA ALA A 105 -2.75 -3.58 5.85
C ALA A 105 -1.46 -2.82 6.17
N THR A 106 -0.80 -2.34 5.12
CA THR A 106 0.44 -1.58 5.28
C THR A 106 0.24 -0.37 6.18
N ASP A 107 1.34 0.21 6.63
CA ASP A 107 1.28 1.39 7.50
C ASP A 107 0.63 2.56 6.78
N TRP A 108 0.38 3.64 7.52
CA TRP A 108 -0.24 4.82 6.95
C TRP A 108 0.80 5.75 6.33
N LEU A 109 0.99 5.62 5.02
CA LEU A 109 1.96 6.45 4.30
C LEU A 109 1.33 7.76 3.85
N SER A 110 1.80 8.87 4.41
CA SER A 110 1.28 10.18 4.06
C SER A 110 1.90 10.68 2.76
N ALA A 111 1.11 11.41 1.97
CA ALA A 111 1.58 11.95 0.70
C ALA A 111 0.98 13.33 0.44
N GLU A 112 1.85 14.28 0.11
CA GLU A 112 1.42 15.64 -0.17
C GLU A 112 1.43 15.93 -1.67
N THR A 113 0.24 16.21 -2.21
CA THR A 113 0.11 16.49 -3.64
C THR A 113 0.88 17.75 -4.02
N PHE A 114 0.98 18.00 -5.32
CA PHE A 114 1.69 19.18 -5.82
C PHE A 114 0.75 20.38 -5.90
N GLU A 115 1.12 21.45 -5.20
CA GLU A 115 0.32 22.67 -5.19
C GLU A 115 -0.24 22.97 -6.58
N SER A 116 0.55 22.66 -7.61
CA SER A 116 0.15 22.89 -8.99
C SER A 116 0.15 21.59 -9.78
N ASP A 117 -0.19 21.69 -11.06
CA ASP A 117 -0.24 20.52 -11.94
C ASP A 117 1.14 20.25 -12.53
N LEU A 118 2.16 20.27 -11.69
CA LEU A 118 3.53 20.02 -12.15
C LEU A 118 3.80 18.53 -12.26
N ASP A 119 3.55 17.98 -13.44
CA ASP A 119 3.78 16.55 -13.68
C ASP A 119 5.27 16.24 -13.74
N GLU A 120 5.86 16.00 -12.58
CA GLU A 120 7.29 15.69 -12.50
C GLU A 120 7.69 15.30 -11.08
N THR A 121 8.26 14.12 -10.93
CA THR A 121 8.69 13.63 -9.64
C THR A 121 10.10 13.05 -9.69
N ARG A 122 10.97 13.70 -10.47
CA ARG A 122 12.34 13.25 -10.61
C ARG A 122 12.42 11.72 -10.66
N VAL A 123 11.56 11.12 -11.45
CA VAL A 123 11.54 9.66 -11.58
C VAL A 123 12.94 9.09 -11.63
N PRO A 124 13.15 7.99 -10.89
CA PRO A 124 14.46 7.31 -10.83
C PRO A 124 14.81 6.62 -12.14
N GLU A 125 16.00 6.03 -12.20
CA GLU A 125 16.45 5.34 -13.39
C GLU A 125 17.24 4.08 -13.02
N VAL A 126 16.61 2.92 -13.20
CA VAL A 126 17.27 1.65 -12.88
C VAL A 126 16.96 0.61 -13.95
N SER A 127 17.91 -0.29 -14.17
CA SER A 127 17.76 -1.34 -15.17
C SER A 127 18.78 -2.45 -14.96
N GLY A 128 18.31 -3.70 -14.96
CA GLY A 128 19.20 -4.83 -14.76
C GLY A 128 18.49 -6.02 -14.14
N PRO A 129 17.51 -6.58 -14.86
CA PRO A 129 16.74 -7.74 -14.38
C PRO A 129 17.58 -9.01 -14.34
N SER A 130 18.26 -9.22 -13.21
CA SER A 130 19.10 -10.41 -13.04
C SER A 130 18.31 -11.68 -13.33
N SER A 131 17.16 -11.83 -12.67
CA SER A 131 16.32 -13.00 -12.87
C SER A 131 16.12 -13.29 -14.35
N GLY A 132 15.93 -14.56 -14.68
CA GLY A 132 15.73 -14.95 -16.06
C GLY A 132 16.60 -14.17 -17.02
N GLY A 1 40.48 -15.35 28.13
CA GLY A 1 39.57 -15.70 27.06
C GLY A 1 38.14 -15.32 27.37
N SER A 2 37.30 -15.26 26.34
CA SER A 2 35.90 -14.90 26.51
C SER A 2 35.12 -15.14 25.22
N SER A 3 33.86 -15.56 25.36
CA SER A 3 33.01 -15.83 24.21
C SER A 3 31.57 -16.08 24.64
N GLY A 4 30.67 -16.17 23.67
CA GLY A 4 29.27 -16.41 23.97
C GLY A 4 28.36 -16.03 22.82
N SER A 5 27.08 -16.39 22.93
CA SER A 5 26.11 -16.09 21.89
C SER A 5 24.68 -16.30 22.40
N SER A 6 23.74 -15.61 21.78
CA SER A 6 22.33 -15.72 22.18
C SER A 6 21.43 -15.72 20.95
N GLY A 7 20.20 -16.18 21.13
CA GLY A 7 19.24 -16.22 20.03
C GLY A 7 17.94 -16.88 20.42
N ASP A 8 16.85 -16.47 19.78
CA ASP A 8 15.54 -17.02 20.05
C ASP A 8 14.49 -16.47 19.09
N VAL A 9 13.40 -17.21 18.93
CA VAL A 9 12.33 -16.80 18.03
C VAL A 9 10.96 -16.97 18.68
N ALA A 10 10.13 -15.94 18.61
CA ALA A 10 8.79 -15.99 19.19
C ALA A 10 7.72 -15.85 18.11
N VAL A 11 7.45 -16.94 17.40
CA VAL A 11 6.45 -16.94 16.34
C VAL A 11 5.50 -18.13 16.48
N ARG A 12 4.32 -17.88 17.04
CA ARG A 12 3.33 -18.92 17.24
C ARG A 12 2.00 -18.54 16.60
N THR A 13 1.62 -17.26 16.76
CA THR A 13 0.37 -16.77 16.21
C THR A 13 0.06 -17.42 14.86
N LEU A 14 -1.19 -17.79 14.66
CA LEU A 14 -1.62 -18.43 13.42
C LEU A 14 -3.13 -18.35 13.26
N SER A 15 -3.59 -18.34 12.02
CA SER A 15 -5.02 -18.27 11.74
C SER A 15 -5.28 -18.44 10.24
N ASP A 16 -6.52 -18.77 9.90
CA ASP A 16 -6.91 -18.95 8.50
C ASP A 16 -6.53 -17.74 7.67
N VAL A 17 -6.95 -16.57 8.12
CA VAL A 17 -6.65 -15.32 7.42
C VAL A 17 -5.16 -15.15 7.20
N PRO A 18 -4.78 -14.41 6.15
CA PRO A 18 -3.38 -14.14 5.82
C PRO A 18 -2.70 -13.23 6.85
N SER A 19 -1.42 -13.49 7.09
CA SER A 19 -0.66 -12.70 8.05
C SER A 19 0.58 -12.09 7.38
N ALA A 20 0.40 -11.59 6.16
CA ALA A 20 1.49 -10.97 5.41
C ALA A 20 1.00 -9.77 4.61
N ALA A 21 1.70 -8.65 4.76
CA ALA A 21 1.33 -7.43 4.05
C ALA A 21 2.29 -7.15 2.90
N PRO A 22 1.84 -6.37 1.92
CA PRO A 22 2.64 -6.02 0.74
C PRO A 22 3.78 -5.07 1.09
N GLN A 23 4.98 -5.38 0.60
CA GLN A 23 6.15 -4.55 0.85
C GLN A 23 6.47 -3.68 -0.35
N ASN A 24 7.57 -2.93 -0.25
CA ASN A 24 7.98 -2.03 -1.34
C ASN A 24 6.85 -1.10 -1.74
N LEU A 25 6.16 -0.55 -0.75
CA LEU A 25 5.05 0.36 -1.00
C LEU A 25 5.56 1.71 -1.49
N SER A 26 4.70 2.46 -2.15
CA SER A 26 5.06 3.77 -2.68
C SER A 26 3.84 4.48 -3.27
N LEU A 27 3.91 5.80 -3.33
CA LEU A 27 2.82 6.60 -3.87
C LEU A 27 3.33 7.59 -4.92
N GLU A 28 3.23 7.21 -6.19
CA GLU A 28 3.69 8.07 -7.27
C GLU A 28 2.67 9.17 -7.56
N VAL A 29 2.87 10.33 -6.93
CA VAL A 29 1.97 11.46 -7.11
C VAL A 29 1.98 11.94 -8.56
N ARG A 30 1.05 11.42 -9.36
CA ARG A 30 0.95 11.80 -10.76
C ARG A 30 0.52 13.26 -10.90
N ASN A 31 -0.50 13.65 -10.15
CA ASN A 31 -1.00 15.02 -10.20
C ASN A 31 -1.36 15.51 -8.79
N SER A 32 -1.88 16.73 -8.72
CA SER A 32 -2.26 17.32 -7.45
C SER A 32 -3.56 16.72 -6.93
N LYS A 33 -4.40 16.25 -7.85
CA LYS A 33 -5.68 15.65 -7.50
C LYS A 33 -5.68 14.16 -7.83
N SER A 34 -4.49 13.60 -7.99
CA SER A 34 -4.36 12.18 -8.31
C SER A 34 -3.08 11.61 -7.71
N ILE A 35 -3.17 10.39 -7.17
CA ILE A 35 -2.02 9.73 -6.57
C ILE A 35 -2.04 8.23 -6.86
N MET A 36 -1.02 7.77 -7.60
CA MET A 36 -0.92 6.36 -7.94
C MET A 36 -0.18 5.58 -6.84
N ILE A 37 -0.75 4.46 -6.44
CA ILE A 37 -0.15 3.63 -5.40
C ILE A 37 0.54 2.41 -6.01
N HIS A 38 1.77 2.15 -5.58
CA HIS A 38 2.53 1.02 -6.07
C HIS A 38 3.00 0.13 -4.92
N TRP A 39 2.51 -1.09 -4.89
CA TRP A 39 2.88 -2.03 -3.84
C TRP A 39 3.29 -3.37 -4.43
N GLN A 40 3.95 -4.20 -3.61
CA GLN A 40 4.40 -5.52 -4.07
C GLN A 40 3.87 -6.61 -3.16
N PRO A 41 3.74 -7.83 -3.71
CA PRO A 41 3.25 -8.99 -2.97
C PRO A 41 4.22 -9.47 -1.91
N PRO A 42 3.69 -9.93 -0.77
CA PRO A 42 4.50 -10.43 0.34
C PRO A 42 5.20 -11.75 0.02
N ALA A 43 6.13 -12.15 0.88
CA ALA A 43 6.86 -13.40 0.67
C ALA A 43 5.91 -14.59 0.60
N PRO A 44 6.35 -15.65 -0.11
CA PRO A 44 5.55 -16.87 -0.27
C PRO A 44 5.44 -17.66 1.03
N ALA A 45 6.55 -17.79 1.74
CA ALA A 45 6.57 -18.53 3.00
C ALA A 45 5.46 -18.05 3.93
N THR A 46 5.40 -16.74 4.16
CA THR A 46 4.39 -16.16 5.03
C THR A 46 2.98 -16.39 4.48
N GLN A 47 2.79 -16.02 3.21
CA GLN A 47 1.50 -16.18 2.56
C GLN A 47 0.98 -17.60 2.72
N ASN A 48 -0.15 -17.74 3.41
CA ASN A 48 -0.76 -19.04 3.64
C ASN A 48 -2.17 -19.11 3.06
N GLY A 49 -2.29 -18.74 1.78
CA GLY A 49 -3.59 -18.76 1.13
C GLY A 49 -3.54 -18.20 -0.28
N GLN A 50 -4.71 -17.96 -0.87
CA GLN A 50 -4.79 -17.43 -2.22
C GLN A 50 -5.30 -15.99 -2.21
N ILE A 51 -4.61 -15.12 -2.94
CA ILE A 51 -5.00 -13.71 -3.00
C ILE A 51 -6.03 -13.48 -4.10
N THR A 52 -7.02 -12.65 -3.81
CA THR A 52 -8.07 -12.34 -4.78
C THR A 52 -8.09 -10.85 -5.12
N GLY A 53 -7.75 -10.02 -4.14
CA GLY A 53 -7.73 -8.59 -4.36
C GLY A 53 -7.08 -7.84 -3.21
N TYR A 54 -6.95 -6.52 -3.36
CA TYR A 54 -6.34 -5.69 -2.34
C TYR A 54 -7.24 -4.50 -1.99
N LYS A 55 -7.31 -4.17 -0.71
CA LYS A 55 -8.12 -3.05 -0.25
C LYS A 55 -7.27 -1.84 0.06
N ILE A 56 -7.47 -0.76 -0.69
CA ILE A 56 -6.72 0.47 -0.49
C ILE A 56 -7.59 1.57 0.10
N ARG A 57 -7.49 1.75 1.41
CA ARG A 57 -8.28 2.77 2.10
C ARG A 57 -7.43 4.01 2.38
N TYR A 58 -8.03 5.18 2.22
CA TYR A 58 -7.34 6.45 2.45
C TYR A 58 -8.26 7.46 3.10
N ARG A 59 -7.68 8.54 3.62
CA ARG A 59 -8.45 9.59 4.27
C ARG A 59 -7.76 10.95 4.12
N LYS A 60 -8.39 11.99 4.65
CA LYS A 60 -7.83 13.33 4.58
C LYS A 60 -7.19 13.72 5.90
N ALA A 61 -5.90 14.05 5.85
CA ALA A 61 -5.17 14.44 7.05
C ALA A 61 -6.02 15.32 7.96
N SER A 62 -6.78 16.22 7.34
CA SER A 62 -7.66 17.13 8.09
C SER A 62 -8.71 16.34 8.88
N ARG A 63 -9.50 15.56 8.16
CA ARG A 63 -10.54 14.76 8.79
C ARG A 63 -10.31 13.27 8.57
N LYS A 64 -9.73 12.62 9.57
CA LYS A 64 -9.43 11.19 9.48
C LYS A 64 -10.73 10.37 9.50
N SER A 65 -11.86 11.06 9.66
CA SER A 65 -13.15 10.40 9.69
C SER A 65 -13.61 10.03 8.29
N ASP A 66 -13.30 10.88 7.33
CA ASP A 66 -13.68 10.65 5.94
C ASP A 66 -12.70 9.68 5.27
N VAL A 67 -13.12 8.43 5.13
CA VAL A 67 -12.29 7.40 4.51
C VAL A 67 -13.02 6.74 3.34
N THR A 68 -12.26 6.35 2.32
CA THR A 68 -12.84 5.71 1.15
C THR A 68 -12.17 4.36 0.89
N GLU A 69 -12.94 3.40 0.37
CA GLU A 69 -12.42 2.08 0.08
C GLU A 69 -12.18 1.91 -1.42
N THR A 70 -11.16 1.13 -1.77
CA THR A 70 -10.82 0.90 -3.17
C THR A 70 -10.42 -0.56 -3.39
N LEU A 71 -11.25 -1.29 -4.11
CA LEU A 71 -10.98 -2.69 -4.41
C LEU A 71 -10.31 -2.85 -5.77
N VAL A 72 -9.26 -3.65 -5.83
CA VAL A 72 -8.54 -3.89 -7.07
C VAL A 72 -8.46 -5.37 -7.40
N SER A 73 -7.87 -5.70 -8.54
CA SER A 73 -7.74 -7.09 -8.96
C SER A 73 -6.56 -7.77 -8.27
N GLY A 74 -6.68 -9.08 -8.06
CA GLY A 74 -5.62 -9.81 -7.41
C GLY A 74 -4.27 -9.65 -8.10
N THR A 75 -4.31 -9.56 -9.43
CA THR A 75 -3.09 -9.40 -10.21
C THR A 75 -2.83 -7.93 -10.51
N GLN A 76 -3.37 -7.04 -9.68
CA GLN A 76 -3.20 -5.61 -9.86
C GLN A 76 -2.34 -5.02 -8.74
N LEU A 77 -1.11 -4.64 -9.08
CA LEU A 77 -0.20 -4.06 -8.10
C LEU A 77 -0.10 -2.55 -8.27
N SER A 78 -1.18 -1.93 -8.73
CA SER A 78 -1.21 -0.50 -8.94
C SER A 78 -2.64 0.02 -8.97
N GLN A 79 -2.82 1.28 -8.57
CA GLN A 79 -4.14 1.90 -8.55
C GLN A 79 -4.03 3.42 -8.57
N LEU A 80 -4.85 4.05 -9.39
CA LEU A 80 -4.85 5.51 -9.51
C LEU A 80 -6.04 6.10 -8.76
N ILE A 81 -5.73 6.94 -7.76
CA ILE A 81 -6.77 7.59 -6.97
C ILE A 81 -6.93 9.05 -7.36
N GLU A 82 -7.92 9.33 -8.20
CA GLU A 82 -8.18 10.70 -8.65
C GLU A 82 -9.27 11.35 -7.80
N GLY A 83 -9.40 12.67 -7.93
CA GLY A 83 -10.41 13.39 -7.18
C GLY A 83 -9.90 13.85 -5.83
N LEU A 84 -8.63 14.27 -5.78
CA LEU A 84 -8.03 14.72 -4.54
C LEU A 84 -7.81 16.23 -4.57
N ASP A 85 -7.33 16.77 -3.45
CA ASP A 85 -7.06 18.21 -3.35
C ASP A 85 -5.57 18.49 -3.42
N ARG A 86 -5.22 19.69 -3.87
CA ARG A 86 -3.82 20.10 -3.98
C ARG A 86 -3.28 20.55 -2.63
N GLY A 87 -1.96 20.70 -2.56
CA GLY A 87 -1.33 21.13 -1.33
C GLY A 87 -2.02 20.57 -0.09
N THR A 88 -2.21 19.26 -0.07
CA THR A 88 -2.88 18.62 1.05
C THR A 88 -2.34 17.20 1.26
N GLU A 89 -2.08 16.86 2.52
CA GLU A 89 -1.56 15.53 2.86
C GLU A 89 -2.66 14.48 2.79
N TYR A 90 -2.31 13.28 2.34
CA TYR A 90 -3.27 12.20 2.23
C TYR A 90 -2.67 10.89 2.75
N ASN A 91 -3.49 10.13 3.48
CA ASN A 91 -3.04 8.85 4.03
C ASN A 91 -3.60 7.69 3.22
N PHE A 92 -2.72 6.75 2.88
CA PHE A 92 -3.12 5.58 2.11
C PHE A 92 -2.57 4.30 2.74
N ARG A 93 -3.27 3.18 2.51
CA ARG A 93 -2.85 1.90 3.05
C ARG A 93 -3.39 0.75 2.20
N VAL A 94 -2.50 -0.15 1.79
CA VAL A 94 -2.89 -1.29 0.97
C VAL A 94 -2.95 -2.56 1.81
N ALA A 95 -3.96 -3.39 1.56
CA ALA A 95 -4.14 -4.63 2.29
C ALA A 95 -4.51 -5.77 1.34
N ALA A 96 -3.90 -6.93 1.56
CA ALA A 96 -4.17 -8.10 0.73
C ALA A 96 -5.40 -8.84 1.20
N LEU A 97 -6.08 -9.50 0.27
CA LEU A 97 -7.30 -10.26 0.59
C LEU A 97 -7.20 -11.68 0.07
N THR A 98 -7.76 -12.63 0.84
CA THR A 98 -7.74 -14.03 0.44
C THR A 98 -9.06 -14.71 0.80
N ILE A 99 -9.19 -15.97 0.38
CA ILE A 99 -10.40 -16.74 0.65
C ILE A 99 -10.65 -16.85 2.16
N ASN A 100 -9.58 -16.86 2.93
CA ASN A 100 -9.67 -16.97 4.38
C ASN A 100 -10.33 -15.72 4.97
N GLY A 101 -10.37 -14.65 4.18
CA GLY A 101 -10.97 -13.41 4.65
C GLY A 101 -10.12 -12.21 4.33
N THR A 102 -10.03 -11.28 5.28
CA THR A 102 -9.25 -10.07 5.10
C THR A 102 -7.79 -10.29 5.49
N GLY A 103 -6.91 -9.40 5.05
CA GLY A 103 -5.50 -9.52 5.36
C GLY A 103 -4.94 -8.25 5.98
N PRO A 104 -3.62 -8.24 6.21
CA PRO A 104 -2.93 -7.09 6.81
C PRO A 104 -2.88 -5.89 5.87
N ALA A 105 -2.53 -4.73 6.43
CA ALA A 105 -2.44 -3.51 5.63
C ALA A 105 -1.08 -2.85 5.79
N THR A 106 -0.77 -1.91 4.91
CA THR A 106 0.50 -1.20 4.95
C THR A 106 0.41 0.04 5.83
N ASP A 107 1.41 0.22 6.69
CA ASP A 107 1.45 1.36 7.60
C ASP A 107 0.90 2.62 6.90
N TRP A 108 0.22 3.46 7.67
CA TRP A 108 -0.35 4.69 7.13
C TRP A 108 0.73 5.54 6.45
N LEU A 109 0.74 5.52 5.13
CA LEU A 109 1.72 6.28 4.35
C LEU A 109 1.14 7.62 3.93
N SER A 110 1.70 8.71 4.48
CA SER A 110 1.23 10.05 4.15
C SER A 110 1.95 10.59 2.91
N ALA A 111 1.22 11.34 2.09
CA ALA A 111 1.79 11.91 0.88
C ALA A 111 1.21 13.29 0.62
N GLU A 112 2.10 14.25 0.35
CA GLU A 112 1.67 15.63 0.08
C GLU A 112 1.69 15.91 -1.42
N THR A 113 0.52 16.28 -1.95
CA THR A 113 0.39 16.58 -3.37
C THR A 113 1.09 17.88 -3.72
N PHE A 114 1.22 18.15 -5.02
CA PHE A 114 1.88 19.36 -5.49
C PHE A 114 0.90 20.53 -5.52
N GLU A 115 1.20 21.57 -4.76
CA GLU A 115 0.34 22.75 -4.70
C GLU A 115 -0.20 23.09 -6.08
N SER A 116 0.62 22.86 -7.10
CA SER A 116 0.23 23.15 -8.48
C SER A 116 0.81 22.11 -9.44
N ASP A 117 0.47 22.24 -10.72
CA ASP A 117 0.94 21.32 -11.74
C ASP A 117 2.15 21.90 -12.48
N LEU A 118 3.32 21.29 -12.26
CA LEU A 118 4.54 21.76 -12.91
C LEU A 118 5.34 20.58 -13.46
N ASP A 119 5.40 20.49 -14.78
CA ASP A 119 6.13 19.41 -15.45
C ASP A 119 7.62 19.75 -15.55
N GLU A 120 8.40 19.24 -14.62
CA GLU A 120 9.84 19.49 -14.60
C GLU A 120 10.61 18.23 -14.23
N THR A 121 11.43 17.75 -15.17
CA THR A 121 12.22 16.55 -14.96
C THR A 121 13.69 16.80 -15.28
N ARG A 122 14.56 15.93 -14.75
CA ARG A 122 15.99 16.05 -14.99
C ARG A 122 16.72 14.79 -14.56
N VAL A 123 17.56 14.27 -15.45
CA VAL A 123 18.32 13.05 -15.17
C VAL A 123 19.81 13.29 -15.32
N PRO A 124 20.61 12.69 -14.43
CA PRO A 124 22.07 12.83 -14.45
C PRO A 124 22.70 12.10 -15.64
N GLU A 125 24.03 12.19 -15.74
CA GLU A 125 24.74 11.54 -16.83
C GLU A 125 25.91 10.71 -16.30
N VAL A 126 25.94 9.44 -16.65
CA VAL A 126 27.01 8.54 -16.22
C VAL A 126 28.27 8.72 -17.06
N SER A 127 29.35 8.07 -16.65
CA SER A 127 30.61 8.16 -17.36
C SER A 127 30.89 6.88 -18.14
N GLY A 128 31.99 6.86 -18.88
CA GLY A 128 32.35 5.69 -19.66
C GLY A 128 33.66 5.08 -19.21
N PRO A 129 33.81 3.76 -19.47
CA PRO A 129 35.03 3.03 -19.09
C PRO A 129 36.24 3.43 -19.91
N SER A 130 37.35 2.73 -19.71
CA SER A 130 38.58 3.03 -20.44
C SER A 130 39.04 1.82 -21.26
N SER A 131 38.79 0.64 -20.73
CA SER A 131 39.17 -0.60 -21.41
C SER A 131 40.57 -0.48 -21.98
N GLY A 132 41.51 -0.01 -21.16
CA GLY A 132 42.89 0.14 -21.61
C GLY A 132 43.58 1.31 -20.94
N GLY A 1 -12.00 -13.77 41.79
CA GLY A 1 -11.57 -13.94 40.41
C GLY A 1 -12.39 -14.99 39.68
N SER A 2 -13.36 -14.53 38.90
CA SER A 2 -14.23 -15.44 38.15
C SER A 2 -14.34 -15.00 36.69
N SER A 3 -13.33 -15.35 35.90
CA SER A 3 -13.31 -14.99 34.48
C SER A 3 -12.28 -15.82 33.73
N GLY A 4 -12.57 -16.10 32.46
CA GLY A 4 -11.65 -16.88 31.65
C GLY A 4 -12.31 -18.09 31.02
N SER A 5 -12.09 -18.29 29.73
CA SER A 5 -12.67 -19.41 29.02
C SER A 5 -11.59 -20.36 28.51
N SER A 6 -11.50 -21.53 29.13
CA SER A 6 -10.51 -22.52 28.74
C SER A 6 -11.18 -23.74 28.11
N GLY A 7 -11.99 -24.44 28.88
CA GLY A 7 -12.68 -25.61 28.38
C GLY A 7 -11.83 -26.40 27.40
N ASP A 8 -12.24 -26.45 26.15
CA ASP A 8 -11.51 -27.18 25.12
C ASP A 8 -10.04 -26.77 25.10
N VAL A 9 -9.27 -27.38 24.21
CA VAL A 9 -7.85 -27.08 24.10
C VAL A 9 -7.61 -25.57 24.04
N ALA A 10 -6.52 -25.13 24.65
CA ALA A 10 -6.19 -23.72 24.67
C ALA A 10 -6.30 -23.10 23.28
N VAL A 11 -6.33 -21.77 23.22
CA VAL A 11 -6.43 -21.07 21.95
C VAL A 11 -5.07 -20.57 21.48
N ARG A 12 -4.83 -20.68 20.18
CA ARG A 12 -3.56 -20.25 19.60
C ARG A 12 -3.69 -18.88 18.96
N THR A 13 -2.55 -18.27 18.65
CA THR A 13 -2.54 -16.94 18.04
C THR A 13 -2.49 -17.04 16.51
N LEU A 14 -3.10 -18.08 15.98
CA LEU A 14 -3.12 -18.29 14.54
C LEU A 14 -4.54 -18.15 13.99
N SER A 15 -4.73 -17.17 13.11
CA SER A 15 -6.04 -16.93 12.51
C SER A 15 -6.06 -17.36 11.05
N ASP A 16 -7.13 -18.05 10.65
CA ASP A 16 -7.26 -18.52 9.28
C ASP A 16 -6.78 -17.46 8.29
N VAL A 17 -7.38 -16.28 8.35
CA VAL A 17 -7.01 -15.20 7.45
C VAL A 17 -5.49 -15.02 7.40
N PRO A 18 -4.99 -14.52 6.27
CA PRO A 18 -3.55 -14.29 6.06
C PRO A 18 -3.02 -13.15 6.91
N SER A 19 -1.74 -13.20 7.23
CA SER A 19 -1.10 -12.16 8.05
C SER A 19 0.14 -11.62 7.36
N ALA A 20 0.09 -11.52 6.04
CA ALA A 20 1.21 -11.01 5.26
C ALA A 20 0.84 -9.69 4.58
N ALA A 21 1.66 -8.66 4.83
CA ALA A 21 1.43 -7.35 4.24
C ALA A 21 2.37 -7.10 3.07
N PRO A 22 1.91 -6.31 2.09
CA PRO A 22 2.70 -5.96 0.91
C PRO A 22 3.87 -5.05 1.23
N GLN A 23 5.04 -5.37 0.67
CA GLN A 23 6.24 -4.57 0.91
C GLN A 23 6.53 -3.67 -0.29
N ASN A 24 7.55 -2.82 -0.16
CA ASN A 24 7.94 -1.91 -1.22
C ASN A 24 6.78 -0.98 -1.58
N LEU A 25 6.09 -0.47 -0.56
CA LEU A 25 4.96 0.42 -0.79
C LEU A 25 5.44 1.80 -1.24
N SER A 26 4.64 2.45 -2.09
CA SER A 26 4.98 3.76 -2.60
C SER A 26 3.76 4.44 -3.22
N LEU A 27 3.84 5.75 -3.40
CA LEU A 27 2.74 6.52 -3.98
C LEU A 27 3.26 7.49 -5.02
N GLU A 28 3.08 7.17 -6.30
CA GLU A 28 3.52 8.02 -7.38
C GLU A 28 2.49 9.09 -7.69
N VAL A 29 2.64 10.26 -7.08
CA VAL A 29 1.71 11.37 -7.28
C VAL A 29 1.66 11.76 -8.76
N ARG A 30 0.68 11.20 -9.48
CA ARG A 30 0.52 11.50 -10.90
C ARG A 30 0.02 12.93 -11.10
N ASN A 31 -0.93 13.34 -10.27
CA ASN A 31 -1.48 14.69 -10.36
C ASN A 31 -1.84 15.22 -8.98
N SER A 32 -2.00 16.54 -8.88
CA SER A 32 -2.35 17.17 -7.60
C SER A 32 -3.72 16.70 -7.12
N LYS A 33 -4.47 16.05 -8.00
CA LYS A 33 -5.79 15.54 -7.66
C LYS A 33 -5.83 14.02 -7.75
N SER A 34 -4.78 13.44 -8.33
CA SER A 34 -4.69 11.99 -8.48
C SER A 34 -3.38 11.46 -7.89
N ILE A 35 -3.46 10.33 -7.19
CA ILE A 35 -2.29 9.73 -6.59
C ILE A 35 -2.25 8.23 -6.85
N MET A 36 -1.24 7.79 -7.61
CA MET A 36 -1.08 6.38 -7.93
C MET A 36 -0.37 5.64 -6.81
N ILE A 37 -0.79 4.41 -6.55
CA ILE A 37 -0.18 3.59 -5.51
C ILE A 37 0.57 2.42 -6.10
N HIS A 38 1.76 2.15 -5.57
CA HIS A 38 2.59 1.04 -6.04
C HIS A 38 3.04 0.17 -4.87
N TRP A 39 2.62 -1.09 -4.89
CA TRP A 39 2.99 -2.03 -3.83
C TRP A 39 3.42 -3.38 -4.42
N GLN A 40 4.02 -4.22 -3.59
CA GLN A 40 4.48 -5.53 -4.03
C GLN A 40 3.90 -6.62 -3.14
N PRO A 41 3.73 -7.82 -3.72
CA PRO A 41 3.20 -8.98 -3.00
C PRO A 41 4.16 -9.52 -1.96
N PRO A 42 3.62 -9.99 -0.82
CA PRO A 42 4.42 -10.53 0.28
C PRO A 42 5.05 -11.87 -0.07
N ALA A 43 5.94 -12.34 0.79
CA ALA A 43 6.62 -13.62 0.57
C ALA A 43 5.61 -14.75 0.39
N PRO A 44 6.00 -15.79 -0.35
CA PRO A 44 5.15 -16.95 -0.62
C PRO A 44 4.94 -17.81 0.62
N ALA A 45 6.00 -17.98 1.41
CA ALA A 45 5.93 -18.77 2.64
C ALA A 45 4.84 -18.25 3.57
N THR A 46 4.84 -16.93 3.78
CA THR A 46 3.85 -16.30 4.65
C THR A 46 2.44 -16.50 4.12
N GLN A 47 2.22 -16.09 2.88
CA GLN A 47 0.91 -16.23 2.24
C GLN A 47 0.22 -17.51 2.71
N ASN A 48 -1.06 -17.39 3.05
CA ASN A 48 -1.84 -18.53 3.52
C ASN A 48 -2.88 -18.94 2.48
N GLY A 49 -2.53 -18.79 1.21
CA GLY A 49 -3.45 -19.14 0.14
C GLY A 49 -3.20 -18.34 -1.12
N GLN A 50 -4.29 -17.92 -1.77
CA GLN A 50 -4.18 -17.14 -3.00
C GLN A 50 -4.87 -15.79 -2.85
N ILE A 51 -4.19 -14.74 -3.29
CA ILE A 51 -4.74 -13.39 -3.21
C ILE A 51 -5.77 -13.14 -4.30
N THR A 52 -6.88 -12.50 -3.93
CA THR A 52 -7.94 -12.20 -4.87
C THR A 52 -8.00 -10.70 -5.18
N GLY A 53 -7.59 -9.89 -4.21
CA GLY A 53 -7.61 -8.45 -4.40
C GLY A 53 -7.04 -7.70 -3.20
N TYR A 54 -6.66 -6.45 -3.43
CA TYR A 54 -6.08 -5.63 -2.36
C TYR A 54 -7.05 -4.53 -1.95
N LYS A 55 -7.15 -4.30 -0.64
CA LYS A 55 -8.03 -3.27 -0.11
C LYS A 55 -7.28 -1.97 0.13
N ILE A 56 -7.41 -1.04 -0.80
CA ILE A 56 -6.73 0.25 -0.68
C ILE A 56 -7.63 1.29 -0.03
N ARG A 57 -7.26 1.73 1.17
CA ARG A 57 -8.04 2.72 1.90
C ARG A 57 -7.22 3.98 2.14
N TYR A 58 -7.84 5.14 1.89
CA TYR A 58 -7.17 6.42 2.07
C TYR A 58 -8.05 7.39 2.84
N ARG A 59 -7.43 8.24 3.64
CA ARG A 59 -8.17 9.22 4.44
C ARG A 59 -7.49 10.58 4.37
N LYS A 60 -8.13 11.59 4.96
CA LYS A 60 -7.58 12.94 4.97
C LYS A 60 -6.78 13.19 6.24
N ALA A 61 -5.62 13.82 6.09
CA ALA A 61 -4.76 14.12 7.21
C ALA A 61 -5.50 14.96 8.26
N SER A 62 -6.15 16.01 7.81
CA SER A 62 -6.89 16.90 8.69
C SER A 62 -8.13 16.20 9.26
N ARG A 63 -8.85 15.50 8.40
CA ARG A 63 -10.05 14.79 8.82
C ARG A 63 -9.90 13.28 8.57
N LYS A 64 -9.01 12.65 9.34
CA LYS A 64 -8.78 11.22 9.21
C LYS A 64 -10.09 10.46 9.11
N SER A 65 -11.05 10.84 9.93
CA SER A 65 -12.36 10.19 9.94
C SER A 65 -12.86 9.97 8.51
N ASP A 66 -12.56 10.91 7.63
CA ASP A 66 -12.98 10.81 6.24
C ASP A 66 -12.09 9.85 5.47
N VAL A 67 -12.55 8.61 5.33
CA VAL A 67 -11.80 7.58 4.61
C VAL A 67 -12.66 6.90 3.55
N THR A 68 -12.06 6.60 2.41
CA THR A 68 -12.77 5.95 1.32
C THR A 68 -12.15 4.60 0.99
N GLU A 69 -12.99 3.63 0.65
CA GLU A 69 -12.53 2.29 0.31
C GLU A 69 -12.25 2.18 -1.18
N THR A 70 -11.20 1.45 -1.54
CA THR A 70 -10.83 1.26 -2.93
C THR A 70 -10.23 -0.13 -3.15
N LEU A 71 -10.98 -1.00 -3.82
CA LEU A 71 -10.52 -2.35 -4.11
C LEU A 71 -9.92 -2.44 -5.50
N VAL A 72 -9.17 -3.50 -5.75
CA VAL A 72 -8.54 -3.71 -7.05
C VAL A 72 -8.46 -5.19 -7.39
N SER A 73 -7.83 -5.50 -8.52
CA SER A 73 -7.69 -6.89 -8.97
C SER A 73 -6.56 -7.59 -8.23
N GLY A 74 -6.67 -8.91 -8.08
CA GLY A 74 -5.65 -9.67 -7.40
C GLY A 74 -4.31 -9.63 -8.12
N THR A 75 -4.36 -9.48 -9.44
CA THR A 75 -3.15 -9.42 -10.25
C THR A 75 -2.67 -7.99 -10.44
N GLN A 76 -3.47 -7.04 -9.96
CA GLN A 76 -3.13 -5.62 -10.08
C GLN A 76 -2.31 -5.17 -8.87
N LEU A 77 -1.07 -4.76 -9.13
CA LEU A 77 -0.19 -4.30 -8.08
C LEU A 77 -0.10 -2.78 -8.06
N SER A 78 -1.11 -2.13 -8.64
CA SER A 78 -1.16 -0.67 -8.69
C SER A 78 -2.60 -0.17 -8.66
N GLN A 79 -2.76 1.10 -8.34
CA GLN A 79 -4.09 1.70 -8.27
C GLN A 79 -4.01 3.23 -8.33
N LEU A 80 -4.71 3.82 -9.29
CA LEU A 80 -4.70 5.26 -9.46
C LEU A 80 -5.94 5.89 -8.81
N ILE A 81 -5.71 6.62 -7.73
CA ILE A 81 -6.80 7.28 -7.00
C ILE A 81 -6.96 8.73 -7.44
N GLU A 82 -8.04 9.01 -8.17
CA GLU A 82 -8.30 10.35 -8.65
C GLU A 82 -9.39 11.03 -7.83
N GLY A 83 -9.43 12.36 -7.86
CA GLY A 83 -10.43 13.09 -7.11
C GLY A 83 -9.89 13.62 -5.80
N LEU A 84 -8.72 14.25 -5.85
CA LEU A 84 -8.09 14.80 -4.65
C LEU A 84 -7.89 16.31 -4.79
N ASP A 85 -7.49 16.94 -3.70
CA ASP A 85 -7.25 18.38 -3.69
C ASP A 85 -5.76 18.70 -3.62
N ARG A 86 -5.35 19.79 -4.24
CA ARG A 86 -3.95 20.20 -4.25
C ARG A 86 -3.52 20.68 -2.87
N GLY A 87 -2.21 20.68 -2.63
CA GLY A 87 -1.69 21.12 -1.34
C GLY A 87 -2.46 20.54 -0.18
N THR A 88 -2.56 19.22 -0.13
CA THR A 88 -3.29 18.54 0.95
C THR A 88 -2.73 17.15 1.18
N GLU A 89 -2.22 16.92 2.40
CA GLU A 89 -1.65 15.63 2.76
C GLU A 89 -2.74 14.56 2.81
N TYR A 90 -2.43 13.40 2.23
CA TYR A 90 -3.38 12.29 2.19
C TYR A 90 -2.72 11.00 2.64
N ASN A 91 -3.51 10.12 3.27
CA ASN A 91 -3.00 8.84 3.75
C ASN A 91 -3.59 7.69 2.95
N PHE A 92 -2.81 6.61 2.84
CA PHE A 92 -3.26 5.43 2.10
C PHE A 92 -2.77 4.15 2.77
N ARG A 93 -3.54 3.07 2.61
CA ARG A 93 -3.18 1.78 3.19
C ARG A 93 -3.52 0.64 2.25
N VAL A 94 -2.54 -0.23 2.01
CA VAL A 94 -2.74 -1.37 1.13
C VAL A 94 -2.77 -2.68 1.91
N ALA A 95 -3.82 -3.47 1.70
CA ALA A 95 -3.97 -4.75 2.38
C ALA A 95 -4.33 -5.86 1.40
N ALA A 96 -3.87 -7.06 1.68
CA ALA A 96 -4.14 -8.21 0.83
C ALA A 96 -5.41 -8.93 1.27
N LEU A 97 -6.19 -9.38 0.29
CA LEU A 97 -7.45 -10.09 0.57
C LEU A 97 -7.44 -11.48 -0.06
N THR A 98 -7.86 -12.47 0.72
CA THR A 98 -7.90 -13.85 0.24
C THR A 98 -9.26 -14.49 0.53
N ILE A 99 -9.45 -15.70 0.05
CA ILE A 99 -10.70 -16.44 0.26
C ILE A 99 -11.04 -16.51 1.75
N ASN A 100 -10.01 -16.62 2.58
CA ASN A 100 -10.21 -16.70 4.02
C ASN A 100 -10.92 -15.46 4.55
N GLY A 101 -10.85 -14.37 3.78
CA GLY A 101 -11.51 -13.14 4.19
C GLY A 101 -10.67 -11.91 3.86
N THR A 102 -10.04 -11.34 4.88
CA THR A 102 -9.21 -10.15 4.69
C THR A 102 -7.79 -10.39 5.18
N GLY A 103 -6.91 -9.44 4.89
CA GLY A 103 -5.52 -9.57 5.32
C GLY A 103 -5.02 -8.33 6.02
N PRO A 104 -3.71 -8.30 6.31
CA PRO A 104 -3.07 -7.17 7.00
C PRO A 104 -3.01 -5.92 6.12
N ALA A 105 -2.77 -4.78 6.75
CA ALA A 105 -2.68 -3.51 6.03
C ALA A 105 -1.34 -2.83 6.27
N THR A 106 -0.87 -2.07 5.28
CA THR A 106 0.40 -1.37 5.40
C THR A 106 0.26 -0.11 6.24
N ASP A 107 1.36 0.30 6.87
CA ASP A 107 1.36 1.50 7.71
C ASP A 107 0.65 2.65 7.00
N TRP A 108 0.39 3.72 7.75
CA TRP A 108 -0.28 4.89 7.20
C TRP A 108 0.71 5.80 6.47
N LEU A 109 0.79 5.66 5.15
CA LEU A 109 1.70 6.46 4.35
C LEU A 109 1.05 7.79 3.95
N SER A 110 1.63 8.89 4.40
CA SER A 110 1.11 10.22 4.08
C SER A 110 1.88 10.85 2.92
N ALA A 111 1.13 11.34 1.94
CA ALA A 111 1.73 11.97 0.77
C ALA A 111 1.14 13.34 0.51
N GLU A 112 2.00 14.29 0.15
CA GLU A 112 1.56 15.66 -0.11
C GLU A 112 1.46 15.91 -1.62
N THR A 113 0.31 16.38 -2.07
CA THR A 113 0.08 16.67 -3.48
C THR A 113 0.82 17.93 -3.91
N PHE A 114 0.98 18.11 -5.21
CA PHE A 114 1.66 19.29 -5.74
C PHE A 114 0.78 20.51 -5.66
N GLU A 115 1.28 21.56 -4.99
CA GLU A 115 0.53 22.79 -4.83
C GLU A 115 -0.06 23.25 -6.16
N SER A 116 0.53 22.77 -7.25
CA SER A 116 0.07 23.13 -8.59
C SER A 116 0.12 21.93 -9.52
N ASP A 117 -0.90 21.81 -10.37
CA ASP A 117 -0.98 20.71 -11.32
C ASP A 117 0.35 20.51 -12.04
N LEU A 118 0.95 21.62 -12.47
CA LEU A 118 2.22 21.57 -13.17
C LEU A 118 3.11 20.45 -12.62
N ASP A 119 3.36 19.44 -13.45
CA ASP A 119 4.20 18.32 -13.05
C ASP A 119 5.67 18.71 -13.01
N GLU A 120 6.48 17.91 -12.34
CA GLU A 120 7.91 18.17 -12.24
C GLU A 120 8.71 17.20 -13.10
N THR A 121 10.01 17.45 -13.19
CA THR A 121 10.90 16.60 -13.99
C THR A 121 11.65 15.62 -13.10
N ARG A 122 11.91 14.43 -13.65
CA ARG A 122 12.63 13.40 -12.91
C ARG A 122 13.30 12.41 -13.86
N VAL A 123 14.60 12.20 -13.68
CA VAL A 123 15.35 11.28 -14.52
C VAL A 123 15.46 9.91 -13.88
N PRO A 124 14.67 8.95 -14.38
CA PRO A 124 14.66 7.57 -13.86
C PRO A 124 15.94 6.83 -14.20
N GLU A 125 16.39 5.98 -13.27
CA GLU A 125 17.60 5.20 -13.46
C GLU A 125 17.53 3.88 -12.71
N VAL A 126 17.57 2.78 -13.46
CA VAL A 126 17.50 1.44 -12.87
C VAL A 126 18.36 0.46 -13.65
N SER A 127 19.07 -0.40 -12.93
CA SER A 127 19.93 -1.40 -13.56
C SER A 127 19.99 -2.67 -12.72
N GLY A 128 19.78 -3.81 -13.36
CA GLY A 128 19.81 -5.09 -12.66
C GLY A 128 19.33 -6.23 -13.52
N PRO A 129 20.23 -7.17 -13.84
CA PRO A 129 19.91 -8.34 -14.66
C PRO A 129 19.00 -9.32 -13.93
N SER A 130 18.51 -10.32 -14.67
CA SER A 130 17.63 -11.32 -14.10
C SER A 130 17.97 -12.72 -14.63
N SER A 131 17.33 -13.73 -14.07
CA SER A 131 17.56 -15.11 -14.48
C SER A 131 16.36 -15.99 -14.16
N GLY A 132 16.43 -17.25 -14.56
CA GLY A 132 15.34 -18.18 -14.31
C GLY A 132 15.02 -19.04 -15.51
#